data_6CD1
#
_entry.id   6CD1
#
_cell.length_a   94.086
_cell.length_b   103.653
_cell.length_c   180.379
_cell.angle_alpha   90.00
_cell.angle_beta   97.38
_cell.angle_gamma   90.00
#
_symmetry.space_group_name_H-M   'P 1 21 1'
#
loop_
_entity.id
_entity.type
_entity.pdbx_description
1 polymer 'Serine hydroxymethyltransferase'
2 polymer 'Serine hydroxymethyltransferase'
3 non-polymer [3-HYDROXY-2-METHYL-5-PHOSPHONOOXYMETHYL-PYRIDIN-4-YLMETHYL]-SERINE
4 non-polymer 1,2-ETHANEDIOL
5 non-polymer N-GLYCINE-[3-HYDROXY-2-METHYL-5-PHOSPHONOOXYMETHYL-PYRIDIN-4-YL-METHANE]
6 non-polymer 'ACETATE ION'
7 non-polymer GLYCINE
8 water water
#
loop_
_entity_poly.entity_id
_entity_poly.type
_entity_poly.pdbx_seq_one_letter_code
_entity_poly.pdbx_strand_id
1 'polypeptide(L)'
;SNAFLDYGLSEADPDVHAIINKEKDRQFRSLELIASENFTSKAVMEAVGSCLTNKYSEGLPGKRYYGGNEHIDELEILCQ
QRALAAFHLDGDKWGVNVQPLSGSPANFAVYTAILKPHDRIMGLDLPHGGHLSHGFMTAKRRVSGTSIYFESMPYRLDES
TGVIDYDMLEKTAALFRPKLIIAGASAYPRDIDYARFRKIADSVGAFLMMDMAHVSGLIAASVLADPFEFVDIVTTTTHK
SLRGPRGGMIFFKKDAVHGVDLESAINNAVFPGLQGGPHNHTIGGLAVCLKYAQSPDFKNYQNQVVANCRALANRLVEHE
YKLVSGGSDNHLVLVDLRPSGIDGARVEKILDMASITLNKNSVPGDKSALVPGGIRIGSPAMTTRGLGEKEFELIADLIH
EGVRISLEAKSLVSGTKVQDFLNFVLAPEFPLGDKVSNLRRKVEALATQYPIPGV
;
A,B,C,D,F
2 'polypeptide(L)'
;SNAFLDYGLSEADPDVHAIINKEKDRQFRSLELIASENFTSKAVMEAVGSCLTNKYSEGLPGKRYYGGNEHIDELEILCQ
QRALAAFHLDGDKWGVNVQPLSGSPANFAVYTAILKPHDRIMGLDLPHGGHLSHGFMTAKRRVSGTSIYFESMPYRLDES
TGVIDYDMLEKTAALFRPKLIIAGASAYPRDIDYARFRKIADSVGAFLMMDMAHVSGLIAASVLADPFEFVDIVTTTTH
(LLP)SLRGPRGGMIFFKKDAVHGVDLESAINNAVFPGLQGGPHNHTIGGLAVCLKYAQSPDFKNYQNQVVANCRALANR
LVEHEYKLVSGGSDNHLVLVDLRPSGIDGARVEKILDMASITLNKNSVPGDKSALVPGGIRIGSPAMTTRGLGEKEFELI
ADLIHEGVRISLEAKSLVSGTKVQDFLNFVLAPEFPLGDKVSNLRRKVEALATQYPIPGV
;
E,G,H
#
loop_
_chem_comp.id
_chem_comp.type
_chem_comp.name
_chem_comp.formula
ACT non-polymer 'ACETATE ION' 'C2 H3 O2 -1'
EDO non-polymer 1,2-ETHANEDIOL 'C2 H6 O2'
PLG non-polymer N-GLYCINE-[3-HYDROXY-2-METHYL-5-PHOSPHONOOXYMETHYL-PYRIDIN-4-YL-METHANE] 'C10 H15 N2 O7 P'
PLS non-polymer [3-HYDROXY-2-METHYL-5-PHOSPHONOOXYMETHYL-PYRIDIN-4-YLMETHYL]-SERINE 'C11 H17 N2 O8 P'
#
# COMPACT_ATOMS: atom_id res chain seq x y z
N PHE A 4 -12.74 -53.92 -58.75
CA PHE A 4 -11.69 -54.19 -59.79
C PHE A 4 -10.29 -54.34 -59.16
N LEU A 5 -9.41 -53.34 -59.21
CA LEU A 5 -8.08 -53.43 -58.57
C LEU A 5 -8.21 -52.88 -57.14
N ASP A 6 -7.58 -53.55 -56.19
CA ASP A 6 -7.70 -53.21 -54.78
C ASP A 6 -6.48 -53.77 -54.14
N TYR A 7 -5.36 -53.17 -54.50
CA TYR A 7 -4.08 -53.59 -54.04
C TYR A 7 -3.92 -53.47 -52.53
N GLY A 8 -3.19 -54.41 -51.97
CA GLY A 8 -2.60 -54.20 -50.65
C GLY A 8 -1.74 -52.93 -50.67
N LEU A 9 -1.47 -52.39 -49.47
CA LEU A 9 -0.69 -51.18 -49.30
C LEU A 9 0.69 -51.20 -49.96
N SER A 10 1.40 -52.33 -49.84
CA SER A 10 2.77 -52.38 -50.37
C SER A 10 2.81 -52.17 -51.87
N GLU A 11 1.77 -52.60 -52.56
CA GLU A 11 1.56 -52.35 -53.99
C GLU A 11 0.88 -50.99 -54.28
N ALA A 12 -0.19 -50.66 -53.55
CA ALA A 12 -0.96 -49.46 -53.84
C ALA A 12 -0.17 -48.19 -53.58
N ASP A 13 0.70 -48.20 -52.58
CA ASP A 13 1.42 -47.00 -52.15
C ASP A 13 2.69 -47.45 -51.46
N PRO A 14 3.72 -47.82 -52.26
CA PRO A 14 5.01 -48.26 -51.70
C PRO A 14 5.69 -47.24 -50.74
N ASP A 15 5.53 -45.95 -50.99
CA ASP A 15 6.10 -44.93 -50.10
C ASP A 15 5.48 -44.96 -48.67
N VAL A 16 4.16 -45.08 -48.57
CA VAL A 16 3.46 -45.08 -47.28
C VAL A 16 3.76 -46.38 -46.57
N HIS A 17 3.82 -47.47 -47.35
CA HIS A 17 4.20 -48.77 -46.82
C HIS A 17 5.56 -48.71 -46.18
N ALA A 18 6.50 -48.05 -46.85
CA ALA A 18 7.89 -47.94 -46.39
C ALA A 18 7.96 -47.10 -45.13
N ILE A 19 7.20 -46.02 -45.09
CA ILE A 19 7.10 -45.19 -43.82
C ILE A 19 6.51 -45.95 -42.61
N ILE A 20 5.45 -46.69 -42.84
CA ILE A 20 4.89 -47.50 -41.74
C ILE A 20 5.94 -48.54 -41.26
N ASN A 21 6.62 -49.21 -42.18
CA ASN A 21 7.67 -50.15 -41.79
C ASN A 21 8.82 -49.49 -41.01
N LYS A 22 9.21 -48.27 -41.37
CA LYS A 22 10.22 -47.57 -40.58
C LYS A 22 9.72 -47.24 -39.17
N GLU A 23 8.45 -46.80 -39.06
CA GLU A 23 7.89 -46.49 -37.74
C GLU A 23 7.76 -47.76 -36.90
N LYS A 24 7.35 -48.84 -37.55
CA LYS A 24 7.26 -50.14 -36.91
C LYS A 24 8.62 -50.56 -36.37
N ASP A 25 9.68 -50.35 -37.14
CA ASP A 25 11.02 -50.69 -36.69
C ASP A 25 11.50 -49.77 -35.55
N ARG A 26 11.19 -48.48 -35.65
CA ARG A 26 11.50 -47.55 -34.56
C ARG A 26 10.79 -47.94 -33.25
N GLN A 27 9.51 -48.25 -33.32
CA GLN A 27 8.81 -48.68 -32.15
C GLN A 27 9.48 -49.94 -31.57
N PHE A 28 9.81 -50.90 -32.44
CA PHE A 28 10.44 -52.12 -32.00
C PHE A 28 11.73 -51.93 -31.22
N ARG A 29 12.58 -51.04 -31.68
CA ARG A 29 13.93 -50.97 -31.13
C ARG A 29 14.11 -49.87 -30.07
N SER A 30 13.06 -49.08 -29.82
CA SER A 30 13.15 -47.95 -28.91
C SER A 30 12.60 -48.25 -27.52
N LEU A 31 13.02 -47.46 -26.56
CA LEU A 31 12.40 -47.43 -25.26
C LEU A 31 11.38 -46.30 -25.32
N GLU A 32 10.13 -46.68 -25.52
CA GLU A 32 9.04 -45.73 -25.68
C GLU A 32 8.56 -45.40 -24.28
N LEU A 33 8.94 -44.24 -23.77
CA LEU A 33 8.64 -43.81 -22.39
C LEU A 33 7.69 -42.57 -22.25
N ILE A 34 7.01 -42.20 -23.33
CA ILE A 34 5.98 -41.17 -23.33
C ILE A 34 4.80 -41.71 -22.52
N ALA A 35 4.48 -41.04 -21.42
CA ALA A 35 3.50 -41.56 -20.47
C ALA A 35 2.12 -41.75 -21.04
N SER A 36 1.77 -40.98 -22.03
CA SER A 36 0.50 -41.06 -22.72
C SER A 36 0.48 -42.05 -23.89
N GLU A 37 1.55 -42.76 -24.14
CA GLU A 37 1.58 -43.69 -25.28
C GLU A 37 1.49 -45.13 -24.78
N ASN A 38 1.09 -46.01 -25.68
CA ASN A 38 1.04 -47.42 -25.41
C ASN A 38 1.11 -48.14 -26.76
N PHE A 39 1.16 -49.47 -26.69
CA PHE A 39 1.11 -50.30 -27.91
C PHE A 39 -0.19 -51.05 -27.91
N THR A 40 -1.09 -50.73 -28.81
CA THR A 40 -2.38 -51.37 -28.81
C THR A 40 -2.21 -52.70 -29.59
N SER A 41 -3.12 -53.61 -29.34
CA SER A 41 -3.00 -54.96 -29.83
C SER A 41 -3.33 -55.12 -31.30
N LYS A 42 -2.92 -56.28 -31.82
CA LYS A 42 -3.27 -56.70 -33.15
C LYS A 42 -4.76 -56.71 -33.34
N ALA A 43 -5.47 -57.24 -32.33
CA ALA A 43 -6.90 -57.34 -32.43
C ALA A 43 -7.60 -55.94 -32.52
N VAL A 44 -7.08 -54.97 -31.78
CA VAL A 44 -7.64 -53.61 -31.88
C VAL A 44 -7.39 -53.03 -33.27
N MET A 45 -6.18 -53.16 -33.77
CA MET A 45 -5.81 -52.62 -35.07
C MET A 45 -6.60 -53.22 -36.24
N GLU A 46 -6.83 -54.54 -36.17
CA GLU A 46 -7.71 -55.25 -37.10
C GLU A 46 -9.17 -54.75 -37.11
N ALA A 47 -9.75 -54.46 -35.94
CA ALA A 47 -11.08 -53.87 -35.86
C ALA A 47 -11.05 -52.46 -36.40
N VAL A 48 -10.02 -51.69 -36.06
CA VAL A 48 -9.89 -50.34 -36.57
C VAL A 48 -9.70 -50.28 -38.11
N GLY A 49 -8.98 -51.24 -38.66
CA GLY A 49 -8.73 -51.29 -40.12
C GLY A 49 -9.67 -52.22 -40.86
N SER A 50 -10.97 -52.10 -40.58
CA SER A 50 -12.02 -52.92 -41.16
C SER A 50 -13.08 -52.09 -41.87
N CYS A 51 -14.04 -52.80 -42.47
CA CYS A 51 -15.19 -52.18 -43.18
C CYS A 51 -16.13 -51.31 -42.32
N LEU A 52 -15.96 -51.34 -40.99
CA LEU A 52 -16.76 -50.47 -40.10
C LEU A 52 -16.58 -49.01 -40.45
N THR A 53 -15.43 -48.67 -41.02
CA THR A 53 -15.18 -47.30 -41.43
C THR A 53 -16.16 -46.75 -42.49
N ASN A 54 -16.86 -47.63 -43.20
CA ASN A 54 -17.71 -47.20 -44.31
C ASN A 54 -19.10 -46.60 -43.95
N LYS A 55 -19.56 -46.78 -42.70
CA LYS A 55 -20.96 -46.48 -42.33
C LYS A 55 -21.20 -45.08 -41.69
N TYR A 56 -22.20 -44.35 -42.21
CA TYR A 56 -22.80 -43.17 -41.55
C TYR A 56 -23.97 -43.59 -40.64
N SER A 57 -23.86 -43.26 -39.34
CA SER A 57 -24.80 -43.65 -38.30
C SER A 57 -25.07 -42.52 -37.28
N GLU A 58 -25.25 -41.29 -37.74
CA GLU A 58 -25.60 -40.18 -36.84
C GLU A 58 -26.80 -40.52 -35.97
N GLY A 59 -26.73 -40.18 -34.68
CA GLY A 59 -27.77 -40.47 -33.70
C GLY A 59 -27.26 -41.44 -32.65
N LEU A 60 -28.18 -42.25 -32.13
CA LEU A 60 -27.83 -43.25 -31.13
C LEU A 60 -28.37 -44.61 -31.58
N PRO A 61 -27.96 -45.67 -30.87
CA PRO A 61 -28.49 -46.98 -31.30
C PRO A 61 -30.02 -47.00 -31.25
N GLY A 62 -30.63 -47.46 -32.34
CA GLY A 62 -32.07 -47.52 -32.47
C GLY A 62 -32.73 -46.20 -32.83
N LYS A 63 -31.94 -45.12 -32.94
CA LYS A 63 -32.42 -43.72 -32.92
C LYS A 63 -31.56 -42.92 -33.92
N ARG A 64 -31.47 -43.46 -35.16
CA ARG A 64 -30.53 -43.01 -36.18
C ARG A 64 -31.17 -42.19 -37.31
N TYR A 65 -30.36 -41.37 -37.98
CA TYR A 65 -30.82 -40.58 -39.14
C TYR A 65 -30.63 -41.23 -40.54
N TYR A 66 -30.13 -42.47 -40.60
CA TYR A 66 -29.94 -43.18 -41.87
C TYR A 66 -30.46 -44.63 -41.75
N GLY A 67 -30.67 -45.27 -42.89
CA GLY A 67 -30.88 -46.70 -42.93
C GLY A 67 -29.56 -47.48 -42.76
N GLY A 68 -29.70 -48.78 -42.46
CA GLY A 68 -28.61 -49.76 -42.64
C GLY A 68 -27.73 -50.03 -41.44
N ASN A 69 -28.20 -49.63 -40.25
CA ASN A 69 -27.36 -49.56 -39.05
C ASN A 69 -27.65 -50.64 -38.02
N GLU A 70 -28.25 -51.75 -38.45
CA GLU A 70 -28.55 -52.89 -37.56
C GLU A 70 -27.30 -53.36 -36.80
N HIS A 71 -26.23 -53.61 -37.55
CA HIS A 71 -24.97 -54.16 -37.00
C HIS A 71 -24.14 -53.08 -36.26
N ILE A 72 -24.16 -51.85 -36.79
CA ILE A 72 -23.56 -50.72 -36.08
C ILE A 72 -24.17 -50.54 -34.67
N ASP A 73 -25.50 -50.73 -34.55
CA ASP A 73 -26.21 -50.60 -33.27
C ASP A 73 -25.78 -51.69 -32.31
N GLU A 74 -25.68 -52.90 -32.82
CA GLU A 74 -25.20 -54.02 -32.02
C GLU A 74 -23.81 -53.78 -31.42
N LEU A 75 -22.93 -53.26 -32.24
CA LEU A 75 -21.57 -52.93 -31.80
C LEU A 75 -21.55 -51.82 -30.75
N GLU A 76 -22.29 -50.75 -31.04
CA GLU A 76 -22.33 -49.62 -30.15
C GLU A 76 -22.92 -50.01 -28.77
N ILE A 77 -23.99 -50.79 -28.76
CA ILE A 77 -24.57 -51.33 -27.50
C ILE A 77 -23.57 -52.18 -26.71
N LEU A 78 -22.90 -53.09 -27.41
CA LEU A 78 -21.89 -53.95 -26.81
C LEU A 78 -20.75 -53.16 -26.19
N CYS A 79 -20.33 -52.15 -26.92
CA CYS A 79 -19.21 -51.32 -26.48
C CYS A 79 -19.60 -50.54 -25.20
N GLN A 80 -20.84 -50.04 -25.18
CA GLN A 80 -21.41 -49.39 -23.99
C GLN A 80 -21.43 -50.34 -22.78
N GLN A 81 -21.88 -51.58 -22.97
CA GLN A 81 -22.00 -52.54 -21.88
C GLN A 81 -20.64 -52.84 -21.34
N ARG A 82 -19.70 -53.04 -22.25
CA ARG A 82 -18.34 -53.31 -21.85
C ARG A 82 -17.64 -52.15 -21.11
N ALA A 83 -17.89 -50.93 -21.55
CA ALA A 83 -17.44 -49.76 -20.85
C ALA A 83 -17.94 -49.74 -19.42
N LEU A 84 -19.23 -49.94 -19.22
CA LEU A 84 -19.76 -49.92 -17.84
C LEU A 84 -19.18 -51.07 -17.00
N ALA A 85 -19.04 -52.26 -17.62
CA ALA A 85 -18.48 -53.44 -16.98
C ALA A 85 -17.04 -53.23 -16.58
N ALA A 86 -16.24 -52.60 -17.45
CA ALA A 86 -14.80 -52.41 -17.15
C ALA A 86 -14.59 -51.49 -15.97
N PHE A 87 -15.54 -50.58 -15.76
CA PHE A 87 -15.45 -49.68 -14.66
C PHE A 87 -16.39 -50.05 -13.52
N HIS A 88 -16.95 -51.25 -13.58
CA HIS A 88 -17.74 -51.82 -12.49
C HIS A 88 -18.91 -50.94 -12.14
N LEU A 89 -19.64 -50.48 -13.16
CA LEU A 89 -20.69 -49.51 -12.97
C LEU A 89 -22.07 -50.10 -13.07
N ASP A 90 -22.96 -49.63 -12.19
CA ASP A 90 -24.37 -49.96 -12.29
C ASP A 90 -24.99 -49.10 -13.40
N GLY A 91 -25.46 -49.75 -14.45
CA GLY A 91 -26.15 -49.12 -15.55
C GLY A 91 -27.45 -48.36 -15.28
N ASP A 92 -28.11 -48.59 -14.13
CA ASP A 92 -29.21 -47.74 -13.73
C ASP A 92 -28.68 -46.43 -13.19
N LYS A 93 -27.44 -46.43 -12.67
CA LYS A 93 -26.85 -45.23 -12.12
C LYS A 93 -25.96 -44.42 -13.08
N TRP A 94 -25.34 -45.11 -14.01
CA TRP A 94 -24.32 -44.55 -14.91
C TRP A 94 -24.68 -44.88 -16.33
N GLY A 95 -24.50 -43.90 -17.21
CA GLY A 95 -24.51 -44.13 -18.64
C GLY A 95 -23.16 -43.75 -19.25
N VAL A 96 -23.02 -44.02 -20.55
CA VAL A 96 -21.77 -43.80 -21.25
C VAL A 96 -22.07 -43.49 -22.71
N ASN A 97 -21.34 -42.56 -23.27
CA ASN A 97 -21.37 -42.24 -24.70
C ASN A 97 -19.98 -42.59 -25.24
N VAL A 98 -19.94 -43.48 -26.24
CA VAL A 98 -18.68 -44.02 -26.77
C VAL A 98 -18.33 -43.44 -28.14
N GLN A 99 -19.04 -42.39 -28.58
CA GLN A 99 -18.77 -41.74 -29.86
C GLN A 99 -17.75 -40.61 -29.91
N PRO A 100 -17.35 -39.98 -28.77
CA PRO A 100 -16.34 -38.89 -28.95
C PRO A 100 -15.08 -39.33 -29.72
N LEU A 101 -14.56 -38.46 -30.58
CA LEU A 101 -13.47 -38.77 -31.48
C LEU A 101 -12.12 -38.79 -30.84
N SER A 102 -11.95 -38.06 -29.75
CA SER A 102 -10.72 -38.09 -29.01
C SER A 102 -10.99 -37.48 -27.63
N GLY A 103 -9.94 -37.32 -26.85
CA GLY A 103 -10.08 -36.74 -25.48
C GLY A 103 -10.57 -35.28 -25.47
N SER A 104 -9.96 -34.46 -26.31
CA SER A 104 -10.26 -33.04 -26.43
C SER A 104 -11.74 -32.80 -26.77
N PRO A 105 -12.23 -33.44 -27.85
CA PRO A 105 -13.66 -33.29 -28.09
C PRO A 105 -14.61 -33.94 -27.07
N ALA A 106 -14.21 -35.00 -26.35
CA ALA A 106 -15.07 -35.54 -25.29
C ALA A 106 -15.26 -34.46 -24.22
N ASN A 107 -14.17 -33.85 -23.80
CA ASN A 107 -14.23 -32.77 -22.83
C ASN A 107 -15.11 -31.56 -23.32
N PHE A 108 -14.93 -31.16 -24.58
CA PHE A 108 -15.62 -29.99 -25.09
C PHE A 108 -17.10 -30.29 -25.14
N ALA A 109 -17.45 -31.53 -25.50
CA ALA A 109 -18.84 -31.91 -25.48
C ALA A 109 -19.47 -31.82 -24.08
N VAL A 110 -18.76 -32.24 -23.04
CA VAL A 110 -19.29 -32.08 -21.70
C VAL A 110 -19.62 -30.61 -21.44
N TYR A 111 -18.66 -29.73 -21.69
CA TYR A 111 -18.87 -28.28 -21.42
C TYR A 111 -20.11 -27.77 -22.17
N THR A 112 -20.25 -28.18 -23.42
CA THR A 112 -21.35 -27.75 -24.26
C THR A 112 -22.66 -28.33 -23.71
N ALA A 113 -22.62 -29.53 -23.18
CA ALA A 113 -23.80 -30.14 -22.56
C ALA A 113 -24.35 -29.39 -21.32
N ILE A 114 -23.47 -29.02 -20.40
CA ILE A 114 -23.89 -28.58 -19.06
C ILE A 114 -23.62 -27.09 -18.82
N LEU A 115 -22.89 -26.43 -19.72
CA LEU A 115 -22.46 -25.08 -19.49
C LEU A 115 -22.96 -24.21 -20.63
N LYS A 116 -23.26 -22.96 -20.29
CA LYS A 116 -23.44 -21.92 -21.30
C LYS A 116 -22.15 -21.26 -21.66
N PRO A 117 -22.09 -20.62 -22.84
CA PRO A 117 -20.89 -19.87 -23.17
C PRO A 117 -20.51 -18.86 -22.09
N HIS A 118 -19.22 -18.76 -21.82
CA HIS A 118 -18.66 -17.98 -20.73
C HIS A 118 -18.89 -18.43 -19.30
N ASP A 119 -19.60 -19.55 -19.08
CA ASP A 119 -19.67 -20.17 -17.76
C ASP A 119 -18.28 -20.53 -17.26
N ARG A 120 -18.17 -20.67 -15.96
CA ARG A 120 -16.86 -20.80 -15.31
C ARG A 120 -16.43 -22.25 -15.06
N ILE A 121 -15.14 -22.50 -15.30
CA ILE A 121 -14.47 -23.80 -15.19
C ILE A 121 -13.16 -23.67 -14.47
N MET A 122 -12.86 -24.59 -13.55
CA MET A 122 -11.59 -24.68 -12.91
C MET A 122 -10.95 -26.07 -13.20
N GLY A 123 -9.70 -26.05 -13.59
CA GLY A 123 -8.95 -27.27 -13.85
C GLY A 123 -7.56 -27.06 -13.36
N LEU A 124 -6.78 -28.14 -13.26
CA LEU A 124 -5.37 -28.03 -12.85
C LEU A 124 -4.57 -27.18 -13.82
N ASP A 125 -3.76 -26.26 -13.30
CA ASP A 125 -2.98 -25.31 -14.14
C ASP A 125 -2.07 -26.09 -15.08
N LEU A 126 -2.01 -25.66 -16.35
CA LEU A 126 -1.18 -26.27 -17.37
C LEU A 126 0.33 -26.42 -16.99
N PRO A 127 0.98 -25.34 -16.52
CA PRO A 127 2.36 -25.48 -16.05
C PRO A 127 2.55 -26.38 -14.77
N HIS A 128 1.46 -26.79 -14.13
CA HIS A 128 1.50 -27.70 -12.99
C HIS A 128 0.97 -29.11 -13.29
N GLY A 129 0.93 -29.45 -14.58
CA GLY A 129 0.62 -30.82 -15.00
C GLY A 129 -0.76 -31.00 -15.56
N GLY A 130 -1.46 -29.89 -15.83
CA GLY A 130 -2.81 -29.97 -16.35
C GLY A 130 -2.84 -30.19 -17.86
N HIS A 131 -4.04 -30.13 -18.43
CA HIS A 131 -4.23 -30.36 -19.86
C HIS A 131 -4.89 -29.14 -20.47
N LEU A 132 -4.47 -28.82 -21.71
CA LEU A 132 -4.94 -27.63 -22.43
C LEU A 132 -6.43 -27.55 -22.46
N SER A 133 -7.07 -28.70 -22.62
CA SER A 133 -8.52 -28.76 -22.78
C SER A 133 -9.32 -28.41 -21.54
N HIS A 134 -8.68 -28.37 -20.40
CA HIS A 134 -9.34 -27.87 -19.18
C HIS A 134 -9.24 -26.34 -19.04
N GLY A 135 -8.51 -25.66 -19.94
CA GLY A 135 -8.40 -24.21 -19.96
C GLY A 135 -6.95 -23.81 -19.90
N PHE A 136 -6.58 -22.78 -20.67
CA PHE A 136 -5.27 -22.19 -20.62
C PHE A 136 -5.28 -20.82 -21.29
N MET A 137 -4.88 -19.83 -20.50
CA MET A 137 -4.75 -18.45 -20.94
C MET A 137 -3.39 -17.93 -20.49
N THR A 138 -2.76 -17.18 -21.38
CA THR A 138 -1.59 -16.40 -21.04
C THR A 138 -2.04 -14.96 -20.84
N ALA A 139 -1.10 -14.10 -20.46
CA ALA A 139 -1.31 -12.64 -20.44
C ALA A 139 -1.82 -12.14 -21.79
N LYS A 140 -1.20 -12.66 -22.83
CA LYS A 140 -1.45 -12.24 -24.20
C LYS A 140 -2.73 -12.84 -24.80
N ARG A 141 -2.93 -14.16 -24.69
CA ARG A 141 -4.00 -14.82 -25.43
C ARG A 141 -4.69 -15.97 -24.73
N ARG A 142 -5.92 -16.21 -25.18
CA ARG A 142 -6.69 -17.38 -24.80
C ARG A 142 -6.24 -18.52 -25.73
N VAL A 143 -5.40 -19.40 -25.23
CA VAL A 143 -4.73 -20.40 -26.07
C VAL A 143 -5.67 -21.54 -26.36
N SER A 144 -6.24 -22.10 -25.30
CA SER A 144 -7.18 -23.18 -25.41
C SER A 144 -8.55 -22.67 -25.85
N GLY A 145 -9.21 -23.47 -26.68
CA GLY A 145 -10.58 -23.24 -27.07
C GLY A 145 -11.53 -23.21 -25.89
N THR A 146 -11.28 -24.04 -24.91
CA THR A 146 -12.02 -24.00 -23.68
C THR A 146 -12.01 -22.59 -23.03
N SER A 147 -10.87 -21.92 -23.03
CA SER A 147 -10.76 -20.57 -22.50
C SER A 147 -11.34 -19.45 -23.39
N ILE A 148 -11.69 -19.78 -24.63
CA ILE A 148 -12.29 -18.86 -25.56
C ILE A 148 -13.77 -18.90 -25.32
N TYR A 149 -14.32 -20.11 -25.26
CA TYR A 149 -15.76 -20.23 -25.19
C TYR A 149 -16.32 -20.24 -23.76
N PHE A 150 -15.43 -20.39 -22.79
CA PHE A 150 -15.77 -20.50 -21.35
C PHE A 150 -14.75 -19.73 -20.58
N GLU A 151 -15.06 -19.45 -19.31
CA GLU A 151 -14.15 -18.72 -18.47
C GLU A 151 -13.42 -19.63 -17.52
N SER A 152 -12.13 -19.85 -17.77
CA SER A 152 -11.37 -20.80 -16.98
C SER A 152 -10.47 -20.09 -16.00
N MET A 153 -10.30 -20.67 -14.81
CA MET A 153 -9.27 -20.21 -13.88
C MET A 153 -8.66 -21.46 -13.32
N PRO A 154 -7.34 -21.52 -13.26
CA PRO A 154 -6.72 -22.76 -12.83
C PRO A 154 -6.68 -22.88 -11.31
N TYR A 155 -6.44 -24.10 -10.84
CA TYR A 155 -5.92 -24.29 -9.50
C TYR A 155 -4.51 -24.88 -9.61
N ARG A 156 -3.71 -24.69 -8.55
CA ARG A 156 -2.29 -24.98 -8.55
C ARG A 156 -1.88 -26.01 -7.50
N LEU A 157 -0.74 -26.65 -7.75
CA LEU A 157 0.01 -27.38 -6.73
C LEU A 157 0.57 -26.46 -5.67
N ASP A 158 0.73 -27.00 -4.47
CA ASP A 158 1.66 -26.46 -3.50
C ASP A 158 3.03 -26.77 -4.05
N GLU A 159 3.75 -25.73 -4.47
CA GLU A 159 5.07 -25.91 -5.11
C GLU A 159 6.14 -26.57 -4.23
N SER A 160 5.99 -26.52 -2.91
CA SER A 160 6.98 -27.14 -2.04
C SER A 160 6.74 -28.65 -1.95
N THR A 161 5.49 -29.10 -2.16
CA THR A 161 5.16 -30.52 -2.04
C THR A 161 4.81 -31.25 -3.36
N GLY A 162 4.50 -30.50 -4.43
CA GLY A 162 4.05 -31.10 -5.67
C GLY A 162 2.65 -31.72 -5.65
N VAL A 163 1.88 -31.45 -4.60
CA VAL A 163 0.56 -32.01 -4.42
C VAL A 163 -0.45 -30.88 -4.62
N ILE A 164 -1.61 -31.21 -5.18
CA ILE A 164 -2.71 -30.23 -5.35
C ILE A 164 -2.93 -29.49 -4.03
N ASP A 165 -2.87 -28.15 -4.08
CA ASP A 165 -3.11 -27.32 -2.90
C ASP A 165 -4.61 -27.24 -2.69
N TYR A 166 -5.15 -28.26 -2.01
CA TYR A 166 -6.60 -28.36 -1.80
C TYR A 166 -7.17 -27.19 -0.95
N ASP A 167 -6.39 -26.69 0.00
CA ASP A 167 -6.88 -25.61 0.85
C ASP A 167 -7.05 -24.30 0.04
N MET A 168 -6.10 -24.02 -0.82
CA MET A 168 -6.20 -22.85 -1.68
C MET A 168 -7.33 -23.00 -2.70
N LEU A 169 -7.52 -24.21 -3.26
CA LEU A 169 -8.68 -24.48 -4.12
C LEU A 169 -10.01 -24.25 -3.40
N GLU A 170 -10.10 -24.72 -2.16
CA GLU A 170 -11.27 -24.43 -1.35
C GLU A 170 -11.63 -22.94 -1.34
N LYS A 171 -10.62 -22.09 -1.12
CA LYS A 171 -10.83 -20.62 -1.02
C LYS A 171 -11.11 -20.00 -2.39
N THR A 172 -10.30 -20.38 -3.40
CA THR A 172 -10.46 -19.77 -4.73
C THR A 172 -11.76 -20.20 -5.38
N ALA A 173 -12.18 -21.46 -5.17
CA ALA A 173 -13.46 -21.91 -5.70
C ALA A 173 -14.58 -21.05 -5.14
N ALA A 174 -14.53 -20.79 -3.82
CA ALA A 174 -15.54 -19.98 -3.15
C ALA A 174 -15.64 -18.56 -3.71
N LEU A 175 -14.50 -17.96 -4.09
CA LEU A 175 -14.49 -16.65 -4.74
C LEU A 175 -14.91 -16.66 -6.20
N PHE A 176 -14.39 -17.62 -6.96
CA PHE A 176 -14.63 -17.70 -8.40
C PHE A 176 -15.98 -18.29 -8.79
N ARG A 177 -16.54 -19.17 -7.97
CA ARG A 177 -17.85 -19.80 -8.22
C ARG A 177 -17.85 -20.52 -9.57
N PRO A 178 -16.93 -21.48 -9.75
CA PRO A 178 -17.04 -22.30 -10.97
C PRO A 178 -18.36 -23.03 -11.05
N LYS A 179 -18.88 -23.17 -12.25
CA LYS A 179 -19.99 -24.08 -12.49
C LYS A 179 -19.50 -25.54 -12.69
N LEU A 180 -18.25 -25.67 -13.09
CA LEU A 180 -17.65 -27.00 -13.33
C LEU A 180 -16.26 -26.99 -12.75
N ILE A 181 -15.95 -27.98 -11.93
CA ILE A 181 -14.62 -28.17 -11.43
C ILE A 181 -14.14 -29.49 -12.07
N ILE A 182 -12.97 -29.45 -12.66
CA ILE A 182 -12.38 -30.62 -13.30
C ILE A 182 -11.19 -31.15 -12.49
N ALA A 183 -11.22 -32.46 -12.21
CA ALA A 183 -10.10 -33.17 -11.63
C ALA A 183 -9.50 -34.06 -12.72
N GLY A 184 -8.22 -34.36 -12.57
CA GLY A 184 -7.49 -35.22 -13.52
C GLY A 184 -6.53 -34.41 -14.37
N ALA A 185 -5.47 -35.05 -14.83
CA ALA A 185 -4.30 -34.33 -15.28
C ALA A 185 -3.43 -35.12 -16.26
N SER A 186 -2.49 -34.43 -16.88
CA SER A 186 -1.57 -34.99 -17.85
C SER A 186 -0.29 -35.45 -17.23
N ALA A 187 0.15 -34.76 -16.18
CA ALA A 187 1.44 -34.99 -15.60
C ALA A 187 1.40 -34.85 -14.12
N TYR A 188 0.39 -35.40 -13.48
CA TYR A 188 0.26 -35.40 -12.03
C TYR A 188 0.58 -36.80 -11.54
N PRO A 189 1.60 -36.95 -10.69
CA PRO A 189 2.05 -38.30 -10.27
C PRO A 189 1.32 -38.91 -9.07
N ARG A 190 0.28 -38.26 -8.55
CA ARG A 190 -0.42 -38.80 -7.39
C ARG A 190 -1.87 -39.00 -7.65
N ASP A 191 -2.49 -39.77 -6.79
CA ASP A 191 -3.90 -40.02 -6.85
C ASP A 191 -4.63 -38.74 -6.35
N ILE A 192 -5.91 -38.66 -6.61
CA ILE A 192 -6.69 -37.45 -6.39
C ILE A 192 -7.59 -37.67 -5.19
N ASP A 193 -7.72 -36.65 -4.34
CA ASP A 193 -8.60 -36.75 -3.20
C ASP A 193 -10.00 -36.36 -3.67
N TYR A 194 -10.69 -37.36 -4.21
CA TYR A 194 -12.02 -37.16 -4.77
C TYR A 194 -13.02 -36.65 -3.74
N ALA A 195 -12.93 -37.11 -2.49
CA ALA A 195 -13.84 -36.62 -1.49
C ALA A 195 -13.68 -35.12 -1.27
N ARG A 196 -12.45 -34.62 -1.24
CA ARG A 196 -12.21 -33.20 -1.04
C ARG A 196 -12.74 -32.36 -2.26
N PHE A 197 -12.54 -32.88 -3.48
CA PHE A 197 -13.19 -32.28 -4.67
C PHE A 197 -14.69 -32.21 -4.52
N ARG A 198 -15.27 -33.28 -4.04
CA ARG A 198 -16.69 -33.30 -3.87
C ARG A 198 -17.16 -32.21 -2.85
N LYS A 199 -16.49 -32.12 -1.72
CA LYS A 199 -16.79 -31.10 -0.70
C LYS A 199 -16.57 -29.67 -1.25
N ILE A 200 -15.49 -29.45 -1.99
CA ILE A 200 -15.30 -28.15 -2.64
C ILE A 200 -16.37 -27.82 -3.69
N ALA A 201 -16.69 -28.78 -4.53
CA ALA A 201 -17.71 -28.61 -5.57
C ALA A 201 -19.03 -28.26 -4.92
N ASP A 202 -19.36 -28.96 -3.85
CA ASP A 202 -20.61 -28.71 -3.15
C ASP A 202 -20.64 -27.36 -2.51
N SER A 203 -19.51 -26.86 -2.04
CA SER A 203 -19.47 -25.53 -1.43
C SER A 203 -20.02 -24.43 -2.40
N VAL A 204 -19.94 -24.66 -3.71
CA VAL A 204 -20.41 -23.68 -4.70
C VAL A 204 -21.51 -24.16 -5.63
N GLY A 205 -22.04 -25.35 -5.40
CA GLY A 205 -23.02 -26.00 -6.26
C GLY A 205 -22.47 -26.33 -7.65
N ALA A 206 -21.15 -26.55 -7.77
CA ALA A 206 -20.54 -26.85 -9.07
C ALA A 206 -20.76 -28.30 -9.50
N PHE A 207 -20.86 -28.52 -10.80
CA PHE A 207 -20.68 -29.89 -11.35
C PHE A 207 -19.22 -30.34 -11.12
N LEU A 208 -19.00 -31.66 -10.98
CA LEU A 208 -17.68 -32.19 -10.73
C LEU A 208 -17.37 -33.30 -11.73
N MET A 209 -16.27 -33.14 -12.45
CA MET A 209 -15.86 -34.05 -13.48
C MET A 209 -14.46 -34.59 -13.21
N MET A 210 -14.21 -35.85 -13.57
CA MET A 210 -12.86 -36.39 -13.61
C MET A 210 -12.48 -36.71 -15.04
N ASP A 211 -11.32 -36.24 -15.47
CA ASP A 211 -10.76 -36.58 -16.76
C ASP A 211 -9.70 -37.64 -16.46
N MET A 212 -10.06 -38.89 -16.71
CA MET A 212 -9.19 -40.02 -16.37
C MET A 212 -8.34 -40.55 -17.54
N ALA A 213 -8.12 -39.73 -18.56
CA ALA A 213 -7.39 -40.13 -19.76
C ALA A 213 -6.11 -40.87 -19.46
N HIS A 214 -5.27 -40.33 -18.56
CA HIS A 214 -4.02 -41.00 -18.26
C HIS A 214 -4.10 -42.28 -17.43
N VAL A 215 -5.10 -42.40 -16.60
CA VAL A 215 -5.14 -43.41 -15.55
C VAL A 215 -6.34 -44.36 -15.61
N SER A 216 -7.07 -44.32 -16.72
CA SER A 216 -8.31 -45.09 -16.87
C SER A 216 -8.11 -46.61 -16.70
N GLY A 217 -7.03 -47.11 -17.24
CA GLY A 217 -6.67 -48.56 -17.11
C GLY A 217 -6.36 -48.92 -15.66
N LEU A 218 -5.63 -48.06 -14.95
CA LEU A 218 -5.39 -48.26 -13.51
C LEU A 218 -6.65 -48.23 -12.66
N ILE A 219 -7.59 -47.35 -13.02
CA ILE A 219 -8.85 -47.25 -12.34
C ILE A 219 -9.67 -48.53 -12.60
N ALA A 220 -9.68 -48.98 -13.86
CA ALA A 220 -10.43 -50.18 -14.25
C ALA A 220 -9.91 -51.40 -13.50
N ALA A 221 -8.60 -51.47 -13.35
CA ALA A 221 -7.95 -52.58 -12.66
C ALA A 221 -8.01 -52.46 -11.14
N SER A 222 -8.60 -51.38 -10.61
CA SER A 222 -8.69 -51.09 -9.16
C SER A 222 -7.34 -50.83 -8.52
N VAL A 223 -6.39 -50.36 -9.29
CA VAL A 223 -5.10 -50.05 -8.76
C VAL A 223 -5.16 -48.65 -8.14
N LEU A 224 -5.88 -47.71 -8.74
CA LEU A 224 -6.10 -46.38 -8.16
C LEU A 224 -7.54 -46.25 -7.68
N ALA A 225 -7.78 -45.22 -6.87
CA ALA A 225 -9.12 -44.97 -6.32
C ALA A 225 -10.13 -44.72 -7.44
N ASP A 226 -11.38 -44.99 -7.15
CA ASP A 226 -12.44 -44.97 -8.13
C ASP A 226 -13.11 -43.58 -8.13
N PRO A 227 -12.94 -42.80 -9.22
CA PRO A 227 -13.60 -41.51 -9.27
C PRO A 227 -15.13 -41.59 -9.29
N PHE A 228 -15.67 -42.70 -9.77
CA PHE A 228 -17.10 -42.88 -9.81
C PHE A 228 -17.81 -42.93 -8.45
N GLU A 229 -17.08 -43.16 -7.38
CA GLU A 229 -17.64 -43.01 -6.03
C GLU A 229 -18.06 -41.54 -5.73
N PHE A 230 -17.41 -40.55 -6.34
CA PHE A 230 -17.65 -39.12 -6.01
C PHE A 230 -18.08 -38.16 -7.12
N VAL A 231 -17.70 -38.42 -8.37
CA VAL A 231 -17.88 -37.42 -9.42
C VAL A 231 -19.18 -37.61 -10.18
N ASP A 232 -19.62 -36.55 -10.86
CA ASP A 232 -20.83 -36.61 -11.66
C ASP A 232 -20.55 -37.14 -13.06
N ILE A 233 -19.38 -36.80 -13.60
CA ILE A 233 -19.02 -37.02 -15.02
C ILE A 233 -17.60 -37.48 -15.09
N VAL A 234 -17.33 -38.51 -15.92
CA VAL A 234 -15.96 -38.99 -16.15
C VAL A 234 -15.67 -38.99 -17.67
N THR A 235 -14.62 -38.30 -18.07
CA THR A 235 -14.18 -38.36 -19.46
C THR A 235 -12.86 -39.17 -19.51
N THR A 236 -12.61 -39.72 -20.66
CA THR A 236 -11.35 -40.40 -20.93
C THR A 236 -11.08 -40.48 -22.43
N THR A 237 -9.80 -40.59 -22.72
CA THR A 237 -9.34 -41.12 -23.98
C THR A 237 -9.27 -42.62 -23.86
N THR A 238 -9.21 -43.24 -25.02
CA THR A 238 -9.20 -44.69 -25.11
C THR A 238 -7.84 -45.27 -25.46
N HIS A 239 -6.89 -44.41 -25.80
CA HIS A 239 -5.54 -44.76 -26.24
C HIS A 239 -4.36 -44.76 -25.28
N LYS A 240 -4.55 -44.36 -24.07
CA LYS A 240 -3.46 -44.34 -23.15
C LYS A 240 -3.45 -45.60 -22.29
N SER A 241 -3.70 -45.48 -20.99
CA SER A 241 -3.64 -46.65 -20.11
C SER A 241 -4.64 -47.71 -20.48
N LEU A 242 -5.75 -47.28 -21.04
CA LEU A 242 -6.77 -48.21 -21.53
C LEU A 242 -6.25 -49.10 -22.65
N ARG A 243 -5.23 -48.65 -23.36
CA ARG A 243 -4.52 -49.48 -24.39
C ARG A 243 -5.41 -49.83 -25.61
N GLY A 244 -6.27 -48.90 -25.98
CA GLY A 244 -7.19 -49.08 -27.08
C GLY A 244 -6.89 -48.20 -28.27
N PRO A 245 -7.89 -48.03 -29.15
CA PRO A 245 -7.73 -47.16 -30.29
C PRO A 245 -7.78 -45.68 -29.88
N ARG A 246 -7.51 -44.80 -30.82
CA ARG A 246 -7.53 -43.34 -30.53
C ARG A 246 -8.96 -42.90 -30.61
N GLY A 247 -9.50 -42.45 -29.47
CA GLY A 247 -10.91 -42.12 -29.35
C GLY A 247 -11.17 -41.62 -27.93
N GLY A 248 -12.45 -41.54 -27.59
CA GLY A 248 -12.86 -40.99 -26.31
C GLY A 248 -14.14 -41.56 -25.84
N MET A 249 -14.44 -41.36 -24.54
CA MET A 249 -15.68 -41.77 -23.93
C MET A 249 -16.07 -40.76 -22.86
N ILE A 250 -17.37 -40.62 -22.66
CA ILE A 250 -17.91 -39.82 -21.54
C ILE A 250 -18.88 -40.69 -20.76
N PHE A 251 -18.66 -40.77 -19.43
CA PHE A 251 -19.59 -41.44 -18.49
C PHE A 251 -20.29 -40.35 -17.68
N PHE A 252 -21.54 -40.61 -17.32
CA PHE A 252 -22.36 -39.67 -16.58
C PHE A 252 -23.37 -40.35 -15.65
N LYS A 253 -23.63 -39.71 -14.51
CA LYS A 253 -24.77 -40.10 -13.67
C LYS A 253 -26.09 -39.97 -14.42
N LYS A 254 -27.01 -40.88 -14.15
CA LYS A 254 -28.36 -40.84 -14.73
C LYS A 254 -29.39 -40.20 -13.85
N ASP A 255 -29.16 -40.12 -12.54
CA ASP A 255 -29.99 -39.31 -11.66
C ASP A 255 -29.64 -37.85 -11.92
N ALA A 256 -30.64 -36.98 -11.81
CA ALA A 256 -30.47 -35.57 -12.06
C ALA A 256 -29.37 -35.03 -11.20
N VAL A 257 -28.56 -34.16 -11.79
CA VAL A 257 -27.51 -33.47 -11.06
C VAL A 257 -27.79 -31.97 -11.19
N HIS A 258 -27.90 -31.29 -10.05
CA HIS A 258 -28.31 -29.91 -9.98
C HIS A 258 -29.46 -29.68 -10.95
N GLY A 259 -30.47 -30.53 -10.83
CA GLY A 259 -31.62 -30.49 -11.69
C GLY A 259 -31.44 -30.79 -13.15
N VAL A 260 -30.26 -31.25 -13.61
CA VAL A 260 -30.01 -31.49 -15.03
C VAL A 260 -29.98 -32.99 -15.35
N ASP A 261 -30.66 -33.39 -16.44
CA ASP A 261 -30.58 -34.72 -17.03
C ASP A 261 -29.26 -34.77 -17.85
N LEU A 262 -28.20 -35.27 -17.21
CA LEU A 262 -26.88 -35.35 -17.85
C LEU A 262 -26.87 -36.25 -19.08
N GLU A 263 -27.64 -37.32 -19.11
CA GLU A 263 -27.67 -38.17 -20.29
C GLU A 263 -28.16 -37.47 -21.56
N SER A 264 -29.29 -36.77 -21.47
CA SER A 264 -29.80 -36.01 -22.60
C SER A 264 -28.83 -34.95 -23.02
N ALA A 265 -28.33 -34.20 -22.05
CA ALA A 265 -27.49 -33.09 -22.34
C ALA A 265 -26.22 -33.55 -23.06
N ILE A 266 -25.59 -34.63 -22.57
CA ILE A 266 -24.32 -35.07 -23.12
C ILE A 266 -24.54 -35.71 -24.49
N ASN A 267 -25.53 -36.58 -24.61
CA ASN A 267 -25.75 -37.23 -25.91
C ASN A 267 -26.11 -36.18 -26.98
N ASN A 268 -26.97 -35.21 -26.63
CA ASN A 268 -27.27 -34.11 -27.56
C ASN A 268 -26.07 -33.22 -27.90
N ALA A 269 -25.15 -32.98 -26.95
CA ALA A 269 -23.93 -32.22 -27.21
C ALA A 269 -22.94 -32.91 -28.14
N VAL A 270 -22.85 -34.24 -28.04
CA VAL A 270 -22.00 -35.01 -28.92
C VAL A 270 -22.64 -35.00 -30.30
N PHE A 271 -23.93 -35.26 -30.34
CA PHE A 271 -24.73 -35.14 -31.57
C PHE A 271 -26.21 -34.84 -31.25
N PRO A 272 -26.81 -33.80 -31.82
CA PRO A 272 -26.33 -33.02 -32.99
C PRO A 272 -25.37 -31.84 -32.72
N GLY A 273 -24.96 -31.66 -31.47
CA GLY A 273 -24.25 -30.46 -31.06
C GLY A 273 -22.93 -30.23 -31.73
N LEU A 274 -22.03 -31.21 -31.62
CA LEU A 274 -20.65 -30.98 -31.96
C LEU A 274 -20.03 -31.84 -33.05
N GLN A 275 -20.38 -33.12 -33.07
CA GLN A 275 -19.80 -34.09 -34.02
C GLN A 275 -20.86 -34.46 -35.05
N GLY A 276 -20.41 -35.06 -36.16
CA GLY A 276 -21.29 -35.65 -37.17
C GLY A 276 -21.27 -37.17 -37.01
N GLY A 277 -20.90 -37.89 -38.07
CA GLY A 277 -21.05 -39.36 -38.07
C GLY A 277 -20.09 -40.03 -37.07
N PRO A 278 -20.58 -41.02 -36.28
CA PRO A 278 -19.65 -41.77 -35.44
C PRO A 278 -18.63 -42.54 -36.29
N HIS A 279 -17.41 -42.70 -35.75
CA HIS A 279 -16.37 -43.53 -36.35
C HIS A 279 -16.49 -44.95 -35.81
N ASN A 280 -17.29 -45.75 -36.50
CA ASN A 280 -17.64 -47.10 -36.04
C ASN A 280 -16.47 -48.08 -36.01
N HIS A 281 -15.50 -47.90 -36.90
CA HIS A 281 -14.22 -48.61 -36.81
C HIS A 281 -13.45 -48.39 -35.46
N THR A 282 -13.37 -47.13 -35.03
CA THR A 282 -12.81 -46.81 -33.77
C THR A 282 -13.65 -47.46 -32.67
N ILE A 283 -14.97 -47.43 -32.79
CA ILE A 283 -15.83 -48.08 -31.78
C ILE A 283 -15.59 -49.62 -31.72
N GLY A 284 -15.31 -50.25 -32.84
CA GLY A 284 -14.97 -51.68 -32.84
C GLY A 284 -13.71 -51.98 -32.04
N GLY A 285 -12.68 -51.16 -32.23
CA GLY A 285 -11.45 -51.28 -31.47
C GLY A 285 -11.65 -51.02 -29.99
N LEU A 286 -12.49 -50.04 -29.66
CA LEU A 286 -12.81 -49.72 -28.28
C LEU A 286 -13.47 -50.92 -27.60
N ALA A 287 -14.43 -51.55 -28.27
CA ALA A 287 -15.07 -52.77 -27.75
C ALA A 287 -14.08 -53.87 -27.42
N VAL A 288 -13.08 -54.05 -28.29
CA VAL A 288 -12.04 -55.05 -28.12
C VAL A 288 -11.19 -54.74 -26.90
N CYS A 289 -10.77 -53.47 -26.78
CA CYS A 289 -9.95 -53.12 -25.66
C CYS A 289 -10.71 -53.20 -24.34
N LEU A 290 -12.02 -52.95 -24.39
CA LEU A 290 -12.82 -52.98 -23.19
C LEU A 290 -13.07 -54.42 -22.72
N LYS A 291 -13.20 -55.35 -23.64
CA LYS A 291 -13.16 -56.78 -23.26
C LYS A 291 -11.86 -57.09 -22.50
N TYR A 292 -10.72 -56.74 -23.08
CA TYR A 292 -9.45 -57.04 -22.44
C TYR A 292 -9.29 -56.38 -21.05
N ALA A 293 -9.81 -55.16 -20.92
CA ALA A 293 -9.76 -54.42 -19.66
C ALA A 293 -10.42 -55.14 -18.48
N GLN A 294 -11.32 -56.10 -18.76
CA GLN A 294 -11.97 -56.87 -17.72
C GLN A 294 -11.18 -58.11 -17.29
N SER A 295 -10.16 -58.49 -18.03
CA SER A 295 -9.42 -59.73 -17.76
C SER A 295 -8.46 -59.69 -16.56
N PRO A 296 -8.17 -60.87 -15.95
CA PRO A 296 -7.11 -60.90 -14.93
C PRO A 296 -5.73 -60.43 -15.44
N ASP A 297 -5.41 -60.72 -16.70
CA ASP A 297 -4.14 -60.29 -17.26
C ASP A 297 -4.01 -58.76 -17.26
N PHE A 298 -5.08 -58.06 -17.63
CA PHE A 298 -5.06 -56.60 -17.58
C PHE A 298 -4.81 -56.06 -16.17
N LYS A 299 -5.42 -56.67 -15.16
CA LYS A 299 -5.22 -56.26 -13.76
C LYS A 299 -3.78 -56.47 -13.31
N ASN A 300 -3.26 -57.64 -13.65
CA ASN A 300 -1.83 -57.90 -13.52
C ASN A 300 -0.89 -56.90 -14.22
N TYR A 301 -1.19 -56.63 -15.48
CA TYR A 301 -0.51 -55.62 -16.30
C TYR A 301 -0.48 -54.27 -15.58
N GLN A 302 -1.64 -53.84 -15.11
CA GLN A 302 -1.71 -52.51 -14.50
C GLN A 302 -0.97 -52.49 -13.18
N ASN A 303 -1.04 -53.57 -12.41
CA ASN A 303 -0.18 -53.62 -11.21
C ASN A 303 1.30 -53.58 -11.57
N GLN A 304 1.70 -54.25 -12.65
CA GLN A 304 3.08 -54.16 -13.14
C GLN A 304 3.49 -52.75 -13.59
N VAL A 305 2.55 -52.03 -14.20
CA VAL A 305 2.80 -50.63 -14.62
C VAL A 305 3.26 -49.78 -13.43
N VAL A 306 2.53 -49.91 -12.34
CA VAL A 306 2.84 -49.14 -11.11
C VAL A 306 4.17 -49.61 -10.45
N ALA A 307 4.36 -50.92 -10.37
CA ALA A 307 5.60 -51.50 -9.84
C ALA A 307 6.81 -51.11 -10.66
N ASN A 308 6.67 -51.12 -11.98
CA ASN A 308 7.75 -50.67 -12.85
C ASN A 308 8.06 -49.19 -12.70
N CYS A 309 7.01 -48.38 -12.61
CA CYS A 309 7.24 -46.94 -12.43
C CYS A 309 7.95 -46.70 -11.07
N ARG A 310 7.54 -47.42 -10.03
CA ARG A 310 8.20 -47.33 -8.71
C ARG A 310 9.65 -47.77 -8.75
N ALA A 311 9.95 -48.86 -9.46
CA ALA A 311 11.34 -49.30 -9.60
C ALA A 311 12.17 -48.25 -10.35
N LEU A 312 11.63 -47.67 -11.41
CA LEU A 312 12.33 -46.60 -12.13
C LEU A 312 12.49 -45.36 -11.24
N ALA A 313 11.43 -44.98 -10.53
CA ALA A 313 11.52 -43.80 -9.66
C ALA A 313 12.61 -43.96 -8.62
N ASN A 314 12.61 -45.09 -7.93
CA ASN A 314 13.63 -45.42 -6.93
C ASN A 314 15.06 -45.40 -7.47
N ARG A 315 15.27 -45.94 -8.67
CA ARG A 315 16.61 -45.89 -9.26
C ARG A 315 17.01 -44.47 -9.65
N LEU A 316 16.08 -43.72 -10.23
CA LEU A 316 16.36 -42.32 -10.54
C LEU A 316 16.74 -41.52 -9.29
N VAL A 317 16.06 -41.79 -8.18
CA VAL A 317 16.41 -41.18 -6.89
C VAL A 317 17.84 -41.58 -6.50
N GLU A 318 18.17 -42.85 -6.64
CA GLU A 318 19.56 -43.29 -6.42
C GLU A 318 20.59 -42.59 -7.33
N HIS A 319 20.19 -42.18 -8.52
CA HIS A 319 21.05 -41.34 -9.36
C HIS A 319 20.96 -39.87 -9.01
N GLU A 320 20.34 -39.55 -7.87
CA GLU A 320 20.21 -38.21 -7.30
C GLU A 320 19.26 -37.23 -8.01
N TYR A 321 18.33 -37.76 -8.79
CA TYR A 321 17.34 -36.92 -9.46
C TYR A 321 16.25 -36.51 -8.47
N LYS A 322 15.76 -35.28 -8.62
CA LYS A 322 14.59 -34.82 -7.89
C LYS A 322 13.34 -35.14 -8.71
N LEU A 323 12.38 -35.79 -8.07
CA LEU A 323 11.06 -36.08 -8.64
C LEU A 323 10.03 -35.11 -8.06
N VAL A 324 9.18 -34.59 -8.92
CA VAL A 324 8.09 -33.72 -8.49
C VAL A 324 7.10 -34.54 -7.65
N SER A 325 6.83 -34.02 -6.46
CA SER A 325 6.10 -34.69 -5.37
C SER A 325 6.85 -35.77 -4.63
N GLY A 326 8.14 -35.94 -4.92
CA GLY A 326 8.95 -36.98 -4.30
C GLY A 326 8.74 -38.42 -4.76
N GLY A 327 7.95 -38.65 -5.80
CA GLY A 327 7.62 -40.04 -6.21
C GLY A 327 6.35 -40.08 -7.04
N SER A 328 5.71 -41.25 -7.01
CA SER A 328 4.50 -41.47 -7.77
C SER A 328 3.63 -42.50 -7.18
N ASP A 329 2.33 -42.36 -7.37
CA ASP A 329 1.34 -43.38 -7.09
C ASP A 329 0.89 -44.09 -8.38
N ASN A 330 1.38 -43.68 -9.56
CA ASN A 330 0.75 -44.15 -10.77
C ASN A 330 1.79 -44.60 -11.80
N HIS A 331 1.47 -44.45 -13.06
CA HIS A 331 2.27 -44.90 -14.21
C HIS A 331 3.38 -43.93 -14.66
N LEU A 332 3.44 -42.71 -14.09
CA LEU A 332 4.45 -41.75 -14.47
C LEU A 332 5.26 -41.15 -13.34
N VAL A 333 6.39 -40.59 -13.71
CA VAL A 333 7.18 -39.73 -12.84
C VAL A 333 7.51 -38.50 -13.63
N LEU A 334 7.67 -37.41 -12.91
CA LEU A 334 8.05 -36.15 -13.48
C LEU A 334 9.37 -35.82 -12.80
N VAL A 335 10.43 -35.75 -13.60
CA VAL A 335 11.76 -35.45 -13.10
C VAL A 335 12.06 -33.95 -13.25
N ASP A 336 12.50 -33.37 -12.15
CA ASP A 336 12.93 -31.97 -12.10
C ASP A 336 14.42 -31.84 -12.42
N LEU A 337 14.75 -31.39 -13.63
CA LEU A 337 16.13 -31.32 -14.12
C LEU A 337 16.85 -29.98 -13.85
N ARG A 338 16.27 -29.10 -13.04
CA ARG A 338 16.93 -27.84 -12.71
C ARG A 338 18.25 -28.03 -11.93
N PRO A 339 18.26 -28.83 -10.84
CA PRO A 339 19.54 -29.13 -10.19
C PRO A 339 20.64 -29.71 -11.09
N SER A 340 20.29 -30.46 -12.13
CA SER A 340 21.27 -30.95 -13.10
C SER A 340 21.82 -29.84 -14.01
N GLY A 341 21.11 -28.70 -14.09
CA GLY A 341 21.53 -27.57 -14.88
C GLY A 341 21.25 -27.70 -16.37
N ILE A 342 20.26 -28.50 -16.77
CA ILE A 342 19.87 -28.59 -18.18
C ILE A 342 18.34 -28.65 -18.31
N ASP A 343 17.82 -28.07 -19.40
CA ASP A 343 16.40 -28.13 -19.70
C ASP A 343 16.01 -29.50 -20.29
N GLY A 344 14.70 -29.74 -20.38
CA GLY A 344 14.18 -30.99 -20.90
C GLY A 344 14.17 -31.07 -22.41
N ALA A 345 14.22 -29.93 -23.09
CA ALA A 345 14.18 -29.95 -24.55
C ALA A 345 15.47 -30.53 -25.11
N ARG A 346 16.60 -30.20 -24.46
CA ARG A 346 17.92 -30.69 -24.88
C ARG A 346 18.09 -32.19 -24.55
N VAL A 347 17.69 -32.54 -23.33
CA VAL A 347 17.65 -33.93 -22.89
C VAL A 347 16.75 -34.79 -23.80
N GLU A 348 15.55 -34.31 -24.07
CA GLU A 348 14.62 -35.04 -24.93
C GLU A 348 15.26 -35.38 -26.27
N LYS A 349 16.01 -34.44 -26.85
CA LYS A 349 16.63 -34.65 -28.14
C LYS A 349 17.75 -35.70 -28.07
N ILE A 350 18.65 -35.54 -27.12
CA ILE A 350 19.77 -36.50 -26.99
C ILE A 350 19.26 -37.92 -26.77
N LEU A 351 18.28 -38.04 -25.86
CA LEU A 351 17.68 -39.30 -25.56
C LEU A 351 17.01 -39.86 -26.79
N ASP A 352 16.32 -39.00 -27.53
CA ASP A 352 15.68 -39.46 -28.76
C ASP A 352 16.72 -39.98 -29.77
N MET A 353 17.87 -39.34 -29.82
CA MET A 353 18.97 -39.79 -30.72
C MET A 353 19.54 -41.15 -30.32
N ALA A 354 19.48 -41.46 -29.03
CA ALA A 354 19.81 -42.78 -28.50
C ALA A 354 18.63 -43.76 -28.39
N SER A 355 17.53 -43.52 -29.11
CA SER A 355 16.34 -44.38 -29.09
C SER A 355 15.51 -44.48 -27.77
N ILE A 356 15.66 -43.47 -26.91
CA ILE A 356 14.89 -43.32 -25.69
C ILE A 356 13.90 -42.18 -25.91
N THR A 357 12.62 -42.48 -26.03
CA THR A 357 11.67 -41.44 -26.39
C THR A 357 10.78 -41.11 -25.22
N LEU A 358 10.95 -39.89 -24.74
CA LEU A 358 10.09 -39.37 -23.70
C LEU A 358 9.70 -37.96 -24.16
N ASN A 359 9.13 -37.15 -23.28
CA ASN A 359 8.90 -35.76 -23.62
C ASN A 359 9.39 -34.85 -22.51
N LYS A 360 9.96 -33.73 -22.93
CA LYS A 360 10.20 -32.59 -22.04
C LYS A 360 8.85 -32.25 -21.45
N ASN A 361 8.88 -31.75 -20.24
CA ASN A 361 7.68 -31.41 -19.55
C ASN A 361 8.01 -30.26 -18.59
N SER A 362 7.12 -29.25 -18.50
CA SER A 362 7.31 -28.21 -17.50
C SER A 362 7.21 -28.80 -16.11
N VAL A 363 7.70 -28.04 -15.14
CA VAL A 363 7.89 -28.46 -13.77
C VAL A 363 7.39 -27.28 -12.98
N PRO A 364 6.86 -27.50 -11.75
CA PRO A 364 6.45 -26.33 -10.95
C PRO A 364 7.66 -25.47 -10.65
N GLY A 365 7.55 -24.15 -10.79
CA GLY A 365 8.68 -23.26 -10.53
C GLY A 365 9.40 -22.79 -11.79
N ASP A 366 9.25 -23.50 -12.92
CA ASP A 366 9.75 -23.01 -14.21
C ASP A 366 9.41 -21.52 -14.43
N LYS A 367 10.40 -20.74 -14.87
CA LYS A 367 10.21 -19.32 -15.10
C LYS A 367 9.43 -19.10 -16.39
N SER A 368 9.74 -19.90 -17.40
CA SER A 368 9.16 -19.74 -18.73
C SER A 368 8.59 -21.05 -19.29
N ALA A 369 7.32 -21.01 -19.68
CA ALA A 369 6.68 -22.07 -20.44
C ALA A 369 7.39 -22.41 -21.76
N LEU A 370 8.10 -21.44 -22.35
CA LEU A 370 8.93 -21.73 -23.51
C LEU A 370 10.13 -22.65 -23.19
N VAL A 371 10.58 -22.64 -21.92
CA VAL A 371 11.64 -23.55 -21.43
C VAL A 371 11.12 -24.64 -20.44
N PRO A 372 10.83 -25.85 -20.95
CA PRO A 372 10.49 -26.93 -20.03
C PRO A 372 11.65 -27.31 -19.10
N GLY A 373 11.40 -27.22 -17.80
CA GLY A 373 12.40 -27.56 -16.79
C GLY A 373 12.63 -29.04 -16.47
N GLY A 374 11.79 -29.95 -16.99
CA GLY A 374 11.84 -31.37 -16.61
C GLY A 374 11.54 -32.34 -17.72
N ILE A 375 11.43 -33.61 -17.34
CA ILE A 375 11.00 -34.66 -18.27
C ILE A 375 9.97 -35.54 -17.60
N ARG A 376 9.02 -36.02 -18.38
CA ARG A 376 7.97 -36.92 -17.91
C ARG A 376 8.27 -38.28 -18.52
N ILE A 377 8.21 -39.31 -17.68
CA ILE A 377 8.55 -40.69 -18.06
C ILE A 377 7.40 -41.56 -17.57
N GLY A 378 6.89 -42.44 -18.42
CA GLY A 378 5.89 -43.40 -18.03
C GLY A 378 6.24 -44.83 -18.37
N SER A 379 5.70 -45.76 -17.59
CA SER A 379 5.89 -47.17 -17.77
C SER A 379 4.90 -47.96 -18.65
N PRO A 380 3.76 -47.35 -19.07
CA PRO A 380 2.78 -48.24 -19.75
C PRO A 380 3.24 -48.96 -21.00
N ALA A 381 3.92 -48.25 -21.89
CA ALA A 381 4.27 -48.82 -23.18
C ALA A 381 5.28 -49.99 -23.04
N MET A 382 6.37 -49.78 -22.31
CA MET A 382 7.36 -50.82 -22.10
C MET A 382 6.86 -51.93 -21.21
N THR A 383 5.94 -51.63 -20.27
CA THR A 383 5.27 -52.67 -19.53
C THR A 383 4.45 -53.58 -20.42
N THR A 384 3.79 -53.00 -21.40
CA THR A 384 3.05 -53.79 -22.34
C THR A 384 3.93 -54.85 -23.09
N ARG A 385 5.18 -54.50 -23.33
CA ARG A 385 6.13 -55.36 -24.00
C ARG A 385 6.73 -56.44 -23.14
N GLY A 386 6.56 -56.35 -21.83
CA GLY A 386 6.96 -57.43 -20.90
C GLY A 386 8.13 -57.07 -20.01
N LEU A 387 8.58 -55.82 -20.04
CA LEU A 387 9.65 -55.41 -19.14
C LEU A 387 9.19 -55.46 -17.68
N GLY A 388 10.12 -55.82 -16.81
CA GLY A 388 9.85 -55.93 -15.38
C GLY A 388 10.60 -54.89 -14.59
N GLU A 389 10.54 -55.04 -13.28
CA GLU A 389 11.18 -54.09 -12.37
C GLU A 389 12.67 -53.92 -12.64
N LYS A 390 13.43 -55.01 -12.79
CA LYS A 390 14.88 -54.89 -13.06
C LYS A 390 15.22 -54.14 -14.35
N GLU A 391 14.39 -54.37 -15.36
CA GLU A 391 14.57 -53.72 -16.65
C GLU A 391 14.26 -52.23 -16.54
N PHE A 392 13.31 -51.89 -15.66
CA PHE A 392 13.01 -50.48 -15.44
C PHE A 392 14.10 -49.76 -14.65
N GLU A 393 14.80 -50.50 -13.80
CA GLU A 393 16.03 -49.99 -13.21
C GLU A 393 17.08 -49.73 -14.27
N LEU A 394 17.28 -50.64 -15.20
CA LEU A 394 18.20 -50.39 -16.32
C LEU A 394 17.73 -49.19 -17.15
N ILE A 395 16.43 -49.03 -17.38
CA ILE A 395 15.92 -47.85 -18.12
C ILE A 395 16.37 -46.57 -17.44
N ALA A 396 16.26 -46.53 -16.13
CA ALA A 396 16.67 -45.37 -15.36
C ALA A 396 18.14 -45.11 -15.53
N ASP A 397 18.95 -46.19 -15.54
CA ASP A 397 20.42 -46.05 -15.76
C ASP A 397 20.71 -45.52 -17.19
N LEU A 398 19.98 -45.99 -18.18
CA LEU A 398 20.15 -45.53 -19.56
C LEU A 398 19.71 -44.07 -19.74
N ILE A 399 18.58 -43.73 -19.12
CA ILE A 399 18.19 -42.32 -19.04
C ILE A 399 19.30 -41.46 -18.45
N HIS A 400 19.82 -41.86 -17.31
CA HIS A 400 20.91 -41.13 -16.69
C HIS A 400 22.19 -40.97 -17.58
N GLU A 401 22.66 -42.05 -18.20
CA GLU A 401 23.77 -41.94 -19.15
C GLU A 401 23.45 -40.83 -20.18
N GLY A 402 22.21 -40.81 -20.68
CA GLY A 402 21.79 -39.83 -21.69
C GLY A 402 21.80 -38.40 -21.22
N VAL A 403 21.41 -38.17 -19.96
CA VAL A 403 21.46 -36.83 -19.36
C VAL A 403 22.91 -36.35 -19.27
N ARG A 404 23.81 -37.22 -18.81
CA ARG A 404 25.23 -36.88 -18.71
C ARG A 404 25.73 -36.48 -20.11
N ILE A 405 25.35 -37.23 -21.14
CA ILE A 405 25.70 -36.89 -22.53
C ILE A 405 25.09 -35.56 -22.95
N SER A 406 23.84 -35.32 -22.57
CA SER A 406 23.19 -34.01 -22.80
C SER A 406 23.96 -32.86 -22.16
N LEU A 407 24.45 -33.06 -20.95
CA LEU A 407 25.20 -32.02 -20.26
C LEU A 407 26.52 -31.75 -21.01
N GLU A 408 27.19 -32.84 -21.40
CA GLU A 408 28.42 -32.74 -22.15
C GLU A 408 28.22 -32.00 -23.47
N ALA A 409 27.12 -32.30 -24.18
CA ALA A 409 26.86 -31.66 -25.48
C ALA A 409 26.51 -30.19 -25.34
N LYS A 410 25.81 -29.83 -24.27
CA LYS A 410 25.49 -28.41 -23.94
C LYS A 410 26.74 -27.57 -23.80
N SER A 411 27.74 -28.13 -23.12
CA SER A 411 29.00 -27.43 -22.88
C SER A 411 29.80 -27.10 -24.17
N LEU A 412 29.56 -27.86 -25.24
CA LEU A 412 30.22 -27.64 -26.53
C LEU A 412 29.54 -26.64 -27.50
N VAL A 413 28.30 -26.23 -27.26
CA VAL A 413 27.54 -25.46 -28.25
C VAL A 413 27.83 -23.96 -28.11
N SER A 414 28.02 -23.27 -29.24
CA SER A 414 28.23 -21.81 -29.23
C SER A 414 26.94 -21.09 -28.89
N GLY A 415 25.97 -21.10 -29.80
CA GLY A 415 24.73 -20.35 -29.62
C GLY A 415 23.83 -20.87 -28.52
N THR A 416 22.97 -20.00 -28.02
CA THR A 416 22.13 -20.26 -26.84
C THR A 416 20.73 -20.81 -27.19
N LYS A 417 20.30 -20.63 -28.44
CA LYS A 417 18.98 -21.14 -28.89
C LYS A 417 18.95 -22.66 -28.93
N VAL A 418 17.76 -23.22 -28.73
CA VAL A 418 17.60 -24.67 -28.86
C VAL A 418 17.95 -25.10 -30.28
N GLN A 419 17.62 -24.25 -31.27
CA GLN A 419 17.96 -24.53 -32.66
C GLN A 419 19.47 -24.69 -32.92
N ASP A 420 20.31 -23.96 -32.17
CA ASP A 420 21.78 -24.07 -32.24
C ASP A 420 22.27 -25.39 -31.65
N PHE A 421 21.60 -25.83 -30.59
CA PHE A 421 21.89 -27.12 -29.98
C PHE A 421 21.54 -28.25 -30.97
N LEU A 422 20.31 -28.22 -31.49
CA LEU A 422 19.82 -29.21 -32.49
C LEU A 422 20.74 -29.35 -33.71
N ASN A 423 21.12 -28.21 -34.30
CA ASN A 423 22.09 -28.16 -35.42
C ASN A 423 23.45 -28.74 -35.03
N PHE A 424 23.92 -28.36 -33.84
CA PHE A 424 25.19 -28.84 -33.34
C PHE A 424 25.17 -30.37 -33.18
N VAL A 425 24.15 -30.89 -32.50
CA VAL A 425 24.10 -32.32 -32.16
C VAL A 425 23.75 -33.19 -33.36
N LEU A 426 22.99 -32.67 -34.32
CA LEU A 426 22.69 -33.42 -35.56
C LEU A 426 23.80 -33.35 -36.63
N ALA A 427 24.78 -32.46 -36.48
CA ALA A 427 25.87 -32.34 -37.45
C ALA A 427 26.72 -33.62 -37.46
N PRO A 428 27.09 -34.13 -38.66
CA PRO A 428 27.97 -35.31 -38.80
C PRO A 428 29.26 -35.29 -37.96
N GLU A 429 29.86 -34.11 -37.77
CA GLU A 429 31.10 -33.95 -37.00
C GLU A 429 30.87 -33.73 -35.48
N PHE A 430 29.63 -33.97 -35.01
CA PHE A 430 29.28 -34.00 -33.58
C PHE A 430 30.25 -34.89 -32.78
N PRO A 431 31.06 -34.28 -31.85
CA PRO A 431 32.11 -35.03 -31.13
C PRO A 431 31.66 -36.19 -30.19
N LEU A 432 30.39 -36.22 -29.77
CA LEU A 432 29.88 -37.25 -28.85
C LEU A 432 29.06 -38.31 -29.58
N GLY A 433 29.19 -38.35 -30.90
CA GLY A 433 28.55 -39.37 -31.74
C GLY A 433 28.74 -40.79 -31.26
N ASP A 434 29.96 -41.10 -30.80
CA ASP A 434 30.30 -42.42 -30.23
C ASP A 434 29.58 -42.71 -28.91
N LYS A 435 29.58 -41.75 -27.98
CA LYS A 435 28.82 -41.92 -26.75
C LYS A 435 27.32 -42.13 -27.03
N VAL A 436 26.78 -41.38 -27.97
CA VAL A 436 25.37 -41.51 -28.34
C VAL A 436 25.11 -42.87 -29.02
N SER A 437 25.97 -43.25 -29.97
CA SER A 437 25.80 -44.55 -30.62
C SER A 437 26.00 -45.70 -29.63
N ASN A 438 26.88 -45.54 -28.63
CA ASN A 438 27.09 -46.57 -27.59
C ASN A 438 25.85 -46.79 -26.72
N LEU A 439 25.28 -45.68 -26.26
CA LEU A 439 24.04 -45.67 -25.52
C LEU A 439 22.92 -46.29 -26.34
N ARG A 440 22.77 -45.86 -27.59
CA ARG A 440 21.77 -46.40 -28.49
C ARG A 440 21.84 -47.91 -28.59
N ARG A 441 23.06 -48.42 -28.72
CA ARG A 441 23.27 -49.84 -28.83
C ARG A 441 22.76 -50.53 -27.58
N LYS A 442 22.99 -49.95 -26.41
CA LYS A 442 22.49 -50.55 -25.16
C LYS A 442 20.96 -50.48 -25.05
N VAL A 443 20.42 -49.34 -25.44
CA VAL A 443 18.97 -49.12 -25.45
C VAL A 443 18.29 -50.16 -26.33
N GLU A 444 18.82 -50.31 -27.55
CA GLU A 444 18.24 -51.19 -28.53
C GLU A 444 18.44 -52.65 -28.15
N ALA A 445 19.61 -52.96 -27.58
CA ALA A 445 19.88 -54.31 -27.05
C ALA A 445 18.86 -54.74 -26.01
N LEU A 446 18.37 -53.77 -25.22
CA LEU A 446 17.32 -54.09 -24.27
C LEU A 446 15.98 -54.22 -24.98
N ALA A 447 15.60 -53.20 -25.76
CA ALA A 447 14.28 -53.17 -26.35
C ALA A 447 13.97 -54.38 -27.24
N THR A 448 14.96 -54.82 -28.03
CA THR A 448 14.76 -55.83 -29.06
C THR A 448 14.68 -57.22 -28.49
N GLN A 449 14.97 -57.36 -27.19
CA GLN A 449 14.68 -58.59 -26.51
C GLN A 449 13.21 -58.86 -26.33
N TYR A 450 12.35 -57.85 -26.46
CA TYR A 450 10.95 -58.01 -26.12
C TYR A 450 10.01 -58.01 -27.33
N PRO A 451 8.92 -58.78 -27.25
CA PRO A 451 7.91 -58.67 -28.29
C PRO A 451 7.21 -57.30 -28.26
N ILE A 452 6.49 -57.01 -29.31
CA ILE A 452 5.70 -55.80 -29.41
C ILE A 452 4.37 -56.21 -30.01
N PRO A 453 3.23 -55.78 -29.41
CA PRO A 453 1.99 -56.16 -30.05
C PRO A 453 1.68 -55.35 -31.33
N GLY A 454 0.74 -55.85 -32.11
CA GLY A 454 0.29 -55.19 -33.33
C GLY A 454 0.26 -56.10 -34.54
N VAL A 455 -0.30 -55.59 -35.63
CA VAL A 455 -0.41 -56.39 -36.87
C VAL A 455 0.95 -56.66 -37.49
N LEU B 5 1.10 -63.03 -25.73
CA LEU B 5 0.23 -63.57 -26.81
C LEU B 5 -0.67 -62.50 -27.40
N ASP B 6 -0.42 -62.16 -28.66
CA ASP B 6 -1.10 -61.06 -29.33
C ASP B 6 -2.01 -61.65 -30.41
N TYR B 7 -3.15 -62.20 -29.99
CA TYR B 7 -4.07 -62.95 -30.88
C TYR B 7 -4.69 -62.10 -31.97
N GLY B 8 -5.05 -62.73 -33.08
CA GLY B 8 -5.86 -62.06 -34.10
C GLY B 8 -7.27 -61.86 -33.57
N LEU B 9 -8.01 -60.99 -34.22
CA LEU B 9 -9.33 -60.59 -33.74
C LEU B 9 -10.29 -61.76 -33.57
N SER B 10 -10.29 -62.69 -34.54
CA SER B 10 -11.13 -63.89 -34.49
C SER B 10 -10.95 -64.65 -33.17
N GLU B 11 -9.72 -64.71 -32.65
CA GLU B 11 -9.45 -65.39 -31.37
C GLU B 11 -9.58 -64.48 -30.16
N ALA B 12 -9.05 -63.27 -30.26
CA ALA B 12 -9.13 -62.29 -29.17
C ALA B 12 -10.56 -61.91 -28.80
N ASP B 13 -11.38 -61.65 -29.80
CA ASP B 13 -12.76 -61.14 -29.58
C ASP B 13 -13.68 -61.67 -30.64
N PRO B 14 -14.03 -62.97 -30.53
CA PRO B 14 -14.93 -63.53 -31.53
C PRO B 14 -16.29 -62.83 -31.65
N ASP B 15 -16.82 -62.25 -30.55
CA ASP B 15 -18.07 -61.51 -30.63
C ASP B 15 -17.96 -60.29 -31.53
N VAL B 16 -16.90 -59.50 -31.39
CA VAL B 16 -16.68 -58.35 -32.30
C VAL B 16 -16.34 -58.82 -33.72
N HIS B 17 -15.56 -59.87 -33.83
CA HIS B 17 -15.29 -60.46 -35.14
C HIS B 17 -16.58 -60.85 -35.89
N ALA B 18 -17.47 -61.54 -35.18
CA ALA B 18 -18.77 -61.87 -35.73
C ALA B 18 -19.57 -60.66 -36.19
N ILE B 19 -19.57 -59.56 -35.42
CA ILE B 19 -20.33 -58.40 -35.81
C ILE B 19 -19.75 -57.77 -37.08
N ILE B 20 -18.42 -57.72 -37.15
CA ILE B 20 -17.75 -57.20 -38.33
C ILE B 20 -18.10 -58.06 -39.54
N ASN B 21 -18.05 -59.39 -39.41
CA ASN B 21 -18.44 -60.22 -40.55
C ASN B 21 -19.88 -59.98 -41.03
N LYS B 22 -20.83 -59.83 -40.10
CA LYS B 22 -22.22 -59.50 -40.46
C LYS B 22 -22.31 -58.20 -41.22
N GLU B 23 -21.51 -57.21 -40.80
CA GLU B 23 -21.53 -55.91 -41.48
C GLU B 23 -20.92 -56.04 -42.88
N LYS B 24 -19.84 -56.79 -43.00
CA LYS B 24 -19.24 -57.05 -44.32
C LYS B 24 -20.29 -57.67 -45.27
N ASP B 25 -20.99 -58.67 -44.76
CA ASP B 25 -22.15 -59.22 -45.45
C ASP B 25 -23.19 -58.21 -45.90
N ARG B 26 -23.62 -57.39 -44.94
CA ARG B 26 -24.69 -56.46 -45.16
C ARG B 26 -24.26 -55.50 -46.25
N GLN B 27 -23.01 -55.03 -46.18
CA GLN B 27 -22.48 -54.15 -47.23
C GLN B 27 -22.47 -54.86 -48.59
N PHE B 28 -22.06 -56.12 -48.58
CA PHE B 28 -21.95 -56.88 -49.80
C PHE B 28 -23.28 -57.06 -50.55
N ARG B 29 -24.32 -57.43 -49.81
CA ARG B 29 -25.61 -57.72 -50.42
C ARG B 29 -26.61 -56.55 -50.47
N SER B 30 -26.29 -55.38 -49.92
CA SER B 30 -27.19 -54.19 -49.98
C SER B 30 -26.88 -53.28 -51.13
N LEU B 31 -27.83 -52.40 -51.47
CA LEU B 31 -27.56 -51.29 -52.38
C LEU B 31 -27.38 -50.08 -51.49
N GLU B 32 -26.11 -49.68 -51.36
CA GLU B 32 -25.75 -48.57 -50.51
C GLU B 32 -25.88 -47.28 -51.33
N LEU B 33 -26.94 -46.51 -51.05
CA LEU B 33 -27.22 -45.29 -51.80
C LEU B 33 -27.14 -44.02 -50.95
N ILE B 34 -26.55 -44.12 -49.75
CA ILE B 34 -26.38 -42.95 -48.91
C ILE B 34 -25.32 -42.11 -49.62
N ALA B 35 -25.67 -40.88 -49.98
CA ALA B 35 -24.79 -40.01 -50.81
C ALA B 35 -23.51 -39.62 -50.13
N SER B 36 -23.46 -39.67 -48.80
CA SER B 36 -22.21 -39.41 -48.07
C SER B 36 -21.33 -40.65 -47.83
N GLU B 37 -21.78 -41.82 -48.23
CA GLU B 37 -21.02 -43.04 -47.97
C GLU B 37 -20.21 -43.48 -49.18
N ASN B 38 -19.21 -44.30 -48.91
CA ASN B 38 -18.40 -44.90 -49.97
C ASN B 38 -17.73 -46.12 -49.39
N PHE B 39 -17.01 -46.84 -50.24
CA PHE B 39 -16.32 -48.04 -49.79
C PHE B 39 -14.86 -47.70 -49.96
N THR B 40 -14.13 -47.60 -48.84
CA THR B 40 -12.74 -47.21 -48.94
C THR B 40 -11.90 -48.47 -49.24
N SER B 41 -10.68 -48.23 -49.64
CA SER B 41 -9.90 -49.29 -50.27
C SER B 41 -9.22 -50.15 -49.23
N LYS B 42 -8.77 -51.34 -49.64
CA LYS B 42 -7.94 -52.19 -48.82
C LYS B 42 -6.70 -51.44 -48.36
N ALA B 43 -6.07 -50.64 -49.21
CA ALA B 43 -4.83 -49.95 -48.87
C ALA B 43 -5.04 -48.93 -47.73
N VAL B 44 -6.13 -48.19 -47.85
CA VAL B 44 -6.52 -47.21 -46.79
C VAL B 44 -6.80 -47.94 -45.47
N MET B 45 -7.65 -48.94 -45.47
CA MET B 45 -7.81 -49.78 -44.32
C MET B 45 -6.52 -50.32 -43.68
N GLU B 46 -5.54 -50.81 -44.49
CA GLU B 46 -4.24 -51.28 -43.94
C GLU B 46 -3.44 -50.18 -43.27
N ALA B 47 -3.46 -48.97 -43.84
CA ALA B 47 -2.80 -47.85 -43.19
C ALA B 47 -3.46 -47.43 -41.85
N VAL B 48 -4.80 -47.39 -41.81
CA VAL B 48 -5.59 -46.99 -40.65
C VAL B 48 -5.47 -48.05 -39.55
N GLY B 49 -5.30 -49.33 -39.94
CA GLY B 49 -5.13 -50.37 -38.95
C GLY B 49 -3.69 -50.78 -38.72
N SER B 50 -2.82 -49.78 -38.62
CA SER B 50 -1.40 -49.96 -38.43
C SER B 50 -0.93 -49.36 -37.10
N CYS B 51 0.37 -49.50 -36.88
CA CYS B 51 1.10 -49.02 -35.71
C CYS B 51 1.23 -47.48 -35.64
N LEU B 52 0.85 -46.81 -36.71
CA LEU B 52 0.74 -45.35 -36.66
C LEU B 52 -0.21 -44.87 -35.55
N THR B 53 -1.19 -45.69 -35.17
CA THR B 53 -2.10 -45.36 -34.08
C THR B 53 -1.38 -45.15 -32.74
N ASN B 54 -0.15 -45.68 -32.60
CA ASN B 54 0.54 -45.62 -31.32
C ASN B 54 1.23 -44.31 -30.93
N LYS B 55 1.35 -43.36 -31.86
CA LYS B 55 2.26 -42.28 -31.68
C LYS B 55 1.52 -41.00 -31.28
N TYR B 56 2.05 -40.33 -30.24
CA TYR B 56 1.66 -38.95 -29.85
C TYR B 56 2.56 -37.97 -30.59
N SER B 57 1.96 -37.05 -31.33
CA SER B 57 2.72 -36.11 -32.16
C SER B 57 2.12 -34.70 -32.22
N GLU B 58 1.71 -34.18 -31.07
CA GLU B 58 1.22 -32.82 -31.02
C GLU B 58 2.21 -31.83 -31.61
N GLY B 59 1.66 -30.86 -32.33
CA GLY B 59 2.43 -29.83 -32.97
C GLY B 59 2.33 -30.03 -34.46
N LEU B 60 3.38 -29.62 -35.16
CA LEU B 60 3.47 -29.77 -36.60
C LEU B 60 4.83 -30.38 -36.98
N PRO B 61 4.96 -30.90 -38.23
CA PRO B 61 6.21 -31.56 -38.63
C PRO B 61 7.46 -30.76 -38.28
N GLY B 62 8.43 -31.40 -37.65
CA GLY B 62 9.64 -30.73 -37.19
C GLY B 62 9.45 -29.69 -36.07
N LYS B 63 8.25 -29.58 -35.49
CA LYS B 63 7.94 -28.66 -34.39
C LYS B 63 6.95 -29.36 -33.44
N ARG B 64 7.43 -30.46 -32.88
CA ARG B 64 6.59 -31.37 -32.11
C ARG B 64 6.90 -31.23 -30.62
N TYR B 65 5.95 -31.65 -29.80
CA TYR B 65 6.06 -31.60 -28.36
C TYR B 65 6.60 -32.92 -27.75
N TYR B 66 6.88 -33.90 -28.60
CA TYR B 66 7.36 -35.20 -28.13
C TYR B 66 8.54 -35.65 -28.98
N GLY B 67 9.36 -36.54 -28.39
CA GLY B 67 10.39 -37.23 -29.15
C GLY B 67 9.80 -38.27 -30.09
N GLY B 68 10.61 -38.72 -31.05
CA GLY B 68 10.36 -39.96 -31.78
C GLY B 68 9.49 -39.80 -33.01
N ASN B 69 9.40 -38.57 -33.54
CA ASN B 69 8.46 -38.26 -34.61
C ASN B 69 9.07 -38.15 -36.04
N GLU B 70 10.23 -38.77 -36.25
CA GLU B 70 10.90 -38.72 -37.54
C GLU B 70 9.98 -39.20 -38.69
N HIS B 71 9.38 -40.37 -38.54
CA HIS B 71 8.63 -40.99 -39.62
C HIS B 71 7.19 -40.45 -39.70
N ILE B 72 6.60 -40.24 -38.52
CA ILE B 72 5.37 -39.49 -38.42
C ILE B 72 5.48 -38.14 -39.20
N ASP B 73 6.57 -37.41 -39.02
CA ASP B 73 6.79 -36.14 -39.80
C ASP B 73 6.90 -36.35 -41.33
N GLU B 74 7.65 -37.36 -41.74
CA GLU B 74 7.72 -37.73 -43.16
C GLU B 74 6.31 -37.95 -43.72
N LEU B 75 5.50 -38.70 -42.98
CA LEU B 75 4.15 -39.01 -43.39
C LEU B 75 3.26 -37.76 -43.52
N GLU B 76 3.24 -36.94 -42.46
CA GLU B 76 2.42 -35.74 -42.47
C GLU B 76 2.87 -34.80 -43.59
N ILE B 77 4.18 -34.65 -43.81
CA ILE B 77 4.67 -33.83 -44.92
C ILE B 77 4.20 -34.36 -46.29
N LEU B 78 4.37 -35.64 -46.48
CA LEU B 78 3.90 -36.32 -47.68
C LEU B 78 2.37 -36.16 -47.84
N CYS B 79 1.63 -36.28 -46.72
CA CYS B 79 0.19 -36.12 -46.78
C CYS B 79 -0.20 -34.72 -47.25
N GLN B 80 0.47 -33.70 -46.72
CA GLN B 80 0.16 -32.31 -47.11
C GLN B 80 0.43 -32.09 -48.57
N GLN B 81 1.61 -32.46 -49.04
N GLN B 81 1.63 -32.49 -49.01
CA GLN B 81 1.93 -32.20 -50.44
CA GLN B 81 2.04 -32.40 -50.40
C GLN B 81 0.99 -32.99 -51.37
C GLN B 81 1.00 -32.99 -51.33
N ARG B 82 0.56 -34.19 -51.00
CA ARG B 82 -0.44 -34.90 -51.82
C ARG B 82 -1.81 -34.21 -51.77
N ALA B 83 -2.16 -33.63 -50.62
CA ALA B 83 -3.40 -32.84 -50.50
C ALA B 83 -3.42 -31.70 -51.51
N LEU B 84 -2.38 -30.88 -51.45
CA LEU B 84 -2.21 -29.79 -52.41
C LEU B 84 -2.16 -30.24 -53.89
N ALA B 85 -1.42 -31.30 -54.16
CA ALA B 85 -1.36 -31.87 -55.50
C ALA B 85 -2.72 -32.37 -55.97
N ALA B 86 -3.50 -32.98 -55.07
CA ALA B 86 -4.77 -33.56 -55.51
C ALA B 86 -5.78 -32.47 -55.94
N PHE B 87 -5.65 -31.27 -55.39
CA PHE B 87 -6.49 -30.15 -55.75
C PHE B 87 -5.83 -29.14 -56.67
N HIS B 88 -4.68 -29.50 -57.23
CA HIS B 88 -3.95 -28.69 -58.26
C HIS B 88 -3.59 -27.30 -57.76
N LEU B 89 -3.12 -27.25 -56.51
CA LEU B 89 -2.85 -26.01 -55.80
C LEU B 89 -1.40 -25.74 -55.77
N ASP B 90 -1.07 -24.47 -55.89
CA ASP B 90 0.28 -23.96 -55.75
C ASP B 90 0.52 -23.76 -54.26
N GLY B 91 1.51 -24.46 -53.71
CA GLY B 91 1.84 -24.35 -52.29
C GLY B 91 2.35 -23.01 -51.79
N ASP B 92 2.73 -22.08 -52.68
CA ASP B 92 3.08 -20.71 -52.27
C ASP B 92 1.81 -19.91 -52.02
N LYS B 93 0.70 -20.34 -52.62
CA LYS B 93 -0.58 -19.67 -52.48
C LYS B 93 -1.52 -20.33 -51.45
N TRP B 94 -1.41 -21.65 -51.27
CA TRP B 94 -2.34 -22.42 -50.44
C TRP B 94 -1.57 -23.28 -49.45
N GLY B 95 -2.08 -23.35 -48.22
CA GLY B 95 -1.58 -24.28 -47.19
C GLY B 95 -2.70 -25.23 -46.81
N VAL B 96 -2.36 -26.26 -46.02
CA VAL B 96 -3.29 -27.27 -45.63
C VAL B 96 -2.94 -27.78 -44.25
N ASN B 97 -3.98 -28.05 -43.47
CA ASN B 97 -3.82 -28.74 -42.19
C ASN B 97 -4.59 -30.03 -42.35
N VAL B 98 -3.88 -31.14 -42.17
CA VAL B 98 -4.42 -32.48 -42.40
C VAL B 98 -4.82 -33.20 -41.11
N GLN B 99 -4.73 -32.52 -39.96
CA GLN B 99 -5.03 -33.08 -38.65
C GLN B 99 -6.48 -33.08 -38.14
N PRO B 100 -7.43 -32.34 -38.77
CA PRO B 100 -8.76 -32.36 -38.17
C PRO B 100 -9.39 -33.72 -38.11
N LEU B 101 -10.10 -34.00 -37.01
CA LEU B 101 -10.62 -35.35 -36.78
C LEU B 101 -11.78 -35.74 -37.68
N SER B 102 -12.51 -34.77 -38.20
CA SER B 102 -13.63 -35.04 -39.05
C SER B 102 -14.11 -33.70 -39.68
N GLY B 103 -15.24 -33.74 -40.37
CA GLY B 103 -15.79 -32.56 -41.02
C GLY B 103 -16.21 -31.50 -40.00
N SER B 104 -16.89 -31.92 -38.96
CA SER B 104 -17.45 -30.95 -37.99
C SER B 104 -16.36 -30.22 -37.23
N PRO B 105 -15.35 -30.93 -36.69
CA PRO B 105 -14.22 -30.21 -36.11
C PRO B 105 -13.38 -29.38 -37.10
N ALA B 106 -13.25 -29.80 -38.38
CA ALA B 106 -12.55 -28.94 -39.33
C ALA B 106 -13.29 -27.56 -39.38
N ASN B 107 -14.60 -27.60 -39.54
CA ASN B 107 -15.37 -26.36 -39.64
C ASN B 107 -15.32 -25.53 -38.35
N PHE B 108 -15.43 -26.21 -37.20
CA PHE B 108 -15.35 -25.51 -35.91
C PHE B 108 -13.98 -24.88 -35.67
N ALA B 109 -12.91 -25.55 -36.12
CA ALA B 109 -11.61 -24.99 -36.07
C ALA B 109 -11.45 -23.72 -36.93
N VAL B 110 -12.04 -23.69 -38.11
CA VAL B 110 -12.03 -22.50 -38.94
C VAL B 110 -12.76 -21.34 -38.21
N TYR B 111 -13.92 -21.63 -37.65
CA TYR B 111 -14.66 -20.55 -36.94
C TYR B 111 -13.84 -20.01 -35.76
N THR B 112 -13.20 -20.92 -35.05
CA THR B 112 -12.31 -20.58 -33.95
C THR B 112 -11.13 -19.75 -34.38
N ALA B 113 -10.59 -20.07 -35.55
CA ALA B 113 -9.48 -19.31 -36.10
C ALA B 113 -9.82 -17.89 -36.52
N ILE B 114 -10.93 -17.68 -37.18
CA ILE B 114 -11.22 -16.39 -37.80
C ILE B 114 -12.33 -15.54 -37.16
N LEU B 115 -13.14 -16.14 -36.29
CA LEU B 115 -14.24 -15.46 -35.65
C LEU B 115 -14.03 -15.40 -34.15
N LYS B 116 -14.72 -14.47 -33.52
CA LYS B 116 -14.83 -14.40 -32.07
C LYS B 116 -16.19 -14.95 -31.67
N PRO B 117 -16.37 -15.37 -30.41
CA PRO B 117 -17.69 -15.85 -30.06
C PRO B 117 -18.79 -14.82 -30.34
N HIS B 118 -19.94 -15.28 -30.82
CA HIS B 118 -21.07 -14.45 -31.20
C HIS B 118 -20.95 -13.70 -32.51
N ASP B 119 -19.88 -13.93 -33.27
CA ASP B 119 -19.74 -13.36 -34.59
C ASP B 119 -20.78 -13.98 -35.50
N ARG B 120 -21.09 -13.26 -36.56
CA ARG B 120 -22.19 -13.63 -37.43
C ARG B 120 -21.78 -14.51 -38.61
N ILE B 121 -22.58 -15.54 -38.85
CA ILE B 121 -22.31 -16.52 -39.86
C ILE B 121 -23.56 -16.76 -40.70
N MET B 122 -23.40 -16.93 -42.02
CA MET B 122 -24.51 -17.41 -42.83
C MET B 122 -24.14 -18.67 -43.61
N GLY B 123 -25.02 -19.65 -43.63
CA GLY B 123 -24.81 -20.90 -44.35
C GLY B 123 -26.15 -21.38 -44.85
N LEU B 124 -26.12 -22.35 -45.77
CA LEU B 124 -27.33 -22.92 -46.34
C LEU B 124 -28.23 -23.50 -45.24
N ASP B 125 -29.53 -23.11 -45.24
CA ASP B 125 -30.53 -23.54 -44.23
C ASP B 125 -30.59 -25.08 -44.18
N LEU B 126 -30.59 -25.64 -42.98
CA LEU B 126 -30.63 -27.10 -42.81
C LEU B 126 -31.74 -27.81 -43.63
N PRO B 127 -32.99 -27.35 -43.55
CA PRO B 127 -34.02 -28.00 -44.37
C PRO B 127 -33.99 -27.71 -45.89
N HIS B 128 -33.10 -26.83 -46.36
CA HIS B 128 -32.91 -26.57 -47.78
C HIS B 128 -31.64 -27.27 -48.31
N GLY B 129 -31.12 -28.22 -47.54
CA GLY B 129 -30.03 -29.06 -47.98
C GLY B 129 -28.70 -28.79 -47.33
N GLY B 130 -28.69 -27.97 -46.27
CA GLY B 130 -27.42 -27.53 -45.64
C GLY B 130 -26.86 -28.51 -44.61
N HIS B 131 -25.88 -28.07 -43.82
CA HIS B 131 -25.32 -28.89 -42.76
C HIS B 131 -25.41 -28.23 -41.37
N LEU B 132 -25.74 -29.04 -40.36
CA LEU B 132 -25.79 -28.56 -38.94
C LEU B 132 -24.59 -27.69 -38.49
N SER B 133 -23.36 -28.12 -38.83
CA SER B 133 -22.12 -27.39 -38.48
C SER B 133 -22.04 -25.97 -39.06
N HIS B 134 -22.90 -25.63 -40.02
CA HIS B 134 -22.98 -24.28 -40.60
C HIS B 134 -23.99 -23.38 -39.88
N GLY B 135 -24.68 -23.95 -38.89
CA GLY B 135 -25.69 -23.24 -38.08
C GLY B 135 -27.06 -23.87 -38.19
N PHE B 136 -27.68 -24.07 -37.04
CA PHE B 136 -29.07 -24.49 -36.99
C PHE B 136 -29.64 -24.09 -35.64
N MET B 137 -30.78 -23.41 -35.71
CA MET B 137 -31.62 -23.08 -34.57
C MET B 137 -33.09 -23.33 -34.94
N THR B 138 -33.82 -23.96 -34.02
CA THR B 138 -35.28 -24.01 -34.09
C THR B 138 -35.80 -22.75 -33.38
N ALA B 139 -37.11 -22.64 -33.21
CA ALA B 139 -37.69 -21.49 -32.51
C ALA B 139 -37.20 -21.42 -31.05
N LYS B 140 -37.12 -22.59 -30.40
CA LYS B 140 -36.90 -22.63 -28.94
C LYS B 140 -35.55 -23.19 -28.50
N ARG B 141 -34.68 -23.61 -29.45
CA ARG B 141 -33.37 -24.16 -29.07
C ARG B 141 -32.27 -23.95 -30.15
N ARG B 142 -31.07 -23.68 -29.65
CA ARG B 142 -29.87 -23.65 -30.46
C ARG B 142 -29.32 -25.08 -30.55
N VAL B 143 -29.58 -25.74 -31.68
CA VAL B 143 -29.32 -27.17 -31.83
C VAL B 143 -27.85 -27.47 -32.14
N SER B 144 -27.30 -26.74 -33.09
CA SER B 144 -25.88 -26.92 -33.44
C SER B 144 -24.97 -26.11 -32.51
N GLY B 145 -23.81 -26.67 -32.20
CA GLY B 145 -22.75 -25.93 -31.52
C GLY B 145 -22.33 -24.62 -32.22
N THR B 146 -22.38 -24.61 -33.54
CA THR B 146 -22.16 -23.40 -34.31
C THR B 146 -23.17 -22.30 -33.89
N SER B 147 -24.42 -22.67 -33.66
CA SER B 147 -25.44 -21.68 -33.28
C SER B 147 -25.44 -21.35 -31.79
N ILE B 148 -24.76 -22.17 -30.98
CA ILE B 148 -24.51 -21.82 -29.58
C ILE B 148 -23.41 -20.81 -29.49
N TYR B 149 -22.31 -21.06 -30.17
CA TYR B 149 -21.14 -20.23 -29.98
C TYR B 149 -21.07 -18.99 -30.92
N PHE B 150 -21.89 -18.99 -31.97
CA PHE B 150 -21.86 -17.94 -33.01
C PHE B 150 -23.29 -17.59 -33.30
N GLU B 151 -23.48 -16.48 -34.00
CA GLU B 151 -24.78 -15.98 -34.36
C GLU B 151 -25.07 -16.32 -35.82
N SER B 152 -25.90 -17.32 -36.06
CA SER B 152 -26.13 -17.78 -37.41
C SER B 152 -27.46 -17.34 -38.00
N MET B 153 -27.50 -17.22 -39.31
CA MET B 153 -28.75 -16.96 -40.03
C MET B 153 -28.64 -17.70 -41.35
N PRO B 154 -29.63 -18.48 -41.71
CA PRO B 154 -29.47 -19.24 -42.94
C PRO B 154 -29.79 -18.43 -44.20
N TYR B 155 -29.37 -18.97 -45.33
CA TYR B 155 -29.93 -18.60 -46.63
C TYR B 155 -30.57 -19.84 -47.21
N ARG B 156 -31.43 -19.63 -48.19
CA ARG B 156 -32.34 -20.64 -48.67
C ARG B 156 -32.29 -20.84 -50.21
N LEU B 157 -32.69 -22.01 -50.66
CA LEU B 157 -33.11 -22.21 -52.04
C LEU B 157 -34.28 -21.30 -52.47
N ASP B 158 -34.41 -21.11 -53.79
CA ASP B 158 -35.64 -20.62 -54.38
C ASP B 158 -36.44 -21.88 -54.64
N GLU B 159 -37.62 -21.96 -54.03
CA GLU B 159 -38.41 -23.19 -54.05
C GLU B 159 -38.99 -23.56 -55.41
N SER B 160 -39.15 -22.57 -56.29
CA SER B 160 -39.65 -22.79 -57.64
C SER B 160 -38.60 -23.40 -58.57
N THR B 161 -37.32 -23.18 -58.24
CA THR B 161 -36.22 -23.66 -59.08
C THR B 161 -35.31 -24.66 -58.41
N GLY B 162 -35.39 -24.80 -57.08
CA GLY B 162 -34.47 -25.65 -56.32
C GLY B 162 -33.00 -25.24 -56.36
N VAL B 163 -32.74 -23.99 -56.72
CA VAL B 163 -31.41 -23.50 -56.86
C VAL B 163 -31.29 -22.48 -55.75
N ILE B 164 -30.09 -22.36 -55.22
CA ILE B 164 -29.78 -21.39 -54.18
C ILE B 164 -30.29 -20.03 -54.63
N ASP B 165 -30.93 -19.31 -53.71
CA ASP B 165 -31.45 -17.99 -54.03
C ASP B 165 -30.40 -16.91 -53.85
N TYR B 166 -29.56 -16.75 -54.87
CA TYR B 166 -28.46 -15.79 -54.82
C TYR B 166 -28.96 -14.35 -54.63
N ASP B 167 -30.02 -13.95 -55.34
CA ASP B 167 -30.56 -12.60 -55.21
C ASP B 167 -30.99 -12.26 -53.77
N MET B 168 -31.64 -13.22 -53.12
CA MET B 168 -32.06 -13.06 -51.71
C MET B 168 -30.85 -13.11 -50.75
N LEU B 169 -29.90 -14.01 -50.99
CA LEU B 169 -28.67 -14.01 -50.20
C LEU B 169 -27.99 -12.65 -50.29
N GLU B 170 -27.94 -12.06 -51.48
CA GLU B 170 -27.31 -10.75 -51.64
C GLU B 170 -27.96 -9.71 -50.70
N LYS B 171 -29.29 -9.72 -50.63
CA LYS B 171 -30.06 -8.81 -49.79
C LYS B 171 -29.91 -9.13 -48.30
N THR B 172 -30.08 -10.39 -47.92
CA THR B 172 -30.03 -10.73 -46.48
C THR B 172 -28.63 -10.51 -45.88
N ALA B 173 -27.61 -10.82 -46.64
CA ALA B 173 -26.22 -10.54 -46.26
C ALA B 173 -25.97 -9.08 -45.98
N ALA B 174 -26.53 -8.23 -46.86
CA ALA B 174 -26.44 -6.78 -46.70
C ALA B 174 -26.98 -6.31 -45.36
N LEU B 175 -28.12 -6.86 -44.96
CA LEU B 175 -28.73 -6.57 -43.65
C LEU B 175 -28.06 -7.17 -42.40
N PHE B 176 -27.76 -8.47 -42.45
CA PHE B 176 -27.25 -9.22 -41.28
C PHE B 176 -25.76 -8.95 -40.95
N ARG B 177 -24.96 -8.68 -41.99
CA ARG B 177 -23.55 -8.32 -41.87
C ARG B 177 -22.72 -9.50 -41.34
N PRO B 178 -22.83 -10.65 -42.00
CA PRO B 178 -22.02 -11.80 -41.52
C PRO B 178 -20.53 -11.55 -41.69
N LYS B 179 -19.74 -12.01 -40.73
CA LYS B 179 -18.30 -12.03 -40.87
C LYS B 179 -17.86 -13.21 -41.76
N LEU B 180 -18.68 -14.26 -41.85
CA LEU B 180 -18.34 -15.46 -42.60
C LEU B 180 -19.54 -15.91 -43.35
N ILE B 181 -19.36 -16.20 -44.66
CA ILE B 181 -20.39 -16.82 -45.46
C ILE B 181 -19.86 -18.18 -45.88
N ILE B 182 -20.70 -19.20 -45.70
CA ILE B 182 -20.31 -20.55 -45.97
C ILE B 182 -21.10 -21.05 -47.16
N ALA B 183 -20.38 -21.48 -48.19
CA ALA B 183 -20.97 -22.23 -49.29
C ALA B 183 -20.61 -23.71 -49.13
N GLY B 184 -21.44 -24.57 -49.71
CA GLY B 184 -21.33 -26.02 -49.58
C GLY B 184 -22.56 -26.55 -48.93
N ALA B 185 -22.86 -27.82 -49.16
CA ALA B 185 -24.09 -28.41 -48.67
C ALA B 185 -23.99 -29.92 -48.57
N SER B 186 -24.98 -30.49 -47.91
CA SER B 186 -25.09 -31.94 -47.77
C SER B 186 -26.03 -32.57 -48.81
N ALA B 187 -27.04 -31.84 -49.26
CA ALA B 187 -28.05 -32.36 -50.14
C ALA B 187 -28.41 -31.41 -51.29
N TYR B 188 -27.41 -30.64 -51.75
CA TYR B 188 -27.60 -29.74 -52.89
C TYR B 188 -27.20 -30.42 -54.18
N PRO B 189 -28.14 -30.55 -55.14
CA PRO B 189 -27.87 -31.31 -56.36
C PRO B 189 -27.19 -30.54 -57.50
N ARG B 190 -26.77 -29.30 -57.27
CA ARG B 190 -26.14 -28.52 -58.33
C ARG B 190 -24.79 -27.98 -57.91
N ASP B 191 -24.01 -27.55 -58.89
CA ASP B 191 -22.78 -26.84 -58.67
C ASP B 191 -23.08 -25.46 -58.11
N ILE B 192 -22.06 -24.81 -57.59
CA ILE B 192 -22.22 -23.57 -56.86
C ILE B 192 -21.64 -22.46 -57.68
N ASP B 193 -22.23 -21.26 -57.59
CA ASP B 193 -21.78 -20.09 -58.32
C ASP B 193 -20.77 -19.34 -57.48
N TYR B 194 -19.51 -19.77 -57.55
CA TYR B 194 -18.47 -19.29 -56.66
C TYR B 194 -18.23 -17.83 -56.86
N ALA B 195 -18.27 -17.39 -58.13
CA ALA B 195 -18.09 -15.97 -58.44
C ALA B 195 -19.16 -15.12 -57.75
N ARG B 196 -20.40 -15.56 -57.83
CA ARG B 196 -21.49 -14.86 -57.14
C ARG B 196 -21.33 -14.88 -55.62
N PHE B 197 -20.90 -16.00 -55.05
CA PHE B 197 -20.61 -15.97 -53.60
C PHE B 197 -19.54 -14.94 -53.24
N ARG B 198 -18.49 -14.87 -54.04
CA ARG B 198 -17.40 -13.93 -53.83
C ARG B 198 -17.87 -12.48 -53.90
N LYS B 199 -18.72 -12.19 -54.87
CA LYS B 199 -19.31 -10.86 -54.97
C LYS B 199 -20.12 -10.50 -53.73
N ILE B 200 -20.90 -11.46 -53.26
CA ILE B 200 -21.77 -11.20 -52.11
C ILE B 200 -20.94 -11.03 -50.85
N ALA B 201 -19.96 -11.94 -50.67
CA ALA B 201 -19.00 -11.82 -49.58
C ALA B 201 -18.30 -10.47 -49.57
N ASP B 202 -17.73 -10.10 -50.70
CA ASP B 202 -17.02 -8.81 -50.80
C ASP B 202 -17.99 -7.64 -50.51
N SER B 203 -19.25 -7.77 -50.93
CA SER B 203 -20.24 -6.72 -50.66
C SER B 203 -20.35 -6.38 -49.16
N VAL B 204 -20.05 -7.33 -48.27
CA VAL B 204 -20.00 -7.04 -46.82
C VAL B 204 -18.66 -7.24 -46.11
N GLY B 205 -17.59 -7.43 -46.85
CA GLY B 205 -16.30 -7.68 -46.21
C GLY B 205 -16.26 -8.98 -45.39
N ALA B 206 -17.02 -9.97 -45.83
CA ALA B 206 -17.04 -11.26 -45.14
C ALA B 206 -15.95 -12.20 -45.66
N PHE B 207 -15.44 -13.03 -44.76
CA PHE B 207 -14.75 -14.26 -45.14
C PHE B 207 -15.69 -15.17 -45.94
N LEU B 208 -15.11 -15.92 -46.86
CA LEU B 208 -15.86 -16.82 -47.68
C LEU B 208 -15.19 -18.17 -47.63
N MET B 209 -15.96 -19.19 -47.28
CA MET B 209 -15.45 -20.53 -47.15
C MET B 209 -16.30 -21.49 -47.98
N MET B 210 -15.66 -22.55 -48.49
CA MET B 210 -16.33 -23.65 -49.10
C MET B 210 -16.14 -24.89 -48.29
N ASP B 211 -17.25 -25.52 -47.93
CA ASP B 211 -17.25 -26.84 -47.33
C ASP B 211 -17.55 -27.85 -48.47
N MET B 212 -16.49 -28.43 -48.99
CA MET B 212 -16.59 -29.37 -50.12
C MET B 212 -16.68 -30.86 -49.70
N ALA B 213 -17.02 -31.16 -48.45
CA ALA B 213 -17.20 -32.53 -47.97
C ALA B 213 -17.80 -33.53 -49.00
N HIS B 214 -18.97 -33.20 -49.50
CA HIS B 214 -19.73 -34.10 -50.35
C HIS B 214 -19.15 -34.22 -51.77
N VAL B 215 -18.39 -33.23 -52.19
CA VAL B 215 -18.02 -33.07 -53.59
C VAL B 215 -16.52 -33.03 -53.86
N SER B 216 -15.69 -33.16 -52.83
CA SER B 216 -14.25 -33.00 -52.97
C SER B 216 -13.63 -33.90 -54.08
N GLY B 217 -14.08 -35.14 -54.16
CA GLY B 217 -13.63 -36.07 -55.21
C GLY B 217 -13.98 -35.57 -56.62
N LEU B 218 -15.17 -34.99 -56.76
CA LEU B 218 -15.59 -34.39 -58.06
C LEU B 218 -14.81 -33.12 -58.41
N ILE B 219 -14.43 -32.36 -57.38
CA ILE B 219 -13.58 -31.18 -57.58
C ILE B 219 -12.15 -31.59 -57.90
N ALA B 220 -11.64 -32.58 -57.17
CA ALA B 220 -10.30 -33.10 -57.44
C ALA B 220 -10.12 -33.54 -58.91
N ALA B 221 -11.09 -34.28 -59.41
CA ALA B 221 -11.09 -34.82 -60.79
C ALA B 221 -11.59 -33.82 -61.84
N SER B 222 -11.75 -32.55 -61.45
CA SER B 222 -12.17 -31.47 -62.32
C SER B 222 -13.54 -31.72 -62.99
N VAL B 223 -14.40 -32.48 -62.32
CA VAL B 223 -15.74 -32.72 -62.80
C VAL B 223 -16.69 -31.57 -62.45
N LEU B 224 -16.48 -30.92 -61.30
CA LEU B 224 -17.22 -29.69 -60.93
C LEU B 224 -16.30 -28.50 -60.87
N ALA B 225 -16.84 -27.30 -60.77
CA ALA B 225 -15.98 -26.10 -60.73
C ALA B 225 -15.05 -26.08 -59.51
N ASP B 226 -13.99 -25.29 -59.61
CA ASP B 226 -12.97 -25.23 -58.60
C ASP B 226 -13.29 -24.12 -57.58
N PRO B 227 -13.70 -24.48 -56.35
CA PRO B 227 -13.86 -23.42 -55.33
C PRO B 227 -12.59 -22.58 -55.05
N PHE B 228 -11.43 -23.18 -55.24
CA PHE B 228 -10.16 -22.57 -54.87
C PHE B 228 -9.82 -21.36 -55.72
N GLU B 229 -10.46 -21.26 -56.89
CA GLU B 229 -10.40 -20.04 -57.71
C GLU B 229 -10.98 -18.81 -57.01
N PHE B 230 -11.94 -18.97 -56.08
CA PHE B 230 -12.68 -17.84 -55.48
C PHE B 230 -12.71 -17.68 -53.96
N VAL B 231 -12.67 -18.79 -53.21
CA VAL B 231 -12.87 -18.71 -51.75
C VAL B 231 -11.55 -18.55 -51.01
N ASP B 232 -11.66 -18.26 -49.72
CA ASP B 232 -10.51 -18.07 -48.82
C ASP B 232 -10.03 -19.35 -48.18
N ILE B 233 -10.98 -20.20 -47.84
CA ILE B 233 -10.77 -21.37 -47.01
C ILE B 233 -11.63 -22.44 -47.55
N VAL B 234 -11.09 -23.65 -47.64
CA VAL B 234 -11.86 -24.81 -48.02
C VAL B 234 -11.74 -25.89 -46.94
N THR B 235 -12.88 -26.39 -46.46
CA THR B 235 -12.86 -27.54 -45.57
C THR B 235 -13.41 -28.76 -46.31
N THR B 236 -13.11 -29.92 -45.75
CA THR B 236 -13.66 -31.16 -46.24
C THR B 236 -13.54 -32.28 -45.23
N THR B 237 -14.44 -33.25 -45.35
CA THR B 237 -14.22 -34.59 -44.85
C THR B 237 -13.35 -35.36 -45.84
N THR B 238 -12.56 -36.28 -45.29
CA THR B 238 -11.66 -37.15 -46.06
C THR B 238 -12.34 -38.44 -46.47
N HIS B 239 -13.51 -38.63 -45.93
N HIS B 239 -13.69 -38.70 -46.00
CA HIS B 239 -14.40 -39.69 -46.33
CA HIS B 239 -14.41 -39.94 -46.25
C HIS B 239 -15.36 -39.09 -47.38
C HIS B 239 -15.53 -40.01 -47.24
N LYS B 240 -16.41 -39.78 -47.72
N LYS B 240 -15.93 -38.91 -47.82
CA LYS B 240 -17.30 -39.36 -48.82
CA LYS B 240 -17.03 -39.05 -48.74
C LYS B 240 -16.64 -39.37 -50.21
C LYS B 240 -16.54 -39.27 -50.16
N SER B 241 -16.78 -38.33 -51.02
CA SER B 241 -16.40 -38.47 -52.42
C SER B 241 -14.93 -38.63 -52.64
N LEU B 242 -14.11 -38.13 -51.71
CA LEU B 242 -12.67 -38.39 -51.73
C LEU B 242 -12.29 -39.86 -51.52
N ARG B 243 -13.21 -40.64 -50.94
CA ARG B 243 -13.06 -42.11 -50.76
C ARG B 243 -11.89 -42.53 -49.80
N GLY B 244 -11.63 -41.67 -48.82
CA GLY B 244 -10.59 -41.88 -47.85
C GLY B 244 -11.08 -42.38 -46.51
N PRO B 245 -10.21 -42.30 -45.53
CA PRO B 245 -10.56 -42.62 -44.16
C PRO B 245 -11.51 -41.54 -43.57
N ARG B 246 -12.09 -41.81 -42.43
CA ARG B 246 -12.94 -40.83 -41.77
C ARG B 246 -12.04 -39.80 -41.14
N GLY B 247 -12.00 -38.60 -41.68
CA GLY B 247 -11.15 -37.51 -41.14
C GLY B 247 -11.53 -36.23 -41.82
N GLY B 248 -10.71 -35.21 -41.69
CA GLY B 248 -10.97 -33.91 -42.32
C GLY B 248 -9.72 -33.15 -42.63
N MET B 249 -9.86 -32.10 -43.44
CA MET B 249 -8.75 -31.26 -43.83
C MET B 249 -9.24 -29.82 -43.95
N ILE B 250 -8.34 -28.89 -43.72
CA ILE B 250 -8.58 -27.48 -43.97
C ILE B 250 -7.48 -26.89 -44.85
N PHE B 251 -7.89 -26.33 -45.97
CA PHE B 251 -7.02 -25.56 -46.89
C PHE B 251 -7.28 -24.07 -46.70
N PHE B 252 -6.23 -23.29 -46.87
CA PHE B 252 -6.32 -21.84 -46.66
C PHE B 252 -5.34 -21.12 -47.56
N LYS B 253 -5.74 -19.93 -47.99
CA LYS B 253 -4.83 -18.99 -48.63
C LYS B 253 -3.69 -18.61 -47.69
N LYS B 254 -2.49 -18.44 -48.25
CA LYS B 254 -1.34 -17.98 -47.49
C LYS B 254 -1.17 -16.45 -47.57
N ASP B 255 -1.76 -15.81 -48.57
CA ASP B 255 -1.77 -14.37 -48.63
C ASP B 255 -2.79 -13.97 -47.62
N ALA B 256 -2.50 -12.89 -46.89
CA ALA B 256 -3.39 -12.45 -45.81
C ALA B 256 -4.77 -12.15 -46.36
N VAL B 257 -5.81 -12.47 -45.61
CA VAL B 257 -7.19 -12.26 -46.06
C VAL B 257 -7.88 -11.36 -45.06
N HIS B 258 -8.37 -10.20 -45.51
CA HIS B 258 -8.86 -9.14 -44.57
C HIS B 258 -7.81 -8.92 -43.46
N GLY B 259 -6.55 -8.86 -43.89
CA GLY B 259 -5.43 -8.78 -42.98
C GLY B 259 -5.04 -10.02 -42.16
N VAL B 260 -5.87 -11.07 -42.09
CA VAL B 260 -5.61 -12.22 -41.19
C VAL B 260 -4.64 -13.20 -41.86
N ASP B 261 -3.65 -13.64 -41.07
CA ASP B 261 -2.73 -14.70 -41.43
C ASP B 261 -3.49 -16.03 -41.14
N LEU B 262 -4.16 -16.54 -42.15
CA LEU B 262 -5.00 -17.72 -42.01
C LEU B 262 -4.20 -18.95 -41.66
N GLU B 263 -2.98 -19.08 -42.19
CA GLU B 263 -2.15 -20.25 -41.88
C GLU B 263 -1.89 -20.42 -40.37
N SER B 264 -1.48 -19.32 -39.78
CA SER B 264 -1.19 -19.23 -38.35
C SER B 264 -2.45 -19.39 -37.50
N ALA B 265 -3.54 -18.70 -37.87
CA ALA B 265 -4.76 -18.75 -37.09
C ALA B 265 -5.40 -20.15 -37.16
N ILE B 266 -5.40 -20.75 -38.35
CA ILE B 266 -6.00 -22.06 -38.53
C ILE B 266 -5.18 -23.15 -37.85
N ASN B 267 -3.87 -23.19 -38.11
CA ASN B 267 -3.03 -24.22 -37.49
C ASN B 267 -3.15 -24.14 -35.94
N ASN B 268 -3.14 -22.92 -35.41
CA ASN B 268 -3.23 -22.74 -33.97
C ASN B 268 -4.60 -23.09 -33.40
N ALA B 269 -5.66 -22.86 -34.13
CA ALA B 269 -6.99 -23.29 -33.72
C ALA B 269 -7.08 -24.83 -33.63
N VAL B 270 -6.50 -25.51 -34.61
CA VAL B 270 -6.50 -26.98 -34.57
C VAL B 270 -5.68 -27.47 -33.38
N PHE B 271 -4.47 -26.96 -33.21
CA PHE B 271 -3.63 -27.24 -32.05
C PHE B 271 -2.79 -25.98 -31.81
N PRO B 272 -2.72 -25.43 -30.59
CA PRO B 272 -3.24 -26.04 -29.34
C PRO B 272 -4.70 -25.78 -29.05
N GLY B 273 -5.39 -25.04 -29.92
CA GLY B 273 -6.75 -24.60 -29.63
C GLY B 273 -7.76 -25.69 -29.30
N LEU B 274 -7.99 -26.63 -30.24
CA LEU B 274 -9.11 -27.52 -30.12
C LEU B 274 -8.79 -29.03 -30.03
N GLN B 275 -7.69 -29.46 -30.62
CA GLN B 275 -7.38 -30.89 -30.68
C GLN B 275 -6.14 -31.14 -29.89
N GLY B 276 -5.88 -32.42 -29.58
CA GLY B 276 -4.64 -32.82 -28.97
C GLY B 276 -3.75 -33.56 -29.98
N GLY B 277 -3.55 -34.84 -29.74
CA GLY B 277 -2.65 -35.68 -30.58
C GLY B 277 -3.29 -35.96 -31.92
N PRO B 278 -2.59 -35.68 -33.04
CA PRO B 278 -3.11 -36.05 -34.33
C PRO B 278 -3.31 -37.55 -34.47
N HIS B 279 -4.32 -37.96 -35.22
CA HIS B 279 -4.53 -39.38 -35.48
C HIS B 279 -3.71 -39.82 -36.70
N ASN B 280 -2.50 -40.28 -36.45
CA ASN B 280 -1.54 -40.54 -37.53
C ASN B 280 -1.87 -41.72 -38.42
N HIS B 281 -2.58 -42.69 -37.86
CA HIS B 281 -3.21 -43.75 -38.64
C HIS B 281 -4.23 -43.24 -39.66
N THR B 282 -5.07 -42.29 -39.24
CA THR B 282 -5.94 -41.64 -40.17
C THR B 282 -5.18 -40.82 -41.24
N ILE B 283 -4.17 -40.12 -40.79
CA ILE B 283 -3.33 -39.35 -41.69
C ILE B 283 -2.64 -40.26 -42.75
N GLY B 284 -2.13 -41.41 -42.31
CA GLY B 284 -1.67 -42.47 -43.25
C GLY B 284 -2.68 -42.85 -44.31
N GLY B 285 -3.89 -43.14 -43.85
CA GLY B 285 -4.96 -43.51 -44.76
C GLY B 285 -5.29 -42.38 -45.73
N LEU B 286 -5.23 -41.16 -45.19
CA LEU B 286 -5.51 -39.98 -45.99
C LEU B 286 -4.46 -39.88 -47.11
N ALA B 287 -3.19 -40.04 -46.74
CA ALA B 287 -2.12 -39.97 -47.72
C ALA B 287 -2.35 -40.95 -48.87
N VAL B 288 -2.73 -42.19 -48.54
CA VAL B 288 -2.98 -43.23 -49.50
C VAL B 288 -4.11 -42.78 -50.43
N CYS B 289 -5.21 -42.22 -49.89
CA CYS B 289 -6.32 -41.88 -50.78
C CYS B 289 -6.01 -40.69 -51.66
N LEU B 290 -5.12 -39.82 -51.19
CA LEU B 290 -4.73 -38.64 -51.96
C LEU B 290 -3.81 -39.01 -53.14
N LYS B 291 -2.97 -40.03 -52.94
CA LYS B 291 -2.22 -40.57 -54.08
C LYS B 291 -3.21 -41.01 -55.12
N TYR B 292 -4.17 -41.85 -54.71
CA TYR B 292 -5.15 -42.40 -55.64
C TYR B 292 -6.00 -41.32 -56.31
N ALA B 293 -6.30 -40.27 -55.56
CA ALA B 293 -7.07 -39.12 -56.06
C ALA B 293 -6.46 -38.38 -57.25
N GLN B 294 -5.17 -38.55 -57.51
CA GLN B 294 -4.49 -37.91 -58.63
C GLN B 294 -4.44 -38.80 -59.88
N SER B 295 -4.89 -40.05 -59.76
CA SER B 295 -4.80 -41.02 -60.85
C SER B 295 -5.91 -40.87 -61.92
N PRO B 296 -5.60 -41.29 -63.16
CA PRO B 296 -6.65 -41.25 -64.21
C PRO B 296 -7.84 -42.14 -63.87
N ASP B 297 -7.59 -43.27 -63.23
CA ASP B 297 -8.67 -44.17 -62.76
C ASP B 297 -9.68 -43.47 -61.88
N PHE B 298 -9.20 -42.59 -61.00
CA PHE B 298 -10.06 -41.83 -60.08
C PHE B 298 -10.88 -40.81 -60.88
N LYS B 299 -10.26 -40.20 -61.89
CA LYS B 299 -10.99 -39.34 -62.81
C LYS B 299 -12.12 -40.08 -63.52
N ASN B 300 -11.81 -41.27 -64.04
CA ASN B 300 -12.84 -42.10 -64.66
C ASN B 300 -13.97 -42.40 -63.68
N TYR B 301 -13.58 -42.78 -62.47
CA TYR B 301 -14.55 -43.07 -61.41
C TYR B 301 -15.50 -41.92 -61.23
N GLN B 302 -14.96 -40.73 -61.07
CA GLN B 302 -15.78 -39.56 -60.76
C GLN B 302 -16.75 -39.18 -61.91
N ASN B 303 -16.33 -39.38 -63.17
CA ASN B 303 -17.22 -39.17 -64.30
C ASN B 303 -18.31 -40.23 -64.33
N GLN B 304 -17.98 -41.47 -64.02
CA GLN B 304 -19.01 -42.51 -63.86
C GLN B 304 -20.02 -42.18 -62.75
N VAL B 305 -19.53 -41.66 -61.62
CA VAL B 305 -20.40 -41.23 -60.52
C VAL B 305 -21.47 -40.25 -60.99
N VAL B 306 -21.08 -39.28 -61.80
CA VAL B 306 -22.02 -38.27 -62.31
C VAL B 306 -23.00 -38.89 -63.33
N ALA B 307 -22.46 -39.68 -64.26
CA ALA B 307 -23.27 -40.35 -65.26
C ALA B 307 -24.25 -41.31 -64.60
N ASN B 308 -23.80 -42.01 -63.55
CA ASN B 308 -24.70 -42.94 -62.87
C ASN B 308 -25.86 -42.23 -62.18
N CYS B 309 -25.55 -41.12 -61.52
CA CYS B 309 -26.56 -40.30 -60.88
C CYS B 309 -27.55 -39.78 -61.93
N ARG B 310 -27.04 -39.29 -63.06
CA ARG B 310 -27.92 -38.77 -64.12
C ARG B 310 -28.85 -39.87 -64.71
N ALA B 311 -28.33 -41.07 -64.97
CA ALA B 311 -29.15 -42.21 -65.36
C ALA B 311 -30.26 -42.54 -64.34
N LEU B 312 -29.91 -42.58 -63.06
CA LEU B 312 -30.90 -42.78 -61.98
C LEU B 312 -31.94 -41.67 -61.94
N ALA B 313 -31.46 -40.43 -62.05
CA ALA B 313 -32.32 -39.23 -62.07
C ALA B 313 -33.39 -39.26 -63.20
N ASN B 314 -32.94 -39.60 -64.41
CA ASN B 314 -33.83 -39.68 -65.56
C ASN B 314 -34.90 -40.75 -65.39
N ARG B 315 -34.50 -41.96 -64.99
CA ARG B 315 -35.46 -43.04 -64.76
C ARG B 315 -36.47 -42.74 -63.67
N LEU B 316 -36.05 -42.05 -62.60
CA LEU B 316 -37.03 -41.59 -61.60
C LEU B 316 -38.08 -40.61 -62.21
N VAL B 317 -37.60 -39.78 -63.13
CA VAL B 317 -38.46 -38.85 -63.87
C VAL B 317 -39.44 -39.64 -64.78
N GLU B 318 -38.95 -40.66 -65.48
CA GLU B 318 -39.81 -41.60 -66.26
C GLU B 318 -40.87 -42.29 -65.38
N HIS B 319 -40.52 -42.62 -64.14
CA HIS B 319 -41.51 -43.05 -63.13
C HIS B 319 -42.33 -41.88 -62.52
N GLU B 320 -42.14 -40.66 -63.02
CA GLU B 320 -42.88 -39.46 -62.63
C GLU B 320 -42.57 -38.92 -61.23
N TYR B 321 -41.35 -39.17 -60.75
CA TYR B 321 -40.89 -38.52 -59.53
C TYR B 321 -40.45 -37.09 -59.83
N LYS B 322 -40.77 -36.20 -58.91
CA LYS B 322 -40.25 -34.85 -58.90
C LYS B 322 -38.87 -34.81 -58.21
N LEU B 323 -37.88 -34.25 -58.89
CA LEU B 323 -36.54 -34.02 -58.36
C LEU B 323 -36.38 -32.55 -57.99
N VAL B 324 -35.81 -32.26 -56.83
CA VAL B 324 -35.48 -30.87 -56.48
C VAL B 324 -34.48 -30.35 -57.50
N SER B 325 -34.76 -29.16 -58.05
CA SER B 325 -34.02 -28.59 -59.18
C SER B 325 -34.15 -29.33 -60.52
N GLY B 326 -35.06 -30.30 -60.64
CA GLY B 326 -35.27 -31.05 -61.89
C GLY B 326 -34.17 -32.03 -62.30
N GLY B 327 -33.20 -32.31 -61.42
CA GLY B 327 -32.03 -33.08 -61.80
C GLY B 327 -30.83 -32.81 -60.91
N SER B 328 -29.66 -33.10 -61.46
CA SER B 328 -28.41 -33.06 -60.73
C SER B 328 -27.19 -32.81 -61.63
N ASP B 329 -26.26 -31.96 -61.16
CA ASP B 329 -24.91 -31.83 -61.74
C ASP B 329 -23.86 -32.74 -61.07
N ASN B 330 -24.23 -33.49 -60.04
CA ASN B 330 -23.22 -34.12 -59.20
C ASN B 330 -23.53 -35.57 -58.87
N HIS B 331 -23.11 -36.01 -57.70
CA HIS B 331 -23.24 -37.37 -57.22
C HIS B 331 -24.58 -37.77 -56.60
N LEU B 332 -25.50 -36.82 -56.40
CA LEU B 332 -26.76 -37.07 -55.70
C LEU B 332 -28.01 -36.52 -56.39
N VAL B 333 -29.18 -37.06 -56.05
CA VAL B 333 -30.45 -36.43 -56.35
C VAL B 333 -31.20 -36.29 -55.06
N LEU B 334 -32.05 -35.27 -55.01
CA LEU B 334 -32.98 -35.10 -53.92
C LEU B 334 -34.35 -35.27 -54.54
N VAL B 335 -35.11 -36.24 -54.04
CA VAL B 335 -36.41 -36.58 -54.59
C VAL B 335 -37.42 -35.92 -53.71
N ASP B 336 -38.28 -35.15 -54.35
CA ASP B 336 -39.39 -34.52 -53.69
C ASP B 336 -40.51 -35.53 -53.75
N LEU B 337 -40.82 -36.16 -52.62
CA LEU B 337 -41.83 -37.20 -52.59
C LEU B 337 -43.25 -36.67 -52.36
N ARG B 338 -43.40 -35.39 -52.03
CA ARG B 338 -44.74 -34.79 -51.84
C ARG B 338 -45.69 -35.14 -53.00
N PRO B 339 -45.30 -34.90 -54.28
CA PRO B 339 -46.20 -35.34 -55.37
C PRO B 339 -46.34 -36.87 -55.64
N SER B 340 -45.66 -37.72 -54.88
CA SER B 340 -45.91 -39.18 -54.86
C SER B 340 -46.78 -39.60 -53.68
N GLY B 341 -47.17 -38.66 -52.82
CA GLY B 341 -48.13 -38.96 -51.72
C GLY B 341 -47.58 -39.64 -50.48
N ILE B 342 -46.31 -39.41 -50.16
CA ILE B 342 -45.71 -40.04 -48.96
C ILE B 342 -44.42 -39.34 -48.55
N ASP B 343 -44.09 -39.42 -47.27
CA ASP B 343 -42.89 -38.84 -46.73
C ASP B 343 -41.69 -39.77 -46.79
N GLY B 344 -40.52 -39.16 -46.62
CA GLY B 344 -39.22 -39.83 -46.64
C GLY B 344 -39.00 -40.85 -45.55
N ALA B 345 -39.52 -40.60 -44.34
CA ALA B 345 -39.33 -41.53 -43.22
C ALA B 345 -39.96 -42.90 -43.47
N ARG B 346 -41.22 -42.91 -43.87
CA ARG B 346 -41.88 -44.17 -44.22
C ARG B 346 -41.15 -44.88 -45.34
N VAL B 347 -40.72 -44.12 -46.36
CA VAL B 347 -40.04 -44.70 -47.50
C VAL B 347 -38.67 -45.24 -47.07
N GLU B 348 -37.88 -44.47 -46.33
CA GLU B 348 -36.56 -44.94 -45.88
C GLU B 348 -36.68 -46.31 -45.19
N LYS B 349 -37.66 -46.45 -44.29
CA LYS B 349 -37.82 -47.69 -43.54
C LYS B 349 -38.13 -48.92 -44.41
N ILE B 350 -39.09 -48.81 -45.32
CA ILE B 350 -39.43 -49.93 -46.21
C ILE B 350 -38.26 -50.28 -47.11
N LEU B 351 -37.63 -49.27 -47.68
CA LEU B 351 -36.47 -49.52 -48.54
C LEU B 351 -35.33 -50.22 -47.78
N ASP B 352 -35.09 -49.79 -46.56
CA ASP B 352 -34.06 -50.43 -45.71
C ASP B 352 -34.38 -51.92 -45.42
N MET B 353 -35.66 -52.23 -45.14
CA MET B 353 -36.17 -53.62 -45.06
C MET B 353 -35.89 -54.45 -46.33
N ALA B 354 -35.83 -53.78 -47.48
CA ALA B 354 -35.50 -54.40 -48.76
C ALA B 354 -34.03 -54.31 -49.15
N SER B 355 -33.18 -53.95 -48.20
CA SER B 355 -31.73 -53.87 -48.41
C SER B 355 -31.31 -52.73 -49.32
N ILE B 356 -32.16 -51.71 -49.44
CA ILE B 356 -31.83 -50.46 -50.11
C ILE B 356 -31.67 -49.39 -49.05
N THR B 357 -30.46 -48.89 -48.92
CA THR B 357 -30.16 -47.95 -47.85
C THR B 357 -29.92 -46.56 -48.44
N LEU B 358 -30.76 -45.61 -48.04
CA LEU B 358 -30.63 -44.20 -48.38
C LEU B 358 -31.11 -43.37 -47.19
N ASN B 359 -31.31 -42.08 -47.35
CA ASN B 359 -31.93 -41.39 -46.27
C ASN B 359 -33.02 -40.43 -46.62
N LYS B 360 -33.92 -40.32 -45.66
CA LYS B 360 -34.92 -39.32 -45.67
C LYS B 360 -34.24 -37.95 -45.65
N ASN B 361 -34.88 -36.99 -46.27
CA ASN B 361 -34.31 -35.67 -46.40
C ASN B 361 -35.42 -34.63 -46.58
N SER B 362 -35.26 -33.51 -45.89
CA SER B 362 -36.08 -32.32 -46.09
C SER B 362 -36.00 -31.84 -47.52
N VAL B 363 -37.12 -31.29 -47.97
CA VAL B 363 -37.27 -30.74 -49.29
C VAL B 363 -37.82 -29.32 -49.14
N PRO B 364 -37.41 -28.38 -50.01
CA PRO B 364 -37.85 -26.99 -49.73
C PRO B 364 -39.32 -26.86 -50.06
N GLY B 365 -40.07 -26.39 -49.07
CA GLY B 365 -41.52 -26.29 -49.17
C GLY B 365 -42.18 -27.12 -48.09
N ASP B 366 -41.47 -28.11 -47.55
CA ASP B 366 -41.93 -28.86 -46.39
C ASP B 366 -42.55 -27.95 -45.34
N LYS B 367 -43.81 -28.25 -44.97
CA LYS B 367 -44.48 -27.53 -43.90
C LYS B 367 -43.98 -27.94 -42.50
N SER B 368 -43.12 -28.95 -42.38
CA SER B 368 -42.67 -29.39 -41.07
C SER B 368 -41.33 -30.14 -41.10
N ALA B 369 -40.38 -29.67 -40.30
CA ALA B 369 -39.08 -30.33 -40.10
C ALA B 369 -39.24 -31.79 -39.73
N LEU B 370 -40.09 -32.03 -38.74
CA LEU B 370 -40.38 -33.38 -38.25
C LEU B 370 -40.95 -34.37 -39.28
N VAL B 371 -41.44 -33.90 -40.43
CA VAL B 371 -41.84 -34.79 -41.52
C VAL B 371 -40.98 -34.45 -42.70
N PRO B 372 -39.95 -35.29 -43.01
CA PRO B 372 -39.14 -34.97 -44.18
C PRO B 372 -39.86 -35.38 -45.47
N GLY B 373 -39.94 -34.45 -46.39
CA GLY B 373 -40.72 -34.60 -47.61
C GLY B 373 -40.07 -35.37 -48.74
N GLY B 374 -38.80 -35.74 -48.57
CA GLY B 374 -38.01 -36.29 -49.66
C GLY B 374 -37.09 -37.43 -49.24
N ILE B 375 -36.30 -37.87 -50.19
CA ILE B 375 -35.21 -38.78 -49.95
C ILE B 375 -34.02 -38.34 -50.77
N ARG B 376 -32.83 -38.50 -50.20
CA ARG B 376 -31.56 -38.22 -50.87
C ARG B 376 -30.91 -39.56 -51.27
N ILE B 377 -30.48 -39.60 -52.52
CA ILE B 377 -29.95 -40.80 -53.16
C ILE B 377 -28.62 -40.43 -53.79
N GLY B 378 -27.63 -41.28 -53.63
CA GLY B 378 -26.32 -41.00 -54.16
C GLY B 378 -25.72 -42.18 -54.85
N SER B 379 -24.88 -41.88 -55.84
CA SER B 379 -24.16 -42.87 -56.64
C SER B 379 -22.73 -43.31 -56.26
N PRO B 380 -21.98 -42.51 -55.47
CA PRO B 380 -20.57 -42.94 -55.25
C PRO B 380 -20.32 -44.36 -54.75
N ALA B 381 -21.07 -44.84 -53.76
CA ALA B 381 -20.78 -46.15 -53.16
C ALA B 381 -20.98 -47.32 -54.14
N MET B 382 -22.12 -47.37 -54.80
CA MET B 382 -22.35 -48.45 -55.78
C MET B 382 -21.52 -48.29 -57.04
N THR B 383 -21.19 -47.07 -57.42
CA THR B 383 -20.26 -46.84 -58.53
C THR B 383 -18.90 -47.40 -58.18
N THR B 384 -18.44 -47.27 -56.92
CA THR B 384 -17.14 -47.83 -56.55
C THR B 384 -17.13 -49.35 -56.79
N ARG B 385 -18.28 -50.01 -56.58
CA ARG B 385 -18.37 -51.46 -56.74
C ARG B 385 -18.39 -51.93 -58.19
N GLY B 386 -18.59 -51.00 -59.12
CA GLY B 386 -18.53 -51.28 -60.56
C GLY B 386 -19.84 -51.12 -61.34
N LEU B 387 -20.91 -50.65 -60.68
CA LEU B 387 -22.19 -50.43 -61.37
C LEU B 387 -22.07 -49.30 -62.42
N GLY B 388 -22.84 -49.47 -63.50
CA GLY B 388 -22.91 -48.56 -64.61
C GLY B 388 -24.32 -48.02 -64.75
N GLU B 389 -24.53 -47.31 -65.85
CA GLU B 389 -25.78 -46.57 -66.09
C GLU B 389 -27.03 -47.44 -66.12
N LYS B 390 -26.97 -48.57 -66.82
CA LYS B 390 -28.10 -49.52 -66.85
C LYS B 390 -28.42 -50.03 -65.44
N GLU B 391 -27.37 -50.26 -64.65
CA GLU B 391 -27.56 -50.77 -63.28
C GLU B 391 -28.25 -49.68 -62.45
N PHE B 392 -27.87 -48.42 -62.67
CA PHE B 392 -28.59 -47.34 -61.96
C PHE B 392 -30.06 -47.15 -62.34
N GLU B 393 -30.38 -47.47 -63.59
CA GLU B 393 -31.77 -47.48 -64.02
C GLU B 393 -32.58 -48.54 -63.29
N LEU B 394 -32.01 -49.73 -63.18
CA LEU B 394 -32.61 -50.81 -62.39
C LEU B 394 -32.82 -50.37 -60.95
N ILE B 395 -31.84 -49.64 -60.39
CA ILE B 395 -31.95 -49.12 -59.01
C ILE B 395 -33.14 -48.20 -58.90
N ALA B 396 -33.28 -47.29 -59.86
CA ALA B 396 -34.44 -46.39 -59.92
C ALA B 396 -35.75 -47.17 -59.88
N ASP B 397 -35.84 -48.26 -60.65
CA ASP B 397 -37.02 -49.13 -60.66
C ASP B 397 -37.30 -49.76 -59.29
N LEU B 398 -36.25 -50.22 -58.61
CA LEU B 398 -36.41 -50.92 -57.33
C LEU B 398 -36.88 -49.95 -56.26
N ILE B 399 -36.39 -48.71 -56.34
CA ILE B 399 -36.83 -47.64 -55.45
C ILE B 399 -38.31 -47.42 -55.68
N HIS B 400 -38.70 -47.25 -56.94
CA HIS B 400 -40.11 -47.12 -57.31
C HIS B 400 -40.99 -48.23 -56.67
N GLU B 401 -40.59 -49.49 -56.84
CA GLU B 401 -41.32 -50.62 -56.28
C GLU B 401 -41.43 -50.44 -54.76
N GLY B 402 -40.34 -50.02 -54.14
CA GLY B 402 -40.32 -49.78 -52.71
C GLY B 402 -41.23 -48.66 -52.23
N VAL B 403 -41.24 -47.57 -52.96
CA VAL B 403 -42.17 -46.45 -52.69
C VAL B 403 -43.63 -46.90 -52.87
N ARG B 404 -43.93 -47.65 -53.92
CA ARG B 404 -45.27 -48.27 -54.05
C ARG B 404 -45.62 -49.13 -52.81
N ILE B 405 -44.68 -49.96 -52.34
CA ILE B 405 -44.95 -50.79 -51.16
C ILE B 405 -45.17 -49.91 -49.93
N SER B 406 -44.43 -48.82 -49.85
CA SER B 406 -44.56 -47.88 -48.75
C SER B 406 -45.96 -47.25 -48.71
N LEU B 407 -46.46 -46.82 -49.87
CA LEU B 407 -47.79 -46.22 -49.98
C LEU B 407 -48.86 -47.20 -49.55
N GLU B 408 -48.77 -48.43 -50.06
CA GLU B 408 -49.69 -49.49 -49.67
C GLU B 408 -49.68 -49.74 -48.14
N ALA B 409 -48.49 -49.79 -47.54
CA ALA B 409 -48.36 -49.90 -46.08
C ALA B 409 -48.99 -48.72 -45.34
N LYS B 410 -48.69 -47.49 -45.79
CA LYS B 410 -49.29 -46.29 -45.20
C LYS B 410 -50.84 -46.36 -45.24
N SER B 411 -51.39 -46.87 -46.35
CA SER B 411 -52.84 -47.04 -46.49
C SER B 411 -53.42 -47.91 -45.36
N LEU B 412 -52.67 -48.91 -44.90
CA LEU B 412 -53.16 -49.86 -43.90
C LEU B 412 -53.02 -49.41 -42.44
N VAL B 413 -52.38 -48.25 -42.20
CA VAL B 413 -52.05 -47.81 -40.84
C VAL B 413 -53.00 -46.69 -40.38
N SER B 414 -53.65 -46.91 -39.24
CA SER B 414 -54.62 -45.95 -38.70
C SER B 414 -54.03 -44.58 -38.45
N GLY B 415 -53.09 -44.51 -37.52
CA GLY B 415 -52.60 -43.22 -37.02
C GLY B 415 -52.12 -42.27 -38.08
N THR B 416 -51.29 -42.77 -38.98
CA THR B 416 -50.34 -41.94 -39.72
C THR B 416 -49.53 -41.05 -38.73
N LYS B 417 -49.26 -41.59 -37.55
CA LYS B 417 -48.08 -41.23 -36.79
C LYS B 417 -47.05 -42.19 -37.34
N VAL B 418 -45.77 -41.82 -37.23
CA VAL B 418 -44.69 -42.62 -37.79
C VAL B 418 -44.46 -43.89 -36.96
N GLN B 419 -44.43 -43.74 -35.64
CA GLN B 419 -44.19 -44.87 -34.74
C GLN B 419 -45.22 -45.98 -34.99
N ASP B 420 -46.44 -45.61 -35.35
CA ASP B 420 -47.48 -46.55 -35.76
C ASP B 420 -47.15 -47.32 -37.04
N PHE B 421 -46.65 -46.60 -38.04
CA PHE B 421 -46.20 -47.19 -39.28
C PHE B 421 -45.12 -48.20 -38.99
N LEU B 422 -44.18 -47.82 -38.12
CA LEU B 422 -43.03 -48.67 -37.82
C LEU B 422 -43.45 -49.96 -37.14
N ASN B 423 -44.28 -49.83 -36.11
CA ASN B 423 -44.83 -51.00 -35.40
C ASN B 423 -45.57 -51.94 -36.33
N PHE B 424 -46.35 -51.36 -37.24
CA PHE B 424 -47.11 -52.13 -38.21
C PHE B 424 -46.16 -52.91 -39.11
N VAL B 425 -45.19 -52.23 -39.71
CA VAL B 425 -44.33 -52.86 -40.72
C VAL B 425 -43.36 -53.88 -40.11
N LEU B 426 -43.03 -53.70 -38.83
CA LEU B 426 -42.12 -54.59 -38.11
C LEU B 426 -42.77 -55.82 -37.44
N ALA B 427 -44.10 -55.80 -37.27
CA ALA B 427 -44.83 -56.94 -36.70
C ALA B 427 -44.70 -58.20 -37.58
N PRO B 428 -44.64 -59.41 -36.97
CA PRO B 428 -44.44 -60.62 -37.80
C PRO B 428 -45.60 -60.97 -38.75
N GLU B 429 -46.81 -60.50 -38.41
CA GLU B 429 -47.98 -60.63 -39.29
C GLU B 429 -48.13 -59.49 -40.31
N PHE B 430 -47.13 -58.61 -40.40
CA PHE B 430 -47.09 -57.55 -41.41
C PHE B 430 -47.54 -58.13 -42.76
N PRO B 431 -48.70 -57.67 -43.28
CA PRO B 431 -49.28 -58.35 -44.45
C PRO B 431 -48.58 -58.16 -45.81
N LEU B 432 -47.61 -57.23 -45.89
CA LEU B 432 -46.86 -56.99 -47.13
C LEU B 432 -45.42 -57.52 -47.08
N GLY B 433 -45.13 -58.43 -46.14
CA GLY B 433 -43.80 -59.04 -46.03
C GLY B 433 -43.32 -59.77 -47.28
N ASP B 434 -44.23 -60.42 -48.00
CA ASP B 434 -43.92 -61.08 -49.29
C ASP B 434 -43.48 -60.07 -50.37
N LYS B 435 -44.10 -58.90 -50.38
CA LYS B 435 -43.71 -57.85 -51.31
C LYS B 435 -42.32 -57.32 -50.98
N VAL B 436 -42.06 -57.10 -49.69
CA VAL B 436 -40.74 -56.64 -49.24
C VAL B 436 -39.69 -57.70 -49.56
N SER B 437 -39.96 -58.98 -49.23
CA SER B 437 -39.07 -60.10 -49.62
C SER B 437 -38.81 -60.11 -51.11
N ASN B 438 -39.87 -60.07 -51.88
CA ASN B 438 -39.73 -60.13 -53.32
C ASN B 438 -38.83 -58.99 -53.85
N LEU B 439 -39.03 -57.77 -53.34
CA LEU B 439 -38.15 -56.65 -53.66
C LEU B 439 -36.72 -56.92 -53.20
N ARG B 440 -36.58 -57.36 -51.96
CA ARG B 440 -35.24 -57.66 -51.37
C ARG B 440 -34.44 -58.64 -52.22
N ARG B 441 -35.13 -59.67 -52.71
CA ARG B 441 -34.54 -60.64 -53.65
C ARG B 441 -33.91 -59.96 -54.86
N LYS B 442 -34.62 -59.01 -55.45
CA LYS B 442 -34.15 -58.32 -56.65
C LYS B 442 -32.96 -57.40 -56.31
N VAL B 443 -33.08 -56.73 -55.18
CA VAL B 443 -31.99 -55.87 -54.65
C VAL B 443 -30.64 -56.63 -54.48
N GLU B 444 -30.68 -57.77 -53.78
CA GLU B 444 -29.46 -58.49 -53.45
C GLU B 444 -28.91 -59.21 -54.68
N ALA B 445 -29.82 -59.70 -55.55
CA ALA B 445 -29.45 -60.31 -56.85
C ALA B 445 -28.56 -59.35 -57.65
N LEU B 446 -28.88 -58.06 -57.58
CA LEU B 446 -28.07 -57.03 -58.24
C LEU B 446 -26.75 -56.76 -57.52
N ALA B 447 -26.86 -56.44 -56.23
CA ALA B 447 -25.69 -56.08 -55.41
C ALA B 447 -24.63 -57.16 -55.38
N THR B 448 -25.08 -58.41 -55.23
CA THR B 448 -24.16 -59.55 -55.08
C THR B 448 -23.51 -60.03 -56.39
N GLN B 449 -23.78 -59.36 -57.52
CA GLN B 449 -23.00 -59.51 -58.74
C GLN B 449 -21.68 -58.72 -58.75
N TYR B 450 -21.42 -57.96 -57.69
CA TYR B 450 -20.33 -56.99 -57.74
C TYR B 450 -19.30 -57.14 -56.63
N PRO B 451 -18.00 -56.90 -56.95
CA PRO B 451 -16.98 -56.93 -55.91
C PRO B 451 -17.20 -55.75 -54.93
N ILE B 452 -16.43 -55.76 -53.85
CA ILE B 452 -16.48 -54.71 -52.84
C ILE B 452 -15.05 -54.58 -52.31
N PRO B 453 -14.48 -53.37 -52.28
CA PRO B 453 -13.12 -53.24 -51.77
C PRO B 453 -12.99 -53.41 -50.25
N GLY B 454 -11.75 -53.59 -49.80
CA GLY B 454 -11.41 -53.63 -48.39
C GLY B 454 -10.61 -54.85 -48.04
N VAL B 455 -10.15 -54.90 -46.78
CA VAL B 455 -9.34 -56.03 -46.33
C VAL B 455 -10.19 -57.30 -46.29
N PHE C 4 -20.94 30.31 9.58
CA PHE C 4 -21.84 29.58 8.62
C PHE C 4 -22.39 30.56 7.57
N LEU C 5 -22.13 30.29 6.29
CA LEU C 5 -22.29 31.29 5.24
C LEU C 5 -22.91 30.70 3.96
N ASP C 6 -24.16 30.24 4.09
CA ASP C 6 -24.88 29.55 3.01
C ASP C 6 -25.47 30.52 1.98
N TYR C 7 -24.60 31.24 1.25
CA TYR C 7 -25.02 32.33 0.33
C TYR C 7 -25.85 31.78 -0.82
N GLY C 8 -26.68 32.64 -1.39
CA GLY C 8 -27.30 32.37 -2.69
C GLY C 8 -26.25 32.28 -3.80
N LEU C 9 -26.67 31.77 -4.94
CA LEU C 9 -25.77 31.53 -6.05
C LEU C 9 -25.06 32.81 -6.48
N SER C 10 -25.77 33.97 -6.53
CA SER C 10 -25.17 35.23 -6.98
C SER C 10 -23.90 35.59 -6.22
N GLU C 11 -23.88 35.29 -4.92
CA GLU C 11 -22.72 35.54 -4.06
C GLU C 11 -21.73 34.38 -3.99
N ALA C 12 -22.24 33.17 -3.84
CA ALA C 12 -21.34 31.98 -3.72
C ALA C 12 -20.48 31.75 -4.97
N ASP C 13 -21.06 32.01 -6.13
CA ASP C 13 -20.41 31.69 -7.40
C ASP C 13 -20.86 32.63 -8.52
N PRO C 14 -20.31 33.86 -8.52
CA PRO C 14 -20.67 34.84 -9.53
C PRO C 14 -20.50 34.35 -10.98
N ASP C 15 -19.44 33.58 -11.26
CA ASP C 15 -19.22 33.14 -12.64
C ASP C 15 -20.32 32.21 -13.08
N VAL C 16 -20.71 31.25 -12.24
CA VAL C 16 -21.82 30.32 -12.57
C VAL C 16 -23.14 31.12 -12.66
N HIS C 17 -23.39 32.01 -11.71
CA HIS C 17 -24.60 32.84 -11.76
C HIS C 17 -24.68 33.58 -13.09
N ALA C 18 -23.58 34.21 -13.49
CA ALA C 18 -23.53 34.91 -14.78
C ALA C 18 -23.77 33.97 -15.99
N ILE C 19 -23.20 32.76 -15.94
CA ILE C 19 -23.45 31.80 -17.03
C ILE C 19 -24.94 31.41 -17.11
N ILE C 20 -25.57 31.18 -15.97
CA ILE C 20 -27.00 30.80 -15.97
C ILE C 20 -27.85 31.91 -16.58
N ASN C 21 -27.56 33.16 -16.21
CA ASN C 21 -28.28 34.31 -16.70
C ASN C 21 -28.15 34.49 -18.19
N LYS C 22 -26.93 34.37 -18.70
CA LYS C 22 -26.70 34.39 -20.16
C LYS C 22 -27.52 33.29 -20.87
N GLU C 23 -27.58 32.08 -20.29
CA GLU C 23 -28.39 30.99 -20.86
C GLU C 23 -29.88 31.33 -20.83
N LYS C 24 -30.31 31.95 -19.75
CA LYS C 24 -31.71 32.37 -19.60
C LYS C 24 -32.12 33.36 -20.68
N ASP C 25 -31.22 34.30 -20.95
CA ASP C 25 -31.41 35.27 -21.99
C ASP C 25 -31.37 34.67 -23.42
N ARG C 26 -30.45 33.74 -23.65
CA ARG C 26 -30.42 33.02 -24.94
C ARG C 26 -31.75 32.29 -25.22
N GLN C 27 -32.24 31.57 -24.23
CA GLN C 27 -33.54 30.88 -24.26
C GLN C 27 -34.66 31.83 -24.57
N PHE C 28 -34.60 33.00 -23.94
CA PHE C 28 -35.58 34.02 -24.15
C PHE C 28 -35.63 34.61 -25.58
N ARG C 29 -34.49 34.99 -26.12
CA ARG C 29 -34.47 35.71 -27.41
C ARG C 29 -34.38 34.78 -28.64
N SER C 30 -34.40 33.46 -28.43
CA SER C 30 -34.29 32.45 -29.51
C SER C 30 -35.62 31.78 -29.83
N LEU C 31 -35.79 31.34 -31.09
CA LEU C 31 -36.88 30.44 -31.47
C LEU C 31 -36.28 29.05 -31.37
N GLU C 32 -36.72 28.34 -30.33
CA GLU C 32 -36.24 26.97 -30.03
C GLU C 32 -37.15 25.98 -30.76
N LEU C 33 -36.62 25.41 -31.85
CA LEU C 33 -37.40 24.48 -32.72
C LEU C 33 -36.80 23.06 -32.77
N ILE C 34 -35.87 22.76 -31.87
CA ILE C 34 -35.38 21.41 -31.70
C ILE C 34 -36.53 20.60 -31.14
N ALA C 35 -36.96 19.55 -31.87
CA ALA C 35 -38.19 18.81 -31.53
C ALA C 35 -38.13 18.03 -30.20
N SER C 36 -36.92 17.78 -29.73
CA SER C 36 -36.71 17.10 -28.45
C SER C 36 -36.70 18.04 -27.23
N GLU C 37 -36.81 19.35 -27.47
CA GLU C 37 -36.65 20.31 -26.41
C GLU C 37 -37.99 20.83 -25.89
N ASN C 38 -37.94 21.30 -24.64
CA ASN C 38 -39.03 22.02 -24.04
C ASN C 38 -38.54 22.94 -22.90
N PHE C 39 -39.48 23.67 -22.34
CA PHE C 39 -39.23 24.53 -21.20
C PHE C 39 -40.07 23.97 -20.09
N THR C 40 -39.41 23.48 -19.04
CA THR C 40 -40.13 22.96 -17.91
C THR C 40 -40.56 24.10 -16.97
N SER C 41 -41.48 23.77 -16.08
CA SER C 41 -42.19 24.74 -15.30
C SER C 41 -41.37 25.18 -14.08
N LYS C 42 -41.79 26.32 -13.52
CA LYS C 42 -41.22 26.80 -12.28
C LYS C 42 -41.44 25.73 -11.21
N ALA C 43 -42.62 25.12 -11.15
CA ALA C 43 -42.93 24.20 -10.06
C ALA C 43 -41.99 22.95 -10.13
N VAL C 44 -41.75 22.48 -11.34
CA VAL C 44 -40.79 21.38 -11.56
C VAL C 44 -39.39 21.79 -11.09
N MET C 45 -38.94 22.97 -11.51
CA MET C 45 -37.62 23.46 -11.10
C MET C 45 -37.47 23.63 -9.59
N GLU C 46 -38.53 24.07 -8.92
CA GLU C 46 -38.53 24.14 -7.43
C GLU C 46 -38.39 22.76 -6.72
N ALA C 47 -39.16 21.75 -7.17
CA ALA C 47 -39.00 20.38 -6.67
C ALA C 47 -37.59 19.83 -6.91
N VAL C 48 -37.08 20.02 -8.13
CA VAL C 48 -35.72 19.56 -8.52
C VAL C 48 -34.63 20.27 -7.72
N GLY C 49 -34.82 21.57 -7.43
CA GLY C 49 -33.83 22.30 -6.65
C GLY C 49 -34.14 22.30 -5.17
N SER C 50 -34.60 21.16 -4.63
CA SER C 50 -35.04 21.02 -3.22
C SER C 50 -34.13 20.13 -2.42
N CYS C 51 -34.41 20.05 -1.10
CA CYS C 51 -33.63 19.18 -0.21
C CYS C 51 -33.85 17.67 -0.48
N LEU C 52 -34.79 17.32 -1.36
CA LEU C 52 -34.93 15.91 -1.83
C LEU C 52 -33.62 15.34 -2.37
N THR C 53 -32.75 16.21 -2.87
CA THR C 53 -31.43 15.82 -3.30
C THR C 53 -30.57 15.14 -2.18
N ASN C 54 -30.84 15.43 -0.91
CA ASN C 54 -30.00 14.97 0.18
C ASN C 54 -30.18 13.46 0.56
N LYS C 55 -31.30 12.82 0.17
CA LYS C 55 -31.68 11.51 0.68
C LYS C 55 -31.18 10.31 -0.16
N TYR C 56 -30.61 9.32 0.53
CA TYR C 56 -30.32 7.99 -0.08
C TYR C 56 -31.51 7.06 0.21
N SER C 57 -32.09 6.49 -0.86
CA SER C 57 -33.31 5.67 -0.72
C SER C 57 -33.26 4.48 -1.68
N GLU C 58 -32.11 3.80 -1.70
CA GLU C 58 -32.00 2.59 -2.51
C GLU C 58 -33.10 1.58 -2.15
N GLY C 59 -33.75 1.04 -3.16
CA GLY C 59 -34.83 0.09 -2.99
C GLY C 59 -36.11 0.61 -3.57
N LEU C 60 -37.23 0.21 -2.97
CA LEU C 60 -38.57 0.66 -3.36
C LEU C 60 -39.34 1.08 -2.11
N PRO C 61 -40.47 1.80 -2.29
CA PRO C 61 -41.27 2.21 -1.13
C PRO C 61 -41.59 1.09 -0.15
N GLY C 62 -41.26 1.30 1.12
CA GLY C 62 -41.56 0.36 2.20
C GLY C 62 -40.55 -0.77 2.24
N LYS C 63 -39.60 -0.79 1.30
CA LYS C 63 -38.62 -1.84 1.16
C LYS C 63 -37.28 -1.23 0.80
N ARG C 64 -36.79 -0.39 1.69
CA ARG C 64 -35.56 0.39 1.53
C ARG C 64 -34.40 -0.18 2.33
N TYR C 65 -33.19 0.01 1.82
CA TYR C 65 -31.97 -0.40 2.51
C TYR C 65 -31.59 0.50 3.71
N TYR C 66 -32.09 1.75 3.71
CA TYR C 66 -31.77 2.73 4.78
C TYR C 66 -33.03 3.22 5.52
N GLY C 67 -32.80 3.79 6.69
CA GLY C 67 -33.84 4.48 7.43
C GLY C 67 -34.08 5.89 6.93
N GLY C 68 -35.11 6.51 7.48
CA GLY C 68 -35.43 7.93 7.26
C GLY C 68 -36.20 8.26 6.00
N ASN C 69 -36.85 7.27 5.40
CA ASN C 69 -37.51 7.38 4.08
C ASN C 69 -39.04 7.41 4.08
N GLU C 70 -39.66 7.65 5.22
CA GLU C 70 -41.11 7.85 5.28
C GLU C 70 -41.64 8.82 4.20
N HIS C 71 -40.98 9.96 4.05
CA HIS C 71 -41.49 11.01 3.15
C HIS C 71 -41.06 10.79 1.68
N ILE C 72 -39.84 10.28 1.46
CA ILE C 72 -39.41 9.79 0.11
C ILE C 72 -40.38 8.71 -0.39
N ASP C 73 -40.81 7.81 0.51
CA ASP C 73 -41.80 6.77 0.18
C ASP C 73 -43.13 7.30 -0.30
N GLU C 74 -43.66 8.28 0.43
CA GLU C 74 -44.89 8.94 0.09
C GLU C 74 -44.75 9.52 -1.30
N LEU C 75 -43.63 10.20 -1.56
CA LEU C 75 -43.41 10.89 -2.85
C LEU C 75 -43.37 9.89 -3.99
N GLU C 76 -42.62 8.79 -3.80
CA GLU C 76 -42.42 7.82 -4.88
C GLU C 76 -43.71 7.07 -5.16
N ILE C 77 -44.43 6.68 -4.11
CA ILE C 77 -45.78 6.12 -4.26
C ILE C 77 -46.73 7.06 -5.02
N LEU C 78 -46.73 8.34 -4.66
CA LEU C 78 -47.54 9.33 -5.39
C LEU C 78 -47.11 9.50 -6.87
N CYS C 79 -45.81 9.47 -7.11
CA CYS C 79 -45.29 9.63 -8.48
C CYS C 79 -45.77 8.48 -9.37
N GLN C 80 -45.70 7.28 -8.79
CA GLN C 80 -46.18 6.07 -9.46
C GLN C 80 -47.67 6.12 -9.82
N GLN C 81 -48.54 6.46 -8.88
N GLN C 81 -48.49 6.47 -8.82
CA GLN C 81 -49.97 6.49 -9.20
CA GLN C 81 -49.94 6.69 -8.96
C GLN C 81 -50.34 7.65 -10.14
C GLN C 81 -50.26 7.62 -10.11
N ARG C 82 -49.60 8.77 -10.10
CA ARG C 82 -49.76 9.81 -11.15
C ARG C 82 -49.26 9.37 -12.51
N ALA C 83 -48.17 8.61 -12.55
CA ALA C 83 -47.67 8.09 -13.87
C ALA C 83 -48.75 7.21 -14.53
N LEU C 84 -49.33 6.30 -13.76
CA LEU C 84 -50.39 5.42 -14.23
C LEU C 84 -51.61 6.20 -14.70
N ALA C 85 -52.00 7.19 -13.89
CA ALA C 85 -53.21 7.92 -14.12
C ALA C 85 -53.06 8.75 -15.38
N ALA C 86 -51.89 9.37 -15.57
CA ALA C 86 -51.63 10.21 -16.74
C ALA C 86 -51.71 9.40 -18.02
N PHE C 87 -51.41 8.10 -17.96
CA PHE C 87 -51.57 7.21 -19.13
C PHE C 87 -52.79 6.32 -19.11
N HIS C 88 -53.72 6.62 -18.18
CA HIS C 88 -55.02 5.95 -18.06
C HIS C 88 -54.84 4.47 -17.92
N LEU C 89 -53.95 4.10 -17.01
CA LEU C 89 -53.57 2.73 -16.86
C LEU C 89 -54.19 2.14 -15.61
N ASP C 90 -54.79 0.97 -15.79
CA ASP C 90 -55.20 0.10 -14.67
C ASP C 90 -53.97 -0.47 -13.96
N GLY C 91 -53.81 -0.12 -12.67
CA GLY C 91 -52.71 -0.61 -11.82
C GLY C 91 -52.61 -2.12 -11.59
N ASP C 92 -53.72 -2.83 -11.78
CA ASP C 92 -53.72 -4.29 -11.73
C ASP C 92 -53.19 -4.92 -13.01
N LYS C 93 -53.18 -4.19 -14.12
CA LYS C 93 -52.52 -4.64 -15.38
C LYS C 93 -51.15 -4.05 -15.67
N TRP C 94 -50.88 -2.85 -15.14
CA TRP C 94 -49.67 -2.12 -15.45
C TRP C 94 -48.94 -1.68 -14.19
N GLY C 95 -47.62 -1.77 -14.20
CA GLY C 95 -46.79 -1.25 -13.12
C GLY C 95 -45.85 -0.25 -13.75
N VAL C 96 -45.08 0.44 -12.91
CA VAL C 96 -44.16 1.49 -13.37
C VAL C 96 -42.98 1.63 -12.40
N ASN C 97 -41.81 1.92 -12.98
CA ASN C 97 -40.65 2.27 -12.23
C ASN C 97 -40.29 3.68 -12.61
N VAL C 98 -40.29 4.58 -11.63
CA VAL C 98 -40.00 6.00 -11.80
C VAL C 98 -38.55 6.38 -11.47
N GLN C 99 -37.67 5.42 -11.17
CA GLN C 99 -36.26 5.70 -10.86
C GLN C 99 -35.23 5.85 -12.00
N PRO C 100 -35.55 5.35 -13.24
CA PRO C 100 -34.50 5.52 -14.29
C PRO C 100 -33.92 6.94 -14.44
N LEU C 101 -32.61 7.06 -14.50
CA LEU C 101 -31.92 8.34 -14.54
C LEU C 101 -32.13 9.13 -15.84
N SER C 102 -32.47 8.46 -16.92
CA SER C 102 -32.75 9.17 -18.20
C SER C 102 -33.39 8.15 -19.16
N GLY C 103 -33.59 8.56 -20.41
CA GLY C 103 -34.17 7.69 -21.43
C GLY C 103 -33.29 6.48 -21.76
N SER C 104 -32.00 6.73 -21.93
CA SER C 104 -31.07 5.64 -22.34
C SER C 104 -30.91 4.57 -21.22
N PRO C 105 -30.73 4.99 -19.93
CA PRO C 105 -30.75 4.05 -18.80
C PRO C 105 -32.07 3.28 -18.62
N ALA C 106 -33.20 3.93 -18.89
CA ALA C 106 -34.47 3.24 -18.95
C ALA C 106 -34.46 2.09 -19.93
N ASN C 107 -34.02 2.34 -21.15
CA ASN C 107 -34.02 1.29 -22.19
C ASN C 107 -33.03 0.17 -21.80
N PHE C 108 -31.83 0.54 -21.34
CA PHE C 108 -30.81 -0.46 -20.97
C PHE C 108 -31.24 -1.37 -19.81
N ALA C 109 -31.96 -0.79 -18.86
CA ALA C 109 -32.64 -1.55 -17.79
C ALA C 109 -33.69 -2.57 -18.32
N VAL C 110 -34.49 -2.20 -19.33
CA VAL C 110 -35.41 -3.16 -19.92
C VAL C 110 -34.63 -4.30 -20.56
N TYR C 111 -33.57 -3.98 -21.29
CA TYR C 111 -32.78 -5.01 -21.99
C TYR C 111 -32.19 -5.99 -20.97
N THR C 112 -31.66 -5.43 -19.89
CA THR C 112 -31.08 -6.16 -18.78
C THR C 112 -32.08 -7.05 -18.09
N ALA C 113 -33.31 -6.55 -18.00
CA ALA C 113 -34.39 -7.32 -17.41
C ALA C 113 -34.81 -8.54 -18.22
N ILE C 114 -35.00 -8.39 -19.51
CA ILE C 114 -35.71 -9.40 -20.29
C ILE C 114 -34.83 -10.16 -21.27
N LEU C 115 -33.59 -9.69 -21.48
CA LEU C 115 -32.68 -10.34 -22.43
C LEU C 115 -31.41 -10.76 -21.75
N LYS C 116 -30.75 -11.75 -22.35
CA LYS C 116 -29.41 -12.14 -21.99
C LYS C 116 -28.45 -11.46 -22.96
N PRO C 117 -27.20 -11.27 -22.54
CA PRO C 117 -26.23 -10.68 -23.42
C PRO C 117 -26.18 -11.44 -24.74
N HIS C 118 -26.06 -10.67 -25.83
CA HIS C 118 -26.08 -11.20 -27.19
C HIS C 118 -27.41 -11.66 -27.72
N ASP C 119 -28.48 -11.52 -26.96
CA ASP C 119 -29.82 -11.70 -27.53
C ASP C 119 -30.08 -10.68 -28.65
N ARG C 120 -31.02 -11.03 -29.51
CA ARG C 120 -31.30 -10.29 -30.73
C ARG C 120 -32.39 -9.21 -30.53
N ILE C 121 -32.13 -8.03 -31.07
CA ILE C 121 -33.02 -6.87 -30.96
C ILE C 121 -33.18 -6.22 -32.34
N MET C 122 -34.40 -5.79 -32.68
CA MET C 122 -34.59 -4.93 -33.87
C MET C 122 -35.18 -3.59 -33.47
N GLY C 123 -34.66 -2.51 -34.05
CA GLY C 123 -35.17 -1.14 -33.80
C GLY C 123 -35.01 -0.29 -35.06
N LEU C 124 -35.62 0.89 -35.06
CA LEU C 124 -35.56 1.76 -36.24
C LEU C 124 -34.13 2.22 -36.45
N ASP C 125 -33.63 1.99 -37.66
CA ASP C 125 -32.31 2.42 -38.13
C ASP C 125 -32.05 3.91 -37.81
N LEU C 126 -30.89 4.19 -37.21
CA LEU C 126 -30.47 5.56 -36.83
C LEU C 126 -30.50 6.60 -37.98
N PRO C 127 -30.03 6.24 -39.21
CA PRO C 127 -30.18 7.16 -40.36
C PRO C 127 -31.61 7.31 -40.91
N HIS C 128 -32.55 6.48 -40.45
CA HIS C 128 -33.97 6.57 -40.80
C HIS C 128 -34.85 7.07 -39.62
N GLY C 129 -34.21 7.70 -38.60
CA GLY C 129 -34.90 8.44 -37.52
C GLY C 129 -35.10 7.72 -36.19
N GLY C 130 -34.40 6.59 -36.00
CA GLY C 130 -34.45 5.86 -34.73
C GLY C 130 -33.47 6.45 -33.74
N HIS C 131 -33.26 5.77 -32.62
CA HIS C 131 -32.39 6.28 -31.56
C HIS C 131 -31.17 5.35 -31.30
N LEU C 132 -30.01 5.96 -31.03
CA LEU C 132 -28.77 5.22 -30.69
C LEU C 132 -29.02 4.03 -29.71
N SER C 133 -29.68 4.31 -28.59
CA SER C 133 -30.00 3.30 -27.54
C SER C 133 -30.83 2.07 -28.01
N HIS C 134 -31.43 2.12 -29.20
CA HIS C 134 -32.10 0.92 -29.79
C HIS C 134 -31.18 0.00 -30.64
N GLY C 135 -29.88 0.32 -30.69
CA GLY C 135 -28.91 -0.40 -31.51
C GLY C 135 -28.42 0.49 -32.64
N PHE C 136 -27.11 0.51 -32.81
CA PHE C 136 -26.48 1.16 -33.96
C PHE C 136 -25.04 0.67 -34.11
N MET C 137 -24.74 0.14 -35.29
CA MET C 137 -23.41 -0.29 -35.68
C MET C 137 -23.09 0.31 -37.05
N THR C 138 -21.86 0.74 -37.21
CA THR C 138 -21.30 1.00 -38.53
C THR C 138 -20.80 -0.34 -39.06
N ALA C 139 -20.29 -0.35 -40.29
CA ALA C 139 -19.61 -1.55 -40.82
C ALA C 139 -18.47 -2.00 -39.91
N LYS C 140 -17.84 -1.02 -39.25
CA LYS C 140 -16.51 -1.14 -38.69
C LYS C 140 -16.49 -0.97 -37.15
N ARG C 141 -17.61 -0.63 -36.51
CA ARG C 141 -17.67 -0.61 -35.03
C ARG C 141 -19.08 -0.58 -34.42
N ARG C 142 -19.14 -1.07 -33.19
CA ARG C 142 -20.35 -1.10 -32.37
C ARG C 142 -20.43 0.22 -31.59
N VAL C 143 -21.30 1.11 -32.04
CA VAL C 143 -21.30 2.49 -31.55
C VAL C 143 -22.07 2.63 -30.24
N SER C 144 -23.32 2.15 -30.22
CA SER C 144 -24.18 2.21 -29.01
C SER C 144 -23.95 1.01 -28.10
N GLY C 145 -24.14 1.22 -26.80
CA GLY C 145 -24.05 0.16 -25.80
C GLY C 145 -24.92 -1.02 -26.13
N THR C 146 -26.14 -0.76 -26.58
CA THR C 146 -27.05 -1.78 -27.05
C THR C 146 -26.50 -2.76 -28.13
N SER C 147 -25.66 -2.26 -29.03
CA SER C 147 -24.99 -3.10 -30.04
C SER C 147 -23.71 -3.73 -29.53
N ILE C 148 -23.16 -3.21 -28.44
CA ILE C 148 -22.02 -3.83 -27.78
C ILE C 148 -22.57 -5.07 -27.08
N TYR C 149 -23.54 -4.89 -26.20
CA TYR C 149 -24.02 -5.99 -25.34
C TYR C 149 -25.07 -6.91 -25.96
N PHE C 150 -25.67 -6.50 -27.08
CA PHE C 150 -26.72 -7.27 -27.72
C PHE C 150 -26.52 -7.29 -29.22
N GLU C 151 -27.29 -8.12 -29.90
CA GLU C 151 -27.18 -8.29 -31.32
C GLU C 151 -28.30 -7.61 -32.04
N SER C 152 -28.03 -6.43 -32.61
CA SER C 152 -29.12 -5.60 -33.14
C SER C 152 -29.18 -5.72 -34.64
N MET C 153 -30.39 -5.64 -35.20
CA MET C 153 -30.58 -5.44 -36.63
C MET C 153 -31.64 -4.39 -36.89
N PRO C 154 -31.31 -3.36 -37.68
CA PRO C 154 -32.30 -2.31 -37.83
C PRO C 154 -33.44 -2.75 -38.75
N TYR C 155 -34.57 -2.08 -38.65
CA TYR C 155 -35.58 -2.06 -39.71
C TYR C 155 -35.65 -0.62 -40.20
N ARG C 156 -36.22 -0.44 -41.38
CA ARG C 156 -36.11 0.81 -42.11
C ARG C 156 -37.45 1.38 -42.59
N LEU C 157 -37.44 2.68 -42.84
CA LEU C 157 -38.51 3.36 -43.54
C LEU C 157 -38.54 2.96 -45.01
N ASP C 158 -39.68 3.17 -45.63
CA ASP C 158 -39.77 3.04 -47.08
C ASP C 158 -39.18 4.32 -47.68
N GLU C 159 -38.30 4.13 -48.65
CA GLU C 159 -37.49 5.21 -49.28
C GLU C 159 -38.30 6.36 -49.87
N SER C 160 -39.51 6.07 -50.34
CA SER C 160 -40.40 7.07 -50.93
C SER C 160 -41.43 7.58 -49.95
N THR C 161 -42.17 6.66 -49.32
CA THR C 161 -43.34 7.06 -48.54
C THR C 161 -42.98 7.80 -47.25
N GLY C 162 -41.72 7.69 -46.79
CA GLY C 162 -41.30 8.22 -45.50
C GLY C 162 -41.70 7.37 -44.31
N VAL C 163 -42.47 6.31 -44.54
CA VAL C 163 -43.20 5.54 -43.51
C VAL C 163 -42.43 4.25 -43.18
N ILE C 164 -42.63 3.73 -41.98
CA ILE C 164 -42.04 2.44 -41.57
C ILE C 164 -42.46 1.37 -42.56
N ASP C 165 -41.49 0.65 -43.09
CA ASP C 165 -41.77 -0.38 -44.06
C ASP C 165 -42.17 -1.64 -43.33
N TYR C 166 -43.44 -1.68 -42.94
CA TYR C 166 -43.97 -2.77 -42.13
C TYR C 166 -43.78 -4.11 -42.81
N ASP C 167 -44.04 -4.18 -44.11
CA ASP C 167 -43.90 -5.43 -44.89
C ASP C 167 -42.51 -6.00 -44.76
N MET C 168 -41.50 -5.16 -44.99
CA MET C 168 -40.11 -5.60 -44.87
C MET C 168 -39.74 -6.02 -43.44
N LEU C 169 -40.24 -5.31 -42.44
CA LEU C 169 -40.02 -5.70 -41.03
C LEU C 169 -40.59 -7.11 -40.74
N GLU C 170 -41.77 -7.40 -41.29
CA GLU C 170 -42.38 -8.74 -41.21
C GLU C 170 -41.40 -9.81 -41.66
N LYS C 171 -40.74 -9.54 -42.79
CA LYS C 171 -39.86 -10.52 -43.43
C LYS C 171 -38.49 -10.66 -42.74
N THR C 172 -37.86 -9.54 -42.39
CA THR C 172 -36.55 -9.60 -41.73
C THR C 172 -36.63 -10.12 -40.28
N ALA C 173 -37.70 -9.79 -39.54
CA ALA C 173 -37.89 -10.35 -38.19
C ALA C 173 -38.10 -11.86 -38.28
N ALA C 174 -38.82 -12.31 -39.30
CA ALA C 174 -38.97 -13.76 -39.57
C ALA C 174 -37.61 -14.44 -39.71
N LEU C 175 -36.70 -13.84 -40.46
CA LEU C 175 -35.35 -14.39 -40.62
C LEU C 175 -34.45 -14.22 -39.41
N PHE C 176 -34.42 -12.99 -38.86
CA PHE C 176 -33.47 -12.64 -37.80
C PHE C 176 -33.85 -13.23 -36.42
N ARG C 177 -35.16 -13.39 -36.16
CA ARG C 177 -35.70 -13.99 -34.92
C ARG C 177 -35.32 -13.17 -33.68
N PRO C 178 -35.60 -11.87 -33.69
CA PRO C 178 -35.27 -11.08 -32.51
C PRO C 178 -36.04 -11.57 -31.29
N LYS C 179 -35.45 -11.42 -30.11
CA LYS C 179 -36.19 -11.64 -28.86
C LYS C 179 -36.96 -10.34 -28.42
N LEU C 180 -36.57 -9.19 -28.94
CA LEU C 180 -37.21 -7.89 -28.59
C LEU C 180 -37.27 -7.03 -29.83
N ILE C 181 -38.46 -6.45 -30.05
CA ILE C 181 -38.72 -5.50 -31.10
C ILE C 181 -39.15 -4.19 -30.42
N ILE C 182 -38.50 -3.11 -30.83
CA ILE C 182 -38.66 -1.75 -30.24
C ILE C 182 -39.28 -0.85 -31.27
N ALA C 183 -40.46 -0.31 -30.96
CA ALA C 183 -41.10 0.73 -31.75
C ALA C 183 -40.79 2.07 -31.07
N GLY C 184 -40.83 3.15 -31.86
CA GLY C 184 -40.51 4.48 -31.36
C GLY C 184 -39.25 5.06 -31.96
N ALA C 185 -39.26 6.38 -32.10
CA ALA C 185 -38.32 7.10 -32.95
C ALA C 185 -38.06 8.51 -32.41
N SER C 186 -36.92 9.06 -32.81
CA SER C 186 -36.53 10.44 -32.51
C SER C 186 -36.95 11.44 -33.60
N ALA C 187 -36.97 10.97 -34.84
CA ALA C 187 -37.30 11.81 -35.98
C ALA C 187 -38.23 11.03 -36.90
N TYR C 188 -39.43 10.75 -36.43
CA TYR C 188 -40.44 10.08 -37.25
C TYR C 188 -41.71 10.91 -37.16
N PRO C 189 -42.27 11.36 -38.32
CA PRO C 189 -43.43 12.27 -38.30
C PRO C 189 -44.82 11.65 -38.30
N ARG C 190 -44.93 10.32 -38.26
CA ARG C 190 -46.25 9.70 -38.24
C ARG C 190 -46.51 8.87 -36.98
N ASP C 191 -47.79 8.58 -36.76
CA ASP C 191 -48.20 7.63 -35.73
C ASP C 191 -47.77 6.22 -36.15
N ILE C 192 -47.74 5.32 -35.19
CA ILE C 192 -47.20 3.96 -35.40
C ILE C 192 -48.35 2.98 -35.40
N ASP C 193 -48.24 1.98 -36.27
CA ASP C 193 -49.26 0.96 -36.35
C ASP C 193 -48.94 -0.10 -35.28
N TYR C 194 -49.46 0.11 -34.06
CA TYR C 194 -49.07 -0.79 -32.96
C TYR C 194 -49.58 -2.22 -33.17
N ALA C 195 -50.76 -2.36 -33.76
CA ALA C 195 -51.37 -3.67 -34.04
C ALA C 195 -50.50 -4.46 -34.98
N ARG C 196 -49.87 -3.77 -35.92
CA ARG C 196 -48.94 -4.46 -36.81
C ARG C 196 -47.65 -4.96 -36.10
N PHE C 197 -47.01 -4.12 -35.29
CA PHE C 197 -45.86 -4.51 -34.45
C PHE C 197 -46.21 -5.72 -33.55
N ARG C 198 -47.40 -5.75 -32.96
CA ARG C 198 -47.86 -6.91 -32.15
C ARG C 198 -47.92 -8.18 -33.00
N LYS C 199 -48.44 -8.07 -34.21
CA LYS C 199 -48.55 -9.26 -35.07
C LYS C 199 -47.17 -9.78 -35.42
N ILE C 200 -46.31 -8.85 -35.82
CA ILE C 200 -44.95 -9.21 -36.20
C ILE C 200 -44.20 -9.77 -35.00
N ALA C 201 -44.34 -9.13 -33.85
CA ALA C 201 -43.73 -9.64 -32.61
C ALA C 201 -44.14 -11.09 -32.35
N ASP C 202 -45.45 -11.32 -32.40
CA ASP C 202 -46.04 -12.65 -32.11
C ASP C 202 -45.60 -13.68 -33.14
N SER C 203 -45.41 -13.25 -34.38
CA SER C 203 -44.92 -14.19 -35.38
C SER C 203 -43.55 -14.84 -35.05
N VAL C 204 -42.76 -14.21 -34.16
CA VAL C 204 -41.46 -14.76 -33.74
C VAL C 204 -41.33 -14.92 -32.24
N GLY C 205 -42.43 -14.73 -31.50
CA GLY C 205 -42.43 -14.84 -30.07
C GLY C 205 -41.60 -13.77 -29.35
N ALA C 206 -41.44 -12.61 -29.97
CA ALA C 206 -40.61 -11.54 -29.39
C ALA C 206 -41.37 -10.73 -28.34
N PHE C 207 -40.62 -10.19 -27.39
CA PHE C 207 -41.15 -9.09 -26.57
C PHE C 207 -41.32 -7.88 -27.49
N LEU C 208 -42.31 -7.05 -27.16
CA LEU C 208 -42.62 -5.81 -27.89
C LEU C 208 -42.59 -4.61 -26.91
N MET C 209 -41.81 -3.61 -27.26
CA MET C 209 -41.52 -2.44 -26.43
C MET C 209 -41.83 -1.18 -27.25
N MET C 210 -42.40 -0.15 -26.62
CA MET C 210 -42.48 1.18 -27.28
C MET C 210 -41.64 2.17 -26.50
N ASP C 211 -40.78 2.91 -27.20
CA ASP C 211 -40.05 4.00 -26.59
C ASP C 211 -40.77 5.30 -26.98
N MET C 212 -41.55 5.85 -26.06
CA MET C 212 -42.38 7.04 -26.36
C MET C 212 -41.72 8.38 -25.97
N ALA C 213 -40.40 8.42 -25.80
CA ALA C 213 -39.74 9.65 -25.27
C ALA C 213 -40.21 10.95 -25.99
N HIS C 214 -40.31 10.87 -27.31
CA HIS C 214 -40.63 12.04 -28.16
C HIS C 214 -42.12 12.41 -28.26
N VAL C 215 -43.00 11.48 -27.89
CA VAL C 215 -44.44 11.58 -28.09
C VAL C 215 -45.29 11.33 -26.86
N SER C 216 -44.67 11.16 -25.68
CA SER C 216 -45.37 10.76 -24.45
C SER C 216 -46.53 11.68 -24.08
N GLY C 217 -46.32 12.98 -24.24
CA GLY C 217 -47.35 13.98 -23.98
C GLY C 217 -48.54 13.84 -24.91
N LEU C 218 -48.27 13.56 -26.19
CA LEU C 218 -49.34 13.34 -27.17
C LEU C 218 -50.13 12.10 -26.85
N ILE C 219 -49.46 11.09 -26.33
CA ILE C 219 -50.14 9.84 -26.03
C ILE C 219 -51.05 10.03 -24.81
N ALA C 220 -50.55 10.77 -23.82
CA ALA C 220 -51.25 11.04 -22.58
C ALA C 220 -52.49 11.91 -22.81
N ALA C 221 -52.39 12.86 -23.75
CA ALA C 221 -53.50 13.74 -24.11
C ALA C 221 -54.41 13.10 -25.16
N SER C 222 -54.18 11.82 -25.52
CA SER C 222 -54.98 11.09 -26.50
C SER C 222 -55.04 11.80 -27.85
N VAL C 223 -53.95 12.48 -28.20
CA VAL C 223 -53.82 13.07 -29.51
C VAL C 223 -53.32 12.00 -30.47
N LEU C 224 -52.33 11.20 -30.05
CA LEU C 224 -51.86 10.03 -30.80
C LEU C 224 -52.39 8.72 -30.17
N ALA C 225 -52.30 7.63 -30.93
CA ALA C 225 -52.77 6.30 -30.51
C ALA C 225 -51.95 5.77 -29.33
N ASP C 226 -52.62 4.91 -28.56
CA ASP C 226 -52.17 4.44 -27.28
C ASP C 226 -51.35 3.15 -27.48
N PRO C 227 -50.01 3.22 -27.26
CA PRO C 227 -49.20 1.97 -27.39
C PRO C 227 -49.59 0.93 -26.32
N PHE C 228 -50.08 1.39 -25.18
CA PHE C 228 -50.43 0.52 -24.06
C PHE C 228 -51.54 -0.49 -24.36
N GLU C 229 -52.29 -0.28 -25.44
CA GLU C 229 -53.24 -1.28 -25.94
C GLU C 229 -52.58 -2.54 -26.48
N PHE C 230 -51.36 -2.44 -27.01
CA PHE C 230 -50.69 -3.53 -27.74
C PHE C 230 -49.30 -3.98 -27.23
N VAL C 231 -48.49 -3.08 -26.67
CA VAL C 231 -47.10 -3.44 -26.26
C VAL C 231 -46.99 -4.04 -24.83
N ASP C 232 -45.82 -4.63 -24.52
CA ASP C 232 -45.54 -5.24 -23.22
C ASP C 232 -44.96 -4.23 -22.25
N ILE C 233 -44.13 -3.34 -22.80
CA ILE C 233 -43.25 -2.46 -22.05
C ILE C 233 -43.26 -1.11 -22.78
N VAL C 234 -43.40 -0.01 -22.04
CA VAL C 234 -43.17 1.31 -22.61
C VAL C 234 -42.10 2.04 -21.82
N THR C 235 -41.14 2.61 -22.50
CA THR C 235 -40.18 3.48 -21.85
C THR C 235 -40.43 4.93 -22.26
N THR C 236 -39.83 5.86 -21.52
CA THR C 236 -39.86 7.27 -21.89
C THR C 236 -38.83 8.07 -21.11
N THR C 237 -38.47 9.22 -21.69
CA THR C 237 -37.84 10.32 -20.97
C THR C 237 -38.98 11.08 -20.30
N THR C 238 -38.66 11.72 -19.17
CA THR C 238 -39.60 12.54 -18.42
C THR C 238 -39.49 13.99 -18.88
N HIS C 239 -38.34 14.31 -19.47
CA HIS C 239 -38.13 15.52 -20.27
C HIS C 239 -38.69 15.26 -21.70
N LYS C 240 -38.45 16.20 -22.63
CA LYS C 240 -39.06 16.17 -23.99
C LYS C 240 -40.57 16.35 -23.89
N SER C 241 -41.33 15.46 -24.52
CA SER C 241 -42.79 15.58 -24.71
C SER C 241 -43.56 15.76 -23.39
N LEU C 242 -43.11 15.07 -22.35
CA LEU C 242 -43.80 15.16 -21.05
C LEU C 242 -43.56 16.48 -20.29
N ARG C 243 -42.54 17.23 -20.72
CA ARG C 243 -42.23 18.58 -20.21
C ARG C 243 -41.81 18.56 -18.72
N GLY C 244 -41.10 17.47 -18.36
CA GLY C 244 -40.72 17.18 -17.00
C GLY C 244 -39.24 17.45 -16.80
N PRO C 245 -38.72 17.00 -15.67
CA PRO C 245 -37.30 17.16 -15.43
C PRO C 245 -36.60 16.11 -16.28
N ARG C 246 -35.28 16.20 -16.30
CA ARG C 246 -34.48 15.21 -17.07
C ARG C 246 -34.47 13.93 -16.26
N GLY C 247 -35.19 12.93 -16.77
CA GLY C 247 -35.28 11.59 -16.15
C GLY C 247 -35.91 10.57 -17.10
N GLY C 248 -36.30 9.41 -16.57
CA GLY C 248 -37.00 8.40 -17.33
C GLY C 248 -37.94 7.57 -16.51
N MET C 249 -38.78 6.79 -17.18
CA MET C 249 -39.69 5.86 -16.48
C MET C 249 -39.78 4.61 -17.33
N ILE C 250 -40.15 3.50 -16.70
CA ILE C 250 -40.49 2.29 -17.42
C ILE C 250 -41.84 1.79 -16.96
N PHE C 251 -42.74 1.56 -17.91
CA PHE C 251 -44.02 0.92 -17.64
C PHE C 251 -44.01 -0.50 -18.13
N PHE C 252 -44.69 -1.38 -17.40
CA PHE C 252 -44.73 -2.82 -17.76
C PHE C 252 -46.06 -3.49 -17.41
N LYS C 253 -46.42 -4.46 -18.24
CA LYS C 253 -47.49 -5.38 -17.94
C LYS C 253 -47.12 -6.18 -16.69
N LYS C 254 -48.13 -6.45 -15.89
CA LYS C 254 -48.03 -7.24 -14.66
C LYS C 254 -48.47 -8.71 -14.85
N ASP C 255 -49.23 -9.02 -15.90
CA ASP C 255 -49.44 -10.41 -16.29
C ASP C 255 -48.17 -10.90 -16.92
N ALA C 256 -47.92 -12.20 -16.79
CA ALA C 256 -46.69 -12.80 -17.31
C ALA C 256 -46.68 -12.70 -18.83
N VAL C 257 -45.52 -12.35 -19.40
CA VAL C 257 -45.36 -12.24 -20.85
C VAL C 257 -44.32 -13.26 -21.22
N HIS C 258 -44.67 -14.21 -22.09
CA HIS C 258 -43.76 -15.28 -22.43
C HIS C 258 -43.12 -15.91 -21.18
N GLY C 259 -43.97 -16.17 -20.17
CA GLY C 259 -43.54 -16.86 -18.97
C GLY C 259 -42.71 -15.99 -18.02
N VAL C 260 -42.63 -14.67 -18.27
CA VAL C 260 -41.76 -13.80 -17.46
C VAL C 260 -42.56 -12.79 -16.58
N ASP C 261 -42.12 -12.69 -15.33
CA ASP C 261 -42.57 -11.69 -14.39
C ASP C 261 -41.79 -10.36 -14.66
N LEU C 262 -42.38 -9.50 -15.50
CA LEU C 262 -41.73 -8.25 -15.90
C LEU C 262 -41.51 -7.28 -14.76
N GLU C 263 -42.42 -7.26 -13.80
CA GLU C 263 -42.32 -6.29 -12.70
C GLU C 263 -41.07 -6.53 -11.87
N SER C 264 -40.93 -7.77 -11.42
CA SER C 264 -39.75 -8.20 -10.71
C SER C 264 -38.50 -8.05 -11.56
N ALA C 265 -38.59 -8.49 -12.81
CA ALA C 265 -37.44 -8.37 -13.72
C ALA C 265 -36.96 -6.93 -13.91
N ILE C 266 -37.91 -6.05 -14.22
CA ILE C 266 -37.59 -4.66 -14.51
C ILE C 266 -37.09 -3.93 -13.25
N ASN C 267 -37.84 -4.02 -12.16
CA ASN C 267 -37.43 -3.38 -10.92
C ASN C 267 -36.04 -3.82 -10.46
N ASN C 268 -35.78 -5.14 -10.48
CA ASN C 268 -34.45 -5.69 -10.15
C ASN C 268 -33.33 -5.21 -11.01
N ALA C 269 -33.62 -5.02 -12.29
CA ALA C 269 -32.65 -4.49 -13.25
C ALA C 269 -32.25 -3.05 -12.91
N VAL C 270 -33.27 -2.24 -12.56
CA VAL C 270 -33.03 -0.84 -12.20
C VAL C 270 -32.22 -0.79 -10.93
N PHE C 271 -32.70 -1.48 -9.88
CA PHE C 271 -32.02 -1.65 -8.58
C PHE C 271 -32.32 -3.04 -7.97
N PRO C 272 -31.33 -3.84 -7.56
CA PRO C 272 -29.89 -3.53 -7.50
C PRO C 272 -29.07 -3.63 -8.79
N GLY C 273 -29.68 -3.89 -9.93
CA GLY C 273 -28.90 -4.22 -11.14
C GLY C 273 -27.98 -3.11 -11.67
N LEU C 274 -28.58 -1.97 -11.99
CA LEU C 274 -27.87 -0.93 -12.74
C LEU C 274 -27.62 0.42 -12.04
N GLN C 275 -28.52 0.77 -11.13
CA GLN C 275 -28.49 2.06 -10.50
C GLN C 275 -28.29 1.92 -9.00
N GLY C 276 -27.94 3.05 -8.37
CA GLY C 276 -27.83 3.10 -6.94
C GLY C 276 -28.99 3.91 -6.39
N GLY C 277 -28.66 4.97 -5.70
CA GLY C 277 -29.67 5.81 -5.01
C GLY C 277 -30.53 6.53 -6.03
N PRO C 278 -31.87 6.39 -5.95
CA PRO C 278 -32.77 7.21 -6.78
C PRO C 278 -32.53 8.73 -6.57
N HIS C 279 -32.75 9.50 -7.64
CA HIS C 279 -32.57 10.93 -7.57
C HIS C 279 -33.93 11.52 -7.17
N ASN C 280 -34.16 11.55 -5.86
CA ASN C 280 -35.51 11.89 -5.36
C ASN C 280 -35.97 13.30 -5.71
N HIS C 281 -35.01 14.20 -5.83
CA HIS C 281 -35.30 15.55 -6.38
C HIS C 281 -35.94 15.46 -7.76
N THR C 282 -35.36 14.63 -8.64
CA THR C 282 -35.95 14.44 -9.93
C THR C 282 -37.31 13.73 -9.88
N ILE C 283 -37.45 12.78 -8.97
CA ILE C 283 -38.75 12.12 -8.82
C ILE C 283 -39.79 13.16 -8.32
N GLY C 284 -39.31 14.13 -7.56
CA GLY C 284 -40.20 15.22 -7.11
C GLY C 284 -40.73 16.04 -8.28
N GLY C 285 -39.81 16.44 -9.17
CA GLY C 285 -40.17 17.17 -10.40
C GLY C 285 -41.06 16.35 -11.33
N LEU C 286 -40.79 15.05 -11.40
CA LEU C 286 -41.60 14.13 -12.20
C LEU C 286 -43.04 14.05 -11.70
N ALA C 287 -43.20 13.90 -10.38
CA ALA C 287 -44.55 13.89 -9.78
C ALA C 287 -45.34 15.14 -10.19
N VAL C 288 -44.67 16.28 -10.12
CA VAL C 288 -45.28 17.57 -10.41
C VAL C 288 -45.70 17.64 -11.90
N CYS C 289 -44.80 17.24 -12.81
CA CYS C 289 -45.16 17.25 -14.24
C CYS C 289 -46.27 16.25 -14.54
N LEU C 290 -46.35 15.15 -13.81
CA LEU C 290 -47.40 14.17 -14.05
C LEU C 290 -48.77 14.62 -13.57
N LYS C 291 -48.83 15.43 -12.50
CA LYS C 291 -50.08 16.08 -12.12
C LYS C 291 -50.55 16.96 -13.27
N TYR C 292 -49.66 17.81 -13.77
CA TYR C 292 -50.02 18.69 -14.87
C TYR C 292 -50.46 17.92 -16.13
N ALA C 293 -49.76 16.82 -16.43
CA ALA C 293 -50.06 15.97 -17.57
C ALA C 293 -51.51 15.46 -17.61
N GLN C 294 -52.14 15.36 -16.46
CA GLN C 294 -53.52 14.93 -16.39
C GLN C 294 -54.50 16.07 -16.66
N SER C 295 -54.00 17.30 -16.76
CA SER C 295 -54.89 18.48 -16.71
C SER C 295 -55.47 18.83 -18.09
N PRO C 296 -56.69 19.41 -18.11
CA PRO C 296 -57.27 19.95 -19.34
C PRO C 296 -56.38 20.93 -20.09
N ASP C 297 -55.62 21.76 -19.36
CA ASP C 297 -54.65 22.67 -19.97
C ASP C 297 -53.52 21.92 -20.72
N PHE C 298 -53.04 20.81 -20.15
CA PHE C 298 -52.06 19.97 -20.87
C PHE C 298 -52.64 19.34 -22.15
N LYS C 299 -53.88 18.86 -22.07
CA LYS C 299 -54.55 18.32 -23.26
C LYS C 299 -54.68 19.41 -24.34
N ASN C 300 -55.08 20.60 -23.88
CA ASN C 300 -55.07 21.76 -24.74
C ASN C 300 -53.76 22.08 -25.42
N TYR C 301 -52.73 22.20 -24.60
CA TYR C 301 -51.38 22.48 -25.07
C TYR C 301 -50.99 21.45 -26.16
N GLN C 302 -51.29 20.17 -25.92
CA GLN C 302 -50.87 19.11 -26.83
C GLN C 302 -51.59 19.17 -28.18
N ASN C 303 -52.86 19.54 -28.19
CA ASN C 303 -53.55 19.80 -29.46
C ASN C 303 -53.00 21.02 -30.19
N GLN C 304 -52.66 22.06 -29.44
CA GLN C 304 -51.90 23.21 -29.96
C GLN C 304 -50.54 22.85 -30.53
N VAL C 305 -49.80 21.95 -29.87
CA VAL C 305 -48.55 21.43 -30.44
C VAL C 305 -48.76 20.89 -31.89
N VAL C 306 -49.77 20.04 -32.07
CA VAL C 306 -50.08 19.42 -33.39
C VAL C 306 -50.57 20.47 -34.41
N ALA C 307 -51.50 21.33 -34.00
CA ALA C 307 -52.00 22.39 -34.89
C ALA C 307 -50.85 23.28 -35.35
N ASN C 308 -49.96 23.63 -34.42
CA ASN C 308 -48.86 24.53 -34.73
C ASN C 308 -47.86 23.92 -35.68
N CYS C 309 -47.55 22.64 -35.47
CA CYS C 309 -46.76 21.87 -36.42
C CYS C 309 -47.40 21.79 -37.84
N ARG C 310 -48.71 21.56 -37.91
CA ARG C 310 -49.42 21.57 -39.21
C ARG C 310 -49.38 22.95 -39.91
N ALA C 311 -49.57 24.03 -39.13
CA ALA C 311 -49.50 25.41 -39.65
C ALA C 311 -48.14 25.67 -40.30
N LEU C 312 -47.09 25.31 -39.58
CA LEU C 312 -45.73 25.40 -40.08
C LEU C 312 -45.50 24.54 -41.32
N ALA C 313 -45.92 23.28 -41.25
CA ALA C 313 -45.76 22.34 -42.36
C ALA C 313 -46.38 22.91 -43.64
N ASN C 314 -47.63 23.32 -43.51
CA ASN C 314 -48.41 23.81 -44.65
C ASN C 314 -47.77 25.04 -45.26
N ARG C 315 -47.33 25.98 -44.41
CA ARG C 315 -46.64 27.16 -44.90
C ARG C 315 -45.32 26.78 -45.60
N LEU C 316 -44.56 25.82 -45.07
CA LEU C 316 -43.36 25.30 -45.79
C LEU C 316 -43.71 24.68 -47.16
N VAL C 317 -44.82 23.94 -47.26
CA VAL C 317 -45.25 23.39 -48.54
C VAL C 317 -45.61 24.52 -49.52
N GLU C 318 -46.24 25.60 -49.04
CA GLU C 318 -46.48 26.81 -49.90
C GLU C 318 -45.19 27.39 -50.47
N HIS C 319 -44.10 27.32 -49.72
CA HIS C 319 -42.81 27.75 -50.19
C HIS C 319 -42.06 26.68 -51.01
N GLU C 320 -42.78 25.61 -51.37
CA GLU C 320 -42.30 24.56 -52.25
C GLU C 320 -41.31 23.57 -51.62
N TYR C 321 -41.24 23.51 -50.28
CA TYR C 321 -40.40 22.51 -49.60
C TYR C 321 -41.07 21.19 -49.64
N LYS C 322 -40.28 20.11 -49.71
CA LYS C 322 -40.75 18.74 -49.64
C LYS C 322 -40.61 18.24 -48.21
N LEU C 323 -41.64 17.55 -47.72
CA LEU C 323 -41.65 16.96 -46.40
C LEU C 323 -41.60 15.44 -46.52
N VAL C 324 -40.81 14.81 -45.65
CA VAL C 324 -40.74 13.34 -45.63
C VAL C 324 -42.09 12.86 -45.15
N SER C 325 -42.66 11.93 -45.91
CA SER C 325 -44.02 11.41 -45.74
C SER C 325 -45.11 12.41 -46.11
N GLY C 326 -44.72 13.50 -46.79
CA GLY C 326 -45.65 14.57 -47.16
C GLY C 326 -46.30 15.32 -46.03
N GLY C 327 -45.80 15.20 -44.79
CA GLY C 327 -46.45 15.84 -43.66
C GLY C 327 -46.10 15.24 -42.28
N SER C 328 -47.06 15.29 -41.37
CA SER C 328 -46.84 14.84 -39.99
C SER C 328 -48.17 14.73 -39.24
N ASP C 329 -48.29 13.73 -38.37
CA ASP C 329 -49.39 13.61 -37.40
C ASP C 329 -48.98 14.08 -36.00
N ASN C 330 -47.75 14.55 -35.81
CA ASN C 330 -47.28 14.83 -34.49
C ASN C 330 -46.69 16.23 -34.31
N HIS C 331 -45.83 16.37 -33.33
CA HIS C 331 -45.08 17.58 -32.99
C HIS C 331 -43.91 18.05 -33.92
N LEU C 332 -43.55 17.25 -34.93
CA LEU C 332 -42.37 17.53 -35.73
C LEU C 332 -42.62 17.41 -37.21
N VAL C 333 -41.80 18.10 -37.97
CA VAL C 333 -41.77 17.90 -39.40
C VAL C 333 -40.33 17.69 -39.84
N LEU C 334 -40.18 16.82 -40.82
CA LEU C 334 -38.91 16.51 -41.42
C LEU C 334 -38.91 17.04 -42.86
N VAL C 335 -38.06 18.02 -43.09
CA VAL C 335 -37.93 18.65 -44.41
C VAL C 335 -36.79 17.97 -45.19
N ASP C 336 -37.13 17.45 -46.38
CA ASP C 336 -36.17 16.93 -47.36
C ASP C 336 -35.69 18.10 -48.19
N LEU C 337 -34.47 18.56 -47.94
CA LEU C 337 -33.93 19.70 -48.66
C LEU C 337 -33.20 19.34 -49.97
N ARG C 338 -33.13 18.06 -50.32
CA ARG C 338 -32.41 17.69 -51.54
C ARG C 338 -32.94 18.41 -52.78
N PRO C 339 -34.28 18.44 -53.00
CA PRO C 339 -34.80 19.23 -54.16
C PRO C 339 -34.60 20.74 -54.05
N SER C 340 -34.33 21.26 -52.85
CA SER C 340 -33.99 22.67 -52.70
C SER C 340 -32.56 22.95 -53.05
N GLY C 341 -31.73 21.93 -53.22
CA GLY C 341 -30.36 22.13 -53.63
C GLY C 341 -29.40 22.51 -52.52
N ILE C 342 -29.68 22.12 -51.28
CA ILE C 342 -28.74 22.37 -50.18
C ILE C 342 -28.97 21.33 -49.10
N ASP C 343 -27.95 21.13 -48.27
CA ASP C 343 -27.99 20.17 -47.16
C ASP C 343 -28.41 20.83 -45.83
N GLY C 344 -28.72 19.99 -44.84
CA GLY C 344 -29.07 20.42 -43.47
C GLY C 344 -27.98 21.11 -42.68
N ALA C 345 -26.72 20.71 -42.83
CA ALA C 345 -25.65 21.34 -42.04
C ALA C 345 -25.43 22.84 -42.40
N ARG C 346 -25.48 23.18 -43.70
CA ARG C 346 -25.36 24.58 -44.11
C ARG C 346 -26.57 25.40 -43.63
N VAL C 347 -27.76 24.80 -43.70
CA VAL C 347 -29.00 25.46 -43.29
C VAL C 347 -29.02 25.66 -41.75
N GLU C 348 -28.82 24.59 -41.00
CA GLU C 348 -28.74 24.68 -39.53
C GLU C 348 -27.80 25.80 -39.07
N LYS C 349 -26.66 25.94 -39.71
CA LYS C 349 -25.65 26.93 -39.29
C LYS C 349 -26.10 28.39 -39.48
N ILE C 350 -26.59 28.69 -40.68
CA ILE C 350 -27.19 30.00 -40.98
C ILE C 350 -28.33 30.32 -40.02
N LEU C 351 -29.24 29.37 -39.87
CA LEU C 351 -30.35 29.54 -38.94
C LEU C 351 -29.89 29.79 -37.49
N ASP C 352 -28.84 29.10 -37.08
CA ASP C 352 -28.25 29.33 -35.78
C ASP C 352 -27.69 30.77 -35.66
N MET C 353 -27.04 31.25 -36.70
CA MET C 353 -26.51 32.62 -36.70
C MET C 353 -27.60 33.70 -36.53
N ALA C 354 -28.84 33.35 -36.92
CA ALA C 354 -30.02 34.16 -36.78
C ALA C 354 -30.93 33.79 -35.60
N SER C 355 -30.40 33.09 -34.61
CA SER C 355 -31.16 32.69 -33.39
C SER C 355 -32.35 31.73 -33.63
N ILE C 356 -32.34 30.96 -34.71
CA ILE C 356 -33.30 29.84 -34.90
C ILE C 356 -32.49 28.56 -34.68
N THR C 357 -32.87 27.82 -33.64
CA THR C 357 -32.23 26.55 -33.32
C THR C 357 -33.12 25.40 -33.76
N LEU C 358 -32.65 24.64 -34.74
CA LEU C 358 -33.24 23.35 -35.12
C LEU C 358 -32.05 22.41 -35.38
N ASN C 359 -32.33 21.22 -35.90
CA ASN C 359 -31.22 20.33 -36.26
C ASN C 359 -31.27 19.72 -37.65
N LYS C 360 -30.07 19.62 -38.20
CA LYS C 360 -29.85 18.89 -39.45
C LYS C 360 -30.23 17.46 -39.21
N ASN C 361 -30.72 16.83 -40.26
CA ASN C 361 -31.32 15.54 -40.16
C ASN C 361 -31.15 14.75 -41.46
N SER C 362 -30.80 13.47 -41.31
CA SER C 362 -30.78 12.52 -42.41
C SER C 362 -32.17 12.34 -42.95
N VAL C 363 -32.24 12.16 -44.26
CA VAL C 363 -33.47 11.88 -44.99
C VAL C 363 -33.26 10.52 -45.68
N PRO C 364 -34.34 9.70 -45.79
CA PRO C 364 -34.29 8.43 -46.56
C PRO C 364 -33.81 8.69 -47.96
N GLY C 365 -32.82 7.91 -48.42
CA GLY C 365 -32.21 8.08 -49.73
C GLY C 365 -30.84 8.73 -49.69
N ASP C 366 -30.54 9.54 -48.67
CA ASP C 366 -29.24 10.24 -48.54
C ASP C 366 -28.06 9.31 -48.92
N LYS C 367 -27.11 9.84 -49.69
CA LYS C 367 -25.95 9.03 -50.09
C LYS C 367 -24.90 8.93 -48.98
N SER C 368 -24.87 9.91 -48.06
CA SER C 368 -23.76 10.08 -47.13
C SER C 368 -24.29 10.44 -45.76
N ALA C 369 -23.94 9.64 -44.76
CA ALA C 369 -24.19 9.98 -43.37
C ALA C 369 -23.50 11.28 -42.98
N LEU C 370 -22.36 11.61 -43.58
CA LEU C 370 -21.68 12.90 -43.28
C LEU C 370 -22.43 14.18 -43.77
N VAL C 371 -23.35 14.03 -44.72
CA VAL C 371 -24.08 15.14 -45.33
C VAL C 371 -25.58 14.83 -45.19
N PRO C 372 -26.20 15.29 -44.07
CA PRO C 372 -27.64 15.05 -43.93
C PRO C 372 -28.44 15.88 -44.92
N GLY C 373 -29.50 15.31 -45.46
CA GLY C 373 -30.20 15.92 -46.56
C GLY C 373 -31.33 16.81 -46.11
N GLY C 374 -31.63 16.83 -44.81
CA GLY C 374 -32.82 17.49 -44.27
C GLY C 374 -32.63 18.26 -42.98
N ILE C 375 -33.76 18.77 -42.48
CA ILE C 375 -33.83 19.36 -41.17
C ILE C 375 -35.09 18.87 -40.49
N ARG C 376 -34.98 18.67 -39.17
CA ARG C 376 -36.12 18.30 -38.33
C ARG C 376 -36.52 19.60 -37.62
N ILE C 377 -37.81 19.84 -37.58
CA ILE C 377 -38.39 21.06 -36.94
C ILE C 377 -39.49 20.62 -35.95
N GLY C 378 -39.44 21.14 -34.72
CA GLY C 378 -40.42 20.78 -33.71
C GLY C 378 -41.14 21.97 -33.13
N SER C 379 -42.42 21.79 -32.84
CA SER C 379 -43.26 22.88 -32.20
C SER C 379 -43.43 22.90 -30.66
N PRO C 380 -43.10 21.81 -29.93
CA PRO C 380 -43.50 21.91 -28.52
C PRO C 380 -42.89 23.06 -27.71
N ALA C 381 -41.65 23.42 -27.93
CA ALA C 381 -41.00 24.41 -27.06
C ALA C 381 -41.63 25.82 -27.21
N MET C 382 -41.76 26.27 -28.46
CA MET C 382 -42.39 27.55 -28.76
C MET C 382 -43.88 27.56 -28.45
N THR C 383 -44.54 26.40 -28.53
CA THR C 383 -45.95 26.29 -28.17
C THR C 383 -46.16 26.48 -26.64
N THR C 384 -45.23 25.93 -25.86
CA THR C 384 -45.16 26.16 -24.42
C THR C 384 -45.08 27.65 -24.11
N ARG C 385 -44.29 28.39 -24.90
CA ARG C 385 -44.17 29.84 -24.68
C ARG C 385 -45.44 30.65 -25.05
N GLY C 386 -46.37 30.04 -25.79
CA GLY C 386 -47.66 30.67 -26.13
C GLY C 386 -47.90 30.97 -27.60
N LEU C 387 -46.99 30.56 -28.50
CA LEU C 387 -47.23 30.73 -29.94
C LEU C 387 -48.39 29.87 -30.43
N GLY C 388 -49.14 30.43 -31.38
CA GLY C 388 -50.25 29.75 -32.06
C GLY C 388 -49.92 29.65 -33.54
N GLU C 389 -50.92 29.26 -34.31
CA GLU C 389 -50.73 28.92 -35.72
C GLU C 389 -50.14 30.05 -36.57
N LYS C 390 -50.66 31.27 -36.43
CA LYS C 390 -50.16 32.37 -37.25
C LYS C 390 -48.70 32.71 -36.93
N GLU C 391 -48.28 32.47 -35.68
CA GLU C 391 -46.89 32.64 -35.34
C GLU C 391 -46.01 31.54 -35.97
N PHE C 392 -46.54 30.32 -36.06
CA PHE C 392 -45.80 29.20 -36.66
C PHE C 392 -45.70 29.34 -38.17
N GLU C 393 -46.69 30.01 -38.74
CA GLU C 393 -46.60 30.37 -40.17
C GLU C 393 -45.50 31.40 -40.34
N LEU C 394 -45.41 32.37 -39.45
CA LEU C 394 -44.28 33.30 -39.46
C LEU C 394 -42.92 32.57 -39.27
N ILE C 395 -42.86 31.59 -38.36
CA ILE C 395 -41.67 30.75 -38.22
C ILE C 395 -41.29 30.07 -39.58
N ALA C 396 -42.26 29.44 -40.26
CA ALA C 396 -42.02 28.88 -41.54
C ALA C 396 -41.38 29.91 -42.51
N ASP C 397 -41.88 31.15 -42.52
CA ASP C 397 -41.29 32.19 -43.39
C ASP C 397 -39.89 32.58 -43.00
N LEU C 398 -39.61 32.59 -41.71
CA LEU C 398 -38.27 32.95 -41.20
C LEU C 398 -37.27 31.85 -41.58
N ILE C 399 -37.69 30.59 -41.47
CA ILE C 399 -36.87 29.44 -41.89
C ILE C 399 -36.53 29.56 -43.39
N HIS C 400 -37.57 29.73 -44.19
CA HIS C 400 -37.49 29.98 -45.63
C HIS C 400 -36.47 31.05 -45.98
N GLU C 401 -36.55 32.21 -45.33
CA GLU C 401 -35.52 33.21 -45.52
C GLU C 401 -34.10 32.69 -45.17
N GLY C 402 -33.99 31.89 -44.11
CA GLY C 402 -32.71 31.30 -43.76
C GLY C 402 -32.18 30.33 -44.82
N VAL C 403 -33.08 29.51 -45.38
CA VAL C 403 -32.73 28.64 -46.48
C VAL C 403 -32.26 29.45 -47.68
N ARG C 404 -33.04 30.48 -48.05
CA ARG C 404 -32.64 31.40 -49.11
C ARG C 404 -31.24 31.95 -48.90
N ILE C 405 -30.94 32.39 -47.67
CA ILE C 405 -29.61 32.93 -47.35
C ILE C 405 -28.56 31.82 -47.47
N SER C 406 -28.94 30.61 -47.08
CA SER C 406 -28.05 29.46 -47.09
C SER C 406 -27.66 29.09 -48.51
N LEU C 407 -28.68 29.05 -49.36
CA LEU C 407 -28.50 28.86 -50.80
C LEU C 407 -27.60 29.89 -51.45
N GLU C 408 -27.83 31.15 -51.15
CA GLU C 408 -27.00 32.21 -51.69
C GLU C 408 -25.54 32.09 -51.18
N ALA C 409 -25.37 31.83 -49.89
CA ALA C 409 -24.01 31.59 -49.35
C ALA C 409 -23.33 30.41 -50.04
N LYS C 410 -24.08 29.34 -50.28
CA LYS C 410 -23.51 28.18 -50.92
C LYS C 410 -22.99 28.54 -52.32
N SER C 411 -23.83 29.20 -53.10
CA SER C 411 -23.48 29.64 -54.45
C SER C 411 -22.22 30.53 -54.52
N LEU C 412 -21.96 31.31 -53.47
CA LEU C 412 -20.74 32.15 -53.42
C LEU C 412 -19.44 31.42 -53.02
N VAL C 413 -19.55 30.31 -52.30
CA VAL C 413 -18.39 29.52 -51.91
C VAL C 413 -18.01 28.56 -53.03
N SER C 414 -16.78 28.66 -53.52
CA SER C 414 -16.30 27.77 -54.61
C SER C 414 -16.12 26.33 -54.13
N GLY C 415 -15.58 26.14 -52.93
CA GLY C 415 -15.59 24.83 -52.31
C GLY C 415 -16.96 24.14 -52.30
N THR C 416 -16.93 22.81 -52.39
CA THR C 416 -18.00 21.95 -51.85
C THR C 416 -17.61 21.49 -50.42
N LYS C 417 -16.46 21.97 -49.95
CA LYS C 417 -15.95 21.69 -48.62
C LYS C 417 -16.73 22.47 -47.57
N VAL C 418 -17.31 21.78 -46.58
CA VAL C 418 -18.16 22.48 -45.60
C VAL C 418 -17.38 23.53 -44.79
N GLN C 419 -16.13 23.26 -44.46
CA GLN C 419 -15.37 24.27 -43.70
C GLN C 419 -14.99 25.49 -44.59
N ASP C 420 -15.02 25.33 -45.92
CA ASP C 420 -14.97 26.51 -46.81
C ASP C 420 -16.23 27.37 -46.61
N PHE C 421 -17.39 26.71 -46.47
CA PHE C 421 -18.65 27.36 -46.12
C PHE C 421 -18.59 28.10 -44.76
N LEU C 422 -18.20 27.39 -43.70
CA LEU C 422 -18.10 27.99 -42.36
C LEU C 422 -17.18 29.20 -42.35
N ASN C 423 -16.02 29.06 -42.99
CA ASN C 423 -15.09 30.18 -43.09
C ASN C 423 -15.66 31.36 -43.82
N PHE C 424 -16.43 31.07 -44.88
CA PHE C 424 -17.14 32.11 -45.62
C PHE C 424 -18.15 32.86 -44.75
N VAL C 425 -19.02 32.12 -44.05
CA VAL C 425 -20.11 32.74 -43.28
C VAL C 425 -19.62 33.49 -42.03
N LEU C 426 -18.49 33.04 -41.46
CA LEU C 426 -17.91 33.69 -40.27
C LEU C 426 -16.93 34.85 -40.54
N ALA C 427 -16.50 35.03 -41.80
CA ALA C 427 -15.58 36.11 -42.18
C ALA C 427 -16.19 37.52 -42.01
N PRO C 428 -15.37 38.54 -41.63
CA PRO C 428 -15.88 39.93 -41.45
C PRO C 428 -16.48 40.52 -42.72
N GLU C 429 -15.88 40.20 -43.87
CA GLU C 429 -16.39 40.62 -45.19
C GLU C 429 -17.51 39.72 -45.80
N PHE C 430 -18.03 38.74 -45.04
CA PHE C 430 -19.18 37.91 -45.42
C PHE C 430 -20.26 38.79 -46.04
N PRO C 431 -20.47 38.69 -47.37
CA PRO C 431 -21.41 39.58 -48.09
C PRO C 431 -22.84 39.58 -47.57
N LEU C 432 -23.32 38.47 -46.98
CA LEU C 432 -24.71 38.36 -46.50
C LEU C 432 -24.91 38.65 -45.01
N GLY C 433 -23.92 39.32 -44.38
CA GLY C 433 -23.99 39.74 -42.99
C GLY C 433 -25.26 40.51 -42.61
N ASP C 434 -25.62 41.53 -43.39
CA ASP C 434 -26.86 42.29 -43.12
C ASP C 434 -28.15 41.45 -43.31
N LYS C 435 -28.17 40.52 -44.28
CA LYS C 435 -29.31 39.60 -44.40
C LYS C 435 -29.47 38.69 -43.19
N VAL C 436 -28.35 38.22 -42.64
CA VAL C 436 -28.41 37.41 -41.42
C VAL C 436 -28.87 38.30 -40.25
N SER C 437 -28.31 39.50 -40.14
CA SER C 437 -28.72 40.48 -39.10
C SER C 437 -30.18 40.80 -39.19
N ASN C 438 -30.68 41.03 -40.41
CA ASN C 438 -32.11 41.33 -40.65
C ASN C 438 -33.02 40.21 -40.20
N LEU C 439 -32.67 38.99 -40.56
CA LEU C 439 -33.47 37.83 -40.18
C LEU C 439 -33.46 37.67 -38.66
N ARG C 440 -32.27 37.79 -38.08
CA ARG C 440 -32.08 37.67 -36.60
C ARG C 440 -32.94 38.68 -35.84
N ARG C 441 -32.99 39.92 -36.35
CA ARG C 441 -33.88 40.95 -35.80
C ARG C 441 -35.33 40.46 -35.77
N LYS C 442 -35.82 39.91 -36.87
CA LYS C 442 -37.20 39.43 -36.94
C LYS C 442 -37.42 38.25 -36.04
N VAL C 443 -36.43 37.36 -36.01
CA VAL C 443 -36.52 36.19 -35.14
C VAL C 443 -36.68 36.63 -33.68
N GLU C 444 -35.78 37.50 -33.21
CA GLU C 444 -35.74 37.84 -31.77
C GLU C 444 -36.95 38.71 -31.41
N ALA C 445 -37.44 39.47 -32.39
CA ALA C 445 -38.65 40.28 -32.24
C ALA C 445 -39.90 39.41 -32.01
N LEU C 446 -39.98 38.24 -32.68
CA LEU C 446 -41.11 37.34 -32.45
C LEU C 446 -40.97 36.69 -31.08
N ALA C 447 -39.79 36.09 -30.85
CA ALA C 447 -39.51 35.31 -29.65
C ALA C 447 -39.70 36.11 -28.36
N THR C 448 -39.19 37.34 -28.35
CA THR C 448 -39.27 38.19 -27.13
C THR C 448 -40.64 38.76 -26.85
N GLN C 449 -41.65 38.45 -27.66
CA GLN C 449 -43.03 38.79 -27.29
C GLN C 449 -43.68 37.79 -26.32
N TYR C 450 -43.04 36.67 -26.03
CA TYR C 450 -43.64 35.61 -25.22
C TYR C 450 -42.78 35.31 -23.99
N PRO C 451 -43.45 34.99 -22.84
CA PRO C 451 -42.73 34.60 -21.63
C PRO C 451 -42.10 33.23 -21.81
N ILE C 452 -41.30 32.87 -20.81
CA ILE C 452 -40.57 31.63 -20.72
C ILE C 452 -40.82 31.15 -19.27
N PRO C 453 -41.36 29.91 -19.06
CA PRO C 453 -41.49 29.45 -17.67
C PRO C 453 -40.15 29.14 -17.00
N GLY C 454 -40.21 28.89 -15.68
CA GLY C 454 -39.03 28.73 -14.86
C GLY C 454 -38.95 29.65 -13.66
N VAL C 455 -37.98 29.36 -12.79
CA VAL C 455 -37.67 30.22 -11.64
C VAL C 455 -37.21 31.61 -12.09
N LEU D 5 -49.90 30.56 -17.36
CA LEU D 5 -49.85 30.07 -15.95
C LEU D 5 -48.54 29.30 -15.67
N ASP D 6 -47.94 29.60 -14.52
CA ASP D 6 -46.62 29.07 -14.13
C ASP D 6 -46.45 29.30 -12.65
N TYR D 7 -47.35 28.72 -11.88
CA TYR D 7 -47.35 28.92 -10.43
C TYR D 7 -46.08 28.39 -9.76
N GLY D 8 -45.79 28.92 -8.58
CA GLY D 8 -44.86 28.27 -7.65
C GLY D 8 -45.35 26.89 -7.21
N LEU D 9 -44.42 26.08 -6.74
CA LEU D 9 -44.75 24.76 -6.24
C LEU D 9 -45.87 24.69 -5.16
N SER D 10 -45.92 25.60 -4.20
CA SER D 10 -47.01 25.51 -3.18
C SER D 10 -48.43 25.65 -3.81
N GLU D 11 -48.53 26.33 -4.95
CA GLU D 11 -49.80 26.51 -5.67
C GLU D 11 -50.01 25.49 -6.78
N ALA D 12 -48.98 25.27 -7.60
CA ALA D 12 -49.02 24.23 -8.64
C ALA D 12 -49.39 22.84 -8.10
N ASP D 13 -48.76 22.46 -6.98
CA ASP D 13 -48.86 21.10 -6.47
C ASP D 13 -48.72 21.10 -4.95
N PRO D 14 -49.79 21.49 -4.25
CA PRO D 14 -49.66 21.51 -2.78
C PRO D 14 -49.22 20.19 -2.13
N ASP D 15 -49.65 19.04 -2.65
CA ASP D 15 -49.29 17.75 -2.04
C ASP D 15 -47.80 17.46 -2.12
N VAL D 16 -47.18 17.74 -3.27
CA VAL D 16 -45.74 17.60 -3.35
C VAL D 16 -45.04 18.65 -2.50
N HIS D 17 -45.47 19.92 -2.57
CA HIS D 17 -44.99 20.95 -1.65
C HIS D 17 -44.96 20.48 -0.17
N ALA D 18 -46.05 19.85 0.27
CA ALA D 18 -46.21 19.40 1.68
C ALA D 18 -45.25 18.28 2.04
N ILE D 19 -45.08 17.37 1.08
CA ILE D 19 -44.15 16.28 1.27
C ILE D 19 -42.71 16.82 1.37
N ILE D 20 -42.34 17.75 0.49
CA ILE D 20 -40.99 18.34 0.55
C ILE D 20 -40.77 19.07 1.90
N ASN D 21 -41.78 19.82 2.34
CA ASN D 21 -41.69 20.47 3.65
C ASN D 21 -41.59 19.47 4.84
N LYS D 22 -42.32 18.35 4.77
CA LYS D 22 -42.16 17.29 5.79
C LYS D 22 -40.76 16.73 5.74
N GLU D 23 -40.25 16.43 4.53
CA GLU D 23 -38.89 15.91 4.43
C GLU D 23 -37.87 16.92 4.95
N LYS D 24 -38.10 18.21 4.70
CA LYS D 24 -37.22 19.28 5.17
C LYS D 24 -37.19 19.31 6.69
N ASP D 25 -38.35 19.11 7.31
CA ASP D 25 -38.46 19.14 8.78
C ASP D 25 -37.76 17.92 9.39
N ARG D 26 -37.88 16.78 8.71
CA ARG D 26 -37.24 15.53 9.14
C ARG D 26 -35.72 15.69 9.12
N GLN D 27 -35.19 16.26 8.05
CA GLN D 27 -33.75 16.56 7.95
C GLN D 27 -33.30 17.54 9.03
N PHE D 28 -34.10 18.57 9.26
CA PHE D 28 -33.76 19.58 10.26
C PHE D 28 -33.67 18.96 11.67
N ARG D 29 -34.59 18.10 12.01
CA ARG D 29 -34.71 17.67 13.43
C ARG D 29 -33.96 16.37 13.74
N SER D 30 -33.50 15.64 12.72
CA SER D 30 -32.90 14.31 12.91
C SER D 30 -31.38 14.37 13.01
N LEU D 31 -30.81 13.27 13.52
CA LEU D 31 -29.37 13.05 13.49
C LEU D 31 -29.15 12.15 12.29
N GLU D 32 -28.65 12.78 11.24
CA GLU D 32 -28.48 12.12 9.95
C GLU D 32 -27.05 11.58 9.96
N LEU D 33 -26.94 10.26 10.08
CA LEU D 33 -25.64 9.59 10.24
C LEU D 33 -25.38 8.48 9.20
N ILE D 34 -26.15 8.51 8.11
CA ILE D 34 -25.88 7.69 6.91
C ILE D 34 -24.58 8.25 6.29
N ALA D 35 -23.59 7.37 6.16
CA ALA D 35 -22.22 7.77 5.83
C ALA D 35 -22.11 8.39 4.44
N SER D 36 -23.06 8.03 3.57
CA SER D 36 -23.10 8.46 2.16
C SER D 36 -23.93 9.75 1.94
N GLU D 37 -24.55 10.25 2.99
CA GLU D 37 -25.36 11.47 2.87
C GLU D 37 -24.62 12.71 3.31
N ASN D 38 -25.12 13.82 2.80
CA ASN D 38 -24.68 15.13 3.20
C ASN D 38 -25.82 16.08 2.93
N PHE D 39 -25.60 17.34 3.27
CA PHE D 39 -26.52 18.44 3.01
C PHE D 39 -25.78 19.41 2.07
N THR D 40 -26.24 19.50 0.83
CA THR D 40 -25.61 20.36 -0.17
C THR D 40 -26.16 21.80 0.03
N SER D 41 -25.47 22.74 -0.59
CA SER D 41 -25.67 24.15 -0.27
C SER D 41 -26.86 24.74 -1.04
N LYS D 42 -27.34 25.90 -0.55
CA LYS D 42 -28.36 26.65 -1.25
C LYS D 42 -27.92 26.96 -2.71
N ALA D 43 -26.65 27.37 -2.88
CA ALA D 43 -26.12 27.69 -4.21
C ALA D 43 -26.13 26.51 -5.21
N VAL D 44 -25.83 25.32 -4.73
CA VAL D 44 -25.96 24.11 -5.56
C VAL D 44 -27.42 23.84 -5.96
N MET D 45 -28.33 23.88 -4.97
CA MET D 45 -29.75 23.68 -5.21
C MET D 45 -30.32 24.69 -6.21
N GLU D 46 -29.86 25.93 -6.12
CA GLU D 46 -30.31 27.00 -7.05
C GLU D 46 -29.81 26.71 -8.49
N ALA D 47 -28.55 26.32 -8.65
CA ALA D 47 -28.03 25.93 -9.97
C ALA D 47 -28.78 24.72 -10.53
N VAL D 48 -28.97 23.69 -9.70
CA VAL D 48 -29.71 22.49 -10.09
C VAL D 48 -31.17 22.80 -10.41
N GLY D 49 -31.75 23.76 -9.71
CA GLY D 49 -33.15 24.13 -9.95
C GLY D 49 -33.31 25.26 -10.95
N SER D 50 -32.52 25.26 -12.03
CA SER D 50 -32.46 26.39 -12.96
C SER D 50 -32.88 26.02 -14.36
N CYS D 51 -32.93 27.03 -15.21
CA CYS D 51 -33.19 26.85 -16.65
C CYS D 51 -32.13 26.00 -17.40
N LEU D 52 -30.98 25.76 -16.77
CA LEU D 52 -29.98 24.82 -17.29
C LEU D 52 -30.60 23.48 -17.69
N THR D 53 -31.68 23.07 -17.02
CA THR D 53 -32.34 21.80 -17.33
C THR D 53 -32.95 21.71 -18.75
N ASN D 54 -33.23 22.86 -19.35
CA ASN D 54 -33.87 22.90 -20.67
C ASN D 54 -33.02 22.48 -21.93
N LYS D 55 -31.69 22.64 -21.87
CA LYS D 55 -30.83 22.49 -23.05
C LYS D 55 -30.31 21.06 -23.33
N TYR D 56 -30.43 20.62 -24.60
CA TYR D 56 -29.80 19.37 -25.14
C TYR D 56 -28.41 19.67 -25.65
N SER D 57 -27.39 19.04 -25.05
CA SER D 57 -25.99 19.31 -25.37
C SER D 57 -25.20 18.00 -25.58
N GLU D 58 -25.84 17.05 -26.28
CA GLU D 58 -25.15 15.82 -26.72
C GLU D 58 -23.76 16.11 -27.32
N GLY D 59 -22.74 15.43 -26.79
CA GLY D 59 -21.35 15.57 -27.23
C GLY D 59 -20.50 16.20 -26.15
N LEU D 60 -19.50 16.99 -26.57
CA LEU D 60 -18.53 17.64 -25.68
C LEU D 60 -18.39 19.11 -26.12
N PRO D 61 -17.85 20.01 -25.25
CA PRO D 61 -17.71 21.44 -25.59
C PRO D 61 -17.00 21.67 -26.95
N GLY D 62 -17.66 22.44 -27.84
CA GLY D 62 -17.18 22.65 -29.21
C GLY D 62 -17.40 21.46 -30.15
N LYS D 63 -17.91 20.34 -29.63
CA LYS D 63 -18.05 19.09 -30.38
C LYS D 63 -19.46 18.51 -30.15
N ARG D 64 -20.45 19.39 -30.28
CA ARG D 64 -21.84 19.06 -29.99
C ARG D 64 -22.61 18.64 -31.25
N TYR D 65 -23.69 17.87 -31.05
CA TYR D 65 -24.69 17.61 -32.11
C TYR D 65 -25.37 18.91 -32.53
N TYR D 66 -25.86 19.66 -31.52
CA TYR D 66 -26.73 20.81 -31.74
C TYR D 66 -26.04 22.15 -31.53
N GLY D 67 -26.67 23.21 -32.01
CA GLY D 67 -26.24 24.59 -31.78
C GLY D 67 -26.97 25.14 -30.58
N GLY D 68 -26.68 26.40 -30.24
CA GLY D 68 -27.25 27.08 -29.06
C GLY D 68 -26.60 26.75 -27.72
N ASN D 69 -25.42 26.10 -27.75
CA ASN D 69 -24.71 25.58 -26.58
C ASN D 69 -23.46 26.40 -26.15
N GLU D 70 -23.32 27.63 -26.66
CA GLU D 70 -22.18 28.50 -26.30
C GLU D 70 -22.05 28.57 -24.78
N HIS D 71 -23.17 28.78 -24.08
CA HIS D 71 -23.16 28.94 -22.61
C HIS D 71 -23.03 27.60 -21.90
N ILE D 72 -23.69 26.57 -22.43
CA ILE D 72 -23.51 25.18 -21.92
C ILE D 72 -22.04 24.74 -22.02
N ASP D 73 -21.37 25.11 -23.11
CA ASP D 73 -19.94 24.82 -23.32
C ASP D 73 -19.02 25.51 -22.33
N GLU D 74 -19.21 26.82 -22.23
CA GLU D 74 -18.58 27.63 -21.21
C GLU D 74 -18.76 26.98 -19.81
N LEU D 75 -19.98 26.56 -19.50
CA LEU D 75 -20.24 25.91 -18.23
C LEU D 75 -19.45 24.57 -18.01
N GLU D 76 -19.45 23.69 -19.01
CA GLU D 76 -18.85 22.38 -18.84
C GLU D 76 -17.34 22.51 -18.72
N ILE D 77 -16.77 23.38 -19.56
CA ILE D 77 -15.34 23.71 -19.57
C ILE D 77 -14.90 24.21 -18.20
N LEU D 78 -15.65 25.15 -17.65
CA LEU D 78 -15.36 25.67 -16.31
C LEU D 78 -15.44 24.53 -15.26
N CYS D 79 -16.50 23.71 -15.35
CA CYS D 79 -16.66 22.56 -14.44
C CYS D 79 -15.45 21.59 -14.48
N GLN D 80 -14.97 21.32 -15.68
CA GLN D 80 -13.80 20.45 -15.86
C GLN D 80 -12.54 21.04 -15.22
N GLN D 81 -12.29 22.33 -15.42
N GLN D 81 -12.32 22.34 -15.47
CA GLN D 81 -11.07 22.93 -14.89
CA GLN D 81 -11.22 23.13 -14.92
C GLN D 81 -11.17 23.13 -13.36
C GLN D 81 -11.21 23.06 -13.39
N ARG D 82 -12.38 23.27 -12.81
CA ARG D 82 -12.55 23.24 -11.36
C ARG D 82 -12.36 21.83 -10.75
N ALA D 83 -12.85 20.82 -11.45
CA ALA D 83 -12.64 19.45 -11.05
C ALA D 83 -11.12 19.13 -11.00
N LEU D 84 -10.37 19.47 -12.05
CA LEU D 84 -8.91 19.24 -12.04
C LEU D 84 -8.20 19.99 -10.91
N ALA D 85 -8.62 21.23 -10.63
CA ALA D 85 -7.99 22.03 -9.60
C ALA D 85 -8.38 21.55 -8.19
N ALA D 86 -9.64 21.16 -7.97
CA ALA D 86 -10.08 20.56 -6.69
C ALA D 86 -9.22 19.34 -6.26
N PHE D 87 -8.74 18.58 -7.24
CA PHE D 87 -7.90 17.42 -6.99
C PHE D 87 -6.41 17.61 -7.34
N HIS D 88 -6.01 18.85 -7.65
CA HIS D 88 -4.62 19.29 -7.80
C HIS D 88 -3.93 18.56 -8.93
N LEU D 89 -4.65 18.46 -10.04
CA LEU D 89 -4.24 17.68 -11.21
C LEU D 89 -3.73 18.56 -12.34
N ASP D 90 -2.63 18.12 -12.93
CA ASP D 90 -2.07 18.76 -14.10
C ASP D 90 -2.96 18.31 -15.28
N GLY D 91 -3.57 19.28 -15.94
CA GLY D 91 -4.44 19.01 -17.10
C GLY D 91 -3.75 18.44 -18.34
N ASP D 92 -2.42 18.55 -18.42
CA ASP D 92 -1.64 17.83 -19.46
C ASP D 92 -1.58 16.34 -19.16
N LYS D 93 -1.65 15.96 -17.88
CA LYS D 93 -1.53 14.57 -17.44
C LYS D 93 -2.88 13.90 -17.12
N TRP D 94 -3.87 14.69 -16.72
CA TRP D 94 -5.20 14.17 -16.38
C TRP D 94 -6.29 14.89 -17.13
N GLY D 95 -7.34 14.15 -17.48
CA GLY D 95 -8.61 14.69 -17.98
C GLY D 95 -9.77 14.22 -17.12
N VAL D 96 -10.95 14.76 -17.39
CA VAL D 96 -12.16 14.47 -16.64
C VAL D 96 -13.37 14.63 -17.54
N ASN D 97 -14.35 13.78 -17.31
CA ASN D 97 -15.64 13.86 -17.96
C ASN D 97 -16.62 14.09 -16.85
N VAL D 98 -17.36 15.20 -16.95
CA VAL D 98 -18.29 15.63 -15.87
C VAL D 98 -19.76 15.27 -16.16
N GLN D 99 -20.01 14.49 -17.21
CA GLN D 99 -21.38 14.11 -17.62
C GLN D 99 -22.06 12.90 -16.98
N PRO D 100 -21.32 12.00 -16.31
CA PRO D 100 -22.05 10.82 -15.80
C PRO D 100 -23.15 11.18 -14.83
N LEU D 101 -24.27 10.49 -14.97
CA LEU D 101 -25.49 10.85 -14.24
C LEU D 101 -25.46 10.47 -12.75
N SER D 102 -24.62 9.52 -12.36
CA SER D 102 -24.48 9.14 -10.96
C SER D 102 -23.25 8.23 -10.85
N GLY D 103 -23.00 7.72 -9.64
CA GLY D 103 -21.86 6.85 -9.43
C GLY D 103 -21.87 5.54 -10.22
N SER D 104 -23.00 4.86 -10.24
CA SER D 104 -23.15 3.60 -10.95
C SER D 104 -22.91 3.70 -12.49
N PRO D 105 -23.61 4.63 -13.18
CA PRO D 105 -23.29 4.82 -14.58
C PRO D 105 -21.87 5.31 -14.86
N ALA D 106 -21.28 6.14 -13.98
CA ALA D 106 -19.84 6.49 -14.12
C ALA D 106 -18.93 5.23 -14.24
N ASN D 107 -19.10 4.33 -13.28
CA ASN D 107 -18.37 3.06 -13.28
C ASN D 107 -18.67 2.20 -14.51
N PHE D 108 -19.94 2.03 -14.84
CA PHE D 108 -20.28 1.19 -15.95
C PHE D 108 -19.71 1.75 -17.25
N ALA D 109 -19.63 3.08 -17.35
CA ALA D 109 -19.03 3.73 -18.52
C ALA D 109 -17.53 3.42 -18.62
N VAL D 110 -16.83 3.39 -17.49
CA VAL D 110 -15.43 3.02 -17.46
C VAL D 110 -15.27 1.58 -17.99
N TYR D 111 -16.10 0.65 -17.53
CA TYR D 111 -16.03 -0.76 -17.98
C TYR D 111 -16.27 -0.85 -19.49
N THR D 112 -17.30 -0.13 -19.94
CA THR D 112 -17.62 -0.08 -21.36
C THR D 112 -16.50 0.53 -22.17
N ALA D 113 -15.86 1.56 -21.65
CA ALA D 113 -14.74 2.18 -22.37
C ALA D 113 -13.55 1.24 -22.57
N ILE D 114 -13.17 0.53 -21.52
CA ILE D 114 -11.88 -0.13 -21.49
C ILE D 114 -11.95 -1.67 -21.54
N LEU D 115 -13.13 -2.25 -21.33
CA LEU D 115 -13.31 -3.70 -21.33
C LEU D 115 -14.22 -4.16 -22.43
N LYS D 116 -13.99 -5.41 -22.87
CA LYS D 116 -14.90 -6.09 -23.75
C LYS D 116 -15.88 -6.82 -22.88
N PRO D 117 -17.08 -7.11 -23.41
CA PRO D 117 -18.05 -7.92 -22.69
C PRO D 117 -17.45 -9.23 -22.20
N HIS D 118 -17.76 -9.58 -20.95
CA HIS D 118 -17.20 -10.74 -20.25
C HIS D 118 -15.76 -10.62 -19.84
N ASP D 119 -15.11 -9.47 -20.06
CA ASP D 119 -13.79 -9.26 -19.48
C ASP D 119 -13.85 -9.28 -17.95
N ARG D 120 -12.69 -9.50 -17.31
CA ARG D 120 -12.61 -9.74 -15.87
C ARG D 120 -12.32 -8.49 -14.99
N ILE D 121 -13.11 -8.39 -13.94
CA ILE D 121 -13.04 -7.30 -12.99
C ILE D 121 -12.93 -7.83 -11.56
N MET D 122 -12.06 -7.24 -10.74
CA MET D 122 -12.06 -7.54 -9.31
C MET D 122 -12.31 -6.29 -8.48
N GLY D 123 -13.26 -6.39 -7.54
CA GLY D 123 -13.54 -5.34 -6.56
C GLY D 123 -13.80 -5.89 -5.16
N LEU D 124 -13.99 -4.99 -4.21
CA LEU D 124 -14.15 -5.42 -2.82
C LEU D 124 -15.47 -6.14 -2.72
N ASP D 125 -15.45 -7.28 -2.05
CA ASP D 125 -16.64 -8.13 -1.92
C ASP D 125 -17.75 -7.33 -1.21
N LEU D 126 -18.96 -7.39 -1.76
CA LEU D 126 -20.10 -6.67 -1.17
C LEU D 126 -20.31 -6.88 0.38
N PRO D 127 -20.45 -8.12 0.88
CA PRO D 127 -20.53 -8.29 2.37
C PRO D 127 -19.31 -7.79 3.20
N HIS D 128 -18.20 -7.45 2.53
CA HIS D 128 -17.03 -6.85 3.17
C HIS D 128 -16.90 -5.34 2.94
N GLY D 129 -18.03 -4.70 2.63
CA GLY D 129 -18.10 -3.24 2.51
C GLY D 129 -17.91 -2.70 1.10
N GLY D 130 -17.99 -3.59 0.10
CA GLY D 130 -17.88 -3.19 -1.29
C GLY D 130 -19.12 -2.49 -1.82
N HIS D 131 -19.16 -2.27 -3.13
CA HIS D 131 -20.33 -1.70 -3.81
C HIS D 131 -20.82 -2.59 -4.95
N LEU D 132 -22.14 -2.70 -5.10
CA LEU D 132 -22.78 -3.46 -6.18
C LEU D 132 -22.19 -3.19 -7.55
N SER D 133 -21.94 -1.93 -7.86
CA SER D 133 -21.43 -1.56 -9.17
C SER D 133 -20.04 -2.16 -9.52
N HIS D 134 -19.29 -2.60 -8.52
CA HIS D 134 -18.02 -3.31 -8.73
C HIS D 134 -18.19 -4.82 -9.05
N GLY D 135 -19.41 -5.35 -9.00
CA GLY D 135 -19.68 -6.78 -9.14
C GLY D 135 -20.32 -7.39 -7.92
N PHE D 136 -21.34 -8.20 -8.15
CA PHE D 136 -21.90 -9.05 -7.12
C PHE D 136 -22.70 -10.20 -7.71
N MET D 137 -22.36 -11.42 -7.32
CA MET D 137 -23.12 -12.63 -7.66
C MET D 137 -23.34 -13.47 -6.41
N THR D 138 -24.52 -14.07 -6.33
CA THR D 138 -24.81 -15.12 -5.35
C THR D 138 -24.63 -16.46 -6.05
N ALA D 139 -24.90 -17.54 -5.29
CA ALA D 139 -25.01 -18.87 -5.87
C ALA D 139 -25.96 -18.90 -7.05
N LYS D 140 -27.12 -18.27 -6.91
CA LYS D 140 -28.23 -18.48 -7.83
C LYS D 140 -28.44 -17.37 -8.89
N ARG D 141 -27.82 -16.20 -8.73
CA ARG D 141 -28.03 -15.11 -9.71
C ARG D 141 -26.92 -14.08 -9.75
N ARG D 142 -26.78 -13.49 -10.93
CA ARG D 142 -25.88 -12.37 -11.11
C ARG D 142 -26.73 -11.15 -10.73
N VAL D 143 -26.48 -10.61 -9.55
CA VAL D 143 -27.31 -9.50 -9.03
C VAL D 143 -26.97 -8.13 -9.64
N SER D 144 -25.67 -7.80 -9.67
CA SER D 144 -25.18 -6.58 -10.34
C SER D 144 -25.11 -6.72 -11.87
N GLY D 145 -25.49 -5.66 -12.59
CA GLY D 145 -25.31 -5.60 -14.05
C GLY D 145 -23.83 -5.74 -14.43
N THR D 146 -22.96 -5.25 -13.55
CA THR D 146 -21.57 -5.41 -13.74
C THR D 146 -21.19 -6.90 -13.90
N SER D 147 -21.81 -7.74 -13.08
CA SER D 147 -21.61 -9.20 -13.12
C SER D 147 -22.35 -9.92 -14.25
N ILE D 148 -23.26 -9.24 -14.94
CA ILE D 148 -23.96 -9.82 -16.11
C ILE D 148 -23.14 -9.60 -17.37
N TYR D 149 -22.79 -8.34 -17.65
CA TYR D 149 -22.03 -8.01 -18.84
C TYR D 149 -20.54 -8.25 -18.70
N PHE D 150 -20.04 -8.37 -17.48
CA PHE D 150 -18.62 -8.64 -17.21
C PHE D 150 -18.50 -9.80 -16.21
N GLU D 151 -17.26 -10.26 -16.00
CA GLU D 151 -16.97 -11.39 -15.15
C GLU D 151 -16.25 -10.90 -13.90
N SER D 152 -16.96 -10.83 -12.81
CA SER D 152 -16.40 -10.28 -11.58
C SER D 152 -16.05 -11.41 -10.62
N MET D 153 -14.98 -11.21 -9.88
CA MET D 153 -14.68 -11.99 -8.71
C MET D 153 -14.20 -11.04 -7.60
N PRO D 154 -14.69 -11.25 -6.39
CA PRO D 154 -14.33 -10.30 -5.33
C PRO D 154 -12.94 -10.55 -4.74
N TYR D 155 -12.44 -9.57 -4.01
CA TYR D 155 -11.36 -9.75 -3.07
C TYR D 155 -11.89 -9.37 -1.70
N ARG D 156 -11.24 -9.88 -0.65
CA ARG D 156 -11.75 -9.83 0.73
C ARG D 156 -10.80 -9.22 1.76
N LEU D 157 -11.39 -8.70 2.83
CA LEU D 157 -10.72 -8.36 4.07
C LEU D 157 -10.16 -9.59 4.78
N ASP D 158 -9.06 -9.38 5.49
CA ASP D 158 -8.62 -10.30 6.55
C ASP D 158 -9.57 -10.09 7.72
N GLU D 159 -10.39 -11.09 8.03
CA GLU D 159 -11.44 -10.94 9.06
C GLU D 159 -10.96 -10.69 10.50
N SER D 160 -9.71 -11.02 10.78
CA SER D 160 -9.10 -10.75 12.09
C SER D 160 -8.50 -9.34 12.21
N THR D 161 -8.27 -8.65 11.10
CA THR D 161 -7.75 -7.28 11.12
C THR D 161 -8.75 -6.20 10.62
N GLY D 162 -9.79 -6.61 9.87
CA GLY D 162 -10.70 -5.67 9.20
C GLY D 162 -10.09 -4.89 8.03
N VAL D 163 -8.88 -5.26 7.61
CA VAL D 163 -8.12 -4.59 6.54
C VAL D 163 -8.19 -5.53 5.31
N ILE D 164 -8.05 -4.94 4.12
CA ILE D 164 -7.96 -5.69 2.88
C ILE D 164 -6.79 -6.68 2.96
N ASP D 165 -7.07 -7.94 2.59
CA ASP D 165 -6.06 -8.99 2.60
C ASP D 165 -5.28 -8.87 1.31
N TYR D 166 -4.25 -8.01 1.33
CA TYR D 166 -3.46 -7.72 0.12
C TYR D 166 -2.68 -8.93 -0.36
N ASP D 167 -2.23 -9.78 0.58
CA ASP D 167 -1.52 -11.01 0.22
C ASP D 167 -2.44 -11.94 -0.53
N MET D 168 -3.69 -12.05 -0.09
CA MET D 168 -4.61 -12.90 -0.80
C MET D 168 -4.98 -12.37 -2.19
N LEU D 169 -5.19 -11.05 -2.30
CA LEU D 169 -5.50 -10.42 -3.57
C LEU D 169 -4.33 -10.61 -4.55
N GLU D 170 -3.12 -10.45 -4.06
CA GLU D 170 -1.93 -10.75 -4.85
C GLU D 170 -2.05 -12.13 -5.55
N LYS D 171 -2.39 -13.15 -4.78
CA LYS D 171 -2.48 -14.52 -5.31
C LYS D 171 -3.68 -14.77 -6.20
N THR D 172 -4.85 -14.27 -5.79
CA THR D 172 -6.07 -14.48 -6.57
C THR D 172 -6.05 -13.66 -7.86
N ALA D 173 -5.46 -12.46 -7.81
CA ALA D 173 -5.30 -11.69 -9.06
C ALA D 173 -4.36 -12.41 -10.03
N ALA D 174 -3.32 -13.07 -9.52
CA ALA D 174 -2.45 -13.87 -10.42
C ALA D 174 -3.22 -15.02 -11.11
N LEU D 175 -4.15 -15.65 -10.39
CA LEU D 175 -4.96 -16.76 -10.94
C LEU D 175 -6.05 -16.28 -11.91
N PHE D 176 -6.81 -15.29 -11.49
CA PHE D 176 -7.98 -14.82 -12.21
C PHE D 176 -7.70 -13.89 -13.37
N ARG D 177 -6.55 -13.24 -13.36
CA ARG D 177 -6.14 -12.34 -14.46
C ARG D 177 -7.17 -11.26 -14.78
N PRO D 178 -7.57 -10.47 -13.77
CA PRO D 178 -8.51 -9.40 -14.08
C PRO D 178 -7.91 -8.43 -15.08
N LYS D 179 -8.74 -7.87 -15.95
CA LYS D 179 -8.37 -6.78 -16.84
C LYS D 179 -8.48 -5.43 -16.09
N LEU D 180 -9.28 -5.41 -15.04
CA LEU D 180 -9.45 -4.21 -14.20
C LEU D 180 -9.55 -4.65 -12.76
N ILE D 181 -8.78 -3.98 -11.90
CA ILE D 181 -8.88 -4.11 -10.48
C ILE D 181 -9.41 -2.76 -9.97
N ILE D 182 -10.46 -2.83 -9.17
CA ILE D 182 -11.08 -1.65 -8.56
C ILE D 182 -10.74 -1.52 -7.07
N ALA D 183 -10.15 -0.39 -6.69
CA ALA D 183 -10.02 -0.02 -5.28
C ALA D 183 -11.13 0.98 -4.90
N GLY D 184 -11.38 1.10 -3.60
CA GLY D 184 -12.48 1.90 -3.09
C GLY D 184 -13.75 1.14 -2.78
N ALA D 185 -14.53 1.69 -1.86
CA ALA D 185 -15.64 0.96 -1.24
C ALA D 185 -16.64 1.89 -0.56
N SER D 186 -17.75 1.28 -0.15
CA SER D 186 -18.88 1.94 0.50
C SER D 186 -18.82 1.89 2.03
N ALA D 187 -18.21 0.83 2.60
CA ALA D 187 -18.11 0.70 4.07
C ALA D 187 -16.74 0.17 4.52
N TYR D 188 -15.67 0.93 4.22
CA TYR D 188 -14.30 0.59 4.57
C TYR D 188 -13.63 1.72 5.38
N PRO D 189 -13.28 1.46 6.66
CA PRO D 189 -12.86 2.52 7.55
C PRO D 189 -11.41 2.98 7.44
N ARG D 190 -10.61 2.36 6.57
CA ARG D 190 -9.20 2.70 6.47
C ARG D 190 -8.82 3.28 5.12
N ASP D 191 -7.67 3.95 5.10
CA ASP D 191 -7.06 4.39 3.86
C ASP D 191 -6.57 3.13 3.10
N ILE D 192 -6.27 3.29 1.81
CA ILE D 192 -5.93 2.18 0.92
C ILE D 192 -4.46 2.22 0.57
N ASP D 193 -3.83 1.06 0.49
CA ASP D 193 -2.43 0.97 0.09
C ASP D 193 -2.39 1.00 -1.44
N TYR D 194 -2.43 2.22 -1.99
CA TYR D 194 -2.44 2.41 -3.45
C TYR D 194 -1.18 1.81 -4.09
N ALA D 195 -0.04 1.93 -3.41
CA ALA D 195 1.23 1.38 -3.94
C ALA D 195 1.16 -0.14 -4.11
N ARG D 196 0.53 -0.81 -3.14
CA ARG D 196 0.31 -2.24 -3.23
C ARG D 196 -0.67 -2.60 -4.36
N PHE D 197 -1.75 -1.83 -4.51
CA PHE D 197 -2.68 -2.04 -5.62
C PHE D 197 -2.01 -1.94 -6.97
N ARG D 198 -1.16 -0.92 -7.13
CA ARG D 198 -0.37 -0.74 -8.35
C ARG D 198 0.52 -1.95 -8.62
N LYS D 199 1.22 -2.40 -7.57
CA LYS D 199 2.10 -3.54 -7.70
C LYS D 199 1.32 -4.74 -8.20
N ILE D 200 0.16 -4.99 -7.57
CA ILE D 200 -0.70 -6.11 -7.96
C ILE D 200 -1.29 -5.97 -9.38
N ALA D 201 -1.80 -4.78 -9.69
CA ALA D 201 -2.28 -4.51 -11.04
C ALA D 201 -1.20 -4.79 -12.08
N ASP D 202 0.00 -4.29 -11.84
CA ASP D 202 1.11 -4.52 -12.77
C ASP D 202 1.49 -5.98 -12.94
N SER D 203 1.32 -6.79 -11.90
CA SER D 203 1.63 -8.23 -11.95
C SER D 203 0.83 -9.00 -12.99
N VAL D 204 -0.36 -8.50 -13.34
CA VAL D 204 -1.20 -9.10 -14.37
C VAL D 204 -1.52 -8.16 -15.57
N GLY D 205 -0.89 -7.00 -15.64
CA GLY D 205 -1.14 -6.04 -16.73
C GLY D 205 -2.53 -5.41 -16.67
N ALA D 206 -3.13 -5.32 -15.48
CA ALA D 206 -4.48 -4.79 -15.35
C ALA D 206 -4.51 -3.27 -15.31
N PHE D 207 -5.63 -2.72 -15.77
CA PHE D 207 -6.02 -1.34 -15.47
C PHE D 207 -6.31 -1.30 -13.96
N LEU D 208 -6.06 -0.13 -13.35
CA LEU D 208 -6.27 0.09 -11.95
C LEU D 208 -7.13 1.34 -11.81
N MET D 209 -8.24 1.18 -11.10
CA MET D 209 -9.22 2.26 -10.93
C MET D 209 -9.43 2.49 -9.44
N MET D 210 -9.53 3.76 -9.03
CA MET D 210 -10.03 4.09 -7.68
C MET D 210 -11.43 4.67 -7.78
N ASP D 211 -12.39 4.08 -7.08
CA ASP D 211 -13.72 4.66 -6.92
C ASP D 211 -13.74 5.41 -5.54
N MET D 212 -13.60 6.72 -5.62
CA MET D 212 -13.50 7.58 -4.43
C MET D 212 -14.81 8.22 -4.00
N ALA D 213 -15.94 7.65 -4.41
CA ALA D 213 -17.25 8.18 -3.99
C ALA D 213 -17.36 8.61 -2.52
N HIS D 214 -16.92 7.77 -1.59
CA HIS D 214 -17.07 8.12 -0.16
C HIS D 214 -16.07 9.09 0.40
N VAL D 215 -14.90 9.19 -0.20
CA VAL D 215 -13.75 9.90 0.35
C VAL D 215 -13.19 11.01 -0.52
N SER D 216 -13.90 11.37 -1.58
CA SER D 216 -13.38 12.38 -2.52
C SER D 216 -13.08 13.73 -1.82
N GLY D 217 -13.97 14.15 -0.95
CA GLY D 217 -13.81 15.44 -0.22
C GLY D 217 -12.56 15.39 0.63
N LEU D 218 -12.36 14.27 1.32
CA LEU D 218 -11.14 14.05 2.10
C LEU D 218 -9.88 14.02 1.26
N ILE D 219 -9.96 13.43 0.06
CA ILE D 219 -8.85 13.46 -0.88
C ILE D 219 -8.59 14.90 -1.41
N ALA D 220 -9.64 15.62 -1.82
CA ALA D 220 -9.47 17.00 -2.28
C ALA D 220 -8.79 17.86 -1.21
N ALA D 221 -9.21 17.69 0.06
CA ALA D 221 -8.65 18.43 1.21
C ALA D 221 -7.31 17.87 1.73
N SER D 222 -6.78 16.84 1.08
CA SER D 222 -5.49 16.23 1.48
C SER D 222 -5.49 15.61 2.88
N VAL D 223 -6.64 15.12 3.32
CA VAL D 223 -6.75 14.43 4.58
C VAL D 223 -6.37 12.95 4.43
N LEU D 224 -6.74 12.36 3.30
CA LEU D 224 -6.34 10.98 2.97
C LEU D 224 -5.35 11.03 1.81
N ALA D 225 -4.74 9.88 1.51
CA ALA D 225 -3.71 9.77 0.50
C ALA D 225 -4.31 10.01 -0.89
N ASP D 226 -3.44 10.35 -1.82
CA ASP D 226 -3.87 10.76 -3.14
C ASP D 226 -3.84 9.57 -4.12
N PRO D 227 -5.03 9.04 -4.54
CA PRO D 227 -5.04 7.90 -5.50
C PRO D 227 -4.43 8.24 -6.88
N PHE D 228 -4.50 9.52 -7.25
CA PHE D 228 -4.06 10.01 -8.55
C PHE D 228 -2.56 9.80 -8.71
N GLU D 229 -1.83 9.68 -7.61
CA GLU D 229 -0.41 9.30 -7.62
C GLU D 229 -0.16 7.87 -8.20
N PHE D 230 -1.13 6.98 -8.04
CA PHE D 230 -0.92 5.57 -8.43
C PHE D 230 -1.85 4.97 -9.49
N VAL D 231 -3.07 5.47 -9.62
CA VAL D 231 -4.08 4.81 -10.44
C VAL D 231 -4.22 5.39 -11.86
N ASP D 232 -4.91 4.65 -12.70
CA ASP D 232 -5.16 5.06 -14.09
C ASP D 232 -6.39 5.95 -14.22
N ILE D 233 -7.43 5.59 -13.48
CA ILE D 233 -8.80 6.12 -13.62
C ILE D 233 -9.39 6.30 -12.20
N VAL D 234 -10.06 7.41 -11.97
CA VAL D 234 -10.71 7.69 -10.70
C VAL D 234 -12.17 8.02 -11.01
N THR D 235 -13.08 7.26 -10.45
CA THR D 235 -14.48 7.62 -10.53
C THR D 235 -14.95 8.12 -9.17
N THR D 236 -16.03 8.89 -9.21
CA THR D 236 -16.63 9.43 -7.98
C THR D 236 -18.07 9.78 -8.22
N THR D 237 -18.82 9.78 -7.13
CA THR D 237 -20.06 10.50 -7.06
C THR D 237 -19.73 11.92 -6.68
N THR D 238 -20.69 12.81 -6.96
CA THR D 238 -20.56 14.23 -6.61
C THR D 238 -21.32 14.63 -5.33
N HIS D 239 -22.37 13.86 -5.02
N HIS D 239 -22.19 13.73 -4.81
CA HIS D 239 -22.93 13.80 -3.70
CA HIS D 239 -23.13 14.04 -3.68
C HIS D 239 -21.99 12.95 -2.88
C HIS D 239 -22.78 13.60 -2.21
N LYS D 240 -22.34 12.77 -1.61
N LYS D 240 -21.76 12.79 -2.03
CA LYS D 240 -21.44 12.19 -0.63
CA LYS D 240 -21.44 12.34 -0.70
C LYS D 240 -20.39 13.24 -0.19
C LYS D 240 -20.39 13.27 -0.10
N SER D 241 -19.14 12.80 -0.02
CA SER D 241 -18.02 13.54 0.57
C SER D 241 -17.77 14.93 -0.02
N LEU D 242 -17.95 15.00 -1.32
CA LEU D 242 -17.78 16.24 -2.07
C LEU D 242 -18.91 17.24 -1.85
N ARG D 243 -20.06 16.76 -1.40
CA ARG D 243 -21.14 17.63 -0.88
C ARG D 243 -21.77 18.42 -2.01
N GLY D 244 -21.82 17.80 -3.17
CA GLY D 244 -22.43 18.39 -4.33
C GLY D 244 -23.79 17.84 -4.68
N PRO D 245 -24.20 18.10 -5.93
CA PRO D 245 -25.44 17.54 -6.41
C PRO D 245 -25.30 16.05 -6.69
N ARG D 246 -26.40 15.40 -7.06
CA ARG D 246 -26.38 13.99 -7.36
C ARG D 246 -25.91 13.84 -8.78
N GLY D 247 -24.69 13.29 -8.95
CA GLY D 247 -24.08 12.99 -10.23
C GLY D 247 -22.75 12.23 -10.10
N GLY D 248 -22.00 12.17 -11.21
CA GLY D 248 -20.72 11.44 -11.28
C GLY D 248 -19.68 12.19 -12.08
N MET D 249 -18.42 11.79 -11.91
CA MET D 249 -17.28 12.26 -12.68
C MET D 249 -16.35 11.05 -12.86
N ILE D 250 -15.68 11.02 -14.02
CA ILE D 250 -14.60 10.12 -14.29
C ILE D 250 -13.32 10.89 -14.65
N PHE D 251 -12.26 10.65 -13.89
CA PHE D 251 -10.93 11.18 -14.18
C PHE D 251 -10.08 10.10 -14.87
N PHE D 252 -9.22 10.50 -15.79
CA PHE D 252 -8.41 9.51 -16.54
C PHE D 252 -7.04 10.05 -16.87
N LYS D 253 -6.04 9.17 -16.87
CA LYS D 253 -4.74 9.57 -17.42
C LYS D 253 -4.91 9.93 -18.90
N LYS D 254 -4.15 10.91 -19.36
CA LYS D 254 -4.10 11.25 -20.78
C LYS D 254 -2.89 10.65 -21.48
N ASP D 255 -1.91 10.14 -20.72
CA ASP D 255 -0.89 9.26 -21.28
C ASP D 255 -1.47 7.86 -21.47
N ALA D 256 -1.09 7.22 -22.59
CA ALA D 256 -1.65 5.93 -22.96
C ALA D 256 -1.40 4.94 -21.82
N VAL D 257 -2.39 4.10 -21.55
CA VAL D 257 -2.28 3.07 -20.52
C VAL D 257 -2.53 1.69 -21.14
N HIS D 258 -1.52 0.82 -21.07
CA HIS D 258 -1.52 -0.46 -21.79
C HIS D 258 -2.02 -0.25 -23.22
N GLY D 259 -1.37 0.68 -23.92
CA GLY D 259 -1.79 1.10 -25.27
C GLY D 259 -3.24 1.53 -25.49
N VAL D 260 -3.90 2.10 -24.47
CA VAL D 260 -5.25 2.62 -24.64
C VAL D 260 -5.26 4.13 -24.37
N ASP D 261 -5.87 4.86 -25.31
CA ASP D 261 -6.17 6.28 -25.14
C ASP D 261 -7.44 6.38 -24.29
N LEU D 262 -7.26 6.47 -22.97
CA LEU D 262 -8.37 6.47 -22.02
C LEU D 262 -9.35 7.62 -22.23
N GLU D 263 -8.84 8.79 -22.64
CA GLU D 263 -9.68 9.95 -22.87
C GLU D 263 -10.74 9.67 -23.93
N SER D 264 -10.29 9.19 -25.08
CA SER D 264 -11.19 8.93 -26.17
C SER D 264 -12.16 7.80 -25.79
N ALA D 265 -11.63 6.73 -25.22
CA ALA D 265 -12.45 5.60 -24.85
C ALA D 265 -13.55 5.98 -23.85
N ILE D 266 -13.18 6.72 -22.78
CA ILE D 266 -14.14 7.06 -21.73
C ILE D 266 -15.15 8.05 -22.27
N ASN D 267 -14.67 9.10 -22.95
CA ASN D 267 -15.61 10.05 -23.54
C ASN D 267 -16.62 9.37 -24.44
N ASN D 268 -16.16 8.54 -25.38
CA ASN D 268 -17.08 7.78 -26.26
C ASN D 268 -18.07 6.83 -25.56
N ALA D 269 -17.64 6.18 -24.48
CA ALA D 269 -18.51 5.30 -23.70
C ALA D 269 -19.63 6.07 -22.98
N VAL D 270 -19.30 7.23 -22.42
CA VAL D 270 -20.33 8.11 -21.80
C VAL D 270 -21.30 8.56 -22.90
N PHE D 271 -20.76 9.11 -23.98
CA PHE D 271 -21.57 9.51 -25.14
C PHE D 271 -20.74 9.33 -26.40
N PRO D 272 -21.27 8.67 -27.45
CA PRO D 272 -22.66 8.13 -27.56
C PRO D 272 -22.92 6.73 -26.94
N GLY D 273 -21.91 6.14 -26.28
CA GLY D 273 -22.02 4.76 -25.79
C GLY D 273 -23.28 4.45 -25.00
N LEU D 274 -23.38 5.03 -23.80
CA LEU D 274 -24.42 4.66 -22.82
C LEU D 274 -25.47 5.73 -22.46
N GLN D 275 -25.11 7.02 -22.52
CA GLN D 275 -25.99 8.14 -22.10
C GLN D 275 -26.34 8.96 -23.34
N GLY D 276 -27.30 9.86 -23.20
CA GLY D 276 -27.57 10.89 -24.20
C GLY D 276 -27.20 12.28 -23.71
N GLY D 277 -28.17 13.20 -23.79
CA GLY D 277 -28.06 14.57 -23.28
C GLY D 277 -27.45 14.65 -21.90
N PRO D 278 -26.37 15.44 -21.75
CA PRO D 278 -25.90 15.77 -20.40
C PRO D 278 -26.98 16.53 -19.59
N HIS D 279 -26.92 16.39 -18.26
CA HIS D 279 -27.83 17.10 -17.35
C HIS D 279 -27.13 18.36 -16.91
N ASN D 280 -27.29 19.42 -17.70
CA ASN D 280 -26.52 20.64 -17.47
C ASN D 280 -26.84 21.39 -16.19
N HIS D 281 -28.08 21.27 -15.72
CA HIS D 281 -28.44 21.69 -14.36
C HIS D 281 -27.56 21.07 -13.28
N THR D 282 -27.33 19.76 -13.41
CA THR D 282 -26.47 19.05 -12.47
C THR D 282 -24.99 19.47 -12.62
N ILE D 283 -24.50 19.65 -13.86
CA ILE D 283 -23.13 20.14 -14.11
C ILE D 283 -22.98 21.55 -13.52
N GLY D 284 -24.05 22.35 -13.55
CA GLY D 284 -24.08 23.67 -12.91
C GLY D 284 -23.84 23.57 -11.42
N GLY D 285 -24.61 22.74 -10.76
CA GLY D 285 -24.39 22.56 -9.33
C GLY D 285 -23.04 21.96 -8.99
N LEU D 286 -22.58 21.04 -9.81
CA LEU D 286 -21.27 20.45 -9.61
C LEU D 286 -20.14 21.52 -9.66
N ALA D 287 -20.23 22.39 -10.65
CA ALA D 287 -19.27 23.48 -10.81
C ALA D 287 -19.24 24.32 -9.52
N VAL D 288 -20.42 24.58 -8.95
CA VAL D 288 -20.51 25.39 -7.71
C VAL D 288 -19.80 24.67 -6.55
N CYS D 289 -20.13 23.39 -6.43
CA CYS D 289 -19.57 22.60 -5.36
C CYS D 289 -18.01 22.45 -5.51
N LEU D 290 -17.51 22.42 -6.76
CA LEU D 290 -16.05 22.29 -6.98
C LEU D 290 -15.25 23.58 -6.71
N LYS D 291 -15.87 24.74 -6.88
CA LYS D 291 -15.33 26.01 -6.39
C LYS D 291 -15.23 25.91 -4.86
N TYR D 292 -16.33 25.57 -4.18
CA TYR D 292 -16.26 25.46 -2.73
C TYR D 292 -15.18 24.48 -2.29
N ALA D 293 -15.08 23.33 -2.97
CA ALA D 293 -14.06 22.30 -2.66
C ALA D 293 -12.58 22.76 -2.66
N GLN D 294 -12.26 23.82 -3.41
CA GLN D 294 -10.89 24.35 -3.41
C GLN D 294 -10.53 25.25 -2.20
N SER D 295 -11.55 25.72 -1.47
CA SER D 295 -11.38 26.73 -0.42
C SER D 295 -10.72 26.23 0.89
N PRO D 296 -10.08 27.15 1.65
CA PRO D 296 -9.66 26.89 3.06
C PRO D 296 -10.75 26.27 3.94
N ASP D 297 -11.99 26.76 3.77
CA ASP D 297 -13.18 26.33 4.53
C ASP D 297 -13.54 24.85 4.33
N PHE D 298 -13.39 24.39 3.11
CA PHE D 298 -13.63 22.99 2.80
C PHE D 298 -12.60 22.12 3.51
N LYS D 299 -11.34 22.52 3.46
CA LYS D 299 -10.23 21.81 4.13
C LYS D 299 -10.48 21.67 5.65
N ASN D 300 -10.87 22.78 6.29
CA ASN D 300 -11.26 22.75 7.70
C ASN D 300 -12.44 21.81 7.98
N TYR D 301 -13.49 21.87 7.14
CA TYR D 301 -14.65 20.97 7.27
C TYR D 301 -14.23 19.49 7.20
N GLN D 302 -13.33 19.16 6.27
CA GLN D 302 -12.90 17.76 6.11
C GLN D 302 -12.03 17.30 7.30
N ASN D 303 -11.18 18.18 7.82
CA ASN D 303 -10.46 17.83 9.03
C ASN D 303 -11.45 17.63 10.19
N GLN D 304 -12.50 18.46 10.26
CA GLN D 304 -13.55 18.30 11.27
C GLN D 304 -14.35 16.99 11.11
N VAL D 305 -14.52 16.56 9.88
CA VAL D 305 -15.16 15.26 9.58
C VAL D 305 -14.46 14.07 10.26
N VAL D 306 -13.14 14.05 10.13
CA VAL D 306 -12.24 13.03 10.65
C VAL D 306 -12.14 13.12 12.19
N ALA D 307 -12.02 14.34 12.71
CA ALA D 307 -11.96 14.57 14.15
C ALA D 307 -13.26 14.12 14.80
N ASN D 308 -14.38 14.50 14.22
CA ASN D 308 -15.71 14.09 14.71
C ASN D 308 -15.95 12.60 14.72
N CYS D 309 -15.53 11.94 13.64
CA CYS D 309 -15.67 10.51 13.54
C CYS D 309 -14.83 9.78 14.63
N ARG D 310 -13.60 10.26 14.84
CA ARG D 310 -12.69 9.78 15.87
C ARG D 310 -13.26 9.97 17.29
N ALA D 311 -13.91 11.12 17.54
CA ALA D 311 -14.62 11.40 18.81
C ALA D 311 -15.75 10.41 19.08
N LEU D 312 -16.57 10.13 18.06
CA LEU D 312 -17.65 9.15 18.19
C LEU D 312 -17.08 7.75 18.41
N ALA D 313 -16.13 7.36 17.56
CA ALA D 313 -15.50 6.05 17.63
C ALA D 313 -14.96 5.79 19.03
N ASN D 314 -14.20 6.76 19.54
CA ASN D 314 -13.57 6.68 20.87
C ASN D 314 -14.57 6.71 22.02
N ARG D 315 -15.69 7.41 21.87
CA ARG D 315 -16.78 7.29 22.85
C ARG D 315 -17.50 5.94 22.76
N LEU D 316 -17.73 5.41 21.56
CA LEU D 316 -18.32 4.08 21.44
C LEU D 316 -17.36 3.00 21.99
N VAL D 317 -16.06 3.28 21.98
CA VAL D 317 -15.06 2.40 22.62
C VAL D 317 -15.18 2.46 24.15
N GLU D 318 -15.27 3.67 24.72
CA GLU D 318 -15.57 3.84 26.15
C GLU D 318 -16.83 3.07 26.56
N HIS D 319 -17.90 3.16 25.77
CA HIS D 319 -19.15 2.38 26.00
C HIS D 319 -19.04 0.90 25.62
N GLU D 320 -17.82 0.49 25.24
CA GLU D 320 -17.41 -0.90 25.06
C GLU D 320 -17.95 -1.58 23.81
N TYR D 321 -18.19 -0.81 22.74
CA TYR D 321 -18.52 -1.40 21.44
C TYR D 321 -17.26 -1.79 20.69
N LYS D 322 -17.39 -2.82 19.87
CA LYS D 322 -16.32 -3.28 18.98
C LYS D 322 -16.47 -2.60 17.61
N LEU D 323 -15.36 -2.02 17.14
CA LEU D 323 -15.30 -1.34 15.83
C LEU D 323 -14.50 -2.19 14.85
N VAL D 324 -15.03 -2.39 13.66
CA VAL D 324 -14.35 -3.21 12.65
C VAL D 324 -13.06 -2.49 12.26
N SER D 325 -11.94 -3.19 12.45
CA SER D 325 -10.58 -2.69 12.24
C SER D 325 -10.03 -1.86 13.40
N GLY D 326 -10.81 -1.72 14.49
CA GLY D 326 -10.35 -1.01 15.69
C GLY D 326 -10.42 0.50 15.62
N GLY D 327 -11.22 1.05 14.72
CA GLY D 327 -11.30 2.49 14.52
C GLY D 327 -11.47 2.82 13.05
N SER D 328 -11.02 4.02 12.69
CA SER D 328 -11.18 4.56 11.34
C SER D 328 -10.09 5.59 11.03
N ASP D 329 -9.71 5.70 9.75
CA ASP D 329 -8.90 6.82 9.27
C ASP D 329 -9.77 7.91 8.59
N ASN D 330 -11.09 7.73 8.55
CA ASN D 330 -11.91 8.52 7.63
C ASN D 330 -13.19 9.03 8.29
N HIS D 331 -14.21 9.20 7.49
CA HIS D 331 -15.50 9.75 7.88
C HIS D 331 -16.47 8.74 8.49
N LEU D 332 -16.22 7.42 8.35
CA LEU D 332 -17.19 6.44 8.86
C LEU D 332 -16.59 5.50 9.93
N VAL D 333 -17.48 4.86 10.70
CA VAL D 333 -17.14 3.71 11.59
C VAL D 333 -18.13 2.61 11.32
N LEU D 334 -17.66 1.38 11.45
CA LEU D 334 -18.50 0.20 11.25
C LEU D 334 -18.50 -0.50 12.61
N VAL D 335 -19.66 -0.48 13.26
CA VAL D 335 -19.75 -1.05 14.60
C VAL D 335 -20.14 -2.51 14.45
N ASP D 336 -19.37 -3.37 15.11
CA ASP D 336 -19.66 -4.79 15.23
C ASP D 336 -20.63 -5.03 16.41
N LEU D 337 -21.89 -5.38 16.11
CA LEU D 337 -22.93 -5.54 17.15
C LEU D 337 -23.14 -6.97 17.63
N ARG D 338 -22.50 -7.95 16.99
CA ARG D 338 -22.63 -9.35 17.44
C ARG D 338 -22.25 -9.57 18.94
N PRO D 339 -21.09 -9.04 19.41
CA PRO D 339 -20.76 -9.09 20.86
C PRO D 339 -21.75 -8.39 21.82
N SER D 340 -22.52 -7.41 21.34
CA SER D 340 -23.64 -6.85 22.10
C SER D 340 -24.88 -7.73 22.06
N GLY D 341 -24.88 -8.74 21.18
CA GLY D 341 -25.91 -9.74 21.13
C GLY D 341 -27.18 -9.25 20.49
N ILE D 342 -27.04 -8.45 19.43
CA ILE D 342 -28.17 -8.09 18.56
C ILE D 342 -27.67 -7.59 17.21
N ASP D 343 -28.49 -7.77 16.18
CA ASP D 343 -28.15 -7.42 14.80
C ASP D 343 -28.45 -5.93 14.43
N GLY D 344 -27.86 -5.48 13.33
CA GLY D 344 -28.03 -4.13 12.83
C GLY D 344 -29.40 -3.76 12.32
N ALA D 345 -30.15 -4.75 11.82
CA ALA D 345 -31.51 -4.55 11.30
C ALA D 345 -32.50 -4.01 12.33
N ARG D 346 -32.49 -4.64 13.51
CA ARG D 346 -33.39 -4.26 14.61
C ARG D 346 -32.98 -2.91 15.20
N VAL D 347 -31.68 -2.73 15.41
CA VAL D 347 -31.12 -1.48 15.92
C VAL D 347 -31.44 -0.27 15.02
N GLU D 348 -31.37 -0.45 13.70
CA GLU D 348 -31.64 0.61 12.73
C GLU D 348 -33.06 1.18 12.87
N LYS D 349 -34.05 0.29 12.92
CA LYS D 349 -35.47 0.71 13.02
C LYS D 349 -35.75 1.50 14.31
N ILE D 350 -35.23 1.01 15.42
CA ILE D 350 -35.43 1.68 16.71
C ILE D 350 -34.73 3.03 16.70
N LEU D 351 -33.50 3.10 16.21
CA LEU D 351 -32.80 4.38 16.15
C LEU D 351 -33.57 5.37 15.26
N ASP D 352 -34.11 4.88 14.16
CA ASP D 352 -34.86 5.74 13.21
C ASP D 352 -36.15 6.28 13.85
N MET D 353 -36.81 5.43 14.64
CA MET D 353 -38.02 5.83 15.36
C MET D 353 -37.73 6.97 16.35
N ALA D 354 -36.50 7.04 16.83
CA ALA D 354 -36.01 8.18 17.62
C ALA D 354 -35.22 9.23 16.84
N SER D 355 -35.41 9.28 15.52
CA SER D 355 -34.77 10.29 14.66
C SER D 355 -33.24 10.19 14.54
N ILE D 356 -32.68 9.02 14.78
CA ILE D 356 -31.25 8.75 14.51
C ILE D 356 -31.24 7.89 13.25
N THR D 357 -30.76 8.44 12.14
CA THR D 357 -30.85 7.72 10.87
C THR D 357 -29.45 7.29 10.53
N LEU D 358 -29.23 6.00 10.58
CA LEU D 358 -28.03 5.37 10.04
C LEU D 358 -28.49 4.14 9.26
N ASN D 359 -27.58 3.22 8.97
CA ASN D 359 -27.99 2.01 8.27
C ASN D 359 -27.35 0.78 8.85
N LYS D 360 -28.10 -0.32 8.79
CA LYS D 360 -27.59 -1.66 9.05
C LYS D 360 -26.55 -1.98 7.99
N ASN D 361 -25.49 -2.63 8.39
CA ASN D 361 -24.39 -2.94 7.51
C ASN D 361 -23.79 -4.28 7.94
N SER D 362 -23.54 -5.18 6.98
CA SER D 362 -22.84 -6.46 7.24
C SER D 362 -21.52 -6.25 7.93
N VAL D 363 -21.05 -7.29 8.61
CA VAL D 363 -19.75 -7.34 9.27
C VAL D 363 -18.95 -8.51 8.68
N PRO D 364 -17.63 -8.33 8.49
CA PRO D 364 -16.82 -9.52 8.20
C PRO D 364 -16.96 -10.54 9.33
N GLY D 365 -17.63 -11.65 9.03
CA GLY D 365 -17.90 -12.70 10.02
C GLY D 365 -19.37 -13.03 10.18
N ASP D 366 -20.28 -12.23 9.62
CA ASP D 366 -21.70 -12.63 9.49
C ASP D 366 -21.78 -14.09 9.04
N LYS D 367 -22.79 -14.81 9.53
CA LYS D 367 -22.98 -16.22 9.19
C LYS D 367 -23.98 -16.27 8.04
N SER D 368 -25.12 -15.61 8.26
CA SER D 368 -26.07 -15.33 7.20
C SER D 368 -25.89 -13.87 6.74
N ALA D 369 -25.89 -13.68 5.43
CA ALA D 369 -25.96 -12.34 4.83
C ALA D 369 -27.40 -11.84 4.75
N LEU D 370 -28.33 -12.60 5.34
CA LEU D 370 -29.69 -12.13 5.63
C LEU D 370 -29.71 -11.25 6.89
N VAL D 371 -28.70 -11.39 7.76
CA VAL D 371 -28.67 -10.72 9.06
C VAL D 371 -27.37 -9.91 9.22
N PRO D 372 -27.46 -8.56 9.08
CA PRO D 372 -26.26 -7.75 9.31
C PRO D 372 -25.93 -7.61 10.78
N GLY D 373 -24.69 -7.94 11.16
CA GLY D 373 -24.26 -7.92 12.55
C GLY D 373 -23.76 -6.57 13.07
N GLY D 374 -23.94 -5.52 12.28
CA GLY D 374 -23.35 -4.21 12.56
C GLY D 374 -24.15 -3.05 12.03
N ILE D 375 -23.59 -1.86 12.24
CA ILE D 375 -24.14 -0.62 11.71
C ILE D 375 -23.02 0.31 11.27
N ARG D 376 -23.30 1.04 10.19
CA ARG D 376 -22.37 2.05 9.69
C ARG D 376 -22.86 3.43 10.12
N ILE D 377 -21.91 4.25 10.54
CA ILE D 377 -22.20 5.58 11.05
C ILE D 377 -21.18 6.54 10.46
N GLY D 378 -21.64 7.66 9.91
CA GLY D 378 -20.75 8.67 9.31
C GLY D 378 -20.97 10.07 9.87
N SER D 379 -19.87 10.84 9.95
CA SER D 379 -19.87 12.24 10.37
C SER D 379 -20.09 13.37 9.33
N PRO D 380 -20.02 13.09 8.00
CA PRO D 380 -20.11 14.23 7.06
C PRO D 380 -21.32 15.16 7.22
N ALA D 381 -22.52 14.59 7.35
CA ALA D 381 -23.75 15.38 7.28
C ALA D 381 -23.89 16.32 8.49
N MET D 382 -23.72 15.74 9.67
CA MET D 382 -23.84 16.53 10.89
C MET D 382 -22.65 17.45 11.06
N THR D 383 -21.49 17.07 10.53
CA THR D 383 -20.33 17.97 10.55
C THR D 383 -20.63 19.25 9.73
N THR D 384 -21.33 19.06 8.60
CA THR D 384 -21.72 20.18 7.75
C THR D 384 -22.62 21.19 8.50
N ARG D 385 -23.52 20.67 9.32
CA ARG D 385 -24.46 21.51 10.12
C ARG D 385 -23.80 22.29 11.26
N GLY D 386 -22.55 21.97 11.59
CA GLY D 386 -21.76 22.73 12.58
C GLY D 386 -21.36 21.96 13.81
N LEU D 387 -21.70 20.69 13.92
CA LEU D 387 -21.35 19.92 15.14
C LEU D 387 -19.85 19.68 15.27
N GLY D 388 -19.39 19.73 16.54
CA GLY D 388 -18.02 19.44 16.89
C GLY D 388 -17.89 18.08 17.57
N GLU D 389 -16.73 17.93 18.22
CA GLU D 389 -16.37 16.65 18.82
C GLU D 389 -17.22 16.30 20.04
N LYS D 390 -17.49 17.27 20.93
CA LYS D 390 -18.37 17.07 22.12
C LYS D 390 -19.73 16.52 21.73
N GLU D 391 -20.29 17.10 20.67
CA GLU D 391 -21.60 16.70 20.17
C GLU D 391 -21.52 15.29 19.57
N PHE D 392 -20.41 14.97 18.91
CA PHE D 392 -20.25 13.59 18.42
C PHE D 392 -20.05 12.57 19.54
N GLU D 393 -19.47 13.02 20.65
CA GLU D 393 -19.44 12.24 21.90
C GLU D 393 -20.87 12.05 22.43
N LEU D 394 -21.64 13.13 22.48
CA LEU D 394 -23.06 13.03 22.80
C LEU D 394 -23.85 12.11 21.85
N ILE D 395 -23.61 12.21 20.54
CA ILE D 395 -24.23 11.29 19.59
C ILE D 395 -23.95 9.82 19.95
N ALA D 396 -22.67 9.54 20.21
CA ALA D 396 -22.22 8.22 20.69
C ALA D 396 -23.02 7.72 21.89
N ASP D 397 -23.28 8.60 22.87
CA ASP D 397 -24.13 8.25 24.03
C ASP D 397 -25.57 7.99 23.60
N LEU D 398 -26.06 8.77 22.63
CA LEU D 398 -27.45 8.65 22.20
C LEU D 398 -27.69 7.35 21.45
N ILE D 399 -26.73 6.99 20.58
CA ILE D 399 -26.74 5.69 19.91
C ILE D 399 -26.74 4.58 20.95
N HIS D 400 -25.81 4.67 21.88
CA HIS D 400 -25.72 3.73 23.02
C HIS D 400 -27.09 3.50 23.69
N GLU D 401 -27.76 4.60 24.02
CA GLU D 401 -29.13 4.57 24.58
C GLU D 401 -30.12 3.84 23.67
N GLY D 402 -30.07 4.12 22.37
CA GLY D 402 -30.94 3.44 21.43
C GLY D 402 -30.67 1.96 21.24
N VAL D 403 -29.41 1.57 21.29
CA VAL D 403 -29.03 0.14 21.30
C VAL D 403 -29.62 -0.57 22.55
N ARG D 404 -29.46 0.05 23.71
CA ARG D 404 -30.08 -0.46 24.96
C ARG D 404 -31.60 -0.62 24.83
N ILE D 405 -32.26 0.31 24.15
CA ILE D 405 -33.70 0.20 23.90
C ILE D 405 -34.00 -0.93 22.93
N SER D 406 -33.17 -1.08 21.90
CA SER D 406 -33.35 -2.14 20.91
C SER D 406 -33.26 -3.52 21.52
N LEU D 407 -32.28 -3.71 22.41
CA LEU D 407 -32.14 -4.97 23.18
C LEU D 407 -33.33 -5.23 24.08
N GLU D 408 -33.75 -4.21 24.83
CA GLU D 408 -34.96 -4.29 25.68
C GLU D 408 -36.21 -4.52 24.83
N ALA D 409 -36.26 -3.87 23.67
CA ALA D 409 -37.33 -4.10 22.71
C ALA D 409 -37.30 -5.53 22.16
N LYS D 410 -36.10 -6.05 21.92
CA LYS D 410 -35.94 -7.43 21.48
C LYS D 410 -36.28 -8.40 22.59
N SER D 411 -35.94 -8.03 23.83
CA SER D 411 -36.24 -8.84 25.01
C SER D 411 -37.76 -9.05 25.16
N LEU D 412 -38.54 -8.01 24.85
CA LEU D 412 -40.00 -8.06 24.94
C LEU D 412 -40.69 -8.69 23.69
N VAL D 413 -39.99 -9.56 22.95
CA VAL D 413 -40.50 -10.14 21.69
C VAL D 413 -39.95 -11.56 21.55
N SER D 414 -40.77 -12.48 21.02
CA SER D 414 -40.28 -13.78 20.54
C SER D 414 -41.14 -14.26 19.36
N VAL D 418 -38.70 -13.94 11.31
CA VAL D 418 -38.61 -13.09 12.49
C VAL D 418 -38.46 -11.59 12.09
N GLN D 419 -39.43 -11.09 11.33
CA GLN D 419 -39.66 -9.64 11.21
C GLN D 419 -40.76 -9.17 12.21
N ASP D 420 -41.00 -9.99 13.25
CA ASP D 420 -42.09 -9.72 14.20
C ASP D 420 -41.78 -8.50 15.06
N PHE D 421 -40.49 -8.30 15.33
CA PHE D 421 -39.95 -7.04 15.86
C PHE D 421 -40.63 -5.80 15.26
N LEU D 422 -40.80 -5.81 13.93
CA LEU D 422 -41.45 -4.70 13.20
C LEU D 422 -42.97 -4.61 13.35
N ASN D 423 -43.65 -5.74 13.62
CA ASN D 423 -45.06 -5.70 14.02
C ASN D 423 -45.26 -5.02 15.36
N PHE D 424 -44.39 -5.37 16.31
CA PHE D 424 -44.51 -4.94 17.70
C PHE D 424 -44.18 -3.46 17.92
N VAL D 425 -43.09 -3.00 17.30
CA VAL D 425 -42.67 -1.59 17.42
C VAL D 425 -43.62 -0.65 16.66
N LEU D 426 -44.23 -1.16 15.59
CA LEU D 426 -45.28 -0.49 14.85
C LEU D 426 -46.58 -1.24 15.12
N PHE D 430 -47.55 -0.62 21.99
CA PHE D 430 -46.10 -0.69 22.13
C PHE D 430 -45.70 -0.09 23.49
N PRO D 431 -45.09 -0.91 24.38
CA PRO D 431 -44.76 -0.46 25.73
C PRO D 431 -43.62 0.54 25.79
N LEU D 432 -42.57 0.34 24.98
CA LEU D 432 -41.35 1.16 25.07
C LEU D 432 -41.44 2.51 24.35
N GLY D 433 -42.61 2.86 23.80
CA GLY D 433 -42.85 4.17 23.18
C GLY D 433 -42.32 5.35 23.98
N ASP D 434 -42.44 5.26 25.31
CA ASP D 434 -41.97 6.29 26.24
C ASP D 434 -40.45 6.48 26.19
N LYS D 435 -39.70 5.39 26.15
CA LYS D 435 -38.22 5.48 26.11
C LYS D 435 -37.71 5.90 24.71
N VAL D 436 -38.40 5.42 23.68
CA VAL D 436 -38.16 5.84 22.28
C VAL D 436 -38.40 7.34 22.14
N SER D 437 -39.56 7.79 22.61
CA SER D 437 -39.91 9.22 22.63
C SER D 437 -38.97 10.10 23.48
N ASN D 438 -38.50 9.55 24.61
CA ASN D 438 -37.50 10.21 25.48
C ASN D 438 -36.11 10.33 24.80
N LEU D 439 -35.66 9.24 24.20
CA LEU D 439 -34.50 9.30 23.28
C LEU D 439 -34.72 10.37 22.20
N ARG D 440 -35.84 10.27 21.47
CA ARG D 440 -36.16 11.23 20.39
C ARG D 440 -36.06 12.70 20.83
N ARG D 441 -36.61 13.03 22.00
CA ARG D 441 -36.58 14.42 22.50
C ARG D 441 -35.14 14.94 22.62
N LYS D 442 -34.22 14.11 23.11
CA LYS D 442 -32.82 14.53 23.27
C LYS D 442 -32.08 14.61 21.93
N VAL D 443 -32.34 13.62 21.08
CA VAL D 443 -31.87 13.61 19.70
C VAL D 443 -32.24 14.94 19.03
N GLU D 444 -33.53 15.23 18.99
CA GLU D 444 -34.04 16.43 18.30
C GLU D 444 -33.59 17.72 18.98
N ALA D 445 -33.48 17.69 20.32
CA ALA D 445 -32.92 18.80 21.08
C ALA D 445 -31.48 19.19 20.70
N LEU D 446 -30.65 18.19 20.33
CA LEU D 446 -29.27 18.43 19.87
C LEU D 446 -29.28 18.98 18.43
N ALA D 447 -30.01 18.29 17.55
CA ALA D 447 -29.99 18.59 16.10
C ALA D 447 -30.53 19.96 15.75
N THR D 448 -31.67 20.33 16.36
CA THR D 448 -32.35 21.59 16.02
C THR D 448 -31.61 22.83 16.54
N GLN D 449 -30.53 22.66 17.29
CA GLN D 449 -29.63 23.75 17.66
C GLN D 449 -28.76 24.26 16.53
N TYR D 450 -28.68 23.50 15.44
CA TYR D 450 -27.80 23.83 14.34
C TYR D 450 -28.59 24.25 13.09
N PRO D 451 -27.96 25.13 12.27
CA PRO D 451 -28.49 25.41 10.93
C PRO D 451 -28.36 24.17 10.02
N ILE D 452 -29.09 24.21 8.90
CA ILE D 452 -29.01 23.21 7.82
C ILE D 452 -28.92 24.03 6.49
N PRO D 453 -27.98 23.67 5.59
CA PRO D 453 -27.93 24.43 4.34
C PRO D 453 -29.04 24.05 3.36
N GLY D 454 -29.19 24.85 2.33
CA GLY D 454 -30.21 24.59 1.31
C GLY D 454 -31.14 25.76 1.13
N VAL D 455 -32.01 25.65 0.12
CA VAL D 455 -32.95 26.73 -0.20
C VAL D 455 -34.01 26.89 0.87
N LEU E 5 2.85 49.87 59.33
CA LEU E 5 3.67 51.05 58.93
C LEU E 5 4.29 50.85 57.55
N ASP E 6 3.46 51.13 56.55
CA ASP E 6 3.82 50.98 55.17
C ASP E 6 4.49 52.26 54.63
N TYR E 7 5.72 52.49 55.09
CA TYR E 7 6.49 53.68 54.73
C TYR E 7 6.78 53.80 53.24
N GLY E 8 6.93 55.03 52.78
CA GLY E 8 7.52 55.27 51.47
C GLY E 8 8.98 54.81 51.46
N LEU E 9 9.50 54.61 50.27
CA LEU E 9 10.89 54.16 50.09
C LEU E 9 11.93 55.02 50.82
N SER E 10 11.80 56.34 50.69
CA SER E 10 12.73 57.29 51.35
C SER E 10 12.87 57.06 52.86
N GLU E 11 11.81 56.64 53.53
CA GLU E 11 11.88 56.27 54.95
C GLU E 11 12.24 54.81 55.16
N ALA E 12 11.56 53.91 54.43
CA ALA E 12 11.74 52.48 54.68
C ALA E 12 13.18 52.04 54.38
N ASP E 13 13.82 52.70 53.41
CA ASP E 13 15.14 52.25 52.94
C ASP E 13 15.91 53.38 52.31
N PRO E 14 16.47 54.27 53.15
CA PRO E 14 17.17 55.46 52.64
C PRO E 14 18.36 55.12 51.75
N ASP E 15 19.03 53.99 52.00
CA ASP E 15 20.20 53.67 51.19
C ASP E 15 19.72 53.40 49.75
N VAL E 16 18.66 52.62 49.60
CA VAL E 16 18.17 52.25 48.24
C VAL E 16 17.56 53.50 47.58
N HIS E 17 16.82 54.28 48.37
CA HIS E 17 16.30 55.55 47.85
C HIS E 17 17.40 56.43 47.28
N ALA E 18 18.49 56.57 48.03
CA ALA E 18 19.62 57.37 47.55
C ALA E 18 20.28 56.80 46.29
N ILE E 19 20.41 55.48 46.21
CA ILE E 19 21.00 54.88 44.98
C ILE E 19 20.13 55.18 43.74
N ILE E 20 18.82 55.03 43.89
CA ILE E 20 17.89 55.34 42.80
C ILE E 20 18.00 56.77 42.35
N ASN E 21 18.09 57.72 43.29
CA ASN E 21 18.30 59.12 42.91
C ASN E 21 19.61 59.38 42.22
N LYS E 22 20.69 58.77 42.69
CA LYS E 22 21.94 58.83 41.96
C LYS E 22 21.78 58.32 40.50
N GLU E 23 21.06 57.22 40.30
CA GLU E 23 20.85 56.69 38.95
C GLU E 23 19.97 57.58 38.07
N LYS E 24 18.96 58.20 38.67
CA LYS E 24 18.10 59.11 37.93
C LYS E 24 18.91 60.31 37.46
N ASP E 25 19.78 60.76 38.34
CA ASP E 25 20.66 61.86 38.04
C ASP E 25 21.75 61.51 36.98
N ARG E 26 22.35 60.33 37.08
CA ARG E 26 23.23 59.84 36.00
C ARG E 26 22.53 59.77 34.63
N GLN E 27 21.31 59.22 34.59
CA GLN E 27 20.51 59.18 33.34
C GLN E 27 20.23 60.57 32.76
N PHE E 28 19.91 61.51 33.64
CA PHE E 28 19.61 62.86 33.23
C PHE E 28 20.81 63.57 32.63
N ARG E 29 21.99 63.42 33.22
CA ARG E 29 23.17 64.19 32.77
C ARG E 29 24.06 63.50 31.70
N SER E 30 23.69 62.31 31.29
CA SER E 30 24.48 61.52 30.34
C SER E 30 23.86 61.50 28.96
N LEU E 31 24.69 61.19 27.97
CA LEU E 31 24.20 60.85 26.65
C LEU E 31 24.16 59.32 26.63
N GLU E 32 22.95 58.78 26.68
CA GLU E 32 22.74 57.34 26.59
C GLU E 32 22.66 56.92 25.13
N LEU E 33 23.75 56.31 24.63
CA LEU E 33 23.86 55.88 23.24
C LEU E 33 23.97 54.34 23.06
N ILE E 34 23.60 53.61 24.09
CA ILE E 34 23.50 52.16 24.00
C ILE E 34 22.25 51.82 23.22
N ALA E 35 22.44 51.10 22.11
CA ALA E 35 21.37 50.90 21.10
C ALA E 35 20.22 50.08 21.61
N SER E 36 20.45 49.28 22.64
CA SER E 36 19.40 48.49 23.26
C SER E 36 18.71 49.23 24.42
N GLU E 37 19.12 50.47 24.73
CA GLU E 37 18.55 51.16 25.90
C GLU E 37 17.49 52.14 25.44
N ASN E 38 16.60 52.49 26.36
CA ASN E 38 15.60 53.50 26.13
C ASN E 38 15.14 54.03 27.50
N PHE E 39 14.22 54.99 27.46
CA PHE E 39 13.60 55.56 28.68
C PHE E 39 12.12 55.30 28.64
N THR E 40 11.61 54.46 29.53
CA THR E 40 10.18 54.17 29.52
C THR E 40 9.41 55.30 30.25
N SER E 41 8.11 55.33 30.02
CA SER E 41 7.28 56.46 30.40
C SER E 41 6.87 56.36 31.86
N LYS E 42 6.43 57.50 32.40
CA LYS E 42 5.84 57.51 33.72
C LYS E 42 4.69 56.50 33.81
N ALA E 43 3.85 56.45 32.77
CA ALA E 43 2.63 55.63 32.79
C ALA E 43 2.98 54.12 32.87
N VAL E 44 4.03 53.74 32.18
CA VAL E 44 4.49 52.33 32.26
C VAL E 44 4.98 51.99 33.67
N MET E 45 5.90 52.84 34.16
CA MET E 45 6.44 52.73 35.51
C MET E 45 5.35 52.63 36.56
N GLU E 46 4.29 53.44 36.40
CA GLU E 46 3.19 53.44 37.40
C GLU E 46 2.44 52.11 37.38
N ALA E 47 2.21 51.55 36.19
CA ALA E 47 1.60 50.20 36.07
C ALA E 47 2.48 49.10 36.64
N VAL E 48 3.77 49.18 36.36
CA VAL E 48 4.73 48.20 36.84
C VAL E 48 4.91 48.28 38.36
N GLY E 49 4.85 49.49 38.92
CA GLY E 49 4.96 49.68 40.37
C GLY E 49 3.64 49.66 41.11
N SER E 50 2.70 48.80 40.68
CA SER E 50 1.32 48.80 41.20
C SER E 50 0.99 47.45 41.86
N CYS E 51 -0.26 47.31 42.31
CA CYS E 51 -0.73 46.12 43.07
C CYS E 51 -0.88 44.86 42.25
N LEU E 52 -0.74 45.02 40.93
CA LEU E 52 -0.71 43.88 40.02
C LEU E 52 0.33 42.85 40.38
N THR E 53 1.43 43.28 41.00
CA THR E 53 2.51 42.36 41.41
C THR E 53 2.13 41.25 42.43
N ASN E 54 1.05 41.48 43.17
CA ASN E 54 0.51 40.55 44.17
C ASN E 54 -0.25 39.29 43.65
N LYS E 55 -0.67 39.26 42.38
CA LYS E 55 -1.57 38.18 41.91
C LYS E 55 -0.88 36.96 41.24
N TYR E 56 -1.20 35.74 41.70
CA TYR E 56 -0.87 34.46 40.99
C TYR E 56 -1.98 34.06 40.02
N SER E 57 -1.61 33.80 38.78
CA SER E 57 -2.58 33.58 37.73
C SER E 57 -2.00 32.63 36.66
N GLU E 58 -1.44 31.51 37.13
CA GLU E 58 -0.93 30.48 36.23
C GLU E 58 -2.06 30.04 35.30
N GLY E 59 -1.69 29.85 34.03
CA GLY E 59 -2.65 29.52 32.98
C GLY E 59 -2.82 30.68 32.02
N LEU E 60 -3.95 30.68 31.34
CA LEU E 60 -4.33 31.71 30.36
C LEU E 60 -5.69 32.33 30.74
N PRO E 61 -6.13 33.38 30.01
CA PRO E 61 -7.42 34.00 30.37
C PRO E 61 -8.63 33.06 30.28
N GLY E 62 -9.46 33.06 31.32
CA GLY E 62 -10.55 32.09 31.46
C GLY E 62 -10.02 30.79 32.08
N LYS E 63 -9.24 30.03 31.31
CA LYS E 63 -8.65 28.78 31.81
C LYS E 63 -7.40 28.97 32.70
N ARG E 64 -7.66 29.47 33.92
CA ARG E 64 -6.65 29.62 34.99
C ARG E 64 -6.72 28.42 35.93
N TYR E 65 -5.77 28.39 36.87
CA TYR E 65 -5.73 27.41 37.94
C TYR E 65 -6.32 27.95 39.26
N TYR E 66 -6.16 29.25 39.51
CA TYR E 66 -6.62 29.86 40.76
C TYR E 66 -7.93 30.65 40.56
N GLY E 67 -8.48 31.11 41.67
CA GLY E 67 -9.60 32.06 41.67
C GLY E 67 -9.13 33.52 41.73
N GLY E 68 -10.09 34.44 41.71
CA GLY E 68 -9.86 35.88 41.90
C GLY E 68 -9.18 36.58 40.73
N ASN E 69 -9.27 35.98 39.53
CA ASN E 69 -8.52 36.47 38.35
C ASN E 69 -9.34 37.21 37.25
N GLU E 70 -10.60 37.57 37.54
CA GLU E 70 -11.49 38.28 36.55
C GLU E 70 -10.86 39.55 35.95
N HIS E 71 -10.15 40.33 36.78
CA HIS E 71 -9.50 41.60 36.35
C HIS E 71 -8.14 41.34 35.71
N ILE E 72 -7.36 40.44 36.31
CA ILE E 72 -6.12 39.97 35.67
C ILE E 72 -6.40 39.47 34.25
N ASP E 73 -7.50 38.72 34.06
CA ASP E 73 -7.92 38.21 32.74
C ASP E 73 -8.28 39.33 31.78
N GLU E 74 -9.05 40.31 32.25
CA GLU E 74 -9.40 41.43 31.36
C GLU E 74 -8.14 42.14 30.88
N LEU E 75 -7.18 42.32 31.77
CA LEU E 75 -5.93 43.00 31.45
C LEU E 75 -5.10 42.19 30.46
N GLU E 76 -4.99 40.89 30.66
CA GLU E 76 -4.14 40.07 29.77
C GLU E 76 -4.77 40.03 28.37
N ILE E 77 -6.09 39.91 28.30
CA ILE E 77 -6.78 39.99 27.01
C ILE E 77 -6.61 41.36 26.32
N LEU E 78 -6.76 42.43 27.09
CA LEU E 78 -6.53 43.76 26.53
C LEU E 78 -5.10 43.88 25.98
N CYS E 79 -4.14 43.39 26.77
CA CYS E 79 -2.74 43.43 26.38
C CYS E 79 -2.51 42.63 25.08
N GLN E 80 -3.12 41.45 24.99
CA GLN E 80 -3.04 40.61 23.78
C GLN E 80 -3.57 41.34 22.55
N GLN E 81 -4.76 41.91 22.68
N GLN E 81 -4.79 41.88 22.72
CA GLN E 81 -5.42 42.58 21.57
CA GLN E 81 -5.48 42.69 21.69
C GLN E 81 -4.64 43.83 21.13
C GLN E 81 -4.59 43.78 21.15
N ARG E 82 -4.04 44.56 22.07
CA ARG E 82 -3.19 45.69 21.71
C ARG E 82 -1.88 45.29 21.01
N ALA E 83 -1.30 44.16 21.41
CA ALA E 83 -0.10 43.67 20.75
C ALA E 83 -0.40 43.35 19.30
N LEU E 84 -1.50 42.64 19.06
CA LEU E 84 -1.90 42.31 17.68
C LEU E 84 -2.18 43.58 16.89
N ALA E 85 -2.94 44.51 17.49
CA ALA E 85 -3.23 45.77 16.82
C ALA E 85 -1.96 46.54 16.49
N ALA E 86 -1.01 46.54 17.44
CA ALA E 86 0.20 47.31 17.29
C ALA E 86 1.04 46.85 16.11
N PHE E 87 0.97 45.55 15.81
CA PHE E 87 1.70 44.99 14.68
C PHE E 87 0.80 44.69 13.47
N HIS E 88 -0.40 45.27 13.47
CA HIS E 88 -1.36 45.21 12.36
C HIS E 88 -1.74 43.79 11.94
N LEU E 89 -2.03 42.97 12.94
CA LEU E 89 -2.26 41.56 12.73
C LEU E 89 -3.72 41.20 12.87
N ASP E 90 -4.14 40.33 11.97
CA ASP E 90 -5.41 39.67 12.02
C ASP E 90 -5.37 38.60 13.11
N GLY E 91 -6.22 38.74 14.13
CA GLY E 91 -6.38 37.77 15.22
C GLY E 91 -6.76 36.35 14.82
N ASP E 92 -7.29 36.21 13.60
CA ASP E 92 -7.54 34.89 13.01
C ASP E 92 -6.31 34.20 12.49
N LYS E 93 -5.32 34.96 12.05
CA LYS E 93 -4.10 34.36 11.54
C LYS E 93 -3.00 34.31 12.56
N TRP E 94 -3.06 35.18 13.58
CA TRP E 94 -1.96 35.33 14.51
C TRP E 94 -2.43 35.38 15.95
N GLY E 95 -1.68 34.69 16.79
CA GLY E 95 -1.87 34.71 18.22
C GLY E 95 -0.64 35.28 18.89
N VAL E 96 -0.75 35.57 20.19
CA VAL E 96 0.34 36.16 20.95
C VAL E 96 0.31 35.68 22.38
N ASN E 97 1.49 35.48 22.95
CA ASN E 97 1.63 35.17 24.39
C ASN E 97 2.44 36.32 24.99
N VAL E 98 1.84 36.97 25.99
CA VAL E 98 2.37 38.19 26.58
C VAL E 98 3.03 37.92 27.94
N GLN E 99 3.14 36.64 28.32
CA GLN E 99 3.73 36.24 29.59
C GLN E 99 5.24 36.05 29.68
N PRO E 100 6.00 35.88 28.56
CA PRO E 100 7.46 35.69 28.78
C PRO E 100 8.14 36.80 29.61
N LEU E 101 9.07 36.42 30.50
CA LEU E 101 9.60 37.36 31.49
C LEU E 101 10.67 38.25 30.91
N SER E 102 11.26 37.83 29.79
CA SER E 102 12.23 38.64 29.09
C SER E 102 12.44 38.06 27.68
N GLY E 103 13.35 38.64 26.94
CA GLY E 103 13.62 38.16 25.59
C GLY E 103 14.20 36.74 25.55
N SER E 104 15.18 36.49 26.41
CA SER E 104 15.88 35.20 26.50
C SER E 104 14.87 34.05 26.78
N PRO E 105 14.04 34.18 27.82
CA PRO E 105 13.03 33.12 28.02
C PRO E 105 11.93 33.03 26.97
N ALA E 106 11.65 34.12 26.27
CA ALA E 106 10.72 34.03 25.15
C ALA E 106 11.28 33.10 24.10
N ASN E 107 12.53 33.32 23.73
CA ASN E 107 13.19 32.50 22.72
C ASN E 107 13.25 31.03 23.17
N PHE E 108 13.53 30.81 24.46
CA PHE E 108 13.73 29.44 24.94
C PHE E 108 12.42 28.68 24.96
N ALA E 109 11.33 29.39 25.24
CA ALA E 109 9.98 28.80 25.19
C ALA E 109 9.57 28.38 23.78
N VAL E 110 9.92 29.16 22.76
CA VAL E 110 9.70 28.76 21.34
C VAL E 110 10.45 27.44 21.07
N TYR E 111 11.73 27.38 21.39
CA TYR E 111 12.54 26.20 21.11
C TYR E 111 11.87 24.98 21.79
N THR E 112 11.47 25.17 23.04
CA THR E 112 10.88 24.11 23.80
C THR E 112 9.56 23.69 23.17
N ALA E 113 8.77 24.65 22.68
CA ALA E 113 7.51 24.34 22.01
C ALA E 113 7.61 23.50 20.75
N ILE E 114 8.56 23.82 19.87
CA ILE E 114 8.59 23.26 18.54
C ILE E 114 9.74 22.30 18.25
N LEU E 115 10.71 22.23 19.16
CA LEU E 115 11.89 21.40 18.97
C LEU E 115 11.99 20.38 20.09
N LYS E 116 12.63 19.26 19.76
CA LYS E 116 13.07 18.31 20.75
C LYS E 116 14.49 18.65 21.18
N PRO E 117 14.92 18.18 22.35
CA PRO E 117 16.31 18.38 22.76
C PRO E 117 17.29 17.89 21.71
N HIS E 118 18.36 18.66 21.51
CA HIS E 118 19.34 18.38 20.48
C HIS E 118 18.91 18.64 19.04
N ASP E 119 17.68 19.13 18.80
CA ASP E 119 17.33 19.58 17.45
C ASP E 119 18.17 20.76 17.02
N ARG E 120 18.28 20.95 15.71
CA ARG E 120 19.23 21.85 15.13
C ARG E 120 18.63 23.24 14.92
N ILE E 121 19.43 24.25 15.23
CA ILE E 121 19.07 25.69 15.17
C ILE E 121 20.22 26.47 14.51
N MET E 122 19.90 27.43 13.63
CA MET E 122 20.88 28.32 13.07
C MET E 122 20.45 29.78 13.32
N GLY E 123 21.43 30.58 13.75
CA GLY E 123 21.23 31.99 14.09
C GLY E 123 22.46 32.73 13.68
N LEU E 124 22.36 34.07 13.58
CA LEU E 124 23.54 34.89 13.31
C LEU E 124 24.62 34.69 14.36
N ASP E 125 25.85 34.55 13.90
CA ASP E 125 26.99 34.32 14.79
C ASP E 125 27.12 35.47 15.79
N LEU E 126 27.41 35.14 17.04
CA LEU E 126 27.59 36.16 18.07
C LEU E 126 28.64 37.25 17.72
N PRO E 127 29.88 36.86 17.34
CA PRO E 127 30.84 37.90 16.95
C PRO E 127 30.47 38.72 15.69
N HIS E 128 29.45 38.29 14.94
CA HIS E 128 28.91 39.05 13.81
C HIS E 128 27.58 39.77 14.13
N GLY E 129 27.31 40.00 15.42
CA GLY E 129 26.18 40.80 15.89
C GLY E 129 24.95 40.02 16.34
N GLY E 130 25.10 38.70 16.48
CA GLY E 130 24.03 37.86 16.96
C GLY E 130 23.75 38.06 18.45
N HIS E 131 22.80 37.28 18.96
CA HIS E 131 22.48 37.25 20.37
C HIS E 131 22.77 35.88 20.95
N LEU E 132 23.25 35.85 22.21
CA LEU E 132 23.58 34.60 22.92
C LEU E 132 22.45 33.59 22.90
N SER E 133 21.21 34.06 23.06
CA SER E 133 20.04 33.20 23.11
C SER E 133 19.75 32.38 21.84
N HIS E 134 20.33 32.78 20.71
CA HIS E 134 20.21 32.03 19.46
C HIS E 134 21.28 30.94 19.31
N GLY E 135 22.20 30.86 20.29
CA GLY E 135 23.24 29.84 20.36
C GLY E 135 24.62 30.46 20.37
N PHE E 136 25.51 29.84 21.12
CA PHE E 136 26.92 30.23 21.10
C PHE E 136 27.76 29.19 21.78
N MET E 137 28.80 28.77 21.05
CA MET E 137 29.79 27.81 21.54
C MET E 137 31.19 28.31 21.22
N THR E 138 32.09 28.21 22.20
CA THR E 138 33.52 28.34 21.96
C THR E 138 34.11 26.95 21.76
N ALA E 139 35.41 26.91 21.47
CA ALA E 139 36.17 25.67 21.35
C ALA E 139 36.02 24.78 22.59
N LYS E 140 36.16 25.40 23.75
CA LYS E 140 36.17 24.69 25.03
C LYS E 140 34.80 24.57 25.73
N ARG E 141 33.81 25.42 25.40
CA ARG E 141 32.48 25.27 26.02
C ARG E 141 31.22 25.75 25.25
N ARG E 142 30.10 25.20 25.69
CA ARG E 142 28.78 25.55 25.24
C ARG E 142 28.30 26.71 26.14
N VAL E 143 28.42 27.93 25.65
CA VAL E 143 28.26 29.12 26.53
C VAL E 143 26.80 29.43 26.78
N SER E 144 26.03 29.44 25.71
CA SER E 144 24.60 29.64 25.77
C SER E 144 23.84 28.38 26.14
N GLY E 145 22.82 28.53 26.99
CA GLY E 145 21.86 27.46 27.30
C GLY E 145 21.22 26.87 26.04
N THR E 146 21.00 27.72 25.06
CA THR E 146 20.50 27.27 23.78
C THR E 146 21.43 26.20 23.12
N SER E 147 22.73 26.41 23.25
CA SER E 147 23.75 25.50 22.75
C SER E 147 23.93 24.21 23.60
N ILE E 148 23.40 24.20 24.81
CA ILE E 148 23.47 23.05 25.69
C ILE E 148 22.31 22.14 25.34
N TYR E 149 21.10 22.70 25.29
CA TYR E 149 19.90 21.90 25.11
C TYR E 149 19.57 21.58 23.64
N PHE E 150 20.22 22.29 22.71
CA PHE E 150 19.96 22.19 21.28
C PHE E 150 21.26 22.31 20.59
N GLU E 151 21.25 21.95 19.31
CA GLU E 151 22.44 21.92 18.50
C GLU E 151 22.46 23.12 17.57
N SER E 152 23.31 24.07 17.91
CA SER E 152 23.34 25.35 17.22
C SER E 152 24.56 25.42 16.29
N MET E 153 24.35 26.03 15.15
CA MET E 153 25.42 26.39 14.22
C MET E 153 25.14 27.78 13.65
N PRO E 154 26.15 28.65 13.64
CA PRO E 154 25.92 30.03 13.21
C PRO E 154 25.87 30.19 11.71
N TYR E 155 25.22 31.26 11.27
CA TYR E 155 25.51 31.80 9.96
C TYR E 155 26.19 33.14 10.13
N ARG E 156 26.99 33.50 9.13
CA ARG E 156 27.89 34.64 9.21
C ARG E 156 27.55 35.72 8.19
N LEU E 157 28.09 36.89 8.44
CA LEU E 157 28.20 37.98 7.46
C LEU E 157 29.24 37.65 6.38
N ASP E 158 29.00 38.22 5.20
CA ASP E 158 30.02 38.43 4.20
C ASP E 158 30.84 39.59 4.75
N GLU E 159 32.11 39.33 5.06
CA GLU E 159 33.03 40.35 5.56
C GLU E 159 33.26 41.55 4.64
N SER E 160 33.20 41.37 3.32
CA SER E 160 33.43 42.50 2.42
C SER E 160 32.29 43.53 2.55
N THR E 161 31.05 43.04 2.63
CA THR E 161 29.86 43.89 2.61
C THR E 161 29.24 44.23 3.99
N GLY E 162 29.59 43.49 5.04
CA GLY E 162 28.97 43.69 6.35
C GLY E 162 27.50 43.26 6.43
N VAL E 163 27.09 42.43 5.47
CA VAL E 163 25.70 42.01 5.29
C VAL E 163 25.68 40.51 5.45
N ILE E 164 24.54 39.96 5.86
CA ILE E 164 24.39 38.51 5.97
C ILE E 164 24.80 37.85 4.67
N ASP E 165 25.62 36.79 4.75
CA ASP E 165 26.01 36.04 3.54
C ASP E 165 24.90 35.07 3.27
N TYR E 166 23.89 35.53 2.54
CA TYR E 166 22.69 34.72 2.25
C TYR E 166 22.99 33.47 1.40
N ASP E 167 23.95 33.62 0.50
CA ASP E 167 24.33 32.50 -0.40
C ASP E 167 25.03 31.38 0.38
N MET E 168 25.88 31.76 1.32
CA MET E 168 26.54 30.76 2.19
C MET E 168 25.51 30.09 3.13
N LEU E 169 24.62 30.89 3.68
CA LEU E 169 23.53 30.36 4.51
C LEU E 169 22.67 29.34 3.72
N GLU E 170 22.39 29.65 2.46
CA GLU E 170 21.66 28.73 1.59
C GLU E 170 22.36 27.34 1.53
N LYS E 171 23.69 27.35 1.41
CA LYS E 171 24.47 26.13 1.34
C LYS E 171 24.61 25.40 2.69
N THR E 172 24.94 26.15 3.73
CA THR E 172 25.18 25.54 5.05
C THR E 172 23.89 24.98 5.64
N ALA E 173 22.76 25.68 5.43
CA ALA E 173 21.46 25.15 5.83
C ALA E 173 21.11 23.82 5.14
N ALA E 174 21.40 23.70 3.85
CA ALA E 174 21.13 22.45 3.13
C ALA E 174 21.94 21.26 3.68
N LEU E 175 23.17 21.52 4.12
CA LEU E 175 24.03 20.52 4.78
C LEU E 175 23.62 20.23 6.22
N PHE E 176 23.39 21.30 6.98
CA PHE E 176 23.16 21.17 8.41
C PHE E 176 21.75 20.71 8.76
N ARG E 177 20.78 21.01 7.88
CA ARG E 177 19.37 20.63 8.08
C ARG E 177 18.79 21.15 9.42
N PRO E 178 18.82 22.47 9.64
CA PRO E 178 18.23 22.96 10.90
C PRO E 178 16.75 22.72 10.93
N LYS E 179 16.20 22.50 12.10
CA LYS E 179 14.77 22.47 12.27
C LYS E 179 14.20 23.88 12.49
N LEU E 180 15.07 24.82 12.83
CA LEU E 180 14.70 26.23 13.11
C LEU E 180 15.77 27.16 12.60
N ILE E 181 15.38 28.12 11.78
CA ILE E 181 16.26 29.19 11.40
C ILE E 181 15.73 30.47 12.05
N ILE E 182 16.65 31.22 12.64
CA ILE E 182 16.32 32.45 13.38
C ILE E 182 16.94 33.61 12.66
N ALA E 183 16.08 34.61 12.37
CA ALA E 183 16.54 35.85 11.82
C ALA E 183 16.35 36.87 12.95
N GLY E 184 17.16 37.94 12.92
CA GLY E 184 17.11 38.99 13.91
C GLY E 184 18.41 39.01 14.68
N ALA E 185 18.76 40.18 15.19
CA ALA E 185 20.09 40.37 15.75
C ALA E 185 20.21 41.53 16.76
N SER E 186 21.35 41.58 17.44
CA SER E 186 21.59 42.62 18.46
C SER E 186 22.35 43.79 17.88
N ALA E 187 23.15 43.54 16.85
CA ALA E 187 24.01 44.56 16.30
C ALA E 187 24.13 44.38 14.80
N TYR E 188 22.99 44.47 14.12
CA TYR E 188 22.95 44.36 12.67
C TYR E 188 22.34 45.65 12.15
N PRO E 189 23.07 46.37 11.27
CA PRO E 189 22.58 47.68 10.85
C PRO E 189 21.69 47.72 9.61
N ARG E 190 21.25 46.58 9.05
CA ARG E 190 20.45 46.61 7.83
C ARG E 190 19.16 45.85 8.05
N ASP E 191 18.19 46.09 7.19
CA ASP E 191 16.94 45.34 7.25
C ASP E 191 17.28 43.91 6.72
N ILE E 192 16.34 43.01 6.87
CA ILE E 192 16.52 41.61 6.65
C ILE E 192 15.70 41.14 5.47
N ASP E 193 16.32 40.31 4.64
CA ASP E 193 15.64 39.73 3.50
C ASP E 193 14.76 38.54 3.91
N TYR E 194 13.57 38.85 4.41
CA TYR E 194 12.68 37.83 4.95
C TYR E 194 12.24 36.82 3.89
N ALA E 195 12.02 37.26 2.65
CA ALA E 195 11.71 36.32 1.56
C ALA E 195 12.83 35.26 1.36
N ARG E 196 14.09 35.68 1.42
CA ARG E 196 15.21 34.77 1.19
C ARG E 196 15.36 33.79 2.36
N PHE E 197 15.16 34.28 3.59
CA PHE E 197 15.05 33.41 4.75
C PHE E 197 13.95 32.36 4.60
N ARG E 198 12.78 32.77 4.08
CA ARG E 198 11.64 31.86 3.84
C ARG E 198 11.99 30.79 2.78
N LYS E 199 12.62 31.21 1.68
CA LYS E 199 13.15 30.30 0.67
C LYS E 199 14.09 29.25 1.28
N ILE E 200 15.04 29.72 2.08
CA ILE E 200 16.04 28.83 2.68
C ILE E 200 15.41 27.93 3.72
N ALA E 201 14.55 28.46 4.59
CA ALA E 201 13.82 27.63 5.55
C ALA E 201 13.03 26.53 4.80
N ASP E 202 12.31 26.93 3.76
CA ASP E 202 11.52 25.96 2.96
C ASP E 202 12.34 24.87 2.31
N SER E 203 13.55 25.20 1.89
CA SER E 203 14.46 24.22 1.31
C SER E 203 14.77 23.07 2.22
N VAL E 204 14.73 23.27 3.54
CA VAL E 204 15.03 22.16 4.46
C VAL E 204 13.83 21.79 5.33
N GLY E 205 12.68 22.36 5.04
CA GLY E 205 11.49 22.20 5.86
C GLY E 205 11.60 22.79 7.26
N ALA E 206 12.43 23.81 7.45
CA ALA E 206 12.64 24.41 8.79
C ALA E 206 11.55 25.41 9.17
N PHE E 207 11.34 25.50 10.48
CA PHE E 207 10.55 26.59 11.04
C PHE E 207 11.39 27.85 10.84
N LEU E 208 10.70 28.99 10.76
CA LEU E 208 11.37 30.25 10.54
C LEU E 208 10.87 31.27 11.56
N MET E 209 11.80 31.87 12.27
CA MET E 209 11.48 32.79 13.37
C MET E 209 12.22 34.08 13.20
N MET E 210 11.55 35.18 13.47
CA MET E 210 12.20 36.47 13.59
C MET E 210 12.23 36.89 15.06
N ASP E 211 13.40 37.30 15.54
CA ASP E 211 13.57 37.89 16.88
C ASP E 211 13.72 39.40 16.66
N MET E 212 12.63 40.13 16.88
CA MET E 212 12.60 41.58 16.59
C MET E 212 12.93 42.48 17.76
N ALA E 213 13.63 41.97 18.77
CA ALA E 213 13.91 42.76 20.00
C ALA E 213 14.45 44.16 19.77
N HIS E 214 15.44 44.30 18.92
CA HIS E 214 16.00 45.63 18.64
C HIS E 214 15.20 46.56 17.74
N VAL E 215 14.23 46.05 16.99
CA VAL E 215 13.62 46.79 15.87
C VAL E 215 12.11 46.75 15.90
N SER E 216 11.53 46.20 16.95
CA SER E 216 10.08 45.98 17.02
C SER E 216 9.28 47.28 16.85
N GLY E 217 9.80 48.37 17.38
CA GLY E 217 9.14 49.69 17.28
C GLY E 217 9.21 50.20 15.87
N LEU E 218 10.36 50.00 15.22
CA LEU E 218 10.49 50.32 13.81
C LEU E 218 9.55 49.53 12.92
N ILE E 219 9.25 48.27 13.28
CA ILE E 219 8.31 47.42 12.55
C ILE E 219 6.85 47.83 12.78
N ALA E 220 6.50 48.10 14.04
CA ALA E 220 5.14 48.53 14.40
C ALA E 220 4.81 49.82 13.67
N ALA E 221 5.78 50.71 13.55
CA ALA E 221 5.58 52.00 12.87
C ALA E 221 5.73 51.95 11.34
N SER E 222 5.92 50.75 10.77
CA SER E 222 6.09 50.53 9.34
C SER E 222 7.28 51.24 8.75
N VAL E 223 8.30 51.46 9.57
CA VAL E 223 9.54 52.06 9.12
C VAL E 223 10.39 51.00 8.45
N LEU E 224 10.46 49.79 9.02
CA LEU E 224 11.16 48.66 8.40
C LEU E 224 10.20 47.64 7.85
N ALA E 225 10.71 46.69 7.07
CA ALA E 225 9.84 45.64 6.47
C ALA E 225 9.21 44.78 7.54
N ASP E 226 8.06 44.21 7.21
CA ASP E 226 7.26 43.47 8.14
C ASP E 226 7.65 41.96 8.13
N PRO E 227 8.21 41.44 9.24
CA PRO E 227 8.55 40.00 9.26
C PRO E 227 7.35 39.11 9.20
N PHE E 228 6.22 39.62 9.67
CA PHE E 228 5.00 38.84 9.76
C PHE E 228 4.45 38.43 8.38
N GLU E 229 4.89 39.09 7.32
CA GLU E 229 4.55 38.72 5.99
C GLU E 229 5.16 37.33 5.66
N PHE E 230 6.30 36.97 6.24
CA PHE E 230 7.03 35.76 5.85
C PHE E 230 7.32 34.69 6.91
N VAL E 231 7.51 35.09 8.17
CA VAL E 231 7.99 34.12 9.17
C VAL E 231 6.83 33.41 9.83
N ASP E 232 7.12 32.32 10.55
CA ASP E 232 6.10 31.59 11.35
C ASP E 232 5.87 32.09 12.75
N ILE E 233 6.93 32.56 13.34
CA ILE E 233 6.97 32.97 14.76
C ILE E 233 7.79 34.23 14.88
N VAL E 234 7.34 35.15 15.73
CA VAL E 234 8.08 36.38 16.04
C VAL E 234 8.25 36.52 17.55
N THR E 235 9.46 36.72 18.00
CA THR E 235 9.68 36.97 19.44
C THR E 235 10.16 38.42 19.58
N THR E 236 10.06 38.94 20.80
CA THR E 236 10.61 40.26 21.07
C THR E 236 10.77 40.52 22.59
N THR E 237 11.71 41.40 22.93
CA THR E 237 11.69 42.10 24.22
C THR E 237 10.64 43.22 24.18
N THR E 238 10.08 43.55 25.35
CA THR E 238 9.07 44.62 25.42
C THR E 238 9.73 45.97 25.73
N HIS E 239 10.98 45.90 26.16
CA HIS E 239 11.89 47.00 26.39
C HIS E 239 12.74 46.95 25.15
N1 LLP E 240 17.21 38.80 21.44
C2 LLP E 240 17.87 39.88 20.98
C2' LLP E 240 18.05 40.00 19.47
C3 LLP E 240 18.27 40.85 21.88
O3 LLP E 240 18.91 41.97 21.37
C4 LLP E 240 18.08 40.70 23.24
C4' LLP E 240 18.53 41.90 24.10
C5 LLP E 240 17.40 39.58 23.68
C6 LLP E 240 17.01 38.60 22.75
C5' LLP E 240 17.15 39.17 25.12
OP4 LLP E 240 16.67 40.16 25.94
P LLP E 240 16.85 40.04 27.57
OP1 LLP E 240 15.61 40.74 28.08
OP2 LLP E 240 16.89 38.56 27.96
OP3 LLP E 240 18.14 40.75 27.82
N LLP E 240 13.67 47.89 24.99
CA LLP E 240 14.44 48.11 23.75
CB LLP E 240 14.97 46.86 22.98
CG LLP E 240 15.86 46.00 23.86
CD LLP E 240 16.77 45.00 23.08
CE LLP E 240 17.73 44.32 24.07
NZ LLP E 240 17.87 42.92 23.75
C LLP E 240 13.57 49.04 22.90
O LLP E 240 13.07 50.04 23.43
N SER E 241 13.38 48.74 21.60
CA SER E 241 12.79 49.71 20.68
C SER E 241 11.33 49.95 20.98
N LEU E 242 10.67 48.96 21.54
CA LEU E 242 9.25 49.12 21.91
C LEU E 242 8.99 50.07 23.10
N ARG E 243 10.02 50.40 23.86
CA ARG E 243 9.93 51.39 24.98
C ARG E 243 9.00 51.03 26.15
N GLY E 244 8.81 49.74 26.36
CA GLY E 244 7.93 49.23 27.38
C GLY E 244 8.70 48.69 28.57
N PRO E 245 8.00 47.94 29.40
CA PRO E 245 8.66 47.40 30.59
C PRO E 245 9.63 46.27 30.19
N ARG E 246 10.45 45.82 31.14
CA ARG E 246 11.30 44.66 30.88
C ARG E 246 10.44 43.39 30.84
N GLY E 247 10.38 42.71 29.70
CA GLY E 247 9.43 41.62 29.46
C GLY E 247 9.67 41.05 28.05
N GLY E 248 8.86 40.10 27.64
CA GLY E 248 8.95 39.47 26.31
C GLY E 248 7.58 39.19 25.76
N MET E 249 7.51 38.94 24.47
CA MET E 249 6.28 38.44 23.81
C MET E 249 6.62 37.45 22.72
N ILE E 250 5.69 36.53 22.45
CA ILE E 250 5.81 35.61 21.31
C ILE E 250 4.55 35.65 20.47
N PHE E 251 4.72 35.94 19.18
CA PHE E 251 3.65 35.93 18.23
C PHE E 251 3.76 34.64 17.41
N PHE E 252 2.64 34.06 17.00
CA PHE E 252 2.71 32.81 16.21
C PHE E 252 1.54 32.73 15.26
N LYS E 253 1.76 32.10 14.12
CA LYS E 253 0.65 31.76 13.23
C LYS E 253 -0.29 30.78 13.89
N LYS E 254 -1.58 30.91 13.64
CA LYS E 254 -2.59 29.97 14.11
C LYS E 254 -2.91 28.86 13.12
N ASP E 255 -2.62 29.06 11.84
CA ASP E 255 -2.65 27.95 10.87
C ASP E 255 -1.53 26.99 11.17
N ALA E 256 -1.79 25.69 11.02
CA ALA E 256 -0.75 24.69 11.29
C ALA E 256 0.50 24.98 10.46
N VAL E 257 1.68 24.80 11.05
CA VAL E 257 2.95 24.94 10.32
C VAL E 257 3.73 23.64 10.45
N HIS E 258 4.07 23.02 9.31
CA HIS E 258 4.64 21.64 9.30
C HIS E 258 3.85 20.72 10.22
N GLY E 259 2.54 20.76 10.07
CA GLY E 259 1.63 19.98 10.88
C GLY E 259 1.52 20.29 12.36
N VAL E 260 2.14 21.37 12.85
CA VAL E 260 2.13 21.72 14.28
C VAL E 260 1.19 22.89 14.57
N ASP E 261 0.48 22.78 15.70
CA ASP E 261 -0.43 23.79 16.21
C ASP E 261 0.42 24.63 17.12
N LEU E 262 0.92 25.72 16.56
CA LEU E 262 1.89 26.54 17.28
C LEU E 262 1.31 27.19 18.52
N GLU E 263 0.04 27.59 18.47
CA GLU E 263 -0.60 28.23 19.61
C GLU E 263 -0.55 27.38 20.90
N SER E 264 -1.04 26.16 20.77
CA SER E 264 -1.04 25.20 21.84
C SER E 264 0.42 24.87 22.28
N ALA E 265 1.33 24.67 21.32
CA ALA E 265 2.73 24.31 21.64
C ALA E 265 3.42 25.43 22.42
N ILE E 266 3.26 26.66 21.95
CA ILE E 266 3.92 27.81 22.55
C ILE E 266 3.30 28.14 23.89
N ASN E 267 1.98 28.23 23.95
CA ASN E 267 1.35 28.47 25.24
C ASN E 267 1.73 27.42 26.30
N ASN E 268 1.64 26.13 25.93
CA ASN E 268 2.06 25.06 26.86
C ASN E 268 3.52 25.17 27.28
N ALA E 269 4.40 25.64 26.38
CA ALA E 269 5.80 25.76 26.72
C ALA E 269 6.05 26.87 27.71
N VAL E 270 5.33 27.99 27.55
CA VAL E 270 5.53 29.10 28.45
C VAL E 270 5.01 28.67 29.83
N PHE E 271 3.82 28.10 29.85
CA PHE E 271 3.25 27.45 31.03
C PHE E 271 2.38 26.28 30.54
N PRO E 272 2.48 25.06 31.09
CA PRO E 272 3.24 24.69 32.30
C PRO E 272 4.74 24.41 32.07
N GLY E 273 5.21 24.49 30.82
CA GLY E 273 6.57 24.08 30.49
C GLY E 273 7.69 24.73 31.28
N LEU E 274 7.83 26.05 31.12
CA LEU E 274 9.03 26.72 31.59
C LEU E 274 8.84 27.76 32.66
N GLN E 275 7.65 28.35 32.76
CA GLN E 275 7.44 29.50 33.66
C GLN E 275 6.31 29.18 34.64
N GLY E 276 6.27 29.92 35.76
CA GLY E 276 5.19 29.82 36.72
C GLY E 276 4.17 30.94 36.56
N GLY E 277 3.89 31.65 37.65
CA GLY E 277 2.87 32.70 37.64
C GLY E 277 3.31 33.81 36.70
N PRO E 278 2.42 34.29 35.81
CA PRO E 278 2.76 35.49 35.00
C PRO E 278 2.93 36.74 35.87
N HIS E 279 3.88 37.60 35.50
CA HIS E 279 4.11 38.88 36.14
C HIS E 279 3.12 39.95 35.67
N ASN E 280 2.00 40.01 36.36
CA ASN E 280 0.91 40.89 35.96
C ASN E 280 1.21 42.39 35.99
N HIS E 281 2.17 42.79 36.82
CA HIS E 281 2.63 44.18 36.87
C HIS E 281 3.36 44.56 35.59
N THR E 282 4.18 43.63 35.11
CA THR E 282 4.84 43.81 33.82
C THR E 282 3.83 43.79 32.68
N ILE E 283 2.85 42.89 32.73
CA ILE E 283 1.85 42.86 31.68
C ILE E 283 1.06 44.18 31.69
N GLY E 284 0.75 44.71 32.86
CA GLY E 284 0.12 46.02 32.94
C GLY E 284 0.93 47.07 32.19
N GLY E 285 2.21 47.14 32.50
CA GLY E 285 3.09 48.10 31.83
C GLY E 285 3.14 47.87 30.33
N LEU E 286 3.09 46.61 29.91
CA LEU E 286 3.13 46.27 28.51
C LEU E 286 1.86 46.73 27.80
N ALA E 287 0.73 46.50 28.42
CA ALA E 287 -0.52 47.06 27.90
C ALA E 287 -0.40 48.59 27.62
N VAL E 288 0.12 49.32 28.59
CA VAL E 288 0.28 50.78 28.42
C VAL E 288 1.20 51.12 27.20
N CYS E 289 2.35 50.46 27.10
CA CYS E 289 3.26 50.80 25.99
C CYS E 289 2.73 50.41 24.63
N LEU E 290 1.91 49.37 24.56
CA LEU E 290 1.32 48.94 23.30
C LEU E 290 0.20 49.89 22.81
N LYS E 291 -0.56 50.47 23.75
CA LYS E 291 -1.47 51.56 23.43
C LYS E 291 -0.69 52.68 22.79
N TYR E 292 0.40 53.10 23.41
CA TYR E 292 1.23 54.16 22.85
C TYR E 292 1.85 53.80 21.51
N ALA E 293 2.24 52.53 21.35
CA ALA E 293 2.83 52.09 20.10
C ALA E 293 1.88 52.24 18.90
N GLN E 294 0.58 52.35 19.15
CA GLN E 294 -0.39 52.62 18.07
C GLN E 294 -0.59 54.09 17.76
N SER E 295 0.12 55.00 18.43
CA SER E 295 -0.17 56.44 18.33
C SER E 295 0.59 57.10 17.18
N PRO E 296 0.08 58.24 16.65
CA PRO E 296 0.90 58.97 15.67
C PRO E 296 2.20 59.53 16.26
N ASP E 297 2.24 59.83 17.56
CA ASP E 297 3.49 60.30 18.16
C ASP E 297 4.56 59.21 18.10
N PHE E 298 4.16 57.96 18.26
CA PHE E 298 5.13 56.85 18.24
C PHE E 298 5.68 56.62 16.85
N LYS E 299 4.80 56.71 15.86
CA LYS E 299 5.23 56.63 14.49
C LYS E 299 6.18 57.76 14.12
N ASN E 300 5.87 59.00 14.51
CA ASN E 300 6.81 60.10 14.34
C ASN E 300 8.11 59.86 15.06
N TYR E 301 8.04 59.39 16.31
CA TYR E 301 9.23 59.03 17.09
C TYR E 301 10.12 58.01 16.33
N GLN E 302 9.53 56.97 15.79
CA GLN E 302 10.31 55.93 15.09
C GLN E 302 10.95 56.44 13.79
N ASN E 303 10.28 57.34 13.08
CA ASN E 303 10.89 57.97 11.90
C ASN E 303 12.04 58.88 12.28
N GLN E 304 11.87 59.60 13.39
CA GLN E 304 12.96 60.42 13.96
C GLN E 304 14.16 59.60 14.42
N VAL E 305 13.91 58.44 15.04
CA VAL E 305 15.00 57.52 15.43
C VAL E 305 15.94 57.22 14.24
N VAL E 306 15.35 56.87 13.11
CA VAL E 306 16.13 56.56 11.91
C VAL E 306 16.81 57.81 11.34
N ALA E 307 16.09 58.94 11.31
CA ALA E 307 16.68 60.19 10.80
C ALA E 307 17.84 60.64 11.64
N ASN E 308 17.72 60.51 12.95
CA ASN E 308 18.82 60.81 13.87
C ASN E 308 20.04 59.91 13.75
N CYS E 309 19.81 58.59 13.68
CA CYS E 309 20.93 57.70 13.47
C CYS E 309 21.64 58.07 12.14
N ARG E 310 20.87 58.39 11.11
CA ARG E 310 21.45 58.78 9.83
C ARG E 310 22.26 60.09 9.92
N ALA E 311 21.75 61.10 10.63
CA ALA E 311 22.53 62.34 10.85
C ALA E 311 23.83 62.08 11.58
N LEU E 312 23.76 61.28 12.64
CA LEU E 312 24.95 60.84 13.37
C LEU E 312 25.95 60.09 12.46
N ALA E 313 25.44 59.13 11.70
CA ALA E 313 26.29 58.36 10.79
C ALA E 313 27.01 59.25 9.78
N ASN E 314 26.26 60.14 9.13
CA ASN E 314 26.83 61.00 8.11
C ASN E 314 27.89 61.93 8.66
N ARG E 315 27.69 62.44 9.88
CA ARG E 315 28.69 63.31 10.51
C ARG E 315 29.95 62.52 10.91
N LEU E 316 29.79 61.28 11.39
CA LEU E 316 30.95 60.44 11.61
C LEU E 316 31.74 60.14 10.31
N VAL E 317 31.03 59.95 9.20
CA VAL E 317 31.67 59.73 7.89
C VAL E 317 32.49 60.98 7.51
N GLU E 318 31.93 62.17 7.73
CA GLU E 318 32.69 63.40 7.50
C GLU E 318 33.94 63.43 8.33
N HIS E 319 33.89 62.87 9.54
CA HIS E 319 35.09 62.71 10.36
C HIS E 319 35.99 61.53 9.95
N GLU E 320 35.76 60.95 8.78
CA GLU E 320 36.61 59.88 8.23
C GLU E 320 36.50 58.50 8.94
N TYR E 321 35.44 58.27 9.70
CA TYR E 321 35.19 56.94 10.25
C TYR E 321 34.52 56.04 9.23
N LYS E 322 34.84 54.75 9.33
CA LYS E 322 34.25 53.76 8.47
C LYS E 322 33.12 53.07 9.22
N LEU E 323 32.02 52.84 8.52
CA LEU E 323 30.83 52.20 9.05
C LEU E 323 30.71 50.79 8.46
N VAL E 324 30.42 49.81 9.31
CA VAL E 324 30.20 48.44 8.86
C VAL E 324 28.91 48.47 8.02
N SER E 325 29.01 47.86 6.85
CA SER E 325 28.00 47.92 5.78
C SER E 325 27.85 49.25 5.06
N GLY E 326 28.65 50.25 5.42
CA GLY E 326 28.58 51.58 4.80
C GLY E 326 27.48 52.50 5.31
N GLY E 327 26.82 52.13 6.40
CA GLY E 327 25.68 52.89 6.90
C GLY E 327 24.73 52.03 7.68
N SER E 328 23.50 52.50 7.81
CA SER E 328 22.46 51.76 8.48
C SER E 328 21.10 52.03 7.89
N ASP E 329 20.20 51.07 7.98
CA ASP E 329 18.80 51.26 7.70
C ASP E 329 17.98 51.50 8.95
N ASN E 330 18.59 51.53 10.13
CA ASN E 330 17.82 51.45 11.36
C ASN E 330 18.28 52.39 12.48
N HIS E 331 18.03 52.01 13.72
CA HIS E 331 18.34 52.77 14.93
C HIS E 331 19.80 52.76 15.42
N LEU E 332 20.68 51.95 14.82
CA LEU E 332 22.08 51.88 15.22
C LEU E 332 23.08 52.02 14.07
N VAL E 333 24.32 52.37 14.42
CA VAL E 333 25.45 52.35 13.52
C VAL E 333 26.57 51.61 14.17
N LEU E 334 27.34 50.91 13.35
CA LEU E 334 28.52 50.18 13.81
C LEU E 334 29.72 50.83 13.18
N VAL E 335 30.58 51.37 14.01
CA VAL E 335 31.80 52.02 13.56
C VAL E 335 32.95 51.01 13.57
N ASP E 336 33.65 50.88 12.44
CA ASP E 336 34.91 50.12 12.39
C ASP E 336 36.04 51.09 12.76
N LEU E 337 36.62 50.91 13.96
CA LEU E 337 37.70 51.80 14.45
C LEU E 337 39.12 51.37 14.05
N ARG E 338 39.25 50.27 13.34
CA ARG E 338 40.59 49.75 12.98
C ARG E 338 41.41 50.75 12.15
N PRO E 339 40.83 51.38 11.09
CA PRO E 339 41.56 52.42 10.35
C PRO E 339 42.02 53.60 11.20
N SER E 340 41.30 53.88 12.29
CA SER E 340 41.67 54.94 13.21
C SER E 340 42.77 54.57 14.21
N GLY E 341 43.21 53.31 14.21
CA GLY E 341 44.33 52.90 15.03
C GLY E 341 44.06 52.69 16.50
N ILE E 342 42.81 52.40 16.84
CA ILE E 342 42.43 52.09 18.24
C ILE E 342 41.22 51.14 18.27
N ASP E 343 41.14 50.37 19.35
CA ASP E 343 40.04 49.44 19.60
C ASP E 343 38.84 50.08 20.31
N GLY E 344 37.72 49.38 20.26
CA GLY E 344 36.50 49.75 20.94
C GLY E 344 36.50 49.80 22.46
N ALA E 345 37.33 48.98 23.12
CA ALA E 345 37.38 48.95 24.61
C ALA E 345 37.93 50.24 25.18
N ARG E 346 39.03 50.69 24.57
CA ARG E 346 39.70 51.93 25.01
C ARG E 346 38.82 53.17 24.80
N VAL E 347 38.23 53.24 23.62
CA VAL E 347 37.30 54.32 23.28
C VAL E 347 36.08 54.34 24.22
N GLU E 348 35.45 53.18 24.40
CA GLU E 348 34.29 53.04 25.29
C GLU E 348 34.56 53.62 26.66
N LYS E 349 35.78 53.43 27.16
CA LYS E 349 36.10 53.82 28.52
C LYS E 349 36.26 55.32 28.66
N ILE E 350 37.04 55.91 27.76
CA ILE E 350 37.23 57.37 27.74
C ILE E 350 35.86 58.04 27.56
N LEU E 351 35.04 57.53 26.65
CA LEU E 351 33.73 58.12 26.44
C LEU E 351 32.86 58.04 27.70
N ASP E 352 32.83 56.88 28.35
CA ASP E 352 32.15 56.72 29.65
C ASP E 352 32.57 57.76 30.71
N MET E 353 33.88 58.00 30.78
CA MET E 353 34.40 58.99 31.74
C MET E 353 33.87 60.40 31.46
N ALA E 354 33.59 60.68 30.18
CA ALA E 354 32.98 61.95 29.75
C ALA E 354 31.44 61.91 29.71
N SER E 355 30.81 60.92 30.34
CA SER E 355 29.35 60.76 30.39
C SER E 355 28.67 60.43 29.04
N ILE E 356 29.42 59.79 28.14
CA ILE E 356 28.90 59.32 26.86
C ILE E 356 28.89 57.80 26.92
N THR E 357 27.72 57.17 27.02
CA THR E 357 27.71 55.69 27.17
C THR E 357 27.36 55.01 25.86
N LEU E 358 28.32 54.27 25.33
CA LEU E 358 28.09 53.41 24.18
C LEU E 358 28.80 52.09 24.46
N ASN E 359 28.88 51.18 23.51
CA ASN E 359 29.64 49.96 23.80
C ASN E 359 30.54 49.52 22.69
N LYS E 360 31.66 48.94 23.11
CA LYS E 360 32.56 48.27 22.21
C LYS E 360 31.78 47.17 21.49
N ASN E 361 32.20 46.88 20.28
CA ASN E 361 31.51 45.93 19.42
C ASN E 361 32.48 45.30 18.45
N SER E 362 32.29 44.01 18.18
CA SER E 362 33.08 43.29 17.17
C SER E 362 32.89 43.81 15.77
N VAL E 363 33.93 43.74 14.98
CA VAL E 363 33.90 44.13 13.58
C VAL E 363 34.22 42.87 12.77
N PRO E 364 33.52 42.67 11.63
CA PRO E 364 33.91 41.56 10.75
C PRO E 364 35.35 41.74 10.23
N GLY E 365 36.16 40.70 10.39
CA GLY E 365 37.59 40.74 10.09
C GLY E 365 38.49 40.88 11.31
N ASP E 366 37.92 41.24 12.47
CA ASP E 366 38.66 41.33 13.73
C ASP E 366 39.51 40.08 13.91
N LYS E 367 40.82 40.26 14.11
CA LYS E 367 41.76 39.12 14.29
C LYS E 367 41.58 38.38 15.61
N SER E 368 41.00 39.02 16.63
CA SER E 368 40.78 38.38 17.92
C SER E 368 39.43 38.75 18.46
N ALA E 369 38.79 37.77 19.10
CA ALA E 369 37.49 37.95 19.73
C ALA E 369 37.59 38.64 21.06
N LEU E 370 38.78 38.62 21.67
CA LEU E 370 39.02 39.33 22.92
C LEU E 370 39.18 40.86 22.74
N VAL E 371 39.41 41.32 21.50
CA VAL E 371 39.73 42.70 21.18
C VAL E 371 38.69 43.24 20.19
N PRO E 372 37.63 43.90 20.70
CA PRO E 372 36.66 44.50 19.79
C PRO E 372 37.21 45.67 18.98
N GLY E 373 37.10 45.55 17.67
CA GLY E 373 37.59 46.59 16.76
C GLY E 373 36.64 47.77 16.47
N GLY E 374 35.46 47.77 17.09
CA GLY E 374 34.44 48.79 16.77
C GLY E 374 33.63 49.24 17.95
N ILE E 375 32.68 50.14 17.68
CA ILE E 375 31.71 50.62 18.67
C ILE E 375 30.33 50.64 17.99
N ARG E 376 29.33 50.29 18.79
CA ARG E 376 27.94 50.36 18.41
C ARG E 376 27.36 51.60 19.10
N ILE E 377 26.65 52.39 18.31
CA ILE E 377 26.01 53.64 18.77
C ILE E 377 24.54 53.63 18.32
N GLY E 378 23.62 53.94 19.21
CA GLY E 378 22.20 53.94 18.90
C GLY E 378 21.52 55.24 19.25
N SER E 379 20.48 55.59 18.48
CA SER E 379 19.64 56.76 18.70
C SER E 379 18.34 56.67 19.50
N PRO E 380 17.81 55.49 19.81
CA PRO E 380 16.46 55.53 20.43
C PRO E 380 16.30 56.32 21.76
N ALA E 381 17.28 56.20 22.66
CA ALA E 381 17.18 56.76 24.00
C ALA E 381 17.20 58.28 23.99
N MET E 382 18.21 58.86 23.35
CA MET E 382 18.26 60.32 23.19
C MET E 382 17.18 60.87 22.28
N THR E 383 16.71 60.09 21.30
CA THR E 383 15.56 60.51 20.51
C THR E 383 14.33 60.64 21.40
N THR E 384 14.14 59.66 22.29
CA THR E 384 13.08 59.74 23.27
C THR E 384 13.07 61.05 24.07
N ARG E 385 14.26 61.53 24.39
CA ARG E 385 14.42 62.76 25.15
C ARG E 385 14.14 64.02 24.34
N GLY E 386 14.01 63.87 23.03
CA GLY E 386 13.61 64.93 22.15
C GLY E 386 14.70 65.49 21.27
N LEU E 387 15.90 64.91 21.32
CA LEU E 387 17.01 65.36 20.48
C LEU E 387 16.71 65.14 18.99
N GLY E 388 17.18 66.09 18.17
CA GLY E 388 16.96 66.09 16.74
C GLY E 388 18.25 65.89 15.96
N GLU E 389 18.17 66.05 14.64
CA GLU E 389 19.29 65.74 13.76
C GLU E 389 20.54 66.55 14.06
N LYS E 390 20.36 67.82 14.34
CA LYS E 390 21.44 68.77 14.54
C LYS E 390 22.15 68.40 15.83
N GLU E 391 21.37 67.95 16.81
CA GLU E 391 21.92 67.49 18.06
C GLU E 391 22.65 66.16 17.92
N PHE E 392 22.14 65.28 17.05
CA PHE E 392 22.86 64.04 16.79
C PHE E 392 24.11 64.30 15.98
N GLU E 393 24.16 65.39 15.21
CA GLU E 393 25.43 65.80 14.59
C GLU E 393 26.45 66.25 15.63
N LEU E 394 26.02 67.09 16.57
CA LEU E 394 26.90 67.46 17.68
C LEU E 394 27.40 66.21 18.49
N ILE E 395 26.54 65.22 18.71
CA ILE E 395 26.98 64.01 19.42
C ILE E 395 28.14 63.31 18.66
N ALA E 396 27.99 63.16 17.36
CA ALA E 396 29.07 62.70 16.51
C ALA E 396 30.37 63.47 16.75
N ASP E 397 30.28 64.81 16.83
CA ASP E 397 31.48 65.62 17.08
C ASP E 397 32.07 65.36 18.48
N LEU E 398 31.19 65.20 19.47
CA LEU E 398 31.65 64.85 20.84
C LEU E 398 32.30 63.45 20.91
N ILE E 399 31.73 62.50 20.19
CA ILE E 399 32.33 61.19 20.09
C ILE E 399 33.71 61.30 19.43
N HIS E 400 33.82 62.04 18.33
CA HIS E 400 35.11 62.26 17.68
C HIS E 400 36.14 62.82 18.63
N GLU E 401 35.75 63.83 19.41
CA GLU E 401 36.62 64.48 20.43
C GLU E 401 37.16 63.42 21.38
N GLY E 402 36.26 62.56 21.87
CA GLY E 402 36.63 61.45 22.75
C GLY E 402 37.56 60.41 22.15
N VAL E 403 37.39 60.12 20.85
CA VAL E 403 38.27 59.19 20.15
C VAL E 403 39.67 59.81 20.07
N ARG E 404 39.74 61.12 19.77
CA ARG E 404 41.04 61.81 19.79
C ARG E 404 41.68 61.70 21.17
N ILE E 405 40.90 61.89 22.23
CA ILE E 405 41.43 61.77 23.58
C ILE E 405 41.94 60.35 23.83
N SER E 406 41.19 59.37 23.39
CA SER E 406 41.57 57.98 23.54
C SER E 406 42.85 57.60 22.76
N LEU E 407 43.00 58.12 21.55
CA LEU E 407 44.22 57.95 20.77
C LEU E 407 45.40 58.60 21.47
N GLU E 408 45.17 59.80 21.99
CA GLU E 408 46.21 60.49 22.74
C GLU E 408 46.58 59.70 24.01
N ALA E 409 45.56 59.19 24.74
CA ALA E 409 45.79 58.41 25.95
C ALA E 409 46.63 57.15 25.67
N LYS E 410 46.31 56.46 24.57
CA LYS E 410 47.02 55.25 24.11
C LYS E 410 48.51 55.46 23.84
N SER E 411 48.83 56.54 23.14
CA SER E 411 50.22 56.98 22.92
C SER E 411 51.07 57.05 24.16
N LEU E 412 50.46 57.41 25.29
CA LEU E 412 51.17 57.59 26.55
C LEU E 412 51.34 56.31 27.34
N VAL E 413 50.62 55.27 26.98
CA VAL E 413 50.56 54.07 27.79
C VAL E 413 51.60 53.08 27.26
N SER E 414 52.48 52.63 28.17
CA SER E 414 53.61 51.79 27.79
C SER E 414 53.18 50.40 27.39
N GLY E 415 52.41 49.76 28.26
CA GLY E 415 51.98 48.39 28.08
C GLY E 415 50.90 48.16 27.03
N THR E 416 50.83 46.92 26.60
CA THR E 416 49.89 46.47 25.57
C THR E 416 48.51 46.09 26.13
N LYS E 417 48.46 45.82 27.45
CA LYS E 417 47.25 45.28 28.09
C LYS E 417 46.22 46.36 28.26
N VAL E 418 44.97 46.00 28.01
CA VAL E 418 43.84 46.92 28.24
C VAL E 418 43.85 47.38 29.70
N GLN E 419 44.24 46.48 30.62
CA GLN E 419 44.38 46.86 32.01
C GLN E 419 45.36 48.02 32.24
N ASP E 420 46.44 48.09 31.44
CA ASP E 420 47.41 49.20 31.51
C ASP E 420 46.79 50.52 31.06
N PHE E 421 45.89 50.47 30.07
CA PHE E 421 45.10 51.64 29.65
C PHE E 421 44.20 52.09 30.79
N LEU E 422 43.45 51.16 31.37
CA LEU E 422 42.55 51.47 32.49
C LEU E 422 43.28 52.09 33.68
N ASN E 423 44.43 51.50 34.02
CA ASN E 423 45.32 52.05 35.06
C ASN E 423 45.73 53.50 34.82
N PHE E 424 46.18 53.76 33.59
CA PHE E 424 46.71 55.06 33.21
C PHE E 424 45.63 56.16 33.30
N VAL E 425 44.45 55.87 32.76
CA VAL E 425 43.35 56.85 32.68
C VAL E 425 42.63 57.08 34.02
N LEU E 426 42.60 56.07 34.87
CA LEU E 426 42.05 56.21 36.22
C LEU E 426 43.02 56.79 37.22
N ALA E 427 44.32 56.77 36.91
CA ALA E 427 45.33 57.28 37.85
C ALA E 427 45.10 58.77 38.12
N PRO E 428 45.15 59.21 39.39
CA PRO E 428 44.74 60.59 39.75
C PRO E 428 45.60 61.74 39.15
N GLU E 429 46.79 61.40 38.69
CA GLU E 429 47.70 62.33 37.99
C GLU E 429 47.56 62.29 36.45
N PHE E 430 46.41 61.80 35.96
CA PHE E 430 46.14 61.59 34.54
C PHE E 430 46.39 62.91 33.79
N PRO E 431 47.35 62.93 32.83
CA PRO E 431 47.66 64.18 32.13
C PRO E 431 46.58 64.75 31.17
N LEU E 432 45.52 63.99 30.90
CA LEU E 432 44.43 64.43 30.02
C LEU E 432 43.08 64.59 30.75
N GLY E 433 43.10 64.73 32.08
CA GLY E 433 41.90 64.95 32.87
C GLY E 433 41.10 66.16 32.44
N ASP E 434 41.78 67.28 32.19
CA ASP E 434 41.12 68.51 31.76
C ASP E 434 40.40 68.34 30.43
N LYS E 435 41.06 67.66 29.49
CA LYS E 435 40.46 67.32 28.20
C LYS E 435 39.21 66.48 28.37
N VAL E 436 39.28 65.51 29.28
CA VAL E 436 38.12 64.71 29.63
C VAL E 436 37.03 65.54 30.32
N SER E 437 37.44 66.41 31.24
CA SER E 437 36.52 67.30 31.95
C SER E 437 35.85 68.30 31.04
N ASN E 438 36.59 68.82 30.07
CA ASN E 438 36.02 69.71 29.05
C ASN E 438 34.96 69.02 28.24
N LEU E 439 35.26 67.79 27.83
CA LEU E 439 34.32 67.01 27.05
C LEU E 439 33.11 66.69 27.89
N ARG E 440 33.30 66.16 29.10
CA ARG E 440 32.19 65.91 30.01
C ARG E 440 31.29 67.13 30.18
N ARG E 441 31.88 68.30 30.33
CA ARG E 441 31.11 69.52 30.56
C ARG E 441 30.24 69.82 29.34
N LYS E 442 30.80 69.66 28.14
CA LYS E 442 29.99 69.85 26.92
C LYS E 442 28.90 68.79 26.74
N VAL E 443 29.19 67.56 27.14
CA VAL E 443 28.23 66.48 27.08
C VAL E 443 27.01 66.76 27.93
N GLU E 444 27.27 67.14 29.17
CA GLU E 444 26.22 67.33 30.16
C GLU E 444 25.42 68.61 29.87
N ALA E 445 26.10 69.63 29.33
CA ALA E 445 25.42 70.83 28.82
C ALA E 445 24.42 70.52 27.72
N LEU E 446 24.70 69.52 26.90
CA LEU E 446 23.75 69.08 25.89
C LEU E 446 22.63 68.27 26.54
N ALA E 447 22.99 67.26 27.31
CA ALA E 447 22.01 66.29 27.84
C ALA E 447 20.96 66.95 28.72
N THR E 448 21.43 67.83 29.62
CA THR E 448 20.58 68.49 30.61
C THR E 448 19.58 69.51 30.03
N GLN E 449 19.74 69.89 28.76
CA GLN E 449 18.71 70.66 28.07
C GLN E 449 17.43 69.95 27.76
N TYR E 450 17.39 68.62 27.91
CA TYR E 450 16.24 67.83 27.48
C TYR E 450 15.56 67.14 28.67
N PRO E 451 14.22 67.09 28.66
CA PRO E 451 13.58 66.33 29.68
C PRO E 451 13.84 64.83 29.49
N ILE E 452 13.51 64.08 30.51
CA ILE E 452 13.62 62.65 30.54
C ILE E 452 12.33 62.09 31.19
N PRO E 453 11.67 61.07 30.57
CA PRO E 453 10.44 60.53 31.13
C PRO E 453 10.61 59.64 32.35
N GLY E 454 9.50 59.34 33.02
CA GLY E 454 9.51 58.53 34.23
C GLY E 454 8.82 59.15 35.44
N VAL E 455 8.62 58.34 36.48
CA VAL E 455 8.04 58.86 37.73
C VAL E 455 8.96 59.90 38.42
N LEU F 5 5.15 65.17 26.75
CA LEU F 5 3.86 64.93 27.51
C LEU F 5 3.80 63.58 28.23
N ASP F 6 4.49 63.51 29.36
CA ASP F 6 4.75 62.24 30.06
C ASP F 6 3.68 62.08 31.13
N TYR F 7 2.46 61.80 30.66
CA TYR F 7 1.28 61.71 31.50
C TYR F 7 1.34 60.60 32.52
N GLY F 8 0.79 60.87 33.69
CA GLY F 8 0.50 59.83 34.65
C GLY F 8 -0.48 58.82 34.08
N LEU F 9 -0.59 57.68 34.73
CA LEU F 9 -1.34 56.55 34.18
C LEU F 9 -2.81 56.88 33.97
N SER F 10 -3.39 57.68 34.89
CA SER F 10 -4.83 57.98 34.79
C SER F 10 -5.19 58.73 33.52
N GLU F 11 -4.30 59.57 33.02
CA GLU F 11 -4.50 60.29 31.76
C GLU F 11 -3.95 59.55 30.56
N ALA F 12 -2.84 58.88 30.75
CA ALA F 12 -2.19 58.19 29.62
C ALA F 12 -3.00 56.99 29.18
N ASP F 13 -3.58 56.25 30.12
CA ASP F 13 -4.30 55.04 29.76
C ASP F 13 -5.41 54.81 30.74
N PRO F 14 -6.56 55.50 30.56
CA PRO F 14 -7.65 55.38 31.55
C PRO F 14 -8.18 53.94 31.70
N ASP F 15 -8.15 53.14 30.63
CA ASP F 15 -8.62 51.74 30.71
C ASP F 15 -7.77 50.89 31.64
N VAL F 16 -6.46 51.00 31.53
CA VAL F 16 -5.58 50.22 32.39
C VAL F 16 -5.62 50.78 33.81
N HIS F 17 -5.67 52.11 33.89
CA HIS F 17 -5.92 52.75 35.19
C HIS F 17 -7.13 52.16 35.89
N ALA F 18 -8.23 52.03 35.14
CA ALA F 18 -9.48 51.48 35.71
C ALA F 18 -9.37 50.02 36.12
N ILE F 19 -8.66 49.24 35.32
CA ILE F 19 -8.50 47.82 35.64
C ILE F 19 -7.69 47.66 36.92
N ILE F 20 -6.63 48.44 37.07
CA ILE F 20 -5.78 48.36 38.26
C ILE F 20 -6.55 48.76 39.51
N ASN F 21 -7.41 49.77 39.41
CA ASN F 21 -8.27 50.12 40.55
C ASN F 21 -9.33 49.08 40.88
N LYS F 22 -9.88 48.41 39.89
CA LYS F 22 -10.73 47.23 40.14
C LYS F 22 -9.98 46.12 40.85
N GLU F 23 -8.75 45.85 40.43
CA GLU F 23 -7.97 44.81 41.09
C GLU F 23 -7.68 45.20 42.52
N LYS F 24 -7.38 46.48 42.74
CA LYS F 24 -7.11 47.04 44.06
C LYS F 24 -8.32 46.97 45.00
N ASP F 25 -9.49 47.30 44.51
CA ASP F 25 -10.74 47.09 45.26
C ASP F 25 -11.00 45.60 45.57
N ARG F 26 -10.76 44.71 44.60
CA ARG F 26 -10.92 43.28 44.83
C ARG F 26 -10.00 42.80 45.98
N GLN F 27 -8.72 43.22 45.96
CA GLN F 27 -7.76 42.80 47.00
C GLN F 27 -8.17 43.33 48.40
N PHE F 28 -8.58 44.60 48.43
CA PHE F 28 -9.06 45.20 49.66
C PHE F 28 -10.21 44.41 50.33
N ARG F 29 -11.24 44.09 49.55
CA ARG F 29 -12.48 43.52 50.11
C ARG F 29 -12.51 41.98 50.23
N SER F 30 -11.52 41.28 49.69
CA SER F 30 -11.49 39.80 49.67
C SER F 30 -10.61 39.23 50.78
N LEU F 31 -10.88 37.99 51.16
CA LEU F 31 -9.96 37.26 52.02
C LEU F 31 -9.09 36.48 51.05
N GLU F 32 -7.82 36.89 50.98
CA GLU F 32 -6.85 36.25 50.08
C GLU F 32 -6.11 35.15 50.85
N LEU F 33 -6.48 33.91 50.57
CA LEU F 33 -5.96 32.75 51.27
C LEU F 33 -5.11 31.84 50.37
N ILE F 34 -4.65 32.36 49.23
CA ILE F 34 -3.72 31.59 48.38
C ILE F 34 -2.36 31.58 49.10
N ALA F 35 -1.88 30.36 49.37
CA ALA F 35 -0.72 30.15 50.23
C ALA F 35 0.57 30.75 49.70
N SER F 36 0.65 30.85 48.37
CA SER F 36 1.78 31.42 47.64
C SER F 36 1.70 32.93 47.39
N GLU F 37 0.60 33.57 47.79
CA GLU F 37 0.38 35.01 47.65
C GLU F 37 0.67 35.81 48.92
N ASN F 38 1.00 37.07 48.74
CA ASN F 38 1.22 38.00 49.84
C ASN F 38 0.95 39.39 49.25
N PHE F 39 0.96 40.39 50.11
CA PHE F 39 0.87 41.79 49.69
C PHE F 39 2.22 42.45 49.93
N THR F 40 2.95 42.79 48.87
CA THR F 40 4.26 43.42 49.03
C THR F 40 4.07 44.91 49.35
N SER F 41 5.11 45.52 49.88
CA SER F 41 5.02 46.82 50.48
C SER F 41 5.07 47.97 49.46
N LYS F 42 4.63 49.15 49.92
CA LYS F 42 4.72 50.34 49.12
C LYS F 42 6.16 50.58 48.75
N ALA F 43 7.07 50.42 49.69
CA ALA F 43 8.47 50.73 49.41
C ALA F 43 9.02 49.83 48.26
N VAL F 44 8.68 48.56 48.28
CA VAL F 44 9.13 47.61 47.21
C VAL F 44 8.55 48.04 45.85
N MET F 45 7.25 48.26 45.82
CA MET F 45 6.57 48.75 44.62
C MET F 45 7.21 50.01 44.02
N GLU F 46 7.60 50.98 44.87
CA GLU F 46 8.27 52.21 44.40
C GLU F 46 9.65 51.95 43.76
N ALA F 47 10.43 51.00 44.29
CA ALA F 47 11.70 50.61 43.68
C ALA F 47 11.47 49.92 42.34
N VAL F 48 10.49 49.03 42.30
CA VAL F 48 10.13 48.28 41.12
C VAL F 48 9.58 49.25 40.04
N GLY F 49 8.81 50.28 40.41
CA GLY F 49 8.33 51.24 39.42
C GLY F 49 9.25 52.45 39.28
N SER F 50 10.55 52.22 39.20
CA SER F 50 11.54 53.30 39.16
C SER F 50 12.34 53.27 37.87
N CYS F 51 13.18 54.28 37.72
CA CYS F 51 14.06 54.42 36.57
C CYS F 51 15.15 53.30 36.48
N LEU F 52 15.26 52.47 37.52
CA LEU F 52 16.12 51.25 37.47
C LEU F 52 15.85 50.34 36.29
N THR F 53 14.60 50.34 35.78
CA THR F 53 14.20 49.60 34.61
C THR F 53 14.91 49.95 33.28
N ASN F 54 15.43 51.17 33.17
CA ASN F 54 16.07 51.61 31.95
C ASN F 54 17.50 51.07 31.70
N LYS F 55 18.14 50.42 32.67
CA LYS F 55 19.57 50.17 32.55
C LYS F 55 19.85 48.72 32.12
N TYR F 56 20.65 48.57 31.07
CA TYR F 56 21.25 47.28 30.71
C TYR F 56 22.53 47.07 31.56
N SER F 57 22.55 45.98 32.34
CA SER F 57 23.70 45.63 33.20
C SER F 57 24.09 44.13 33.12
N GLU F 58 24.15 43.60 31.91
CA GLU F 58 24.62 42.22 31.72
C GLU F 58 25.96 42.06 32.36
N GLY F 59 26.10 41.01 33.15
CA GLY F 59 27.35 40.69 33.81
C GLY F 59 27.12 40.65 35.31
N LEU F 60 28.17 40.93 36.07
CA LEU F 60 28.12 41.02 37.51
C LEU F 60 28.73 42.36 37.90
N PRO F 61 28.58 42.80 39.16
CA PRO F 61 29.17 44.04 39.65
C PRO F 61 30.70 44.21 39.42
N GLY F 62 31.10 45.30 38.76
CA GLY F 62 32.48 45.50 38.37
C GLY F 62 32.99 44.61 37.24
N LYS F 63 32.15 43.73 36.70
CA LYS F 63 32.49 42.93 35.52
C LYS F 63 31.29 42.90 34.61
N ARG F 64 30.91 44.09 34.15
CA ARG F 64 29.79 44.27 33.25
C ARG F 64 30.27 44.41 31.82
N TYR F 65 29.39 44.02 30.90
CA TYR F 65 29.57 44.34 29.49
C TYR F 65 29.69 45.85 29.23
N TYR F 66 28.75 46.61 29.79
CA TYR F 66 28.56 48.03 29.48
C TYR F 66 29.03 48.94 30.60
N GLY F 67 29.28 50.20 30.23
CA GLY F 67 29.54 51.24 31.23
C GLY F 67 28.25 51.86 31.75
N GLY F 68 28.42 52.88 32.59
CA GLY F 68 27.31 53.59 33.23
C GLY F 68 26.67 52.82 34.38
N ASN F 69 27.32 51.76 34.86
CA ASN F 69 26.72 50.86 35.84
C ASN F 69 27.22 51.06 37.27
N GLU F 70 27.84 52.21 37.56
CA GLU F 70 28.32 52.51 38.93
C GLU F 70 27.23 52.29 39.98
N HIS F 71 26.04 52.82 39.74
CA HIS F 71 24.97 52.80 40.76
C HIS F 71 24.20 51.50 40.78
N ILE F 72 24.07 50.87 39.62
CA ILE F 72 23.55 49.51 39.49
C ILE F 72 24.44 48.54 40.27
N ASP F 73 25.75 48.70 40.12
CA ASP F 73 26.73 47.91 40.88
C ASP F 73 26.60 48.08 42.38
N GLU F 74 26.40 49.32 42.87
CA GLU F 74 26.14 49.55 44.28
C GLU F 74 24.91 48.77 44.73
N LEU F 75 23.86 48.84 43.93
CA LEU F 75 22.61 48.20 44.28
C LEU F 75 22.71 46.68 44.31
N GLU F 76 23.30 46.08 43.28
CA GLU F 76 23.44 44.62 43.25
C GLU F 76 24.32 44.10 44.40
N ILE F 77 25.43 44.78 44.67
CA ILE F 77 26.31 44.44 45.80
C ILE F 77 25.57 44.49 47.13
N LEU F 78 24.85 45.57 47.35
CA LEU F 78 24.00 45.75 48.50
C LEU F 78 22.97 44.64 48.68
N CYS F 79 22.29 44.33 47.60
CA CYS F 79 21.26 43.29 47.62
C CYS F 79 21.84 41.91 48.03
N GLN F 80 23.01 41.60 47.46
CA GLN F 80 23.75 40.37 47.79
C GLN F 80 24.07 40.34 49.29
N GLN F 81 24.62 41.42 49.81
N GLN F 81 24.66 41.45 49.77
CA GLN F 81 25.00 41.48 51.22
CA GLN F 81 24.97 41.68 51.20
C GLN F 81 23.79 41.36 52.16
C GLN F 81 23.80 41.36 52.10
N ARG F 82 22.69 42.02 51.82
CA ARG F 82 21.44 41.84 52.55
C ARG F 82 20.84 40.43 52.47
N ALA F 83 20.96 39.77 51.32
CA ALA F 83 20.45 38.39 51.17
C ALA F 83 21.17 37.43 52.12
N LEU F 84 22.49 37.52 52.15
CA LEU F 84 23.29 36.70 53.07
C LEU F 84 22.98 37.00 54.54
N ALA F 85 22.80 38.29 54.86
CA ALA F 85 22.48 38.71 56.22
C ALA F 85 21.10 38.22 56.61
N ALA F 86 20.12 38.24 55.70
CA ALA F 86 18.76 37.83 56.09
C ALA F 86 18.70 36.35 56.43
N PHE F 87 19.62 35.57 55.87
CA PHE F 87 19.68 34.13 56.17
C PHE F 87 20.87 33.73 57.03
N HIS F 88 21.48 34.74 57.65
CA HIS F 88 22.50 34.54 58.68
C HIS F 88 23.67 33.73 58.15
N LEU F 89 24.14 34.12 56.98
CA LEU F 89 25.14 33.38 56.25
C LEU F 89 26.46 34.11 56.21
N ASP F 90 27.53 33.35 56.35
CA ASP F 90 28.90 33.85 56.28
C ASP F 90 29.27 33.84 54.79
N GLY F 91 29.61 35.01 54.28
CA GLY F 91 29.96 35.21 52.88
C GLY F 91 31.20 34.48 52.40
N ASP F 92 32.05 34.00 53.29
CA ASP F 92 33.15 33.13 52.88
C ASP F 92 32.68 31.70 52.60
N LYS F 93 31.62 31.26 53.28
CA LYS F 93 31.00 29.96 53.04
C LYS F 93 29.94 29.97 51.94
N TRP F 94 29.19 31.08 51.80
CA TRP F 94 28.02 31.14 50.92
C TRP F 94 28.07 32.31 49.96
N GLY F 95 27.71 32.06 48.70
CA GLY F 95 27.50 33.11 47.74
C GLY F 95 26.03 33.19 47.37
N VAL F 96 25.66 34.23 46.61
CA VAL F 96 24.28 34.39 46.17
C VAL F 96 24.21 35.09 44.81
N ASN F 97 23.27 34.68 43.97
CA ASN F 97 22.99 35.36 42.71
C ASN F 97 21.57 35.89 42.83
N VAL F 98 21.43 37.20 42.66
CA VAL F 98 20.14 37.88 42.84
C VAL F 98 19.47 38.24 41.49
N GLN F 99 20.03 37.76 40.36
CA GLN F 99 19.50 38.06 39.03
C GLN F 99 18.35 37.18 38.48
N PRO F 100 18.07 35.96 39.07
CA PRO F 100 17.02 35.15 38.47
C PRO F 100 15.68 35.83 38.37
N LEU F 101 15.03 35.67 37.21
CA LEU F 101 13.73 36.31 36.94
C LEU F 101 12.56 35.78 37.72
N SER F 102 12.62 34.53 38.15
CA SER F 102 11.56 34.04 38.99
C SER F 102 12.03 32.73 39.56
N GLY F 103 11.11 32.05 40.23
CA GLY F 103 11.40 30.76 40.85
C GLY F 103 11.78 29.72 39.81
N SER F 104 10.95 29.55 38.79
CA SER F 104 11.19 28.55 37.76
C SER F 104 12.53 28.71 37.05
N PRO F 105 12.88 29.94 36.62
CA PRO F 105 14.21 30.16 36.10
C PRO F 105 15.37 29.97 37.06
N ALA F 106 15.19 30.35 38.34
CA ALA F 106 16.23 30.08 39.34
C ALA F 106 16.56 28.58 39.37
N ASN F 107 15.53 27.74 39.42
CA ASN F 107 15.72 26.25 39.49
C ASN F 107 16.32 25.71 38.22
N PHE F 108 15.86 26.20 37.08
CA PHE F 108 16.41 25.78 35.83
C PHE F 108 17.88 26.14 35.66
N ALA F 109 18.29 27.31 36.16
CA ALA F 109 19.70 27.69 36.14
C ALA F 109 20.58 26.82 37.01
N VAL F 110 20.06 26.41 38.17
CA VAL F 110 20.80 25.46 39.00
C VAL F 110 20.99 24.15 38.20
N TYR F 111 19.95 23.63 37.58
CA TYR F 111 20.09 22.38 36.81
C TYR F 111 21.13 22.51 35.71
N THR F 112 21.09 23.67 35.06
CA THR F 112 21.99 23.99 33.99
C THR F 112 23.42 24.09 34.49
N ALA F 113 23.61 24.66 35.65
CA ALA F 113 24.93 24.81 36.24
C ALA F 113 25.59 23.49 36.66
N ILE F 114 24.84 22.60 37.29
CA ILE F 114 25.43 21.42 37.89
C ILE F 114 25.08 20.09 37.21
N LEU F 115 24.09 20.07 36.33
CA LEU F 115 23.72 18.86 35.61
C LEU F 115 23.93 18.97 34.12
N LYS F 116 24.08 17.83 33.44
CA LYS F 116 24.06 17.73 31.98
C LYS F 116 22.67 17.29 31.58
N PRO F 117 22.30 17.53 30.32
CA PRO F 117 20.99 17.07 29.86
C PRO F 117 20.82 15.58 30.12
N HIS F 118 19.64 15.20 30.55
CA HIS F 118 19.27 13.84 30.84
C HIS F 118 19.81 13.30 32.15
N ASP F 119 20.57 14.10 32.90
CA ASP F 119 20.91 13.72 34.27
C ASP F 119 19.66 13.53 35.07
N ARG F 120 19.78 12.72 36.12
CA ARG F 120 18.64 12.33 36.93
C ARG F 120 18.39 13.23 38.15
N ILE F 121 17.11 13.47 38.43
CA ILE F 121 16.65 14.40 39.44
C ILE F 121 15.53 13.72 40.16
N MET F 122 15.47 13.86 41.48
CA MET F 122 14.28 13.48 42.21
C MET F 122 13.75 14.69 43.01
N GLY F 123 12.44 14.85 42.99
CA GLY F 123 11.73 15.90 43.73
C GLY F 123 10.38 15.36 44.11
N LEU F 124 9.64 16.12 44.92
CA LEU F 124 8.35 15.65 45.43
C LEU F 124 7.30 15.58 44.33
N ASP F 125 6.66 14.42 44.17
CA ASP F 125 5.66 14.20 43.10
C ASP F 125 4.67 15.36 43.04
N LEU F 126 4.39 15.87 41.83
CA LEU F 126 3.41 16.97 41.65
C LEU F 126 2.05 16.71 42.34
N PRO F 127 1.40 15.55 42.09
CA PRO F 127 0.11 15.27 42.75
C PRO F 127 0.15 15.06 44.27
N HIS F 128 1.36 15.02 44.85
CA HIS F 128 1.56 14.91 46.29
C HIS F 128 2.11 16.21 46.89
N GLY F 129 1.97 17.32 46.15
CA GLY F 129 2.34 18.63 46.68
C GLY F 129 3.62 19.26 46.17
N GLY F 130 4.22 18.67 45.12
CA GLY F 130 5.45 19.19 44.52
C GLY F 130 5.18 20.35 43.56
N HIS F 131 6.23 20.84 42.90
CA HIS F 131 6.12 21.91 41.89
C HIS F 131 6.53 21.34 40.54
N LEU F 132 5.85 21.79 39.47
CA LEU F 132 6.21 21.42 38.09
C LEU F 132 7.70 21.51 37.78
N SER F 133 8.35 22.58 38.28
CA SER F 133 9.76 22.82 37.99
C SER F 133 10.73 21.76 38.57
N HIS F 134 10.26 20.90 39.46
CA HIS F 134 11.07 19.78 39.96
C HIS F 134 10.94 18.51 39.11
N GLY F 135 10.08 18.54 38.08
CA GLY F 135 9.87 17.42 37.16
C GLY F 135 8.40 17.02 37.21
N PHE F 136 7.82 16.72 36.04
CA PHE F 136 6.50 16.13 35.96
C PHE F 136 6.25 15.52 34.60
N MET F 137 5.81 14.26 34.62
CA MET F 137 5.43 13.55 33.40
C MET F 137 4.12 12.85 33.65
N THR F 138 3.20 12.95 32.70
CA THR F 138 2.02 12.12 32.71
C THR F 138 2.42 10.84 32.00
N ALA F 139 1.49 9.90 31.90
CA ALA F 139 1.73 8.69 31.13
C ALA F 139 2.18 8.99 29.69
N LYS F 140 1.51 9.95 29.04
CA LYS F 140 1.70 10.23 27.62
C LYS F 140 2.71 11.35 27.27
N ARG F 141 2.95 12.30 28.18
CA ARG F 141 3.79 13.46 27.85
C ARG F 141 4.71 13.95 28.98
N ARG F 142 5.78 14.63 28.57
CA ARG F 142 6.68 15.34 29.47
C ARG F 142 6.17 16.79 29.63
N VAL F 143 5.55 17.10 30.75
CA VAL F 143 4.82 18.38 30.91
C VAL F 143 5.74 19.54 31.34
N SER F 144 6.54 19.30 32.37
CA SER F 144 7.54 20.29 32.78
C SER F 144 8.74 20.22 31.84
N GLY F 145 9.34 21.38 31.57
CA GLY F 145 10.61 21.46 30.88
C GLY F 145 11.73 20.76 31.65
N THR F 146 11.63 20.71 32.97
CA THR F 146 12.57 19.94 33.76
C THR F 146 12.57 18.44 33.34
N SER F 147 11.40 17.87 33.04
CA SER F 147 11.26 16.45 32.64
C SER F 147 11.56 16.23 31.17
N ILE F 148 11.58 17.31 30.39
CA ILE F 148 12.04 17.26 29.01
C ILE F 148 13.54 17.21 28.94
N TYR F 149 14.21 18.11 29.65
CA TYR F 149 15.67 18.26 29.51
C TYR F 149 16.48 17.40 30.51
N PHE F 150 15.82 16.86 31.53
CA PHE F 150 16.42 16.01 32.54
C PHE F 150 15.52 14.85 32.74
N GLU F 151 16.02 13.87 33.51
CA GLU F 151 15.31 12.66 33.79
C GLU F 151 14.86 12.68 35.26
N SER F 152 13.59 13.00 35.46
CA SER F 152 13.01 13.09 36.78
C SER F 152 12.29 11.83 37.17
N MET F 153 12.36 11.48 38.44
CA MET F 153 11.48 10.50 39.01
C MET F 153 11.03 11.06 40.33
N PRO F 154 9.73 11.03 40.59
CA PRO F 154 9.34 11.63 41.86
C PRO F 154 9.60 10.70 43.05
N TYR F 155 9.69 11.30 44.23
CA TYR F 155 9.42 10.62 45.48
C TYR F 155 8.09 11.10 46.03
N ARG F 156 7.46 10.25 46.83
CA ARG F 156 6.10 10.43 47.29
C ARG F 156 5.99 10.45 48.82
N LEU F 157 4.87 10.97 49.27
CA LEU F 157 4.41 10.88 50.65
C LEU F 157 3.93 9.45 51.03
N ASP F 158 3.89 9.23 52.34
CA ASP F 158 3.18 8.10 52.92
C ASP F 158 1.73 8.54 53.10
N GLU F 159 0.82 7.85 52.42
CA GLU F 159 -0.60 8.25 52.35
C GLU F 159 -1.37 8.02 53.64
N SER F 160 -0.81 7.27 54.59
CA SER F 160 -1.37 7.16 55.94
C SER F 160 -0.93 8.32 56.84
N THR F 161 0.33 8.75 56.75
CA THR F 161 0.85 9.85 57.59
C THR F 161 0.86 11.24 56.91
N GLY F 162 0.66 11.28 55.59
CA GLY F 162 0.74 12.51 54.80
C GLY F 162 2.11 13.18 54.79
N VAL F 163 3.16 12.41 55.09
CA VAL F 163 4.49 12.93 55.35
C VAL F 163 5.39 12.19 54.39
N ILE F 164 6.47 12.84 53.97
CA ILE F 164 7.42 12.25 53.00
C ILE F 164 7.85 10.83 53.43
N ASP F 165 7.75 9.85 52.55
CA ASP F 165 8.16 8.49 52.85
C ASP F 165 9.67 8.35 52.62
N TYR F 166 10.42 8.73 53.63
CA TYR F 166 11.88 8.77 53.60
C TYR F 166 12.49 7.39 53.35
N ASP F 167 11.86 6.36 53.92
CA ASP F 167 12.33 4.98 53.72
C ASP F 167 12.27 4.59 52.26
N MET F 168 11.18 4.94 51.60
CA MET F 168 11.07 4.67 50.17
C MET F 168 12.04 5.58 49.41
N LEU F 169 12.17 6.84 49.80
CA LEU F 169 13.12 7.75 49.15
C LEU F 169 14.51 7.14 49.20
N GLU F 170 14.91 6.75 50.41
CA GLU F 170 16.16 6.00 50.63
C GLU F 170 16.33 4.83 49.62
N LYS F 171 15.29 4.00 49.47
CA LYS F 171 15.34 2.82 48.57
C LYS F 171 15.36 3.15 47.08
N THR F 172 14.47 4.07 46.68
CA THR F 172 14.35 4.48 45.29
C THR F 172 15.58 5.27 44.82
N ALA F 173 16.10 6.16 45.67
CA ALA F 173 17.36 6.85 45.42
C ALA F 173 18.48 5.90 45.16
N ALA F 174 18.54 4.83 45.96
CA ALA F 174 19.52 3.77 45.78
C ALA F 174 19.44 3.15 44.41
N LEU F 175 18.22 2.93 43.92
CA LEU F 175 18.03 2.32 42.58
C LEU F 175 18.22 3.27 41.40
N PHE F 176 17.69 4.49 41.57
CA PHE F 176 17.59 5.49 40.51
C PHE F 176 18.86 6.29 40.36
N ARG F 177 19.61 6.48 41.44
CA ARG F 177 20.91 7.17 41.40
C ARG F 177 20.79 8.62 40.88
N PRO F 178 19.93 9.40 41.52
CA PRO F 178 19.84 10.82 41.08
C PRO F 178 21.17 11.54 41.25
N LYS F 179 21.47 12.46 40.36
CA LYS F 179 22.60 13.38 40.54
C LYS F 179 22.20 14.57 41.45
N LEU F 180 20.90 14.77 41.61
CA LEU F 180 20.31 15.89 42.34
C LEU F 180 19.02 15.45 42.97
N ILE F 181 18.95 15.71 44.28
CA ILE F 181 17.75 15.48 45.04
C ILE F 181 17.27 16.86 45.49
N ILE F 182 16.01 17.15 45.21
CA ILE F 182 15.42 18.40 45.57
C ILE F 182 14.43 18.21 46.72
N ALA F 183 14.63 18.99 47.77
CA ALA F 183 13.67 19.17 48.86
C ALA F 183 12.97 20.52 48.69
N GLY F 184 11.80 20.64 49.30
CA GLY F 184 10.98 21.86 49.24
C GLY F 184 9.73 21.54 48.46
N ALA F 185 8.69 22.33 48.64
CA ALA F 185 7.41 22.01 48.03
C ALA F 185 6.46 23.20 48.00
N SER F 186 5.36 22.99 47.28
CA SER F 186 4.31 23.98 47.10
C SER F 186 3.20 23.76 48.13
N ALA F 187 2.86 22.50 48.40
CA ALA F 187 1.71 22.19 49.24
C ALA F 187 2.06 21.09 50.28
N TYR F 188 3.17 21.27 50.96
CA TYR F 188 3.59 20.33 51.99
C TYR F 188 3.48 21.03 53.34
N PRO F 189 2.65 20.48 54.24
CA PRO F 189 2.37 21.15 55.52
C PRO F 189 3.39 20.99 56.66
N ARG F 190 4.52 20.31 56.45
CA ARG F 190 5.46 20.05 57.56
C ARG F 190 6.88 20.50 57.25
N ASP F 191 7.70 20.60 58.29
CA ASP F 191 9.13 20.90 58.10
C ASP F 191 9.83 19.71 57.40
N ILE F 192 11.04 19.92 56.91
CA ILE F 192 11.75 18.93 56.14
C ILE F 192 12.91 18.39 56.96
N ASP F 193 13.10 17.08 56.89
CA ASP F 193 14.18 16.41 57.60
C ASP F 193 15.44 16.58 56.78
N TYR F 194 16.11 17.71 56.98
CA TYR F 194 17.29 18.05 56.18
C TYR F 194 18.44 17.05 56.37
N ALA F 195 18.72 16.73 57.64
CA ALA F 195 19.69 15.70 57.99
C ALA F 195 19.45 14.39 57.22
N ARG F 196 18.19 13.92 57.19
CA ARG F 196 17.86 12.71 56.43
C ARG F 196 18.13 12.89 54.92
N PHE F 197 17.74 14.05 54.40
CA PHE F 197 18.02 14.34 53.00
C PHE F 197 19.49 14.24 52.69
N ARG F 198 20.32 14.81 53.57
CA ARG F 198 21.77 14.79 53.47
C ARG F 198 22.33 13.36 53.47
N LYS F 199 21.76 12.50 54.32
CA LYS F 199 22.20 11.11 54.36
C LYS F 199 21.86 10.39 53.04
N ILE F 200 20.62 10.57 52.58
CA ILE F 200 20.15 9.96 51.34
C ILE F 200 20.93 10.48 50.14
N ALA F 201 21.19 11.79 50.13
CA ALA F 201 22.01 12.41 49.12
C ALA F 201 23.41 11.79 49.08
N ASP F 202 24.06 11.79 50.25
CA ASP F 202 25.40 11.24 50.39
C ASP F 202 25.52 9.76 49.99
N SER F 203 24.48 8.98 50.22
CA SER F 203 24.50 7.56 49.87
C SER F 203 24.53 7.32 48.37
N VAL F 204 24.13 8.29 47.55
CA VAL F 204 24.36 8.19 46.09
C VAL F 204 25.31 9.21 45.48
N GLY F 205 25.95 10.03 46.32
CA GLY F 205 26.88 11.05 45.83
C GLY F 205 26.17 12.20 45.12
N ALA F 206 24.90 12.41 45.44
CA ALA F 206 24.08 13.43 44.78
C ALA F 206 24.27 14.82 45.35
N PHE F 207 24.08 15.84 44.51
CA PHE F 207 23.87 17.22 44.97
C PHE F 207 22.56 17.27 45.73
N LEU F 208 22.47 18.20 46.69
CA LEU F 208 21.31 18.35 47.51
C LEU F 208 20.91 19.83 47.53
N MET F 209 19.68 20.09 47.14
CA MET F 209 19.20 21.47 47.06
C MET F 209 17.88 21.61 47.80
N MET F 210 17.66 22.79 48.37
CA MET F 210 16.35 23.17 48.91
C MET F 210 15.73 24.31 48.13
N ASP F 211 14.49 24.11 47.71
CA ASP F 211 13.67 25.16 47.11
C ASP F 211 12.76 25.69 48.22
N MET F 212 13.15 26.84 48.76
CA MET F 212 12.47 27.44 49.91
C MET F 212 11.49 28.56 49.50
N ALA F 213 10.94 28.49 48.28
CA ALA F 213 10.02 29.53 47.78
C ALA F 213 8.86 29.87 48.75
N HIS F 214 8.20 28.84 49.25
CA HIS F 214 7.02 29.01 50.06
C HIS F 214 7.30 29.36 51.51
N VAL F 215 8.52 29.11 51.98
CA VAL F 215 8.87 29.13 53.37
C VAL F 215 10.07 30.01 53.70
N SER F 216 10.60 30.75 52.74
CA SER F 216 11.83 31.51 52.98
C SER F 216 11.75 32.48 54.15
N GLY F 217 10.61 33.15 54.31
CA GLY F 217 10.41 34.10 55.41
C GLY F 217 10.42 33.40 56.76
N LEU F 218 9.80 32.23 56.82
CA LEU F 218 9.84 31.40 58.02
C LEU F 218 11.24 30.97 58.38
N ILE F 219 12.06 30.74 57.35
CA ILE F 219 13.45 30.31 57.56
C ILE F 219 14.30 31.47 58.03
N ALA F 220 14.15 32.64 57.37
CA ALA F 220 14.85 33.88 57.79
C ALA F 220 14.59 34.24 59.25
N ALA F 221 13.35 34.02 59.70
CA ALA F 221 12.92 34.33 61.07
C ALA F 221 13.17 33.18 62.07
N SER F 222 13.77 32.08 61.60
CA SER F 222 14.10 30.93 62.42
C SER F 222 12.88 30.32 63.09
N VAL F 223 11.75 30.34 62.40
CA VAL F 223 10.56 29.62 62.80
C VAL F 223 10.67 28.17 62.36
N LEU F 224 11.17 27.94 61.14
CA LEU F 224 11.46 26.60 60.63
C LEU F 224 12.95 26.33 60.67
N ALA F 225 13.33 25.08 60.44
CA ALA F 225 14.74 24.68 60.53
C ALA F 225 15.52 25.30 59.37
N ASP F 226 16.82 25.38 59.56
CA ASP F 226 17.67 26.06 58.63
C ASP F 226 18.25 25.09 57.56
N PRO F 227 17.79 25.17 56.28
CA PRO F 227 18.35 24.28 55.27
C PRO F 227 19.84 24.49 55.04
N PHE F 228 20.34 25.69 55.33
CA PHE F 228 21.72 26.05 55.05
C PHE F 228 22.73 25.29 55.94
N GLU F 229 22.25 24.68 57.01
CA GLU F 229 23.08 23.76 57.78
C GLU F 229 23.39 22.48 57.00
N PHE F 230 22.57 22.09 56.02
CA PHE F 230 22.75 20.80 55.34
C PHE F 230 22.92 20.79 53.82
N VAL F 231 22.21 21.65 53.11
CA VAL F 231 22.12 21.55 51.66
C VAL F 231 23.26 22.27 50.98
N ASP F 232 23.48 21.97 49.69
CA ASP F 232 24.53 22.59 48.90
C ASP F 232 24.08 23.93 48.33
N ILE F 233 22.81 23.93 47.91
CA ILE F 233 22.20 25.01 47.13
C ILE F 233 20.80 25.27 47.66
N VAL F 234 20.43 26.56 47.75
CA VAL F 234 19.08 26.96 48.15
C VAL F 234 18.56 27.93 47.07
N THR F 235 17.37 27.64 46.56
CA THR F 235 16.71 28.56 45.64
C THR F 235 15.47 29.12 46.28
N THR F 236 15.00 30.21 45.73
CA THR F 236 13.76 30.77 46.19
C THR F 236 13.18 31.71 45.17
N THR F 237 11.87 31.87 45.25
CA THR F 237 11.24 33.08 44.75
C THR F 237 11.37 34.17 45.83
N THR F 238 11.39 35.42 45.37
CA THR F 238 11.54 36.60 46.23
C THR F 238 10.17 37.15 46.64
N HIS F 239 9.18 36.65 45.94
CA HIS F 239 7.80 36.84 46.27
C HIS F 239 7.41 35.67 47.19
N LYS F 240 6.13 35.54 47.44
CA LYS F 240 5.55 34.59 48.40
C LYS F 240 5.97 34.94 49.82
N SER F 241 6.44 33.97 50.60
CA SER F 241 6.74 34.18 52.02
C SER F 241 7.71 35.29 52.28
N LEU F 242 8.73 35.39 51.47
CA LEU F 242 9.71 36.49 51.61
C LEU F 242 9.08 37.87 51.49
N ARG F 243 7.93 37.96 50.84
CA ARG F 243 7.13 39.21 50.72
C ARG F 243 7.79 40.36 49.92
N GLY F 244 8.49 39.99 48.86
CA GLY F 244 9.17 40.95 48.01
C GLY F 244 8.56 41.02 46.61
N PRO F 245 9.33 41.56 45.66
CA PRO F 245 8.86 41.62 44.31
C PRO F 245 8.90 40.22 43.67
N ARG F 246 8.34 40.10 42.47
CA ARG F 246 8.43 38.85 41.71
C ARG F 246 9.82 38.70 41.13
N GLY F 247 10.58 37.73 41.64
CA GLY F 247 11.89 37.40 41.12
C GLY F 247 12.38 36.18 41.85
N GLY F 248 13.66 35.88 41.72
CA GLY F 248 14.25 34.73 42.38
C GLY F 248 15.66 34.94 42.82
N MET F 249 16.19 33.99 43.61
CA MET F 249 17.56 34.04 44.09
C MET F 249 18.09 32.62 44.16
N ILE F 250 19.39 32.52 44.07
CA ILE F 250 20.10 31.25 44.25
C ILE F 250 21.28 31.48 45.19
N PHE F 251 21.28 30.72 46.28
CA PHE F 251 22.40 30.65 47.23
C PHE F 251 23.20 29.36 47.04
N PHE F 252 24.51 29.43 47.29
CA PHE F 252 25.38 28.29 47.02
C PHE F 252 26.62 28.27 47.90
N LYS F 253 27.03 27.06 48.29
CA LYS F 253 28.30 26.88 49.02
C LYS F 253 29.43 27.39 48.17
N LYS F 254 30.39 28.07 48.81
CA LYS F 254 31.61 28.45 48.10
C LYS F 254 32.71 27.39 48.19
N ASP F 255 32.61 26.46 49.14
CA ASP F 255 33.53 25.32 49.15
C ASP F 255 33.10 24.38 47.98
N ALA F 256 34.05 23.80 47.27
CA ALA F 256 33.71 22.90 46.15
C ALA F 256 32.82 21.75 46.62
N VAL F 257 31.84 21.40 45.80
CA VAL F 257 30.88 20.35 46.11
C VAL F 257 31.01 19.31 45.00
N HIS F 258 31.49 18.13 45.37
CA HIS F 258 31.78 17.06 44.42
C HIS F 258 32.71 17.57 43.33
N GLY F 259 33.69 18.35 43.72
CA GLY F 259 34.64 18.91 42.80
C GLY F 259 34.24 20.20 42.09
N VAL F 260 32.97 20.59 42.21
CA VAL F 260 32.38 21.67 41.40
C VAL F 260 32.44 22.99 42.14
N ASP F 261 32.92 24.01 41.44
CA ASP F 261 32.96 25.39 41.92
C ASP F 261 31.57 25.92 41.64
N LEU F 262 30.67 25.82 42.62
CA LEU F 262 29.26 26.18 42.42
C LEU F 262 29.08 27.67 42.04
N GLU F 263 29.91 28.54 42.60
CA GLU F 263 29.83 29.97 42.34
C GLU F 263 29.96 30.26 40.86
N SER F 264 31.04 29.74 40.24
CA SER F 264 31.27 29.94 38.81
C SER F 264 30.20 29.29 38.00
N ALA F 265 29.82 28.05 38.36
CA ALA F 265 28.82 27.33 37.61
C ALA F 265 27.45 28.04 37.58
N ILE F 266 27.00 28.44 38.75
CA ILE F 266 25.68 29.03 38.89
C ILE F 266 25.65 30.41 38.26
N ASN F 267 26.65 31.24 38.52
CA ASN F 267 26.67 32.60 37.95
C ASN F 267 26.73 32.52 36.42
N ASN F 268 27.59 31.66 35.88
CA ASN F 268 27.66 31.44 34.42
C ASN F 268 26.38 30.93 33.78
N ALA F 269 25.63 30.10 34.49
CA ALA F 269 24.37 29.59 34.01
C ALA F 269 23.28 30.68 33.98
N VAL F 270 23.26 31.58 34.97
CA VAL F 270 22.30 32.69 34.96
C VAL F 270 22.66 33.63 33.80
N PHE F 271 23.91 34.09 33.77
CA PHE F 271 24.46 34.85 32.62
C PHE F 271 25.91 34.45 32.39
N PRO F 272 26.38 34.15 31.17
CA PRO F 272 25.65 34.31 29.89
C PRO F 272 24.71 33.16 29.53
N GLY F 273 24.51 32.17 30.40
CA GLY F 273 23.82 30.96 30.03
C GLY F 273 22.37 31.11 29.63
N LEU F 274 21.54 31.65 30.53
CA LEU F 274 20.11 31.57 30.38
C LEU F 274 19.38 32.92 30.26
N GLN F 275 19.97 33.99 30.78
CA GLN F 275 19.26 35.26 30.92
C GLN F 275 20.13 36.30 30.27
N GLY F 276 19.52 37.44 29.96
CA GLY F 276 20.28 38.56 29.44
C GLY F 276 20.39 39.63 30.50
N GLY F 277 19.82 40.80 30.23
CA GLY F 277 19.90 41.94 31.15
C GLY F 277 19.18 41.68 32.45
N PRO F 278 19.88 41.81 33.59
CA PRO F 278 19.23 41.78 34.88
C PRO F 278 18.10 42.83 34.97
N HIS F 279 17.02 42.47 35.66
CA HIS F 279 15.91 43.37 35.90
C HIS F 279 16.23 44.17 37.17
N ASN F 280 16.94 45.28 36.96
CA ASN F 280 17.46 46.08 38.07
C ASN F 280 16.39 46.71 38.93
N HIS F 281 15.22 46.98 38.36
CA HIS F 281 14.05 47.41 39.13
C HIS F 281 13.59 46.38 40.18
N THR F 282 13.53 45.14 39.74
CA THR F 282 13.22 44.02 40.59
C THR F 282 14.30 43.84 41.66
N ILE F 283 15.58 43.98 41.30
CA ILE F 283 16.68 43.88 42.26
C ILE F 283 16.62 44.99 43.35
N GLY F 284 16.27 46.21 42.93
CA GLY F 284 15.89 47.28 43.86
C GLY F 284 14.83 46.87 44.88
N GLY F 285 13.72 46.37 44.38
CA GLY F 285 12.67 45.82 45.20
C GLY F 285 13.12 44.74 46.15
N LEU F 286 13.96 43.84 45.63
CA LEU F 286 14.50 42.77 46.42
C LEU F 286 15.32 43.32 47.59
N ALA F 287 16.23 44.24 47.31
CA ALA F 287 17.06 44.85 48.34
C ALA F 287 16.22 45.39 49.47
N VAL F 288 15.15 46.10 49.08
CA VAL F 288 14.18 46.65 50.01
C VAL F 288 13.59 45.58 50.91
N CYS F 289 13.17 44.48 50.32
CA CYS F 289 12.47 43.47 51.10
C CYS F 289 13.44 42.68 51.97
N LEU F 290 14.72 42.62 51.57
CA LEU F 290 15.75 41.95 52.38
C LEU F 290 16.19 42.77 53.63
N LYS F 291 16.22 44.09 53.52
CA LYS F 291 16.28 44.95 54.70
C LYS F 291 15.16 44.61 55.65
N TYR F 292 13.93 44.65 55.17
CA TYR F 292 12.79 44.42 56.01
C TYR F 292 12.88 43.05 56.68
N ALA F 293 13.29 42.06 55.88
CA ALA F 293 13.42 40.68 56.36
C ALA F 293 14.36 40.49 57.55
N GLN F 294 15.29 41.41 57.74
CA GLN F 294 16.22 41.33 58.88
C GLN F 294 15.64 41.91 60.17
N SER F 295 14.54 42.64 60.11
CA SER F 295 14.06 43.43 61.25
C SER F 295 13.22 42.57 62.22
N PRO F 296 13.09 43.00 63.51
CA PRO F 296 12.30 42.18 64.46
C PRO F 296 10.80 42.08 64.13
N ASP F 297 10.22 43.14 63.56
CA ASP F 297 8.84 43.08 63.04
C ASP F 297 8.60 41.90 62.07
N PHE F 298 9.58 41.63 61.21
CA PHE F 298 9.44 40.54 60.23
C PHE F 298 9.43 39.21 60.99
N LYS F 299 10.21 39.13 62.08
CA LYS F 299 10.25 37.94 62.97
C LYS F 299 8.91 37.72 63.69
N ASN F 300 8.37 38.82 64.21
CA ASN F 300 7.04 38.86 64.80
C ASN F 300 5.99 38.41 63.79
N TYR F 301 6.04 39.04 62.62
CA TYR F 301 5.15 38.68 61.51
C TYR F 301 5.15 37.19 61.24
N GLN F 302 6.33 36.61 61.07
CA GLN F 302 6.38 35.20 60.66
C GLN F 302 5.86 34.25 61.76
N ASN F 303 6.08 34.59 63.03
CA ASN F 303 5.51 33.81 64.12
C ASN F 303 3.97 33.95 64.16
N GLN F 304 3.45 35.14 63.82
CA GLN F 304 2.01 35.32 63.66
C GLN F 304 1.42 34.46 62.55
N VAL F 305 2.13 34.39 61.41
CA VAL F 305 1.73 33.60 60.25
C VAL F 305 1.43 32.16 60.69
N VAL F 306 2.40 31.54 61.36
CA VAL F 306 2.24 30.18 61.88
C VAL F 306 1.06 30.04 62.88
N ALA F 307 0.99 30.95 63.85
CA ALA F 307 -0.12 30.97 64.85
C ALA F 307 -1.51 31.11 64.22
N ASN F 308 -1.59 31.91 63.16
CA ASN F 308 -2.81 32.10 62.41
C ASN F 308 -3.23 30.86 61.66
N CYS F 309 -2.24 30.19 61.04
CA CYS F 309 -2.49 28.94 60.32
C CYS F 309 -3.06 27.89 61.28
N ARG F 310 -2.49 27.86 62.48
CA ARG F 310 -2.86 26.87 63.50
C ARG F 310 -4.28 27.10 63.99
N ALA F 311 -4.62 28.35 64.29
CA ALA F 311 -5.97 28.71 64.72
C ALA F 311 -7.00 28.28 63.66
N LEU F 312 -6.71 28.60 62.41
CA LEU F 312 -7.53 28.17 61.28
C LEU F 312 -7.62 26.63 61.19
N ALA F 313 -6.47 25.98 61.36
CA ALA F 313 -6.38 24.51 61.33
C ALA F 313 -7.26 23.89 62.44
N ASN F 314 -7.09 24.37 63.68
CA ASN F 314 -7.89 23.88 64.82
C ASN F 314 -9.40 23.98 64.55
N ARG F 315 -9.85 25.17 64.11
CA ARG F 315 -11.27 25.41 63.91
C ARG F 315 -11.87 24.58 62.77
N LEU F 316 -11.09 24.35 61.72
CA LEU F 316 -11.54 23.44 60.66
C LEU F 316 -11.73 21.99 61.18
N VAL F 317 -10.84 21.57 62.07
CA VAL F 317 -10.97 20.26 62.72
C VAL F 317 -12.24 20.17 63.54
N GLU F 318 -12.54 21.22 64.31
CA GLU F 318 -13.81 21.35 65.04
C GLU F 318 -15.02 21.24 64.10
N HIS F 319 -14.94 21.83 62.92
CA HIS F 319 -15.95 21.63 61.87
C HIS F 319 -15.87 20.22 61.17
N GLU F 320 -15.05 19.31 61.71
CA GLU F 320 -14.90 17.93 61.25
C GLU F 320 -14.27 17.78 59.86
N TYR F 321 -13.44 18.74 59.47
CA TYR F 321 -12.65 18.61 58.24
C TYR F 321 -11.39 17.76 58.50
N LYS F 322 -11.07 16.91 57.53
CA LYS F 322 -9.82 16.16 57.54
C LYS F 322 -8.68 16.98 56.92
N LEU F 323 -7.64 17.20 57.72
CA LEU F 323 -6.40 17.84 57.28
C LEU F 323 -5.30 16.80 56.95
N VAL F 324 -4.61 17.00 55.82
CA VAL F 324 -3.54 16.12 55.41
C VAL F 324 -2.38 16.31 56.39
N SER F 325 -1.79 15.18 56.82
CA SER F 325 -0.84 15.11 57.94
C SER F 325 -1.40 15.56 59.30
N GLY F 326 -2.74 15.72 59.38
CA GLY F 326 -3.42 16.15 60.57
C GLY F 326 -3.08 17.52 61.11
N GLY F 327 -2.68 18.43 60.23
CA GLY F 327 -2.36 19.81 60.64
C GLY F 327 -1.13 20.33 59.91
N SER F 328 -0.41 21.23 60.57
CA SER F 328 0.65 22.00 59.91
C SER F 328 1.71 22.55 60.85
N ASP F 329 2.94 22.61 60.35
CA ASP F 329 4.06 23.32 60.99
C ASP F 329 4.30 24.71 60.42
N ASN F 330 3.58 25.09 59.37
CA ASN F 330 3.97 26.28 58.58
C ASN F 330 2.79 27.20 58.28
N HIS F 331 2.71 27.72 57.07
CA HIS F 331 1.86 28.84 56.76
C HIS F 331 0.62 28.37 56.01
N LEU F 332 0.49 27.06 55.77
CA LEU F 332 -0.63 26.51 54.99
C LEU F 332 -1.22 25.26 55.62
N VAL F 333 -2.41 24.87 55.18
CA VAL F 333 -2.98 23.54 55.49
C VAL F 333 -3.62 22.99 54.24
N LEU F 334 -3.67 21.66 54.14
CA LEU F 334 -4.37 20.95 53.06
C LEU F 334 -5.55 20.22 53.66
N VAL F 335 -6.74 20.62 53.24
CA VAL F 335 -7.95 19.97 53.63
C VAL F 335 -8.21 18.90 52.61
N ASP F 336 -8.33 17.67 53.13
CA ASP F 336 -8.83 16.53 52.38
C ASP F 336 -10.35 16.61 52.45
N LEU F 337 -10.97 16.87 51.30
CA LEU F 337 -12.44 17.09 51.22
C LEU F 337 -13.22 15.85 50.82
N ARG F 338 -12.54 14.77 50.49
CA ARG F 338 -13.22 13.49 50.18
C ARG F 338 -14.27 13.09 51.25
N PRO F 339 -13.93 13.15 52.56
CA PRO F 339 -14.91 12.81 53.60
C PRO F 339 -16.09 13.79 53.74
N SER F 340 -15.92 15.01 53.21
CA SER F 340 -17.01 15.99 53.16
C SER F 340 -17.93 15.78 51.94
N GLY F 341 -17.56 14.92 51.02
CA GLY F 341 -18.48 14.52 49.97
C GLY F 341 -18.52 15.49 48.81
N ILE F 342 -17.37 16.14 48.55
CA ILE F 342 -17.21 17.08 47.45
C ILE F 342 -15.72 17.35 47.15
N ASP F 343 -15.46 17.71 45.90
CA ASP F 343 -14.11 17.96 45.41
C ASP F 343 -13.78 19.44 45.55
N GLY F 344 -12.49 19.74 45.43
CA GLY F 344 -11.99 21.09 45.58
C GLY F 344 -12.33 22.03 44.44
N ALA F 345 -12.63 21.50 43.25
CA ALA F 345 -12.93 22.34 42.08
C ALA F 345 -14.25 23.07 42.28
N ARG F 346 -15.27 22.32 42.68
CA ARG F 346 -16.59 22.90 42.96
C ARG F 346 -16.55 23.87 44.16
N VAL F 347 -15.80 23.50 45.21
CA VAL F 347 -15.65 24.36 46.38
C VAL F 347 -14.91 25.68 46.06
N GLU F 348 -13.74 25.59 45.42
CA GLU F 348 -12.96 26.77 45.01
C GLU F 348 -13.84 27.83 44.31
N LYS F 349 -14.68 27.38 43.38
CA LYS F 349 -15.55 28.25 42.60
C LYS F 349 -16.54 28.99 43.48
N ILE F 350 -17.25 28.24 44.30
CA ILE F 350 -18.25 28.84 45.16
C ILE F 350 -17.60 29.86 46.11
N LEU F 351 -16.50 29.46 46.75
CA LEU F 351 -15.78 30.36 47.67
C LEU F 351 -15.30 31.63 46.95
N ASP F 352 -14.82 31.45 45.72
CA ASP F 352 -14.44 32.57 44.89
C ASP F 352 -15.62 33.52 44.62
N MET F 353 -16.79 32.97 44.29
CA MET F 353 -18.01 33.78 44.19
C MET F 353 -18.35 34.53 45.50
N ALA F 354 -17.93 34.02 46.66
CA ALA F 354 -18.07 34.75 47.95
C ALA F 354 -16.84 35.58 48.44
N SER F 355 -15.91 35.88 47.52
CA SER F 355 -14.69 36.70 47.77
C SER F 355 -13.67 36.05 48.70
N ILE F 356 -13.71 34.72 48.79
CA ILE F 356 -12.71 33.96 49.51
C ILE F 356 -11.90 33.27 48.43
N THR F 357 -10.62 33.58 48.35
CA THR F 357 -9.83 33.05 47.27
C THR F 357 -8.85 32.04 47.85
N LEU F 358 -8.99 30.81 47.38
CA LEU F 358 -8.02 29.75 47.68
C LEU F 358 -7.86 28.89 46.43
N ASN F 359 -7.26 27.72 46.56
CA ASN F 359 -7.22 26.86 45.39
C ASN F 359 -7.46 25.41 45.70
N LYS F 360 -8.07 24.76 44.71
CA LYS F 360 -8.21 23.32 44.66
C LYS F 360 -6.81 22.72 44.66
N ASN F 361 -6.69 21.53 45.23
CA ASN F 361 -5.41 20.89 45.39
C ASN F 361 -5.56 19.38 45.54
N SER F 362 -4.63 18.66 44.92
CA SER F 362 -4.60 17.21 45.02
C SER F 362 -4.34 16.79 46.43
N VAL F 363 -4.79 15.58 46.70
CA VAL F 363 -4.76 14.97 47.99
C VAL F 363 -4.15 13.55 47.78
N PRO F 364 -3.18 13.14 48.62
CA PRO F 364 -2.65 11.78 48.45
C PRO F 364 -3.75 10.75 48.66
N GLY F 365 -3.94 9.88 47.68
CA GLY F 365 -5.05 8.93 47.68
C GLY F 365 -6.04 9.26 46.58
N ASP F 366 -5.92 10.44 45.98
CA ASP F 366 -6.83 10.85 44.91
C ASP F 366 -6.77 9.79 43.83
N LYS F 367 -7.91 9.16 43.57
CA LYS F 367 -7.99 8.17 42.50
C LYS F 367 -7.77 8.81 41.12
N SER F 368 -8.08 10.10 40.97
CA SER F 368 -7.98 10.79 39.68
C SER F 368 -7.11 12.05 39.72
N ALA F 369 -6.23 12.16 38.74
CA ALA F 369 -5.47 13.37 38.47
C ALA F 369 -6.38 14.55 38.15
N LEU F 370 -7.38 14.32 37.30
CA LEU F 370 -8.31 15.39 36.87
C LEU F 370 -9.26 15.95 37.97
N VAL F 371 -9.44 15.22 39.08
CA VAL F 371 -10.35 15.63 40.15
C VAL F 371 -9.55 15.88 41.42
N PRO F 372 -9.16 17.15 41.70
CA PRO F 372 -8.46 17.45 42.97
C PRO F 372 -9.38 17.22 44.15
N GLY F 373 -8.86 16.56 45.17
CA GLY F 373 -9.66 16.08 46.30
C GLY F 373 -9.68 16.99 47.50
N GLY F 374 -8.94 18.09 47.40
CA GLY F 374 -8.68 18.94 48.53
C GLY F 374 -8.63 20.41 48.17
N ILE F 375 -8.35 21.22 49.19
CA ILE F 375 -8.06 22.64 48.97
C ILE F 375 -6.89 23.03 49.85
N ARG F 376 -6.07 23.92 49.31
CA ARG F 376 -4.97 24.49 50.06
C ARG F 376 -5.33 25.93 50.49
N ILE F 377 -5.09 26.24 51.76
CA ILE F 377 -5.37 27.52 52.36
C ILE F 377 -4.10 28.01 53.04
N GLY F 378 -3.76 29.29 52.90
CA GLY F 378 -2.57 29.87 53.57
C GLY F 378 -2.79 31.19 54.33
N SER F 379 -1.98 31.41 55.36
CA SER F 379 -2.11 32.60 56.21
C SER F 379 -1.22 33.83 55.93
N PRO F 380 -0.16 33.72 55.09
CA PRO F 380 0.71 34.93 54.97
C PRO F 380 0.04 36.26 54.55
N ALA F 381 -0.81 36.23 53.53
CA ALA F 381 -1.39 37.45 52.95
C ALA F 381 -2.29 38.21 53.93
N MET F 382 -3.25 37.51 54.54
CA MET F 382 -4.13 38.16 55.52
C MET F 382 -3.42 38.48 56.81
N THR F 383 -2.40 37.70 57.17
CA THR F 383 -1.57 38.04 58.33
C THR F 383 -0.85 39.37 58.09
N THR F 384 -0.38 39.59 56.85
CA THR F 384 0.30 40.85 56.50
C THR F 384 -0.62 42.06 56.73
N ARG F 385 -1.91 41.89 56.46
CA ARG F 385 -2.90 42.96 56.64
C ARG F 385 -3.30 43.21 58.09
N GLY F 386 -2.91 42.32 58.99
CA GLY F 386 -3.10 42.51 60.42
C GLY F 386 -4.07 41.55 61.09
N LEU F 387 -4.56 40.53 60.39
CA LEU F 387 -5.49 39.56 61.02
C LEU F 387 -4.78 38.65 62.05
N GLY F 388 -5.48 38.34 63.14
CA GLY F 388 -4.96 37.53 64.25
C GLY F 388 -5.72 36.24 64.35
N GLU F 389 -5.60 35.54 65.48
CA GLU F 389 -6.14 34.16 65.58
C GLU F 389 -7.65 34.08 65.51
N LYS F 390 -8.31 34.97 66.26
CA LYS F 390 -9.79 35.13 66.22
C LYS F 390 -10.31 35.23 64.80
N GLU F 391 -9.69 36.13 64.05
CA GLU F 391 -10.11 36.43 62.68
C GLU F 391 -9.91 35.22 61.81
N PHE F 392 -8.80 34.53 62.00
CA PHE F 392 -8.55 33.28 61.27
C PHE F 392 -9.51 32.16 61.65
N GLU F 393 -9.90 32.13 62.93
CA GLU F 393 -11.03 31.30 63.35
C GLU F 393 -12.34 31.64 62.63
N LEU F 394 -12.60 32.93 62.44
CA LEU F 394 -13.77 33.36 61.68
C LEU F 394 -13.63 32.98 60.21
N ILE F 395 -12.41 33.08 59.68
CA ILE F 395 -12.13 32.62 58.33
C ILE F 395 -12.55 31.16 58.18
N ALA F 396 -12.13 30.32 59.10
CA ALA F 396 -12.50 28.89 59.11
C ALA F 396 -14.02 28.68 59.00
N ASP F 397 -14.72 29.38 59.89
CA ASP F 397 -16.20 29.45 59.89
C ASP F 397 -16.79 29.81 58.55
N LEU F 398 -16.18 30.77 57.87
CA LEU F 398 -16.68 31.24 56.61
C LEU F 398 -16.43 30.26 55.46
N ILE F 399 -15.27 29.61 55.50
CA ILE F 399 -14.95 28.54 54.55
C ILE F 399 -15.98 27.41 54.74
N HIS F 400 -16.23 27.08 55.99
CA HIS F 400 -17.25 26.07 56.33
C HIS F 400 -18.61 26.35 55.68
N GLU F 401 -19.14 27.59 55.83
CA GLU F 401 -20.42 27.98 55.24
C GLU F 401 -20.38 27.85 53.70
N GLY F 402 -19.23 28.19 53.10
CA GLY F 402 -19.04 28.01 51.67
C GLY F 402 -19.03 26.56 51.23
N VAL F 403 -18.37 25.70 51.99
CA VAL F 403 -18.41 24.24 51.67
C VAL F 403 -19.86 23.70 51.69
N ARG F 404 -20.59 24.03 52.77
CA ARG F 404 -22.00 23.69 52.90
C ARG F 404 -22.82 24.17 51.68
N ILE F 405 -22.56 25.38 51.22
CA ILE F 405 -23.21 25.88 50.01
C ILE F 405 -22.81 25.07 48.76
N SER F 406 -21.52 24.78 48.61
CA SER F 406 -21.05 23.97 47.46
C SER F 406 -21.68 22.58 47.43
N LEU F 407 -21.86 21.99 48.62
CA LEU F 407 -22.56 20.70 48.76
C LEU F 407 -24.01 20.80 48.29
N GLU F 408 -24.72 21.85 48.71
CA GLU F 408 -26.13 21.98 48.35
C GLU F 408 -26.25 22.14 46.82
N ALA F 409 -25.45 23.06 46.26
CA ALA F 409 -25.32 23.23 44.81
C ALA F 409 -25.07 21.86 44.14
N LYS F 410 -24.07 21.13 44.62
CA LYS F 410 -23.77 19.80 44.10
C LYS F 410 -25.00 18.87 44.14
N SER F 411 -25.75 18.90 45.24
CA SER F 411 -26.98 18.10 45.38
C SER F 411 -27.98 18.34 44.24
N LEU F 412 -28.09 19.59 43.78
CA LEU F 412 -29.07 19.99 42.77
C LEU F 412 -28.61 19.83 41.31
N VAL F 413 -27.40 19.30 41.05
CA VAL F 413 -26.88 19.19 39.67
C VAL F 413 -26.93 17.74 39.17
N SER F 414 -27.39 17.60 37.92
CA SER F 414 -27.54 16.31 37.26
C SER F 414 -26.18 15.80 36.78
N GLY F 415 -25.78 14.64 37.28
CA GLY F 415 -24.53 14.00 36.89
C GLY F 415 -23.30 14.59 37.55
N THR F 416 -22.14 14.18 37.03
CA THR F 416 -20.85 14.35 37.69
C THR F 416 -19.85 15.30 37.04
N LYS F 417 -20.09 15.77 35.80
CA LYS F 417 -19.09 16.56 35.10
C LYS F 417 -19.13 18.01 35.59
N VAL F 418 -17.94 18.57 35.85
CA VAL F 418 -17.80 19.88 36.51
C VAL F 418 -18.52 20.97 35.72
N GLN F 419 -18.23 21.04 34.43
CA GLN F 419 -18.88 21.98 33.51
C GLN F 419 -20.36 22.26 33.81
N ASP F 420 -21.13 21.20 34.09
CA ASP F 420 -22.56 21.33 34.40
C ASP F 420 -22.82 22.06 35.73
N PHE F 421 -21.99 21.80 36.73
CA PHE F 421 -22.00 22.54 37.99
C PHE F 421 -21.69 24.03 37.73
N LEU F 422 -20.61 24.29 37.00
CA LEU F 422 -20.27 25.66 36.61
C LEU F 422 -21.46 26.33 35.94
N ASN F 423 -22.11 25.62 35.02
CA ASN F 423 -23.31 26.14 34.35
C ASN F 423 -24.48 26.44 35.29
N PHE F 424 -24.69 25.55 36.26
CA PHE F 424 -25.75 25.72 37.25
C PHE F 424 -25.52 26.93 38.18
N VAL F 425 -24.30 27.09 38.66
CA VAL F 425 -24.00 28.16 39.65
C VAL F 425 -23.88 29.56 39.04
N LEU F 426 -23.40 29.64 37.80
CA LEU F 426 -23.41 30.90 37.02
C LEU F 426 -24.76 31.27 36.36
N ALA F 427 -25.76 30.38 36.43
CA ALA F 427 -27.07 30.66 35.85
C ALA F 427 -27.75 31.85 36.54
N PRO F 428 -28.52 32.65 35.77
CA PRO F 428 -29.32 33.73 36.40
C PRO F 428 -30.37 33.19 37.39
N GLU F 429 -30.90 32.00 37.11
CA GLU F 429 -31.86 31.31 37.96
C GLU F 429 -31.28 30.58 39.19
N PHE F 430 -29.98 30.76 39.46
CA PHE F 430 -29.27 30.04 40.53
C PHE F 430 -29.99 30.13 41.89
N PRO F 431 -30.51 28.99 42.41
CA PRO F 431 -31.30 29.01 43.66
C PRO F 431 -30.56 29.52 44.90
N LEU F 432 -29.25 29.30 44.97
CA LEU F 432 -28.49 29.60 46.18
C LEU F 432 -27.74 30.93 46.06
N GLY F 433 -28.12 31.76 45.07
CA GLY F 433 -27.52 33.09 44.86
C GLY F 433 -27.54 34.00 46.08
N ASP F 434 -28.61 33.93 46.87
CA ASP F 434 -28.73 34.75 48.11
C ASP F 434 -27.80 34.22 49.23
N LYS F 435 -27.68 32.89 49.34
CA LYS F 435 -26.72 32.28 50.29
C LYS F 435 -25.27 32.69 50.02
N VAL F 436 -24.90 32.71 48.76
CA VAL F 436 -23.57 33.13 48.35
C VAL F 436 -23.37 34.61 48.67
N SER F 437 -24.35 35.45 48.35
CA SER F 437 -24.17 36.88 48.60
C SER F 437 -24.15 37.15 50.10
N ASN F 438 -24.94 36.39 50.88
CA ASN F 438 -24.96 36.55 52.33
C ASN F 438 -23.60 36.24 52.95
N LEU F 439 -22.97 35.18 52.43
CA LEU F 439 -21.61 34.83 52.80
C LEU F 439 -20.60 35.96 52.42
N ARG F 440 -20.69 36.40 51.16
CA ARG F 440 -19.83 37.48 50.63
C ARG F 440 -19.84 38.70 51.54
N ARG F 441 -21.02 39.09 51.98
CA ARG F 441 -21.19 40.26 52.85
C ARG F 441 -20.34 40.14 54.10
N LYS F 442 -20.42 38.98 54.76
CA LYS F 442 -19.64 38.71 55.96
C LYS F 442 -18.14 38.63 55.67
N VAL F 443 -17.79 38.05 54.52
CA VAL F 443 -16.39 37.97 54.10
C VAL F 443 -15.83 39.39 53.98
N GLU F 444 -16.56 40.24 53.28
CA GLU F 444 -16.08 41.57 52.96
C GLU F 444 -16.12 42.52 54.15
N ALA F 445 -17.08 42.34 55.05
CA ALA F 445 -17.09 43.06 56.33
C ALA F 445 -15.88 42.78 57.20
N LEU F 446 -15.29 41.58 57.06
CA LEU F 446 -14.09 41.25 57.83
C LEU F 446 -12.87 41.89 57.18
N ALA F 447 -12.74 41.66 55.88
CA ALA F 447 -11.57 42.05 55.11
C ALA F 447 -11.37 43.57 55.16
N THR F 448 -12.47 44.30 54.96
CA THR F 448 -12.41 45.75 54.85
C THR F 448 -12.16 46.47 56.19
N GLN F 449 -12.11 45.74 57.29
CA GLN F 449 -11.62 46.32 58.54
C GLN F 449 -10.11 46.51 58.59
N TYR F 450 -9.37 45.91 57.67
CA TYR F 450 -7.91 45.96 57.69
C TYR F 450 -7.29 46.73 56.53
N PRO F 451 -6.15 47.38 56.78
CA PRO F 451 -5.44 48.06 55.71
C PRO F 451 -4.75 47.03 54.80
N ILE F 452 -4.20 47.55 53.71
CA ILE F 452 -3.55 46.73 52.71
C ILE F 452 -2.33 47.53 52.22
N PRO F 453 -1.12 46.96 52.34
CA PRO F 453 0.05 47.73 51.94
C PRO F 453 0.09 47.94 50.42
N GLY F 454 1.07 48.71 49.98
CA GLY F 454 1.23 49.03 48.57
C GLY F 454 1.05 50.50 48.32
N VAL F 455 1.35 50.93 47.09
CA VAL F 455 1.27 52.35 46.71
C VAL F 455 -0.20 52.80 46.62
N LEU G 5 47.40 -21.27 -6.07
CA LEU G 5 47.79 -21.80 -4.74
C LEU G 5 46.75 -21.45 -3.65
N ASP G 6 46.29 -22.48 -2.94
CA ASP G 6 45.20 -22.36 -1.99
C ASP G 6 45.34 -23.45 -0.94
N TYR G 7 46.43 -23.35 -0.19
CA TYR G 7 46.82 -24.34 0.81
C TYR G 7 45.78 -24.51 1.91
N GLY G 8 45.66 -25.73 2.41
CA GLY G 8 44.92 -26.00 3.62
C GLY G 8 45.64 -25.36 4.80
N LEU G 9 44.93 -25.25 5.91
CA LEU G 9 45.44 -24.55 7.08
C LEU G 9 46.76 -25.11 7.62
N SER G 10 46.96 -26.43 7.59
CA SER G 10 48.20 -26.99 8.16
C SER G 10 49.43 -26.57 7.34
N GLU G 11 49.25 -26.24 6.08
CA GLU G 11 50.37 -25.75 5.27
C GLU G 11 50.40 -24.22 5.16
N ALA G 12 49.22 -23.61 4.99
CA ALA G 12 49.12 -22.15 4.93
C ALA G 12 49.67 -21.47 6.20
N ASP G 13 49.36 -22.04 7.35
CA ASP G 13 49.58 -21.34 8.64
C ASP G 13 49.74 -22.38 9.72
N PRO G 14 50.92 -23.01 9.74
CA PRO G 14 51.22 -24.05 10.76
C PRO G 14 50.98 -23.61 12.22
N ASP G 15 51.33 -22.37 12.52
CA ASP G 15 51.18 -21.85 13.88
C ASP G 15 49.71 -21.80 14.34
N VAL G 16 48.83 -21.27 13.49
CA VAL G 16 47.39 -21.26 13.78
C VAL G 16 46.81 -22.68 13.84
N HIS G 17 47.15 -23.49 12.85
CA HIS G 17 46.78 -24.91 12.87
C HIS G 17 47.15 -25.56 14.22
N ALA G 18 48.39 -25.34 14.67
CA ALA G 18 48.86 -25.86 15.99
C ALA G 18 48.05 -25.36 17.18
N ILE G 19 47.74 -24.07 17.15
CA ILE G 19 46.98 -23.46 18.22
C ILE G 19 45.60 -24.09 18.26
N ILE G 20 44.98 -24.25 17.10
CA ILE G 20 43.64 -24.82 17.03
C ILE G 20 43.64 -26.25 17.58
N ASN G 21 44.64 -27.04 17.19
CA ASN G 21 44.76 -28.41 17.69
C ASN G 21 45.01 -28.44 19.21
N LYS G 22 45.79 -27.50 19.73
CA LYS G 22 45.90 -27.38 21.20
C LYS G 22 44.59 -27.07 21.90
N GLU G 23 43.82 -26.16 21.30
CA GLU G 23 42.51 -25.79 21.83
C GLU G 23 41.55 -26.96 21.73
N LYS G 24 41.60 -27.67 20.61
CA LYS G 24 40.81 -28.89 20.45
C LYS G 24 41.16 -29.95 21.51
N ASP G 25 42.43 -30.15 21.80
CA ASP G 25 42.81 -31.12 22.84
C ASP G 25 42.43 -30.65 24.27
N ARG G 26 42.55 -29.34 24.48
CA ARG G 26 42.15 -28.72 25.75
C ARG G 26 40.68 -29.02 25.94
N GLN G 27 39.88 -28.82 24.90
CA GLN G 27 38.42 -29.02 24.99
C GLN G 27 38.08 -30.47 25.29
N PHE G 28 38.82 -31.38 24.66
CA PHE G 28 38.60 -32.79 24.81
C PHE G 28 38.92 -33.25 26.24
N ARG G 29 40.03 -32.78 26.79
CA ARG G 29 40.53 -33.25 28.10
C ARG G 29 39.94 -32.53 29.34
N SER G 30 39.17 -31.44 29.14
CA SER G 30 38.69 -30.59 30.25
C SER G 30 37.20 -30.84 30.55
N LEU G 31 36.77 -30.50 31.77
CA LEU G 31 35.33 -30.49 32.13
C LEU G 31 34.82 -29.07 31.95
N GLU G 32 34.13 -28.83 30.84
CA GLU G 32 33.61 -27.49 30.52
C GLU G 32 32.26 -27.34 31.16
N LEU G 33 32.25 -26.55 32.23
CA LEU G 33 31.04 -26.34 33.05
C LEU G 33 30.57 -24.86 33.08
N ILE G 34 31.12 -24.06 32.18
CA ILE G 34 30.61 -22.71 31.93
C ILE G 34 29.19 -22.82 31.37
N ALA G 35 28.21 -22.27 32.07
CA ALA G 35 26.79 -22.48 31.73
C ALA G 35 26.39 -21.87 30.37
N SER G 36 27.20 -20.98 29.85
CA SER G 36 26.89 -20.35 28.57
C SER G 36 27.58 -21.06 27.42
N GLU G 37 28.40 -22.08 27.69
CA GLU G 37 29.12 -22.69 26.58
C GLU G 37 28.50 -23.99 26.13
N ASN G 38 28.86 -24.37 24.91
CA ASN G 38 28.44 -25.65 24.35
C ASN G 38 29.45 -26.06 23.28
N PHE G 39 29.17 -27.22 22.70
CA PHE G 39 29.97 -27.79 21.64
C PHE G 39 29.06 -27.88 20.40
N THR G 40 29.32 -27.07 19.38
CA THR G 40 28.47 -27.08 18.22
C THR G 40 28.86 -28.24 17.30
N SER G 41 27.95 -28.60 16.42
CA SER G 41 28.11 -29.83 15.62
C SER G 41 29.11 -29.63 14.48
N LYS G 42 29.55 -30.76 13.91
CA LYS G 42 30.33 -30.76 12.70
C LYS G 42 29.59 -30.06 11.54
N ALA G 43 28.29 -30.34 11.39
CA ALA G 43 27.50 -29.78 10.30
C ALA G 43 27.40 -28.27 10.39
N VAL G 44 27.25 -27.78 11.63
CA VAL G 44 27.27 -26.32 11.86
C VAL G 44 28.62 -25.73 11.43
N MET G 45 29.69 -26.32 11.95
CA MET G 45 31.03 -25.87 11.60
C MET G 45 31.28 -25.86 10.09
N GLU G 46 30.80 -26.88 9.38
CA GLU G 46 31.00 -26.95 7.89
C GLU G 46 30.25 -25.84 7.12
N ALA G 47 29.00 -25.54 7.52
CA ALA G 47 28.27 -24.40 6.97
C ALA G 47 28.96 -23.05 7.21
N VAL G 48 29.41 -22.84 8.47
CA VAL G 48 30.10 -21.62 8.87
C VAL G 48 31.44 -21.43 8.13
N GLY G 49 32.16 -22.54 7.88
CA GLY G 49 33.45 -22.45 7.20
C GLY G 49 33.30 -22.71 5.70
N SER G 50 32.30 -22.08 5.10
CA SER G 50 31.96 -22.34 3.67
C SER G 50 32.08 -21.06 2.89
N CYS G 51 31.85 -21.17 1.58
CA CYS G 51 31.86 -20.00 0.68
C CYS G 51 30.69 -19.00 0.93
N LEU G 52 29.73 -19.35 1.78
CA LEU G 52 28.67 -18.39 2.17
C LEU G 52 29.29 -17.07 2.66
N THR G 53 30.52 -17.14 3.23
CA THR G 53 31.25 -15.93 3.74
C THR G 53 31.54 -14.82 2.73
N ASN G 54 31.62 -15.21 1.46
CA ASN G 54 32.03 -14.32 0.38
C ASN G 54 31.03 -13.27 -0.10
N LYS G 55 29.73 -13.48 0.19
CA LYS G 55 28.66 -12.72 -0.42
C LYS G 55 28.11 -11.54 0.42
N TYR G 56 28.04 -10.37 -0.24
CA TYR G 56 27.34 -9.15 0.26
C TYR G 56 25.84 -9.17 -0.07
N SER G 57 25.00 -9.23 0.96
CA SER G 57 23.57 -9.40 0.84
C SER G 57 22.80 -8.37 1.73
N GLU G 58 23.31 -7.16 1.78
CA GLU G 58 22.59 -6.09 2.51
C GLU G 58 21.14 -6.00 2.05
N GLY G 59 20.24 -5.91 3.02
CA GLY G 59 18.81 -5.85 2.78
C GLY G 59 18.16 -7.07 3.39
N LEU G 60 17.07 -7.50 2.78
CA LEU G 60 16.32 -8.71 3.17
C LEU G 60 15.99 -9.53 1.91
N PRO G 61 15.58 -10.83 2.07
CA PRO G 61 15.26 -11.73 0.94
C PRO G 61 14.34 -11.07 -0.07
N GLY G 62 14.79 -10.95 -1.31
CA GLY G 62 13.97 -10.36 -2.37
C GLY G 62 13.87 -8.84 -2.31
N LYS G 63 14.68 -8.21 -1.45
CA LYS G 63 14.74 -6.74 -1.38
C LYS G 63 16.18 -6.38 -0.99
N ARG G 64 17.11 -6.82 -1.82
CA ARG G 64 18.52 -6.66 -1.62
C ARG G 64 19.00 -5.41 -2.29
N TYR G 65 20.12 -4.86 -1.81
CA TYR G 65 20.81 -3.79 -2.53
C TYR G 65 21.42 -4.28 -3.83
N TYR G 66 22.03 -5.46 -3.81
CA TYR G 66 22.79 -5.98 -4.97
C TYR G 66 22.18 -7.24 -5.55
N GLY G 67 22.60 -7.56 -6.77
CA GLY G 67 22.30 -8.84 -7.38
C GLY G 67 23.15 -10.00 -6.87
N GLY G 68 22.91 -11.17 -7.47
CA GLY G 68 23.64 -12.39 -7.18
C GLY G 68 23.15 -13.14 -5.97
N ASN G 69 22.00 -12.73 -5.43
CA ASN G 69 21.53 -13.16 -4.10
C ASN G 69 20.44 -14.21 -4.07
N GLU G 70 20.16 -14.83 -5.24
CA GLU G 70 19.17 -15.90 -5.36
C GLU G 70 19.34 -16.99 -4.28
N HIS G 71 20.55 -17.52 -4.15
CA HIS G 71 20.79 -18.64 -3.20
C HIS G 71 20.92 -18.15 -1.76
N ILE G 72 21.47 -16.95 -1.58
CA ILE G 72 21.51 -16.30 -0.25
C ILE G 72 20.08 -16.14 0.26
N ASP G 73 19.19 -15.74 -0.65
CA ASP G 73 17.80 -15.50 -0.29
C ASP G 73 17.11 -16.80 0.11
N GLU G 74 17.36 -17.87 -0.66
CA GLU G 74 16.85 -19.20 -0.31
C GLU G 74 17.26 -19.60 1.09
N LEU G 75 18.52 -19.32 1.40
CA LEU G 75 19.08 -19.65 2.70
C LEU G 75 18.43 -18.84 3.80
N GLU G 76 18.31 -17.54 3.61
CA GLU G 76 17.79 -16.72 4.73
C GLU G 76 16.29 -17.02 5.01
N ILE G 77 15.51 -17.25 3.94
CA ILE G 77 14.09 -17.65 4.04
C ILE G 77 13.90 -18.99 4.78
N LEU G 78 14.74 -19.97 4.45
CA LEU G 78 14.71 -21.26 5.13
C LEU G 78 15.05 -21.10 6.62
N CYS G 79 16.10 -20.36 6.88
CA CYS G 79 16.53 -20.06 8.23
C CYS G 79 15.39 -19.40 9.04
N GLN G 80 14.71 -18.43 8.45
CA GLN G 80 13.57 -17.80 9.09
C GLN G 80 12.46 -18.80 9.38
N GLN G 81 12.08 -19.63 8.41
N GLN G 81 12.12 -19.63 8.38
CA GLN G 81 10.98 -20.57 8.67
CA GLN G 81 11.11 -20.70 8.50
C GLN G 81 11.39 -21.65 9.68
C GLN G 81 11.43 -21.59 9.68
N ARG G 82 12.65 -22.08 9.68
CA ARG G 82 13.12 -22.98 10.72
C ARG G 82 13.15 -22.37 12.13
N ALA G 83 13.42 -21.06 12.21
CA ALA G 83 13.44 -20.37 13.46
C ALA G 83 12.02 -20.33 14.07
N LEU G 84 11.03 -20.00 13.24
CA LEU G 84 9.65 -19.97 13.69
C LEU G 84 9.19 -21.36 14.10
N ALA G 85 9.62 -22.37 13.35
CA ALA G 85 9.19 -23.71 13.59
C ALA G 85 9.80 -24.27 14.88
N ALA G 86 11.07 -23.98 15.14
CA ALA G 86 11.74 -24.43 16.34
C ALA G 86 11.04 -23.93 17.59
N PHE G 87 10.42 -22.76 17.48
CA PHE G 87 9.73 -22.16 18.60
C PHE G 87 8.22 -22.25 18.54
N HIS G 88 7.73 -23.02 17.56
CA HIS G 88 6.29 -23.32 17.41
C HIS G 88 5.43 -22.08 17.17
N LEU G 89 5.91 -21.22 16.30
CA LEU G 89 5.33 -19.90 16.07
C LEU G 89 4.58 -19.85 14.76
N ASP G 90 3.36 -19.32 14.81
CA ASP G 90 2.60 -19.02 13.61
C ASP G 90 3.24 -17.81 12.93
N GLY G 91 3.68 -17.98 11.69
CA GLY G 91 4.25 -16.88 10.90
C GLY G 91 3.37 -15.66 10.64
N ASP G 92 2.06 -15.82 10.73
CA ASP G 92 1.14 -14.68 10.67
C ASP G 92 1.22 -13.82 11.90
N LYS G 93 1.53 -14.41 13.05
CA LYS G 93 1.62 -13.67 14.30
C LYS G 93 3.03 -13.24 14.69
N TRP G 94 4.05 -13.99 14.26
CA TRP G 94 5.45 -13.76 14.62
C TRP G 94 6.31 -13.64 13.40
N GLY G 95 7.26 -12.70 13.41
CA GLY G 95 8.30 -12.60 12.41
C GLY G 95 9.65 -12.74 13.10
N VAL G 96 10.70 -12.85 12.31
CA VAL G 96 12.05 -13.08 12.87
C VAL G 96 13.04 -12.38 11.97
N ASN G 97 14.12 -11.90 12.57
CA ASN G 97 15.25 -11.40 11.85
C ASN G 97 16.45 -12.20 12.32
N VAL G 98 17.13 -12.80 11.35
CA VAL G 98 18.23 -13.74 11.60
C VAL G 98 19.62 -13.15 11.26
N GLN G 99 19.68 -11.86 10.98
CA GLN G 99 20.98 -11.14 10.74
C GLN G 99 21.80 -10.64 11.93
N PRO G 100 21.21 -10.57 13.16
CA PRO G 100 22.07 -9.96 14.21
C PRO G 100 23.38 -10.71 14.43
N LEU G 101 24.46 -9.96 14.62
CA LEU G 101 25.79 -10.55 14.64
C LEU G 101 26.08 -11.28 15.95
N SER G 102 25.40 -10.90 17.03
CA SER G 102 25.53 -11.60 18.31
C SER G 102 24.37 -11.22 19.25
N GLY G 103 24.46 -11.67 20.49
CA GLY G 103 23.42 -11.41 21.47
C GLY G 103 23.33 -9.93 21.79
N SER G 104 24.48 -9.29 21.98
CA SER G 104 24.53 -7.87 22.35
C SER G 104 23.97 -6.91 21.24
N PRO G 105 24.42 -7.07 19.97
CA PRO G 105 23.81 -6.37 18.83
C PRO G 105 22.31 -6.67 18.63
N ALA G 106 21.86 -7.90 18.86
CA ALA G 106 20.41 -8.19 18.77
C ALA G 106 19.62 -7.26 19.72
N ASN G 107 20.06 -7.21 20.97
CA ASN G 107 19.42 -6.35 21.96
C ASN G 107 19.46 -4.88 21.57
N PHE G 108 20.63 -4.41 21.17
CA PHE G 108 20.80 -3.00 20.81
C PHE G 108 19.89 -2.60 19.63
N ALA G 109 19.72 -3.52 18.67
CA ALA G 109 18.84 -3.32 17.54
C ALA G 109 17.39 -3.20 18.00
N VAL G 110 17.00 -4.00 18.99
CA VAL G 110 15.66 -3.88 19.53
C VAL G 110 15.50 -2.48 20.17
N TYR G 111 16.49 -2.03 20.95
CA TYR G 111 16.39 -0.73 21.66
C TYR G 111 16.26 0.40 20.62
N THR G 112 17.13 0.35 19.61
CA THR G 112 17.08 1.29 18.49
C THR G 112 15.75 1.31 17.73
N ALA G 113 15.11 0.15 17.62
CA ALA G 113 13.85 0.03 16.89
C ALA G 113 12.68 0.68 17.61
N ILE G 114 12.56 0.44 18.90
CA ILE G 114 11.37 0.83 19.64
C ILE G 114 11.57 1.95 20.66
N LEU G 115 12.82 2.31 20.94
CA LEU G 115 13.11 3.38 21.89
C LEU G 115 13.83 4.54 21.22
N LYS G 116 13.67 5.72 21.79
CA LYS G 116 14.48 6.87 21.44
C LYS G 116 15.63 6.91 22.41
N PRO G 117 16.73 7.57 22.04
CA PRO G 117 17.84 7.72 22.95
C PRO G 117 17.42 8.35 24.26
N HIS G 118 17.98 7.85 25.34
CA HIS G 118 17.60 8.21 26.68
C HIS G 118 16.25 7.68 27.19
N ASP G 119 15.53 6.88 26.44
CA ASP G 119 14.31 6.23 26.98
C ASP G 119 14.71 5.25 28.08
N ARG G 120 13.71 4.90 28.93
CA ARG G 120 13.93 4.11 30.14
C ARG G 120 13.70 2.59 29.94
N ILE G 121 14.64 1.82 30.48
CA ILE G 121 14.67 0.34 30.40
C ILE G 121 14.91 -0.20 31.79
N MET G 122 14.27 -1.31 32.14
CA MET G 122 14.58 -2.04 33.35
C MET G 122 14.97 -3.47 32.97
N GLY G 123 16.04 -3.95 33.59
CA GLY G 123 16.56 -5.30 33.36
C GLY G 123 17.02 -5.84 34.69
N LEU G 124 17.24 -7.15 34.75
CA LEU G 124 17.77 -7.76 35.96
C LEU G 124 19.19 -7.25 36.20
N ASP G 125 19.43 -6.84 37.45
CA ASP G 125 20.65 -6.19 37.92
C ASP G 125 21.83 -7.13 37.63
N LEU G 126 22.92 -6.56 37.11
CA LEU G 126 24.14 -7.33 36.77
C LEU G 126 24.68 -8.22 37.95
N PRO G 127 24.87 -7.64 39.17
CA PRO G 127 25.25 -8.47 40.34
C PRO G 127 24.24 -9.52 40.85
N HIS G 128 23.02 -9.49 40.30
CA HIS G 128 21.95 -10.44 40.62
C HIS G 128 21.63 -11.40 39.46
N GLY G 129 22.60 -11.58 38.54
CA GLY G 129 22.50 -12.57 37.47
C GLY G 129 22.11 -12.02 36.11
N GLY G 130 22.03 -10.70 35.99
CA GLY G 130 21.66 -10.06 34.75
C GLY G 130 22.80 -10.01 33.75
N HIS G 131 22.58 -9.29 32.67
CA HIS G 131 23.57 -9.15 31.59
C HIS G 131 23.85 -7.66 31.28
N LEU G 132 25.10 -7.35 30.92
CA LEU G 132 25.55 -5.99 30.61
C LEU G 132 24.68 -5.26 29.57
N SER G 133 24.35 -5.96 28.47
CA SER G 133 23.45 -5.43 27.41
C SER G 133 22.08 -4.92 27.87
N HIS G 134 21.59 -5.35 29.04
CA HIS G 134 20.32 -4.83 29.63
C HIS G 134 20.51 -3.53 30.50
N GLY G 135 21.75 -3.03 30.55
CA GLY G 135 22.08 -1.83 31.32
C GLY G 135 22.91 -2.15 32.54
N PHE G 136 23.94 -1.32 32.76
CA PHE G 136 24.79 -1.41 33.93
C PHE G 136 25.55 -0.10 34.08
N MET G 137 25.44 0.47 35.27
CA MET G 137 26.16 1.67 35.68
C MET G 137 26.71 1.48 37.08
N THR G 138 27.95 1.92 37.28
CA THR G 138 28.53 2.01 38.61
C THR G 138 28.30 3.45 39.12
N ALA G 139 28.86 3.77 40.28
CA ALA G 139 28.89 5.13 40.78
C ALA G 139 29.65 6.05 39.82
N LYS G 140 30.80 5.58 39.34
CA LYS G 140 31.70 6.40 38.50
C LYS G 140 31.19 6.54 37.05
N ARG G 141 30.59 5.50 36.47
CA ARG G 141 30.37 5.49 35.01
C ARG G 141 29.31 4.54 34.46
N ARG G 142 28.98 4.80 33.20
CA ARG G 142 28.04 4.00 32.43
C ARG G 142 28.88 2.94 31.69
N VAL G 143 28.81 1.69 32.16
CA VAL G 143 29.77 0.64 31.71
C VAL G 143 29.32 0.02 30.37
N SER G 144 28.05 -0.35 30.33
CA SER G 144 27.36 -0.80 29.14
C SER G 144 26.97 0.34 28.20
N GLY G 145 27.08 0.12 26.90
CA GLY G 145 26.52 1.03 25.88
C GLY G 145 25.01 1.24 25.98
N THR G 146 24.30 0.22 26.41
CA THR G 146 22.90 0.39 26.76
C THR G 146 22.64 1.51 27.82
N SER G 147 23.54 1.67 28.79
CA SER G 147 23.41 2.72 29.81
C SER G 147 24.00 4.02 29.35
N ILE G 148 24.72 4.04 28.23
CA ILE G 148 25.16 5.28 27.62
C ILE G 148 24.00 5.94 26.87
N TYR G 149 23.41 5.16 25.97
CA TYR G 149 22.44 5.65 25.02
C TYR G 149 21.01 5.59 25.56
N PHE G 150 20.81 4.89 26.68
CA PHE G 150 19.52 4.75 27.28
C PHE G 150 19.68 4.88 28.76
N GLU G 151 18.55 5.03 29.44
CA GLU G 151 18.48 5.22 30.87
C GLU G 151 17.94 3.97 31.51
N SER G 152 18.85 3.20 32.08
CA SER G 152 18.49 1.92 32.65
C SER G 152 18.42 2.04 34.17
N MET G 153 17.51 1.28 34.75
CA MET G 153 17.48 1.04 36.18
C MET G 153 17.24 -0.43 36.40
N PRO G 154 18.04 -1.06 37.29
CA PRO G 154 17.88 -2.51 37.44
C PRO G 154 16.67 -2.90 38.31
N TYR G 155 16.20 -4.14 38.17
CA TYR G 155 15.40 -4.76 39.23
C TYR G 155 16.23 -5.91 39.82
N ARG G 156 15.83 -6.30 41.01
CA ARG G 156 16.66 -7.16 41.84
C ARG G 156 15.87 -8.35 42.32
N LEU G 157 16.59 -9.40 42.69
CA LEU G 157 16.06 -10.57 43.38
C LEU G 157 15.73 -10.24 44.84
N ASP G 158 14.96 -11.14 45.44
CA ASP G 158 14.77 -11.16 46.88
C ASP G 158 15.89 -12.01 47.40
N GLU G 159 16.69 -11.45 48.29
CA GLU G 159 17.89 -12.11 48.78
C GLU G 159 17.55 -13.38 49.56
N SER G 160 16.41 -13.41 50.26
CA SER G 160 16.01 -14.63 50.98
C SER G 160 15.75 -15.79 50.01
N THR G 161 14.84 -15.60 49.05
CA THR G 161 14.40 -16.69 48.15
C THR G 161 15.34 -17.01 46.97
N GLY G 162 16.19 -16.05 46.57
CA GLY G 162 16.95 -16.17 45.31
C GLY G 162 16.09 -16.03 44.05
N VAL G 163 14.94 -15.40 44.20
CA VAL G 163 13.94 -15.29 43.12
C VAL G 163 13.74 -13.79 42.84
N ILE G 164 13.32 -13.48 41.62
CA ILE G 164 13.04 -12.12 41.21
C ILE G 164 12.05 -11.55 42.23
N ASP G 165 12.33 -10.38 42.78
CA ASP G 165 11.36 -9.70 43.68
C ASP G 165 10.29 -8.95 42.85
N TYR G 166 9.28 -9.70 42.42
CA TYR G 166 8.18 -9.19 41.57
C TYR G 166 7.44 -8.01 42.18
N ASP G 167 7.23 -8.04 43.50
CA ASP G 167 6.55 -6.97 44.20
C ASP G 167 7.33 -5.67 44.11
N MET G 168 8.66 -5.72 44.23
CA MET G 168 9.45 -4.49 44.21
C MET G 168 9.57 -3.96 42.79
N LEU G 169 9.73 -4.86 41.82
CA LEU G 169 9.60 -4.54 40.39
C LEU G 169 8.29 -3.77 40.06
N GLU G 170 7.16 -4.37 40.42
CA GLU G 170 5.84 -3.74 40.33
C GLU G 170 5.86 -2.26 40.77
N LYS G 171 6.42 -2.02 41.95
CA LYS G 171 6.42 -0.69 42.54
C LYS G 171 7.43 0.24 41.89
N THR G 172 8.64 -0.25 41.63
CA THR G 172 9.68 0.59 41.02
C THR G 172 9.30 0.96 39.61
N ALA G 173 8.81 -0.01 38.84
CA ALA G 173 8.32 0.26 37.47
C ALA G 173 7.26 1.37 37.47
N ALA G 174 6.35 1.35 38.47
CA ALA G 174 5.31 2.38 38.62
C ALA G 174 5.90 3.80 38.72
N LEU G 175 7.02 3.91 39.45
CA LEU G 175 7.74 5.19 39.62
C LEU G 175 8.63 5.57 38.44
N PHE G 176 9.39 4.60 37.98
CA PHE G 176 10.41 4.82 36.97
C PHE G 176 9.80 4.94 35.58
N ARG G 177 8.69 4.27 35.33
CA ARG G 177 7.95 4.41 34.07
C ARG G 177 8.81 3.95 32.87
N PRO G 178 9.37 2.74 32.95
CA PRO G 178 10.18 2.27 31.82
C PRO G 178 9.33 2.11 30.57
N LYS G 179 9.92 2.37 29.40
CA LYS G 179 9.29 2.09 28.11
C LYS G 179 9.47 0.62 27.76
N LEU G 180 10.50 0.00 28.32
CA LEU G 180 10.84 -1.39 28.06
C LEU G 180 11.24 -2.10 29.36
N ILE G 181 10.62 -3.23 29.61
CA ILE G 181 11.00 -4.11 30.67
C ILE G 181 11.56 -5.35 30.00
N ILE G 182 12.71 -5.81 30.48
CA ILE G 182 13.42 -6.96 29.92
C ILE G 182 13.42 -8.08 30.96
N ALA G 183 12.89 -9.23 30.56
CA ALA G 183 13.01 -10.46 31.32
C ALA G 183 14.16 -11.24 30.65
N GLY G 184 14.74 -12.19 31.38
CA GLY G 184 15.89 -12.95 30.87
C GLY G 184 17.15 -12.63 31.62
N ALA G 185 18.02 -13.62 31.74
CA ALA G 185 19.19 -13.49 32.61
C ALA G 185 20.29 -14.48 32.24
N SER G 186 21.50 -14.19 32.71
CA SER G 186 22.68 -15.04 32.45
C SER G 186 22.93 -16.08 33.56
N ALA G 187 22.44 -15.78 34.76
CA ALA G 187 22.70 -16.62 35.91
C ALA G 187 21.50 -16.65 36.84
N TYR G 188 20.37 -17.12 36.32
CA TYR G 188 19.13 -17.21 37.08
C TYR G 188 18.68 -18.66 37.02
N PRO G 189 18.56 -19.35 38.17
CA PRO G 189 18.29 -20.78 38.17
C PRO G 189 16.83 -21.21 38.07
N ARG G 190 15.90 -20.27 37.97
CA ARG G 190 14.48 -20.60 38.00
C ARG G 190 13.84 -20.12 36.73
N ASP G 191 12.67 -20.70 36.43
CA ASP G 191 11.82 -20.18 35.35
C ASP G 191 11.23 -18.82 35.75
N ILE G 192 10.69 -18.13 34.76
CA ILE G 192 10.27 -16.74 34.87
C ILE G 192 8.77 -16.75 34.86
N ASP G 193 8.15 -15.95 35.72
CA ASP G 193 6.70 -15.82 35.76
C ASP G 193 6.37 -14.74 34.74
N TYR G 194 6.11 -15.16 33.50
CA TYR G 194 5.85 -14.24 32.38
C TYR G 194 4.55 -13.45 32.48
N ALA G 195 3.53 -14.09 33.02
CA ALA G 195 2.23 -13.43 33.23
C ALA G 195 2.38 -12.27 34.18
N ARG G 196 3.18 -12.43 35.23
CA ARG G 196 3.42 -11.31 36.15
C ARG G 196 4.20 -10.16 35.46
N PHE G 197 5.15 -10.51 34.57
CA PHE G 197 5.85 -9.50 33.75
C PHE G 197 4.91 -8.69 32.86
N ARG G 198 4.05 -9.41 32.14
CA ARG G 198 3.00 -8.82 31.33
C ARG G 198 2.12 -7.88 32.16
N LYS G 199 1.67 -8.35 33.33
CA LYS G 199 0.89 -7.49 34.25
C LYS G 199 1.62 -6.19 34.61
N ILE G 200 2.90 -6.29 34.96
CA ILE G 200 3.68 -5.12 35.35
C ILE G 200 3.94 -4.21 34.14
N ALA G 201 4.32 -4.79 33.00
CA ALA G 201 4.53 -4.00 31.79
C ALA G 201 3.29 -3.20 31.41
N ASP G 202 2.15 -3.88 31.41
CA ASP G 202 0.87 -3.24 31.10
C ASP G 202 0.51 -2.14 32.10
N SER G 203 0.89 -2.32 33.36
CA SER G 203 0.64 -1.30 34.40
C SER G 203 1.23 0.06 34.05
N VAL G 204 2.29 0.07 33.22
CA VAL G 204 2.96 1.30 32.84
C VAL G 204 3.03 1.56 31.34
N GLY G 205 2.35 0.73 30.53
CA GLY G 205 2.38 0.86 29.07
C GLY G 205 3.71 0.53 28.45
N ALA G 206 4.49 -0.33 29.08
CA ALA G 206 5.82 -0.72 28.59
C ALA G 206 5.76 -1.81 27.53
N PHE G 207 6.68 -1.75 26.57
CA PHE G 207 7.08 -2.92 25.81
C PHE G 207 7.66 -4.01 26.76
N LEU G 208 7.46 -5.28 26.42
CA LEU G 208 7.98 -6.40 27.20
C LEU G 208 8.79 -7.30 26.27
N MET G 209 10.05 -7.51 26.61
CA MET G 209 10.98 -8.37 25.87
C MET G 209 11.54 -9.50 26.77
N MET G 210 11.78 -10.66 26.15
CA MET G 210 12.50 -11.78 26.78
C MET G 210 13.82 -11.97 26.01
N ASP G 211 14.93 -11.98 26.74
CA ASP G 211 16.23 -12.37 26.24
C ASP G 211 16.43 -13.80 26.74
N MET G 212 16.19 -14.73 25.81
CA MET G 212 16.27 -16.17 26.10
C MET G 212 17.62 -16.81 25.71
N ALA G 213 18.67 -16.01 25.54
CA ALA G 213 20.00 -16.55 25.22
C ALA G 213 20.38 -17.84 25.99
N HIS G 214 20.28 -17.82 27.33
CA HIS G 214 20.75 -18.97 28.16
C HIS G 214 19.82 -20.18 28.16
N VAL G 215 18.59 -20.01 27.69
CA VAL G 215 17.55 -21.01 27.89
C VAL G 215 16.73 -21.32 26.62
N SER G 216 17.14 -20.83 25.46
CA SER G 216 16.32 -21.00 24.22
C SER G 216 16.05 -22.48 23.90
N GLY G 217 17.07 -23.32 24.08
CA GLY G 217 16.97 -24.77 23.81
C GLY G 217 15.92 -25.44 24.67
N LEU G 218 15.89 -25.02 25.94
CA LEU G 218 14.90 -25.54 26.89
C LEU G 218 13.50 -25.08 26.56
N ILE G 219 13.35 -23.81 26.12
CA ILE G 219 12.07 -23.33 25.62
C ILE G 219 11.66 -24.06 24.33
N ALA G 220 12.59 -24.23 23.38
CA ALA G 220 12.32 -24.90 22.12
C ALA G 220 11.84 -26.34 22.36
N ALA G 221 12.45 -27.00 23.32
CA ALA G 221 12.07 -28.35 23.72
C ALA G 221 10.85 -28.45 24.63
N SER G 222 10.23 -27.32 24.95
CA SER G 222 9.10 -27.22 25.87
C SER G 222 9.42 -27.72 27.28
N VAL G 223 10.67 -27.63 27.71
CA VAL G 223 11.04 -27.96 29.08
C VAL G 223 10.69 -26.79 30.01
N LEU G 224 10.96 -25.56 29.59
CA LEU G 224 10.57 -24.38 30.36
C LEU G 224 9.33 -23.73 29.71
N ALA G 225 8.64 -22.89 30.50
CA ALA G 225 7.53 -22.11 30.03
C ALA G 225 7.88 -21.29 28.78
N ASP G 226 6.85 -21.03 27.98
CA ASP G 226 6.99 -20.38 26.68
C ASP G 226 6.83 -18.85 26.79
N PRO G 227 7.92 -18.08 26.55
CA PRO G 227 7.82 -16.61 26.65
C PRO G 227 6.96 -15.96 25.55
N PHE G 228 6.86 -16.63 24.41
CA PHE G 228 6.11 -16.15 23.27
C PHE G 228 4.61 -16.06 23.55
N GLU G 229 4.15 -16.73 24.59
CA GLU G 229 2.80 -16.57 25.08
C GLU G 229 2.48 -15.16 25.68
N PHE G 230 3.47 -14.48 26.24
CA PHE G 230 3.22 -13.22 26.97
C PHE G 230 3.98 -11.99 26.45
N VAL G 231 5.15 -12.19 25.82
CA VAL G 231 6.03 -11.06 25.45
C VAL G 231 5.80 -10.56 24.02
N ASP G 232 6.29 -9.35 23.76
CA ASP G 232 6.22 -8.69 22.44
C ASP G 232 7.42 -9.09 21.57
N ILE G 233 8.58 -9.24 22.21
CA ILE G 233 9.86 -9.39 21.52
C ILE G 233 10.69 -10.42 22.27
N VAL G 234 11.32 -11.30 21.52
CA VAL G 234 12.27 -12.27 22.09
C VAL G 234 13.58 -12.18 21.33
N THR G 235 14.67 -12.02 22.06
CA THR G 235 15.99 -12.06 21.47
C THR G 235 16.72 -13.27 22.00
N THR G 236 17.77 -13.62 21.30
CA THR G 236 18.59 -14.75 21.72
C THR G 236 19.93 -14.68 21.02
N THR G 237 20.87 -15.37 21.64
CA THR G 237 22.09 -15.80 21.01
C THR G 237 21.77 -17.11 20.29
N THR G 238 22.52 -17.38 19.23
CA THR G 238 22.38 -18.63 18.46
C THR G 238 23.30 -19.74 19.04
N HIS G 239 24.27 -19.31 19.82
CA HIS G 239 25.20 -20.15 20.52
C HIS G 239 24.56 -20.23 21.93
N1 LLP G 240 22.07 -11.58 26.79
C2 LLP G 240 22.16 -12.63 27.65
C2' LLP G 240 21.04 -12.89 28.66
C3 LLP G 240 23.29 -13.45 27.59
O3 LLP G 240 23.38 -14.53 28.49
C4 LLP G 240 24.30 -13.18 26.71
C4' LLP G 240 25.48 -14.17 26.69
C5 LLP G 240 24.17 -12.12 25.82
C6 LLP G 240 23.04 -11.30 25.88
C5' LLP G 240 25.24 -11.69 24.80
OP4 LLP G 240 25.65 -12.62 23.85
P LLP G 240 27.04 -12.23 23.00
OP1 LLP G 240 27.09 -13.12 21.77
OP2 LLP G 240 27.10 -10.75 22.61
OP3 LLP G 240 28.20 -12.63 23.89
N LLP G 240 25.21 -20.94 22.85
CA LLP G 240 24.72 -21.19 24.20
CB LLP G 240 24.25 -19.96 25.03
CG LLP G 240 25.10 -18.70 24.90
CD LLP G 240 24.66 -17.64 25.92
CE LLP G 240 25.75 -16.56 26.04
NZ LLP G 240 25.10 -15.30 26.28
C LLP G 240 23.67 -22.28 24.02
O LLP G 240 23.88 -23.25 23.30
N SER G 241 22.53 -22.13 24.71
CA SER G 241 21.46 -23.12 24.80
C SER G 241 21.03 -23.75 23.47
N LEU G 242 20.95 -22.90 22.46
CA LEU G 242 20.53 -23.35 21.13
C LEU G 242 21.55 -24.26 20.42
N ARG G 243 22.81 -24.20 20.89
CA ARG G 243 23.91 -25.04 20.35
C ARG G 243 24.28 -24.77 18.91
N GLY G 244 24.06 -23.53 18.48
CA GLY G 244 24.41 -23.11 17.13
C GLY G 244 25.73 -22.36 16.99
N PRO G 245 25.95 -21.70 15.85
CA PRO G 245 27.13 -20.87 15.70
C PRO G 245 26.96 -19.58 16.53
N ARG G 246 28.02 -18.76 16.59
CA ARG G 246 27.94 -17.49 17.34
C ARG G 246 27.20 -16.49 16.47
N GLY G 247 25.99 -16.12 16.90
CA GLY G 247 25.20 -15.07 16.27
C GLY G 247 24.00 -14.67 17.15
N GLY G 248 23.01 -14.00 16.54
CA GLY G 248 21.79 -13.59 17.25
C GLY G 248 20.54 -13.68 16.37
N MET G 249 19.37 -13.58 17.01
CA MET G 249 18.08 -13.50 16.32
C MET G 249 17.17 -12.57 17.10
N ILE G 250 16.19 -12.00 16.42
CA ILE G 250 15.15 -11.24 17.08
C ILE G 250 13.80 -11.73 16.56
N PHE G 251 12.92 -12.15 17.47
CA PHE G 251 11.53 -12.49 17.13
C PHE G 251 10.60 -11.38 17.59
N PHE G 252 9.51 -11.14 16.83
CA PHE G 252 8.58 -10.05 17.13
C PHE G 252 7.16 -10.33 16.71
N LYS G 253 6.21 -9.85 17.52
CA LYS G 253 4.81 -9.81 17.14
C LYS G 253 4.64 -8.99 15.88
N LYS G 254 3.78 -9.46 14.98
CA LYS G 254 3.43 -8.74 13.76
C LYS G 254 2.15 -7.91 13.91
N ASP G 255 1.36 -8.17 14.95
CA ASP G 255 0.27 -7.25 15.33
C ASP G 255 0.89 -5.98 15.95
N ALA G 256 0.32 -4.81 15.65
CA ALA G 256 0.77 -3.58 16.30
C ALA G 256 0.83 -3.73 17.82
N VAL G 257 1.91 -3.24 18.41
CA VAL G 257 2.09 -3.23 19.84
C VAL G 257 2.29 -1.77 20.20
N HIS G 258 1.35 -1.23 21.00
CA HIS G 258 1.38 0.18 21.38
C HIS G 258 1.50 1.10 20.15
N GLY G 259 0.72 0.78 19.10
CA GLY G 259 0.70 1.56 17.88
C GLY G 259 1.93 1.41 16.97
N VAL G 260 2.84 0.48 17.26
CA VAL G 260 4.10 0.36 16.49
C VAL G 260 4.14 -0.95 15.68
N ASP G 261 4.55 -0.82 14.41
CA ASP G 261 4.81 -1.95 13.51
C ASP G 261 6.21 -2.42 13.86
N LEU G 262 6.28 -3.39 14.77
CA LEU G 262 7.58 -3.92 15.23
C LEU G 262 8.42 -4.53 14.09
N GLU G 263 7.77 -5.14 13.12
CA GLU G 263 8.50 -5.80 12.02
C GLU G 263 9.37 -4.80 11.27
N SER G 264 8.74 -3.77 10.77
CA SER G 264 9.44 -2.71 10.11
C SER G 264 10.46 -2.00 11.05
N ALA G 265 10.06 -1.74 12.31
CA ALA G 265 10.98 -1.01 13.22
C ALA G 265 12.25 -1.85 13.43
N ILE G 266 12.08 -3.16 13.64
CA ILE G 266 13.22 -4.01 14.01
C ILE G 266 14.07 -4.29 12.79
N ASN G 267 13.46 -4.65 11.66
CA ASN G 267 14.21 -4.88 10.45
C ASN G 267 15.07 -3.68 10.02
N ASN G 268 14.48 -2.48 10.04
CA ASN G 268 15.20 -1.25 9.71
C ASN G 268 16.31 -0.93 10.71
N ALA G 269 16.09 -1.19 12.01
CA ALA G 269 17.17 -1.01 13.00
C ALA G 269 18.35 -1.94 12.70
N VAL G 270 18.08 -3.18 12.32
CA VAL G 270 19.19 -4.09 11.94
C VAL G 270 19.93 -3.56 10.70
N PHE G 271 19.18 -3.30 9.62
CA PHE G 271 19.71 -2.72 8.39
C PHE G 271 18.60 -1.86 7.82
N PRO G 272 18.86 -0.62 7.39
CA PRO G 272 20.18 0.05 7.36
C PRO G 272 20.68 0.62 8.70
N GLY G 273 19.91 0.45 9.77
CA GLY G 273 20.24 1.15 11.02
C GLY G 273 21.63 0.89 11.55
N LEU G 274 21.92 -0.36 11.91
CA LEU G 274 23.11 -0.61 12.70
C LEU G 274 24.15 -1.56 12.10
N GLN G 275 23.71 -2.43 11.19
CA GLN G 275 24.63 -3.42 10.61
C GLN G 275 24.68 -3.18 9.13
N GLY G 276 25.67 -3.84 8.49
CA GLY G 276 25.85 -3.80 7.05
C GLY G 276 25.57 -5.18 6.50
N GLY G 277 26.57 -5.76 5.83
CA GLY G 277 26.43 -7.09 5.22
C GLY G 277 26.02 -8.15 6.21
N PRO G 278 24.91 -8.84 5.98
CA PRO G 278 24.66 -10.05 6.80
C PRO G 278 25.81 -11.10 6.69
N HIS G 279 26.06 -11.83 7.77
CA HIS G 279 27.09 -12.89 7.80
C HIS G 279 26.46 -14.22 7.40
N ASN G 280 26.41 -14.45 6.10
CA ASN G 280 25.63 -15.54 5.55
C ASN G 280 26.15 -16.94 5.93
N HIS G 281 27.46 -17.05 6.13
CA HIS G 281 28.07 -18.25 6.68
C HIS G 281 27.51 -18.61 8.06
N THR G 282 27.32 -17.59 8.90
CA THR G 282 26.72 -17.79 10.19
C THR G 282 25.23 -18.11 10.03
N ILE G 283 24.56 -17.45 9.10
CA ILE G 283 23.15 -17.77 8.85
C ILE G 283 23.00 -19.26 8.42
N GLY G 284 23.94 -19.74 7.62
CA GLY G 284 23.94 -21.18 7.22
C GLY G 284 24.06 -22.14 8.39
N GLY G 285 25.00 -21.85 9.27
CA GLY G 285 25.16 -22.56 10.57
C GLY G 285 23.87 -22.51 11.40
N LEU G 286 23.22 -21.36 11.36
CA LEU G 286 21.99 -21.15 12.13
C LEU G 286 20.87 -22.05 11.57
N ALA G 287 20.67 -22.03 10.26
CA ALA G 287 19.68 -22.91 9.58
C ALA G 287 19.82 -24.36 10.03
N VAL G 288 21.07 -24.83 9.98
CA VAL G 288 21.49 -26.20 10.41
C VAL G 288 21.12 -26.47 11.86
N CYS G 289 21.53 -25.56 12.75
CA CYS G 289 21.25 -25.80 14.14
C CYS G 289 19.74 -25.73 14.42
N LEU G 290 18.99 -24.91 13.68
CA LEU G 290 17.53 -24.84 13.85
C LEU G 290 16.75 -26.08 13.31
N LYS G 291 17.28 -26.73 12.29
CA LYS G 291 16.75 -28.04 11.92
C LYS G 291 16.91 -28.99 13.11
N TYR G 292 18.12 -29.10 13.64
CA TYR G 292 18.38 -30.05 14.72
C TYR G 292 17.49 -29.77 15.96
N ALA G 293 17.28 -28.48 16.22
CA ALA G 293 16.48 -28.02 17.36
C ALA G 293 15.06 -28.54 17.37
N GLN G 294 14.53 -28.84 16.18
CA GLN G 294 13.18 -29.42 16.05
C GLN G 294 13.08 -30.94 16.31
N SER G 295 14.19 -31.67 16.34
CA SER G 295 14.20 -33.15 16.38
C SER G 295 13.92 -33.74 17.77
N PRO G 296 13.40 -34.98 17.83
CA PRO G 296 13.24 -35.70 19.10
C PRO G 296 14.53 -35.82 19.94
N ASP G 297 15.68 -35.96 19.26
CA ASP G 297 16.99 -36.08 19.91
C ASP G 297 17.34 -34.80 20.66
N PHE G 298 17.05 -33.65 20.05
CA PHE G 298 17.29 -32.39 20.73
C PHE G 298 16.39 -32.27 21.96
N LYS G 299 15.14 -32.68 21.82
CA LYS G 299 14.23 -32.71 22.97
C LYS G 299 14.75 -33.66 24.12
N ASN G 300 15.26 -34.84 23.75
CA ASN G 300 15.87 -35.77 24.72
C ASN G 300 17.09 -35.13 25.37
N TYR G 301 17.98 -34.59 24.54
CA TYR G 301 19.10 -33.82 25.03
C TYR G 301 18.69 -32.79 26.10
N GLN G 302 17.69 -31.97 25.81
CA GLN G 302 17.35 -30.86 26.72
C GLN G 302 16.79 -31.39 28.02
N ASN G 303 16.02 -32.47 27.98
CA ASN G 303 15.57 -33.12 29.25
C ASN G 303 16.73 -33.71 30.03
N GLN G 304 17.73 -34.23 29.31
CA GLN G 304 18.98 -34.71 29.92
C GLN G 304 19.79 -33.59 30.59
N VAL G 305 19.79 -32.42 29.97
CA VAL G 305 20.50 -31.24 30.49
C VAL G 305 19.96 -30.90 31.89
N VAL G 306 18.63 -30.85 31.99
CA VAL G 306 17.97 -30.57 33.28
C VAL G 306 18.24 -31.69 34.32
N ALA G 307 18.06 -32.94 33.90
CA ALA G 307 18.33 -34.09 34.75
C ALA G 307 19.79 -34.09 35.24
N ASN G 308 20.74 -33.83 34.35
CA ASN G 308 22.16 -33.78 34.74
C ASN G 308 22.48 -32.67 35.78
N CYS G 309 21.94 -31.48 35.53
CA CYS G 309 22.08 -30.39 36.46
C CYS G 309 21.45 -30.68 37.82
N ARG G 310 20.30 -31.37 37.80
CA ARG G 310 19.63 -31.80 39.03
C ARG G 310 20.48 -32.82 39.80
N ALA G 311 21.11 -33.74 39.07
CA ALA G 311 21.97 -34.77 39.70
C ALA G 311 23.16 -34.09 40.38
N LEU G 312 23.78 -33.15 39.65
CA LEU G 312 24.93 -32.40 40.16
C LEU G 312 24.60 -31.58 41.41
N ALA G 313 23.50 -30.84 41.32
CA ALA G 313 22.99 -30.04 42.43
C ALA G 313 22.77 -30.85 43.69
N ASN G 314 22.03 -31.95 43.56
CA ASN G 314 21.72 -32.83 44.69
C ASN G 314 22.96 -33.43 45.32
N ARG G 315 23.96 -33.77 44.50
CA ARG G 315 25.22 -34.25 45.00
C ARG G 315 26.01 -33.17 45.74
N LEU G 316 26.03 -31.93 45.24
CA LEU G 316 26.67 -30.82 45.98
C LEU G 316 25.97 -30.59 47.33
N VAL G 317 24.64 -30.71 47.34
CA VAL G 317 23.85 -30.59 48.58
C VAL G 317 24.27 -31.67 49.61
N GLU G 318 24.47 -32.90 49.15
CA GLU G 318 25.04 -33.96 49.96
C GLU G 318 26.40 -33.59 50.54
N HIS G 319 27.24 -32.92 49.74
CA HIS G 319 28.49 -32.30 50.25
C HIS G 319 28.31 -30.99 51.06
N GLU G 320 27.09 -30.64 51.44
CA GLU G 320 26.79 -29.50 52.33
C GLU G 320 26.98 -28.14 51.67
N TYR G 321 26.96 -28.10 50.34
CA TYR G 321 26.98 -26.81 49.66
C TYR G 321 25.59 -26.22 49.69
N LYS G 322 25.56 -24.88 49.69
CA LYS G 322 24.33 -24.11 49.66
C LYS G 322 24.10 -23.60 48.23
N LEU G 323 22.89 -23.78 47.72
CA LEU G 323 22.52 -23.39 46.36
C LEU G 323 21.61 -22.20 46.43
N VAL G 324 21.85 -21.22 45.56
CA VAL G 324 20.97 -20.05 45.49
C VAL G 324 19.60 -20.49 44.99
N SER G 325 18.58 -20.06 45.75
CA SER G 325 17.18 -20.41 45.52
C SER G 325 16.87 -21.85 45.94
N GLY G 326 17.82 -22.51 46.61
CA GLY G 326 17.71 -23.92 47.01
C GLY G 326 17.77 -24.98 45.91
N GLY G 327 18.10 -24.59 44.69
CA GLY G 327 18.05 -25.55 43.58
C GLY G 327 18.00 -24.83 42.25
N SER G 328 17.41 -25.48 41.25
CA SER G 328 17.37 -24.96 39.89
C SER G 328 16.31 -25.70 39.08
N ASP G 329 15.63 -24.98 38.17
CA ASP G 329 14.64 -25.55 37.21
C ASP G 329 15.28 -25.83 35.86
N ASN G 330 16.56 -25.49 35.67
CA ASN G 330 17.09 -25.37 34.34
C ASN G 330 18.46 -26.00 34.22
N HIS G 331 19.29 -25.42 33.37
CA HIS G 331 20.60 -25.95 32.99
C HIS G 331 21.76 -25.55 33.86
N LEU G 332 21.54 -24.67 34.85
CA LEU G 332 22.65 -24.20 35.67
C LEU G 332 22.32 -24.29 37.15
N VAL G 333 23.36 -24.19 37.97
CA VAL G 333 23.23 -24.01 39.42
C VAL G 333 24.19 -22.94 39.90
N LEU G 334 23.74 -22.20 40.89
CA LEU G 334 24.54 -21.16 41.50
C LEU G 334 24.79 -21.62 42.89
N VAL G 335 26.06 -21.85 43.17
CA VAL G 335 26.49 -22.25 44.51
C VAL G 335 26.87 -21.02 45.34
N ASP G 336 26.27 -20.86 46.50
CA ASP G 336 26.70 -19.88 47.47
C ASP G 336 27.82 -20.50 48.31
N LEU G 337 29.05 -20.09 48.03
CA LEU G 337 30.20 -20.58 48.78
C LEU G 337 30.45 -19.91 50.13
N ARG G 338 29.71 -18.85 50.46
CA ARG G 338 29.96 -18.08 51.70
C ARG G 338 30.02 -18.93 52.96
N PRO G 339 29.03 -19.83 53.18
CA PRO G 339 29.12 -20.71 54.35
C PRO G 339 30.31 -21.69 54.32
N SER G 340 30.83 -21.99 53.13
CA SER G 340 31.98 -22.87 52.97
C SER G 340 33.28 -22.21 53.29
N GLY G 341 33.27 -20.90 53.51
CA GLY G 341 34.46 -20.18 53.99
C GLY G 341 35.42 -19.73 52.91
N ILE G 342 34.94 -19.53 51.69
CA ILE G 342 35.82 -19.11 50.61
C ILE G 342 35.01 -18.48 49.50
N ASP G 343 35.68 -17.65 48.70
CA ASP G 343 35.03 -16.95 47.60
C ASP G 343 35.13 -17.70 46.29
N GLY G 344 34.39 -17.22 45.30
CA GLY G 344 34.37 -17.74 43.94
C GLY G 344 35.62 -17.56 43.11
N ALA G 345 36.39 -16.49 43.32
CA ALA G 345 37.60 -16.28 42.51
C ALA G 345 38.67 -17.30 42.82
N ARG G 346 38.86 -17.59 44.11
CA ARG G 346 39.89 -18.52 44.51
C ARG G 346 39.60 -19.94 44.02
N VAL G 347 38.34 -20.34 44.13
CA VAL G 347 37.85 -21.66 43.74
C VAL G 347 37.92 -21.84 42.23
N GLU G 348 37.46 -20.83 41.47
CA GLU G 348 37.56 -20.83 39.99
C GLU G 348 39.00 -21.05 39.54
N LYS G 349 39.94 -20.38 40.20
CA LYS G 349 41.32 -20.51 39.80
C LYS G 349 41.87 -21.93 40.01
N ILE G 350 41.66 -22.48 41.21
CA ILE G 350 42.11 -23.85 41.48
C ILE G 350 41.43 -24.85 40.54
N LEU G 351 40.14 -24.72 40.38
CA LEU G 351 39.44 -25.60 39.46
C LEU G 351 40.04 -25.50 38.05
N ASP G 352 40.30 -24.28 37.57
CA ASP G 352 40.90 -24.08 36.22
C ASP G 352 42.20 -24.89 36.07
N MET G 353 43.03 -24.82 37.10
CA MET G 353 44.33 -25.50 37.19
C MET G 353 44.18 -27.02 37.11
N ALA G 354 43.04 -27.54 37.57
CA ALA G 354 42.71 -28.95 37.42
C ALA G 354 41.82 -29.28 36.21
N SER G 355 41.71 -28.36 35.23
CA SER G 355 40.95 -28.57 33.98
C SER G 355 39.41 -28.66 34.15
N ILE G 356 38.90 -28.04 35.23
CA ILE G 356 37.46 -27.81 35.38
C ILE G 356 37.24 -26.31 35.17
N THR G 357 36.48 -25.94 34.14
CA THR G 357 36.20 -24.54 33.83
C THR G 357 34.76 -24.23 34.21
N LEU G 358 34.64 -23.29 35.14
CA LEU G 358 33.37 -22.74 35.50
C LEU G 358 33.67 -21.26 35.78
N ASN G 359 32.72 -20.54 36.34
CA ASN G 359 33.02 -19.17 36.69
C ASN G 359 32.47 -18.70 38.02
N LYS G 360 33.26 -17.86 38.68
CA LYS G 360 32.82 -17.16 39.87
C LYS G 360 31.58 -16.34 39.55
N ASN G 361 30.76 -16.13 40.56
CA ASN G 361 29.52 -15.43 40.37
C ASN G 361 29.09 -14.80 41.67
N SER G 362 28.47 -13.63 41.55
CA SER G 362 27.97 -12.93 42.70
C SER G 362 26.73 -13.60 43.23
N VAL G 363 26.55 -13.53 44.52
CA VAL G 363 25.49 -14.18 45.24
C VAL G 363 24.65 -13.05 45.82
N PRO G 364 23.31 -13.23 45.89
CA PRO G 364 22.52 -12.25 46.65
C PRO G 364 22.94 -12.18 48.11
N GLY G 365 23.20 -10.97 48.58
CA GLY G 365 23.68 -10.74 49.92
C GLY G 365 25.16 -10.48 50.02
N ASP G 366 25.92 -10.69 48.94
CA ASP G 366 27.35 -10.40 48.94
C ASP G 366 27.60 -8.98 49.41
N LYS G 367 28.61 -8.82 50.25
CA LYS G 367 28.98 -7.50 50.78
C LYS G 367 29.64 -6.61 49.72
N SER G 368 30.31 -7.22 48.74
CA SER G 368 31.07 -6.47 47.75
C SER G 368 31.00 -7.09 46.38
N ALA G 369 30.71 -6.26 45.39
CA ALA G 369 30.75 -6.68 43.99
C ALA G 369 32.17 -6.93 43.45
N LEU G 370 33.21 -6.64 44.24
CA LEU G 370 34.59 -7.00 43.86
C LEU G 370 34.98 -8.41 44.33
N VAL G 371 34.16 -9.00 45.19
CA VAL G 371 34.40 -10.36 45.70
C VAL G 371 33.16 -11.23 45.40
N PRO G 372 33.23 -12.05 44.33
CA PRO G 372 32.08 -12.86 44.01
C PRO G 372 31.97 -13.97 45.03
N GLY G 373 30.79 -14.13 45.60
CA GLY G 373 30.60 -15.06 46.68
C GLY G 373 30.28 -16.49 46.26
N GLY G 374 30.05 -16.72 44.98
CA GLY G 374 29.61 -18.04 44.54
C GLY G 374 30.28 -18.52 43.29
N ILE G 375 29.79 -19.62 42.76
CA ILE G 375 30.18 -20.11 41.43
C ILE G 375 28.95 -20.57 40.68
N ARG G 376 28.97 -20.36 39.37
CA ARG G 376 27.93 -20.79 38.47
C ARG G 376 28.43 -22.07 37.76
N ILE G 377 27.57 -23.09 37.78
CA ILE G 377 27.88 -24.37 37.08
C ILE G 377 26.73 -24.70 36.14
N GLY G 378 27.08 -25.03 34.90
CA GLY G 378 26.08 -25.48 33.93
C GLY G 378 26.30 -26.85 33.30
N SER G 379 25.20 -27.55 33.01
CA SER G 379 25.23 -28.88 32.39
C SER G 379 25.25 -28.98 30.86
N PRO G 380 24.89 -27.92 30.09
CA PRO G 380 24.78 -28.13 28.60
C PRO G 380 25.97 -28.75 27.86
N ALA G 381 27.18 -28.24 28.07
CA ALA G 381 28.36 -28.69 27.26
C ALA G 381 28.73 -30.14 27.52
N MET G 382 28.80 -30.56 28.79
CA MET G 382 29.16 -31.96 29.06
C MET G 382 28.00 -32.91 28.72
N THR G 383 26.76 -32.43 28.81
CA THR G 383 25.60 -33.19 28.40
C THR G 383 25.64 -33.43 26.89
N THR G 384 26.12 -32.46 26.12
CA THR G 384 26.33 -32.67 24.67
C THR G 384 27.33 -33.81 24.39
N ARG G 385 28.33 -33.95 25.24
CA ARG G 385 29.34 -35.00 25.05
C ARG G 385 28.88 -36.40 25.49
N GLY G 386 27.65 -36.49 25.99
CA GLY G 386 27.05 -37.77 26.34
C GLY G 386 27.07 -38.14 27.81
N LEU G 387 27.52 -37.24 28.69
CA LEU G 387 27.50 -37.55 30.13
C LEU G 387 26.07 -37.68 30.66
N GLY G 388 25.89 -38.60 31.59
CA GLY G 388 24.61 -38.82 32.24
C GLY G 388 24.68 -38.42 33.69
N GLU G 389 23.62 -38.76 34.42
CA GLU G 389 23.44 -38.33 35.83
C GLU G 389 24.54 -38.83 36.78
N LYS G 390 24.92 -40.10 36.65
CA LYS G 390 26.05 -40.66 37.43
C LYS G 390 27.35 -39.92 37.19
N GLU G 391 27.62 -39.52 35.95
CA GLU G 391 28.84 -38.78 35.66
C GLU G 391 28.77 -37.34 36.21
N PHE G 392 27.57 -36.77 36.25
CA PHE G 392 27.37 -35.42 36.82
C PHE G 392 27.49 -35.48 38.33
N GLU G 393 27.17 -36.62 38.92
CA GLU G 393 27.48 -36.86 40.35
C GLU G 393 28.98 -36.88 40.60
N LEU G 394 29.72 -37.53 39.70
CA LEU G 394 31.18 -37.51 39.75
C LEU G 394 31.76 -36.11 39.59
N ILE G 395 31.18 -35.32 38.68
CA ILE G 395 31.65 -33.95 38.49
C ILE G 395 31.55 -33.14 39.80
N ALA G 396 30.42 -33.26 40.48
CA ALA G 396 30.23 -32.66 41.80
C ALA G 396 31.33 -33.07 42.81
N ASP G 397 31.64 -34.37 42.87
CA ASP G 397 32.75 -34.87 43.71
C ASP G 397 34.09 -34.22 43.31
N LEU G 398 34.32 -34.03 42.00
CA LEU G 398 35.58 -33.40 41.57
C LEU G 398 35.63 -31.91 41.94
N ILE G 399 34.50 -31.22 41.74
CA ILE G 399 34.38 -29.84 42.15
C ILE G 399 34.67 -29.74 43.65
N HIS G 400 34.03 -30.58 44.45
CA HIS G 400 34.19 -30.59 45.93
C HIS G 400 35.67 -30.68 46.31
N GLU G 401 36.40 -31.55 45.64
CA GLU G 401 37.85 -31.71 45.89
C GLU G 401 38.59 -30.44 45.57
N GLY G 402 38.22 -29.79 44.48
CA GLY G 402 38.79 -28.49 44.12
C GLY G 402 38.56 -27.42 45.18
N VAL G 403 37.35 -27.33 45.71
CA VAL G 403 37.02 -26.43 46.81
C VAL G 403 37.87 -26.76 48.04
N ARG G 404 37.98 -28.05 48.41
CA ARG G 404 38.84 -28.49 49.53
C ARG G 404 40.30 -28.02 49.34
N ILE G 405 40.82 -28.12 48.13
CA ILE G 405 42.18 -27.69 47.84
C ILE G 405 42.23 -26.18 47.96
N SER G 406 41.18 -25.50 47.51
CA SER G 406 41.15 -24.05 47.52
C SER G 406 41.15 -23.56 48.94
N LEU G 407 40.33 -24.21 49.77
CA LEU G 407 40.27 -23.90 51.21
C LEU G 407 41.60 -24.07 51.89
N GLU G 408 42.27 -25.17 51.57
CA GLU G 408 43.58 -25.45 52.14
C GLU G 408 44.60 -24.43 51.67
N ALA G 409 44.59 -24.07 50.38
CA ALA G 409 45.51 -23.04 49.85
C ALA G 409 45.29 -21.67 50.54
N LYS G 410 44.03 -21.32 50.72
CA LYS G 410 43.66 -20.08 51.41
C LYS G 410 44.23 -20.02 52.83
N SER G 411 44.17 -21.13 53.56
CA SER G 411 44.69 -21.18 54.93
C SER G 411 46.20 -20.94 55.03
N LEU G 412 46.94 -21.19 53.95
CA LEU G 412 48.39 -21.04 53.92
C LEU G 412 48.91 -19.65 53.52
N VAL G 413 48.07 -18.84 52.86
CA VAL G 413 48.47 -17.52 52.39
C VAL G 413 48.17 -16.50 53.47
N SER G 414 49.18 -15.71 53.85
CA SER G 414 49.05 -14.66 54.86
C SER G 414 48.09 -13.54 54.46
N GLY G 415 48.26 -12.97 53.27
CA GLY G 415 47.39 -11.88 52.84
C GLY G 415 45.91 -12.27 52.80
N THR G 416 45.03 -11.30 52.92
CA THR G 416 43.62 -11.46 52.54
C THR G 416 43.44 -11.11 51.05
N LYS G 417 44.49 -10.63 50.40
CA LYS G 417 44.38 -10.11 49.04
C LYS G 417 44.43 -11.24 48.02
N VAL G 418 43.52 -11.20 47.05
CA VAL G 418 43.45 -12.19 45.97
C VAL G 418 44.76 -12.41 45.22
N GLN G 419 45.54 -11.34 45.03
CA GLN G 419 46.81 -11.47 44.32
C GLN G 419 47.87 -12.32 45.05
N ASP G 420 47.88 -12.25 46.39
CA ASP G 420 48.75 -13.11 47.22
C ASP G 420 48.40 -14.60 47.05
N PHE G 421 47.10 -14.89 46.95
CA PHE G 421 46.62 -16.25 46.64
C PHE G 421 47.12 -16.71 45.27
N LEU G 422 46.95 -15.86 44.25
CA LEU G 422 47.44 -16.14 42.89
C LEU G 422 48.95 -16.36 42.85
N ASN G 423 49.71 -15.48 43.50
CA ASN G 423 51.16 -15.66 43.64
C ASN G 423 51.53 -17.01 44.25
N PHE G 424 50.91 -17.27 45.40
CA PHE G 424 51.08 -18.55 46.10
C PHE G 424 50.83 -19.77 45.20
N VAL G 425 49.64 -19.87 44.62
CA VAL G 425 49.24 -21.09 43.89
C VAL G 425 49.94 -21.29 42.55
N LEU G 426 50.47 -20.22 41.99
CA LEU G 426 51.26 -20.33 40.77
C LEU G 426 52.76 -20.51 41.04
N ALA G 427 53.24 -20.19 42.24
CA ALA G 427 54.65 -20.36 42.60
C ALA G 427 55.12 -21.80 42.40
N PRO G 428 56.42 -22.00 42.05
CA PRO G 428 56.96 -23.36 41.87
C PRO G 428 56.97 -24.19 43.16
N GLU G 429 57.31 -23.56 44.28
CA GLU G 429 57.26 -24.20 45.61
C GLU G 429 55.84 -24.32 46.25
N PHE G 430 54.77 -24.20 45.45
CA PHE G 430 53.38 -24.44 45.87
C PHE G 430 53.20 -25.84 46.47
N PRO G 431 52.94 -25.91 47.81
CA PRO G 431 52.93 -27.21 48.47
C PRO G 431 51.72 -28.10 48.18
N LEU G 432 50.71 -27.62 47.43
CA LEU G 432 49.57 -28.48 47.02
C LEU G 432 49.55 -28.82 45.50
N GLY G 433 50.67 -28.65 44.82
CA GLY G 433 50.78 -29.01 43.40
C GLY G 433 50.34 -30.44 43.12
N ASP G 434 50.79 -31.38 43.94
CA ASP G 434 50.41 -32.79 43.78
C ASP G 434 48.92 -33.02 43.94
N LYS G 435 48.27 -32.28 44.83
CA LYS G 435 46.82 -32.42 45.00
C LYS G 435 46.08 -31.93 43.75
N VAL G 436 46.60 -30.88 43.14
CA VAL G 436 46.02 -30.32 41.93
C VAL G 436 46.13 -31.34 40.77
N SER G 437 47.33 -31.90 40.58
CA SER G 437 47.58 -32.88 39.49
C SER G 437 46.78 -34.15 39.66
N ASN G 438 46.63 -34.59 40.92
CA ASN G 438 45.81 -35.77 41.21
C ASN G 438 44.36 -35.54 40.78
N LEU G 439 43.85 -34.35 41.09
CA LEU G 439 42.49 -33.97 40.69
C LEU G 439 42.39 -33.89 39.16
N ARG G 440 43.37 -33.22 38.53
CA ARG G 440 43.42 -33.07 37.08
C ARG G 440 43.44 -34.42 36.39
N ARG G 441 44.25 -35.33 36.90
CA ARG G 441 44.31 -36.66 36.41
C ARG G 441 42.91 -37.28 36.44
N LYS G 442 42.15 -37.07 37.52
CA LYS G 442 40.78 -37.64 37.55
C LYS G 442 39.77 -36.93 36.63
N VAL G 443 39.95 -35.62 36.49
CA VAL G 443 39.12 -34.82 35.58
C VAL G 443 39.29 -35.34 34.14
N GLU G 444 40.54 -35.42 33.68
CA GLU G 444 40.85 -35.92 32.30
C GLU G 444 40.46 -37.38 32.09
N ALA G 445 40.47 -38.19 33.15
CA ALA G 445 40.05 -39.61 33.05
C ALA G 445 38.53 -39.72 32.81
N LEU G 446 37.75 -38.76 33.32
CA LEU G 446 36.33 -38.72 33.04
C LEU G 446 36.08 -38.18 31.63
N ALA G 447 36.63 -37.01 31.35
CA ALA G 447 36.34 -36.28 30.10
C ALA G 447 36.73 -37.07 28.85
N THR G 448 37.90 -37.69 28.89
CA THR G 448 38.46 -38.35 27.68
C THR G 448 37.76 -39.65 27.33
N GLN G 449 36.83 -40.09 28.17
CA GLN G 449 35.96 -41.21 27.82
C GLN G 449 34.88 -40.84 26.82
N TYR G 450 34.68 -39.55 26.56
CA TYR G 450 33.53 -39.11 25.82
C TYR G 450 33.93 -38.43 24.53
N PRO G 451 33.10 -38.57 23.49
CA PRO G 451 33.42 -37.88 22.24
C PRO G 451 33.12 -36.38 22.37
N ILE G 452 33.65 -35.64 21.41
CA ILE G 452 33.43 -34.20 21.31
C ILE G 452 33.04 -33.93 19.83
N PRO G 453 31.86 -33.31 19.58
CA PRO G 453 31.48 -33.03 18.19
C PRO G 453 32.37 -31.98 17.55
N GLY G 454 32.33 -31.87 16.22
CA GLY G 454 33.12 -30.91 15.48
C GLY G 454 33.78 -31.54 14.26
N VAL G 455 34.32 -30.69 13.40
CA VAL G 455 35.10 -31.17 12.25
C VAL G 455 36.36 -31.88 12.77
N PHE H 4 23.29 -38.17 19.16
CA PHE H 4 24.68 -38.44 19.71
C PHE H 4 25.76 -38.60 18.62
N LEU H 5 25.41 -39.22 17.48
CA LEU H 5 26.27 -39.25 16.28
C LEU H 5 26.30 -37.85 15.59
N ASP H 6 27.44 -37.53 14.98
CA ASP H 6 27.79 -36.17 14.56
C ASP H 6 28.00 -36.12 13.03
N TYR H 7 26.90 -36.18 12.27
CA TYR H 7 26.98 -36.33 10.80
C TYR H 7 27.61 -35.12 10.11
N GLY H 8 28.33 -35.35 9.01
CA GLY H 8 28.69 -34.29 8.06
C GLY H 8 27.48 -33.48 7.51
N LEU H 9 27.72 -32.28 7.04
CA LEU H 9 26.63 -31.43 6.57
C LEU H 9 25.74 -32.08 5.53
N SER H 10 26.37 -32.76 4.56
CA SER H 10 25.63 -33.38 3.43
C SER H 10 24.57 -34.40 3.93
N GLU H 11 24.81 -35.03 5.07
CA GLU H 11 23.84 -35.92 5.69
C GLU H 11 22.94 -35.27 6.75
N ALA H 12 23.51 -34.39 7.58
CA ALA H 12 22.73 -33.71 8.64
C ALA H 12 21.65 -32.80 8.08
N ASP H 13 21.97 -32.11 6.99
CA ASP H 13 21.07 -31.12 6.42
C ASP H 13 21.25 -31.08 4.90
N PRO H 14 20.63 -32.04 4.16
CA PRO H 14 20.76 -32.02 2.68
C PRO H 14 20.35 -30.68 2.01
N ASP H 15 19.29 -30.05 2.51
CA ASP H 15 18.79 -28.79 1.96
C ASP H 15 19.84 -27.66 2.03
N VAL H 16 20.43 -27.41 3.21
CA VAL H 16 21.51 -26.41 3.33
C VAL H 16 22.75 -26.81 2.54
N HIS H 17 23.17 -28.06 2.66
CA HIS H 17 24.25 -28.55 1.82
C HIS H 17 24.03 -28.17 0.34
N ALA H 18 22.83 -28.42 -0.16
CA ALA H 18 22.51 -28.14 -1.60
C ALA H 18 22.52 -26.65 -1.91
N ILE H 19 22.08 -25.81 -0.97
CA ILE H 19 22.15 -24.36 -1.19
C ILE H 19 23.60 -23.85 -1.26
N ILE H 20 24.47 -24.35 -0.37
CA ILE H 20 25.87 -23.96 -0.40
C ILE H 20 26.53 -24.35 -1.76
N ASN H 21 26.23 -25.57 -2.22
CA ASN H 21 26.71 -26.03 -3.52
C ASN H 21 26.24 -25.13 -4.67
N LYS H 22 24.96 -24.77 -4.68
CA LYS H 22 24.43 -23.82 -5.67
C LYS H 22 25.11 -22.45 -5.56
N GLU H 23 25.34 -21.98 -4.33
CA GLU H 23 26.09 -20.74 -4.16
C GLU H 23 27.54 -20.86 -4.67
N LYS H 24 28.19 -21.97 -4.34
CA LYS H 24 29.53 -22.22 -4.83
C LYS H 24 29.55 -22.20 -6.37
N ASP H 25 28.58 -22.88 -6.97
CA ASP H 25 28.49 -22.93 -8.44
C ASP H 25 28.21 -21.52 -9.02
N ARG H 26 27.36 -20.71 -8.34
CA ARG H 26 27.08 -19.31 -8.80
C ARG H 26 28.36 -18.45 -8.78
N GLN H 27 29.05 -18.46 -7.64
CA GLN H 27 30.36 -17.80 -7.54
C GLN H 27 31.35 -18.23 -8.66
N PHE H 28 31.36 -19.54 -8.91
CA PHE H 28 32.28 -20.11 -9.89
C PHE H 28 32.05 -19.54 -11.30
N ARG H 29 30.79 -19.54 -11.73
CA ARG H 29 30.40 -19.16 -13.10
C ARG H 29 30.08 -17.67 -13.36
N SER H 30 30.13 -16.82 -12.34
CA SER H 30 29.80 -15.38 -12.50
C SER H 30 31.06 -14.52 -12.58
N LEU H 31 30.89 -13.30 -13.09
CA LEU H 31 31.91 -12.27 -13.01
C LEU H 31 31.47 -11.35 -11.85
N GLU H 32 32.12 -11.57 -10.72
CA GLU H 32 31.87 -10.76 -9.49
C GLU H 32 32.64 -9.46 -9.58
N LEU H 33 31.95 -8.37 -9.89
CA LEU H 33 32.56 -7.04 -10.03
C LEU H 33 32.07 -6.03 -8.96
N ILE H 34 31.44 -6.54 -7.88
CA ILE H 34 31.11 -5.65 -6.77
C ILE H 34 32.42 -5.33 -6.03
N ALA H 35 32.71 -4.04 -5.85
CA ALA H 35 34.02 -3.56 -5.40
C ALA H 35 34.36 -3.96 -3.97
N SER H 36 33.34 -4.32 -3.22
CA SER H 36 33.46 -4.73 -1.81
C SER H 36 33.57 -6.25 -1.64
N GLU H 37 33.49 -7.00 -2.74
CA GLU H 37 33.50 -8.45 -2.66
C GLU H 37 34.91 -9.00 -2.89
N ASN H 38 35.13 -10.19 -2.36
CA ASN H 38 36.31 -10.99 -2.64
C ASN H 38 36.00 -12.46 -2.37
N PHE H 39 37.00 -13.30 -2.59
CA PHE H 39 36.91 -14.72 -2.31
C PHE H 39 38.01 -15.04 -1.30
N THR H 40 37.62 -15.50 -0.12
CA THR H 40 38.58 -15.80 0.91
C THR H 40 39.16 -17.21 0.76
N SER H 41 40.33 -17.43 1.33
CA SER H 41 41.07 -18.64 1.12
C SER H 41 40.51 -19.86 1.85
N LYS H 42 40.93 -21.03 1.37
CA LYS H 42 40.64 -22.31 2.04
C LYS H 42 41.06 -22.29 3.52
N ALA H 43 42.26 -21.77 3.78
CA ALA H 43 42.83 -21.74 5.10
C ALA H 43 42.01 -20.84 6.05
N VAL H 44 41.59 -19.68 5.57
CA VAL H 44 40.69 -18.82 6.37
C VAL H 44 39.42 -19.59 6.70
N MET H 45 38.77 -20.17 5.69
CA MET H 45 37.55 -20.94 5.91
C MET H 45 37.70 -22.06 6.93
N GLU H 46 38.85 -22.75 6.91
CA GLU H 46 39.08 -23.87 7.83
C GLU H 46 39.19 -23.41 9.30
N ALA H 47 39.88 -22.28 9.50
CA ALA H 47 40.00 -21.65 10.82
C ALA H 47 38.66 -21.17 11.35
N VAL H 48 37.88 -20.52 10.46
CA VAL H 48 36.55 -20.03 10.77
C VAL H 48 35.56 -21.18 11.11
N GLY H 49 35.65 -22.30 10.38
CA GLY H 49 34.79 -23.47 10.64
C GLY H 49 35.42 -24.50 11.59
N SER H 50 36.03 -24.03 12.69
CA SER H 50 36.78 -24.88 13.65
C SER H 50 36.14 -24.83 15.03
N CYS H 51 36.72 -25.60 15.94
CA CYS H 51 36.29 -25.63 17.35
C CYS H 51 36.52 -24.31 18.15
N LEU H 52 37.26 -23.35 17.55
CA LEU H 52 37.40 -22.00 18.12
C LEU H 52 36.05 -21.37 18.42
N THR H 53 35.01 -21.70 17.64
CA THR H 53 33.64 -21.18 17.92
C THR H 53 33.09 -21.52 19.33
N ASN H 54 33.57 -22.61 19.94
CA ASN H 54 33.03 -23.07 21.21
C ASN H 54 33.37 -22.21 22.42
N LYS H 55 34.40 -21.36 22.30
CA LYS H 55 35.01 -20.70 23.47
C LYS H 55 34.47 -19.30 23.81
N TYR H 56 34.08 -19.10 25.08
CA TYR H 56 33.77 -17.75 25.67
C TYR H 56 35.05 -17.12 26.29
N SER H 57 35.45 -15.96 25.75
CA SER H 57 36.69 -15.27 26.13
C SER H 57 36.46 -13.75 26.32
N GLU H 58 35.31 -13.41 26.89
CA GLU H 58 35.07 -12.04 27.38
C GLU H 58 36.33 -11.45 28.03
N GLY H 59 36.75 -10.29 27.51
CA GLY H 59 37.91 -9.56 28.03
C GLY H 59 38.98 -9.41 26.97
N LEU H 60 40.24 -9.39 27.43
CA LEU H 60 41.45 -9.29 26.58
C LEU H 60 42.46 -10.38 26.99
N PRO H 61 43.51 -10.63 26.15
CA PRO H 61 44.55 -11.62 26.51
C PRO H 61 45.20 -11.34 27.86
N GLY H 62 45.20 -12.33 28.75
CA GLY H 62 45.70 -12.15 30.13
C GLY H 62 44.80 -11.38 31.11
N LYS H 63 43.68 -10.80 30.63
CA LYS H 63 42.64 -10.17 31.49
C LYS H 63 41.23 -10.64 31.03
N ARG H 64 40.94 -11.92 31.28
CA ARG H 64 39.67 -12.54 30.89
C ARG H 64 38.75 -12.69 32.09
N TYR H 65 37.44 -12.71 31.84
CA TYR H 65 36.46 -12.98 32.89
C TYR H 65 36.49 -14.47 33.30
N TYR H 66 36.70 -15.36 32.32
CA TYR H 66 36.78 -16.82 32.55
C TYR H 66 38.19 -17.36 32.36
N GLY H 67 38.45 -18.54 32.93
CA GLY H 67 39.66 -19.30 32.64
C GLY H 67 39.48 -20.27 31.47
N GLY H 68 40.50 -21.09 31.24
CA GLY H 68 40.52 -22.05 30.14
C GLY H 68 40.83 -21.41 28.79
N ASN H 69 41.38 -20.18 28.82
CA ASN H 69 41.62 -19.35 27.60
C ASN H 69 43.11 -19.20 27.25
N GLU H 70 43.97 -20.10 27.72
CA GLU H 70 45.41 -20.07 27.36
C GLU H 70 45.67 -20.04 25.82
N HIS H 71 44.96 -20.86 25.06
CA HIS H 71 45.23 -20.96 23.62
C HIS H 71 44.46 -19.86 22.85
N ILE H 72 43.27 -19.53 23.33
CA ILE H 72 42.55 -18.36 22.80
C ILE H 72 43.40 -17.08 22.96
N ASP H 73 44.09 -16.92 24.11
CA ASP H 73 45.06 -15.80 24.36
C ASP H 73 46.26 -15.79 23.42
N GLU H 74 46.87 -16.95 23.21
CA GLU H 74 47.97 -17.05 22.25
C GLU H 74 47.49 -16.55 20.90
N LEU H 75 46.32 -17.03 20.49
CA LEU H 75 45.77 -16.70 19.18
C LEU H 75 45.48 -15.22 19.01
N GLU H 76 44.78 -14.64 19.99
CA GLU H 76 44.49 -13.18 19.95
C GLU H 76 45.78 -12.31 19.92
N ILE H 77 46.76 -12.66 20.74
CA ILE H 77 48.04 -11.95 20.76
C ILE H 77 48.76 -12.04 19.41
N LEU H 78 48.76 -13.24 18.83
CA LEU H 78 49.35 -13.49 17.54
C LEU H 78 48.63 -12.65 16.50
N CYS H 79 47.31 -12.72 16.50
CA CYS H 79 46.49 -11.94 15.57
C CYS H 79 46.80 -10.45 15.62
N GLN H 80 46.88 -9.92 16.85
CA GLN H 80 47.29 -8.53 17.08
C GLN H 80 48.68 -8.18 16.55
N GLN H 81 49.67 -9.03 16.80
N GLN H 81 49.64 -9.07 16.82
CA GLN H 81 51.03 -8.73 16.33
CA GLN H 81 51.03 -8.90 16.35
C GLN H 81 51.11 -8.78 14.80
C GLN H 81 51.08 -8.80 14.83
N ARG H 82 50.43 -9.74 14.18
CA ARG H 82 50.31 -9.78 12.71
C ARG H 82 49.57 -8.57 12.11
N ALA H 83 48.54 -8.09 12.82
CA ALA H 83 47.84 -6.85 12.38
C ALA H 83 48.79 -5.64 12.29
N LEU H 84 49.58 -5.43 13.35
CA LEU H 84 50.56 -4.35 13.35
C LEU H 84 51.62 -4.52 12.28
N ALA H 85 52.17 -5.74 12.17
CA ALA H 85 53.18 -6.01 11.14
C ALA H 85 52.62 -5.80 9.72
N ALA H 86 51.39 -6.23 9.45
CA ALA H 86 50.82 -6.02 8.11
C ALA H 86 50.78 -4.55 7.66
N PHE H 87 50.54 -3.63 8.60
CA PHE H 87 50.49 -2.18 8.31
C PHE H 87 51.73 -1.41 8.72
N HIS H 88 52.80 -2.17 9.03
CA HIS H 88 54.13 -1.63 9.31
C HIS H 88 54.10 -0.67 10.47
N LEU H 89 53.49 -1.11 11.56
CA LEU H 89 53.24 -0.27 12.73
C LEU H 89 54.16 -0.64 13.88
N ASP H 90 54.77 0.41 14.45
CA ASP H 90 55.45 0.37 15.74
C ASP H 90 54.44 0.14 16.87
N GLY H 91 54.55 -1.00 17.56
CA GLY H 91 53.66 -1.32 18.66
C GLY H 91 53.72 -0.43 19.91
N ASP H 92 54.77 0.40 20.02
CA ASP H 92 54.83 1.42 21.09
C ASP H 92 53.89 2.58 20.78
N LYS H 93 53.68 2.84 19.49
CA LYS H 93 52.89 3.95 19.02
C LYS H 93 51.44 3.57 18.68
N TRP H 94 51.22 2.31 18.30
CA TRP H 94 49.92 1.86 17.83
C TRP H 94 49.48 0.60 18.54
N GLY H 95 48.19 0.53 18.82
CA GLY H 95 47.60 -0.67 19.33
C GLY H 95 46.48 -1.08 18.43
N VAL H 96 45.90 -2.24 18.74
CA VAL H 96 44.83 -2.77 17.91
C VAL H 96 43.88 -3.63 18.70
N ASN H 97 42.61 -3.54 18.32
CA ASN H 97 41.57 -4.40 18.85
C ASN H 97 41.01 -5.20 17.67
N VAL H 98 41.14 -6.51 17.80
CA VAL H 98 40.79 -7.42 16.71
C VAL H 98 39.46 -8.12 16.97
N GLN H 99 38.70 -7.64 17.97
CA GLN H 99 37.44 -8.26 18.33
C GLN H 99 36.17 -7.74 17.63
N PRO H 100 36.24 -6.57 16.94
CA PRO H 100 34.95 -6.15 16.32
C PRO H 100 34.30 -7.14 15.34
N LEU H 101 32.97 -7.26 15.41
CA LEU H 101 32.27 -8.32 14.70
C LEU H 101 32.11 -7.99 13.22
N SER H 102 32.19 -6.71 12.86
CA SER H 102 32.11 -6.31 11.46
C SER H 102 32.53 -4.85 11.34
N GLY H 103 32.48 -4.31 10.14
CA GLY H 103 32.86 -2.92 9.91
C GLY H 103 31.98 -1.91 10.63
N SER H 104 30.67 -2.13 10.61
CA SER H 104 29.72 -1.17 11.23
C SER H 104 29.91 -1.09 12.76
N PRO H 105 29.93 -2.23 13.49
CA PRO H 105 30.25 -2.21 14.92
C PRO H 105 31.62 -1.67 15.30
N ALA H 106 32.63 -1.91 14.47
CA ALA H 106 33.96 -1.29 14.66
C ALA H 106 33.89 0.23 14.77
N ASN H 107 33.24 0.82 13.76
CA ASN H 107 33.01 2.28 13.73
C ASN H 107 32.22 2.80 14.95
N PHE H 108 31.10 2.12 15.24
CA PHE H 108 30.23 2.50 16.33
C PHE H 108 30.96 2.39 17.68
N ALA H 109 31.85 1.39 17.82
CA ALA H 109 32.70 1.26 18.99
C ALA H 109 33.64 2.43 19.12
N VAL H 110 34.24 2.87 18.02
CA VAL H 110 35.04 4.08 18.07
C VAL H 110 34.19 5.29 18.56
N TYR H 111 33.00 5.49 18.00
CA TYR H 111 32.21 6.67 18.40
C TYR H 111 31.87 6.57 19.89
N THR H 112 31.53 5.36 20.33
CA THR H 112 31.26 5.10 21.72
C THR H 112 32.46 5.40 22.62
N ALA H 113 33.64 5.11 22.11
CA ALA H 113 34.86 5.34 22.86
C ALA H 113 35.22 6.81 23.07
N ILE H 114 35.19 7.61 22.01
CA ILE H 114 35.72 8.98 22.08
C ILE H 114 34.68 10.09 22.10
N LEU H 115 33.40 9.78 21.85
CA LEU H 115 32.40 10.84 21.78
C LEU H 115 31.34 10.57 22.83
N LYS H 116 30.67 11.65 23.25
CA LYS H 116 29.46 11.51 24.02
C LYS H 116 28.29 11.53 23.07
N PRO H 117 27.15 11.00 23.50
CA PRO H 117 25.99 11.06 22.65
C PRO H 117 25.67 12.48 22.21
N HIS H 118 25.27 12.62 20.95
CA HIS H 118 24.97 13.87 20.29
C HIS H 118 26.19 14.71 19.98
N ASP H 119 27.39 14.22 20.23
CA ASP H 119 28.56 14.89 19.70
C ASP H 119 28.54 14.85 18.17
N ARG H 120 29.29 15.77 17.56
CA ARG H 120 29.24 16.03 16.14
C ARG H 120 30.31 15.24 15.33
N ILE H 121 29.83 14.61 14.27
CA ILE H 121 30.67 13.85 13.36
C ILE H 121 30.49 14.38 11.93
N MET H 122 31.58 14.46 11.16
CA MET H 122 31.48 14.68 9.72
C MET H 122 32.12 13.53 8.91
N GLY H 123 31.40 13.00 7.93
CA GLY H 123 31.95 12.05 6.97
C GLY H 123 31.45 12.33 5.58
N LEU H 124 31.95 11.58 4.62
CA LEU H 124 31.57 11.83 3.22
C LEU H 124 30.10 11.52 2.99
N ASP H 125 29.43 12.37 2.24
CA ASP H 125 28.01 12.23 2.02
C ASP H 125 27.75 10.89 1.33
N LEU H 126 26.74 10.17 1.80
CA LEU H 126 26.38 8.85 1.27
C LEU H 126 26.16 8.86 -0.24
N PRO H 127 25.31 9.79 -0.76
CA PRO H 127 25.19 9.82 -2.23
C PRO H 127 26.47 10.22 -3.01
N HIS H 128 27.51 10.70 -2.31
CA HIS H 128 28.81 10.99 -2.93
C HIS H 128 29.88 9.95 -2.60
N GLY H 129 29.44 8.74 -2.25
CA GLY H 129 30.31 7.59 -2.05
C GLY H 129 30.63 7.19 -0.61
N GLY H 130 30.01 7.84 0.37
CA GLY H 130 30.24 7.53 1.78
C GLY H 130 29.51 6.29 2.26
N HIS H 131 29.57 6.04 3.55
CA HIS H 131 28.98 4.84 4.12
C HIS H 131 27.95 5.20 5.20
N LEU H 132 26.83 4.48 5.23
CA LEU H 132 25.76 4.68 6.25
C LEU H 132 26.33 4.80 7.68
N SER H 133 27.29 3.94 8.02
CA SER H 133 27.88 3.98 9.38
C SER H 133 28.58 5.30 9.73
N HIS H 134 28.93 6.11 8.74
CA HIS H 134 29.46 7.46 9.02
C HIS H 134 28.39 8.57 9.20
N GLY H 135 27.10 8.20 9.14
CA GLY H 135 26.03 9.16 9.27
C GLY H 135 25.24 9.29 8.00
N PHE H 136 23.93 9.28 8.15
CA PHE H 136 23.02 9.53 7.05
C PHE H 136 21.63 9.88 7.56
N MET H 137 21.18 11.06 7.13
CA MET H 137 19.83 11.55 7.35
C MET H 137 19.18 11.98 6.02
N THR H 138 17.88 11.74 5.94
CA THR H 138 17.03 12.32 4.93
C THR H 138 16.15 13.37 5.60
N ALA H 139 15.39 14.10 4.80
CA ALA H 139 14.45 15.09 5.31
C ALA H 139 13.63 14.54 6.44
N LYS H 140 13.17 13.30 6.26
CA LYS H 140 12.14 12.71 7.08
C LYS H 140 12.68 11.86 8.24
N ARG H 141 13.94 11.40 8.17
CA ARG H 141 14.43 10.47 9.20
C ARG H 141 15.94 10.28 9.32
N ARG H 142 16.31 9.82 10.51
CA ARG H 142 17.67 9.47 10.83
C ARG H 142 17.80 8.01 10.42
N VAL H 143 18.40 7.78 9.28
CA VAL H 143 18.43 6.45 8.69
C VAL H 143 19.55 5.59 9.34
N SER H 144 20.77 6.11 9.41
CA SER H 144 21.85 5.44 10.12
C SER H 144 21.72 5.54 11.65
N GLY H 145 22.20 4.54 12.37
CA GLY H 145 22.34 4.59 13.83
C GLY H 145 23.29 5.65 14.33
N THR H 146 24.35 5.89 13.57
CA THR H 146 25.27 7.01 13.83
C THR H 146 24.57 8.39 13.95
N SER H 147 23.58 8.64 13.10
CA SER H 147 22.82 9.91 13.07
C SER H 147 21.70 9.96 14.10
N ILE H 148 21.34 8.80 14.66
CA ILE H 148 20.47 8.75 15.82
C ILE H 148 21.21 9.12 17.10
N TYR H 149 22.33 8.43 17.36
CA TYR H 149 23.07 8.61 18.60
C TYR H 149 24.07 9.75 18.59
N PHE H 150 24.45 10.22 17.40
CA PHE H 150 25.40 11.33 17.25
C PHE H 150 24.81 12.31 16.24
N GLU H 151 25.46 13.47 16.11
CA GLU H 151 25.00 14.55 15.28
C GLU H 151 25.90 14.66 14.07
N SER H 152 25.46 14.11 12.94
CA SER H 152 26.30 13.99 11.77
C SER H 152 25.94 15.09 10.81
N MET H 153 26.94 15.69 10.19
CA MET H 153 26.78 16.53 9.02
C MET H 153 27.76 16.06 7.93
N PRO H 154 27.28 15.92 6.69
CA PRO H 154 28.19 15.43 5.66
C PRO H 154 29.12 16.50 5.08
N TYR H 155 30.22 16.03 4.50
CA TYR H 155 30.96 16.78 3.50
C TYR H 155 30.79 16.13 2.12
N ARG H 156 30.95 16.95 1.09
CA ARG H 156 30.62 16.58 -0.28
C ARG H 156 31.83 16.71 -1.21
N LEU H 157 31.73 16.00 -2.32
CA LEU H 157 32.58 16.19 -3.48
C LEU H 157 32.34 17.49 -4.20
N ASP H 158 33.36 17.93 -4.90
CA ASP H 158 33.25 19.01 -5.89
C ASP H 158 32.72 18.37 -7.17
N GLU H 159 31.57 18.83 -7.66
CA GLU H 159 30.92 18.20 -8.82
C GLU H 159 31.72 18.32 -10.12
N SER H 160 32.60 19.31 -10.21
CA SER H 160 33.42 19.55 -11.41
C SER H 160 34.67 18.65 -11.48
N THR H 161 35.18 18.25 -10.32
CA THR H 161 36.37 17.40 -10.25
C THR H 161 36.05 15.94 -9.87
N GLY H 162 34.94 15.69 -9.17
CA GLY H 162 34.63 14.36 -8.66
C GLY H 162 35.46 13.95 -7.45
N VAL H 163 36.14 14.94 -6.86
CA VAL H 163 37.12 14.81 -5.79
C VAL H 163 36.47 15.49 -4.57
N ILE H 164 36.95 15.14 -3.38
CA ILE H 164 36.47 15.80 -2.16
C ILE H 164 36.73 17.31 -2.25
N ASP H 165 35.67 18.08 -1.99
CA ASP H 165 35.77 19.53 -1.86
C ASP H 165 36.38 19.91 -0.52
N TYR H 166 37.71 19.88 -0.46
CA TYR H 166 38.46 20.22 0.78
C TYR H 166 38.26 21.64 1.26
N ASP H 167 38.18 22.60 0.34
CA ASP H 167 38.05 24.01 0.71
C ASP H 167 36.74 24.28 1.40
N MET H 168 35.69 23.64 0.91
CA MET H 168 34.40 23.79 1.53
C MET H 168 34.36 23.03 2.89
N LEU H 169 35.01 21.87 2.97
CA LEU H 169 35.11 21.13 4.25
C LEU H 169 35.78 21.96 5.33
N GLU H 170 36.82 22.69 4.94
CA GLU H 170 37.52 23.59 5.86
C GLU H 170 36.57 24.61 6.46
N LYS H 171 35.81 25.27 5.58
CA LYS H 171 34.81 26.24 5.97
C LYS H 171 33.68 25.62 6.80
N THR H 172 33.10 24.53 6.34
CA THR H 172 31.97 23.93 7.06
C THR H 172 32.38 23.30 8.41
N ALA H 173 33.58 22.76 8.49
CA ALA H 173 34.07 22.22 9.78
C ALA H 173 34.26 23.30 10.82
N ALA H 174 34.71 24.47 10.38
CA ALA H 174 34.84 25.64 11.26
C ALA H 174 33.49 26.06 11.87
N LEU H 175 32.43 25.95 11.08
CA LEU H 175 31.10 26.30 11.55
C LEU H 175 30.47 25.24 12.45
N PHE H 176 30.52 24.00 11.97
CA PHE H 176 29.89 22.86 12.65
C PHE H 176 30.60 22.37 13.91
N ARG H 177 31.94 22.56 13.99
CA ARG H 177 32.76 22.12 15.11
C ARG H 177 32.57 20.61 15.38
N PRO H 178 32.89 19.77 14.37
CA PRO H 178 32.81 18.33 14.62
C PRO H 178 33.77 17.94 15.74
N LYS H 179 33.43 16.92 16.50
CA LYS H 179 34.42 16.31 17.41
C LYS H 179 35.20 15.20 16.70
N LEU H 180 34.66 14.71 15.58
CA LEU H 180 35.28 13.64 14.80
C LEU H 180 35.06 13.90 13.32
N ILE H 181 36.14 13.84 12.55
CA ILE H 181 36.05 13.87 11.10
C ILE H 181 36.47 12.48 10.59
N ILE H 182 35.66 11.92 9.69
CA ILE H 182 35.93 10.61 9.16
C ILE H 182 36.38 10.76 7.70
N ALA H 183 37.56 10.23 7.41
CA ALA H 183 38.00 9.98 6.04
C ALA H 183 37.75 8.50 5.67
N GLY H 184 37.70 8.28 4.34
CA GLY H 184 37.46 6.96 3.78
C GLY H 184 36.02 6.80 3.36
N ALA H 185 35.80 5.87 2.44
CA ALA H 185 34.51 5.73 1.79
C ALA H 185 34.31 4.40 1.11
N SER H 186 33.09 4.18 0.66
CA SER H 186 32.69 2.98 -0.05
C SER H 186 32.96 3.09 -1.56
N ALA H 187 32.82 4.28 -2.11
CA ALA H 187 32.91 4.45 -3.55
C ALA H 187 33.61 5.76 -3.91
N TYR H 188 34.84 5.89 -3.49
CA TYR H 188 35.67 7.03 -3.81
C TYR H 188 36.81 6.48 -4.67
N PRO H 189 37.04 7.08 -5.85
CA PRO H 189 38.00 6.53 -6.81
C PRO H 189 39.45 7.01 -6.66
N ARG H 190 39.73 7.93 -5.73
CA ARG H 190 41.06 8.47 -5.60
C ARG H 190 41.60 8.27 -4.21
N ASP H 191 42.91 8.49 -4.07
CA ASP H 191 43.55 8.53 -2.78
C ASP H 191 43.06 9.76 -2.02
N ILE H 192 43.43 9.82 -0.75
CA ILE H 192 42.95 10.80 0.19
C ILE H 192 44.12 11.66 0.57
N ASP H 193 43.87 12.97 0.62
CA ASP H 193 44.83 13.94 1.10
C ASP H 193 44.78 13.97 2.61
N TYR H 194 45.61 13.16 3.26
CA TYR H 194 45.61 13.02 4.73
C TYR H 194 46.13 14.26 5.44
N ALA H 195 47.15 14.92 4.86
CA ALA H 195 47.73 16.15 5.44
C ALA H 195 46.67 17.21 5.56
N ARG H 196 45.84 17.33 4.52
CA ARG H 196 44.73 18.28 4.51
C ARG H 196 43.64 17.92 5.54
N PHE H 197 43.26 16.64 5.62
CA PHE H 197 42.35 16.17 6.69
C PHE H 197 42.86 16.48 8.09
N ARG H 198 44.15 16.26 8.33
CA ARG H 198 44.83 16.64 9.60
C ARG H 198 44.75 18.16 9.89
N LYS H 199 45.03 18.98 8.88
CA LYS H 199 44.98 20.44 9.06
C LYS H 199 43.58 20.90 9.42
N ILE H 200 42.58 20.37 8.73
CA ILE H 200 41.19 20.73 8.99
C ILE H 200 40.74 20.21 10.36
N ALA H 201 41.11 18.98 10.72
CA ALA H 201 40.80 18.44 12.05
C ALA H 201 41.42 19.29 13.18
N ASP H 202 42.69 19.69 13.02
CA ASP H 202 43.36 20.51 14.04
C ASP H 202 42.67 21.85 14.22
N SER H 203 42.17 22.42 13.14
CA SER H 203 41.52 23.73 13.17
C SER H 203 40.29 23.77 14.11
N VAL H 204 39.69 22.61 14.38
CA VAL H 204 38.57 22.57 15.36
C VAL H 204 38.80 21.66 16.57
N GLY H 205 40.01 21.10 16.71
CA GLY H 205 40.32 20.19 17.81
C GLY H 205 39.62 18.85 17.66
N ALA H 206 39.37 18.43 16.41
CA ALA H 206 38.65 17.18 16.13
C ALA H 206 39.59 16.00 16.17
N PHE H 207 39.07 14.86 16.62
CA PHE H 207 39.68 13.56 16.30
C PHE H 207 39.58 13.33 14.79
N LEU H 208 40.53 12.56 14.25
CA LEU H 208 40.61 12.24 12.83
C LEU H 208 40.69 10.74 12.68
N MET H 209 39.75 10.14 11.95
CA MET H 209 39.79 8.72 11.71
C MET H 209 39.73 8.43 10.22
N MET H 210 40.36 7.30 9.85
CA MET H 210 40.28 6.74 8.51
C MET H 210 39.57 5.41 8.58
N ASP H 211 38.51 5.27 7.81
CA ASP H 211 37.85 3.99 7.61
C ASP H 211 38.41 3.41 6.30
N MET H 212 39.39 2.51 6.42
CA MET H 212 40.04 1.90 5.22
C MET H 212 39.45 0.56 4.73
N ALA H 213 38.19 0.28 5.05
CA ALA H 213 37.56 -1.02 4.68
C ALA H 213 37.82 -1.42 3.22
N HIS H 214 37.56 -0.48 2.32
CA HIS H 214 37.72 -0.75 0.90
C HIS H 214 39.14 -0.91 0.38
N VAL H 215 40.10 -0.32 1.08
CA VAL H 215 41.42 -0.12 0.55
C VAL H 215 42.51 -0.59 1.50
N SER H 216 42.17 -1.37 2.53
CA SER H 216 43.14 -1.83 3.52
C SER H 216 44.29 -2.62 2.87
N GLY H 217 43.92 -3.53 1.96
CA GLY H 217 44.91 -4.32 1.20
C GLY H 217 45.89 -3.43 0.43
N LEU H 218 45.39 -2.39 -0.24
CA LEU H 218 46.26 -1.47 -1.00
C LEU H 218 47.14 -0.63 -0.10
N ILE H 219 46.66 -0.32 1.10
CA ILE H 219 47.48 0.33 2.11
C ILE H 219 48.58 -0.59 2.62
N ALA H 220 48.24 -1.83 2.94
CA ALA H 220 49.18 -2.81 3.47
C ALA H 220 50.35 -3.05 2.49
N ALA H 221 50.04 -3.13 1.21
CA ALA H 221 51.03 -3.27 0.15
C ALA H 221 51.78 -1.96 -0.22
N SER H 222 51.55 -0.84 0.48
CA SER H 222 52.16 0.46 0.14
C SER H 222 51.85 0.96 -1.30
N VAL H 223 50.71 0.54 -1.83
CA VAL H 223 50.25 0.98 -3.15
C VAL H 223 49.61 2.36 -3.03
N LEU H 224 48.78 2.55 -1.99
CA LEU H 224 48.21 3.86 -1.64
C LEU H 224 48.96 4.45 -0.45
N ALA H 225 48.78 5.76 -0.24
CA ALA H 225 49.41 6.45 0.89
C ALA H 225 48.94 5.89 2.25
N ASP H 226 49.81 6.04 3.23
CA ASP H 226 49.64 5.49 4.57
C ASP H 226 48.78 6.45 5.45
N PRO H 227 47.53 6.05 5.82
CA PRO H 227 46.72 6.92 6.70
C PRO H 227 47.30 7.07 8.07
N PHE H 228 48.09 6.07 8.50
CA PHE H 228 48.68 6.00 9.82
C PHE H 228 49.75 7.07 10.04
N GLU H 229 50.21 7.74 8.97
CA GLU H 229 51.15 8.83 9.12
C GLU H 229 50.46 10.07 9.70
N PHE H 230 49.16 10.20 9.50
CA PHE H 230 48.41 11.40 9.91
C PHE H 230 47.24 11.23 10.88
N VAL H 231 46.48 10.12 10.79
CA VAL H 231 45.21 9.94 11.56
C VAL H 231 45.42 9.37 12.98
N ASP H 232 44.38 9.45 13.81
CA ASP H 232 44.43 8.98 15.20
C ASP H 232 43.93 7.54 15.34
N ILE H 233 42.93 7.22 14.54
CA ILE H 233 42.22 5.95 14.61
C ILE H 233 42.03 5.43 13.19
N VAL H 234 42.28 4.14 12.97
CA VAL H 234 41.95 3.54 11.68
C VAL H 234 41.03 2.35 11.93
N THR H 235 39.87 2.37 11.29
CA THR H 235 38.98 1.24 11.32
C THR H 235 39.03 0.50 9.97
N THR H 236 38.72 -0.80 10.01
CA THR H 236 38.53 -1.57 8.79
C THR H 236 37.62 -2.78 8.97
N THR H 237 37.03 -3.22 7.85
CA THR H 237 36.55 -4.61 7.69
C THR H 237 37.77 -5.54 7.45
N THR H 238 37.64 -6.78 7.90
CA THR H 238 38.67 -7.83 7.68
C THR H 238 38.42 -8.61 6.35
N HIS H 239 37.19 -8.57 5.90
CA HIS H 239 36.74 -9.01 4.58
C HIS H 239 36.91 -7.76 3.70
N1 LLP H 240 32.88 1.21 6.23
C2 LLP H 240 33.08 1.22 4.90
C2' LLP H 240 33.85 2.36 4.25
C3 LLP H 240 32.58 0.16 4.18
O3 LLP H 240 32.75 0.17 2.82
C4 LLP H 240 31.85 -0.84 4.78
C4' LLP H 240 31.40 -1.99 3.89
C5 LLP H 240 31.69 -0.85 6.13
C6 LLP H 240 32.19 0.22 6.86
C5' LLP H 240 30.86 -1.90 6.88
OP4 LLP H 240 31.30 -3.22 7.00
P LLP H 240 30.10 -4.29 7.39
OP1 LLP H 240 29.17 -4.38 6.20
OP2 LLP H 240 30.84 -5.56 7.68
OP3 LLP H 240 29.24 -3.87 8.63
N LLP H 240 36.39 -7.80 2.46
CA LLP H 240 36.63 -6.75 1.42
CB LLP H 240 36.16 -5.30 1.82
CG LLP H 240 34.70 -5.22 2.25
CD LLP H 240 34.16 -3.77 2.20
CE LLP H 240 32.65 -3.76 2.59
NZ LLP H 240 32.42 -2.60 3.43
C LLP H 240 38.13 -6.86 1.06
O LLP H 240 38.61 -7.96 0.78
N SER H 241 38.85 -5.74 1.08
CA SER H 241 40.23 -5.60 0.55
C SER H 241 41.30 -6.53 1.16
N LEU H 242 41.18 -6.73 2.47
CA LEU H 242 42.09 -7.58 3.23
C LEU H 242 41.92 -9.08 2.89
N ARG H 243 40.75 -9.42 2.37
CA ARG H 243 40.43 -10.76 1.87
C ARG H 243 40.34 -11.80 3.01
N GLY H 244 39.94 -11.32 4.20
CA GLY H 244 39.84 -12.10 5.39
C GLY H 244 38.44 -12.64 5.60
N PRO H 245 38.16 -13.16 6.80
CA PRO H 245 36.82 -13.54 7.18
C PRO H 245 35.97 -12.26 7.41
N ARG H 246 34.66 -12.44 7.62
CA ARG H 246 33.77 -11.29 7.96
C ARG H 246 34.03 -10.90 9.43
N GLY H 247 34.46 -9.66 9.62
CA GLY H 247 34.93 -9.13 10.90
C GLY H 247 35.41 -7.68 10.77
N GLY H 248 35.94 -7.15 11.86
CA GLY H 248 36.48 -5.77 11.86
C GLY H 248 37.70 -5.67 12.74
N MET H 249 38.48 -4.59 12.56
CA MET H 249 39.56 -4.22 13.44
C MET H 249 39.58 -2.70 13.67
N ILE H 250 40.08 -2.30 14.83
CA ILE H 250 40.32 -0.90 15.13
C ILE H 250 41.76 -0.69 15.57
N PHE H 251 42.46 0.20 14.89
CA PHE H 251 43.80 0.58 15.27
C PHE H 251 43.77 1.95 15.88
N PHE H 252 44.64 2.18 16.84
CA PHE H 252 44.65 3.45 17.57
C PHE H 252 46.02 3.85 18.06
N LYS H 253 46.27 5.15 18.07
CA LYS H 253 47.42 5.69 18.77
C LYS H 253 47.40 5.32 20.23
N LYS H 254 48.59 5.08 20.77
CA LYS H 254 48.77 4.85 22.19
C LYS H 254 49.13 6.13 22.95
N ASP H 255 49.67 7.14 22.27
CA ASP H 255 49.84 8.45 22.89
C ASP H 255 48.48 9.13 23.03
N ALA H 256 48.21 9.79 24.18
CA ALA H 256 46.93 10.48 24.40
C ALA H 256 46.64 11.45 23.26
N VAL H 257 45.37 11.51 22.87
CA VAL H 257 44.91 12.37 21.79
C VAL H 257 43.80 13.20 22.38
N HIS H 258 44.00 14.52 22.36
CA HIS H 258 43.09 15.45 23.01
C HIS H 258 42.77 14.98 24.41
N GLY H 259 43.83 14.55 25.12
CA GLY H 259 43.71 14.06 26.49
C GLY H 259 42.97 12.76 26.72
N VAL H 260 42.75 11.97 25.68
CA VAL H 260 42.04 10.69 25.77
C VAL H 260 43.06 9.59 25.52
N ASP H 261 43.03 8.58 26.37
CA ASP H 261 43.83 7.37 26.24
C ASP H 261 42.94 6.42 25.35
N LEU H 262 43.26 6.42 24.05
CA LEU H 262 42.44 5.74 23.05
C LEU H 262 42.41 4.24 23.32
N GLU H 263 43.51 3.68 23.80
CA GLU H 263 43.60 2.25 24.02
C GLU H 263 42.54 1.77 24.99
N SER H 264 42.49 2.33 26.19
CA SER H 264 41.50 1.87 27.14
C SER H 264 40.09 2.27 26.70
N ALA H 265 39.95 3.49 26.16
CA ALA H 265 38.67 3.93 25.65
C ALA H 265 38.11 2.96 24.61
N ILE H 266 38.92 2.65 23.58
CA ILE H 266 38.48 1.79 22.49
C ILE H 266 38.23 0.38 22.97
N ASN H 267 39.14 -0.13 23.81
CA ASN H 267 39.03 -1.48 24.29
C ASN H 267 37.79 -1.62 25.14
N ASN H 268 37.55 -0.64 26.03
CA ASN H 268 36.36 -0.67 26.85
C ASN H 268 35.06 -0.54 26.07
N ALA H 269 35.07 0.21 24.97
CA ALA H 269 33.83 0.36 24.15
C ALA H 269 33.47 -0.95 23.45
N VAL H 270 34.48 -1.68 23.01
CA VAL H 270 34.23 -2.99 22.38
C VAL H 270 33.69 -3.97 23.42
N PHE H 271 34.41 -4.11 24.54
CA PHE H 271 33.97 -4.93 25.70
C PHE H 271 34.47 -4.23 26.97
N PRO H 272 33.64 -3.99 28.00
CA PRO H 272 32.23 -4.42 28.10
C PRO H 272 31.14 -3.55 27.40
N GLY H 273 31.51 -2.53 26.64
CA GLY H 273 30.52 -1.54 26.16
C GLY H 273 29.45 -2.05 25.20
N LEU H 274 29.89 -2.63 24.07
CA LEU H 274 28.97 -3.00 22.99
C LEU H 274 28.90 -4.49 22.68
N GLN H 275 29.98 -5.23 22.93
CA GLN H 275 30.01 -6.65 22.54
C GLN H 275 30.17 -7.51 23.77
N GLY H 276 29.90 -8.81 23.61
CA GLY H 276 30.20 -9.81 24.66
C GLY H 276 31.42 -10.60 24.22
N GLY H 277 31.21 -11.91 24.05
CA GLY H 277 32.33 -12.84 23.78
C GLY H 277 32.91 -12.63 22.39
N PRO H 278 34.25 -12.51 22.28
CA PRO H 278 34.86 -12.43 20.94
C PRO H 278 34.61 -13.71 20.15
N HIS H 279 34.50 -13.54 18.83
CA HIS H 279 34.29 -14.66 17.91
C HIS H 279 35.71 -15.15 17.56
N ASN H 280 36.19 -16.07 18.37
CA ASN H 280 37.57 -16.56 18.24
C ASN H 280 37.83 -17.36 16.94
N HIS H 281 36.76 -17.95 16.40
CA HIS H 281 36.82 -18.61 15.09
C HIS H 281 37.13 -17.58 14.00
N THR H 282 36.45 -16.44 14.09
CA THR H 282 36.75 -15.32 13.21
C THR H 282 38.15 -14.78 13.48
N ILE H 283 38.55 -14.66 14.75
CA ILE H 283 39.90 -14.20 15.06
C ILE H 283 40.97 -15.17 14.47
N GLY H 284 40.73 -16.48 14.55
CA GLY H 284 41.62 -17.45 13.87
C GLY H 284 41.77 -17.18 12.37
N GLY H 285 40.66 -17.02 11.68
CA GLY H 285 40.69 -16.72 10.24
C GLY H 285 41.38 -15.38 9.91
N LEU H 286 41.21 -14.37 10.80
CA LEU H 286 41.88 -13.09 10.67
C LEU H 286 43.40 -13.22 10.82
N ALA H 287 43.84 -14.04 11.77
CA ALA H 287 45.26 -14.30 11.95
C ALA H 287 45.82 -14.88 10.65
N VAL H 288 45.10 -15.87 10.11
CA VAL H 288 45.48 -16.55 8.86
C VAL H 288 45.61 -15.50 7.77
N CYS H 289 44.60 -14.66 7.56
CA CYS H 289 44.69 -13.66 6.48
C CYS H 289 45.77 -12.58 6.68
N LEU H 290 46.09 -12.25 7.93
CA LEU H 290 47.10 -11.23 8.22
C LEU H 290 48.52 -11.72 7.93
N LYS H 291 48.76 -13.00 8.18
CA LYS H 291 49.98 -13.68 7.78
C LYS H 291 50.15 -13.49 6.27
N TYR H 292 49.11 -13.84 5.52
CA TYR H 292 49.20 -13.79 4.07
C TYR H 292 49.41 -12.35 3.58
N ALA H 293 48.78 -11.38 4.27
CA ALA H 293 48.88 -9.95 3.88
C ALA H 293 50.30 -9.38 3.95
N GLN H 294 51.19 -10.05 4.67
CA GLN H 294 52.59 -9.70 4.74
C GLN H 294 53.44 -10.22 3.59
N SER H 295 52.93 -11.19 2.83
CA SER H 295 53.69 -11.92 1.82
C SER H 295 53.85 -11.18 0.48
N PRO H 296 54.95 -11.46 -0.28
CA PRO H 296 55.14 -11.03 -1.67
C PRO H 296 53.98 -11.28 -2.63
N ASP H 297 53.32 -12.45 -2.52
CA ASP H 297 52.13 -12.77 -3.36
C ASP H 297 50.98 -11.79 -3.10
N PHE H 298 50.69 -11.47 -1.83
CA PHE H 298 49.64 -10.47 -1.54
C PHE H 298 49.98 -9.10 -2.15
N LYS H 299 51.25 -8.69 -2.01
CA LYS H 299 51.72 -7.43 -2.61
C LYS H 299 51.60 -7.43 -4.15
N ASN H 300 51.94 -8.56 -4.78
CA ASN H 300 51.78 -8.69 -6.25
C ASN H 300 50.31 -8.71 -6.62
N TYR H 301 49.50 -9.36 -5.77
CA TYR H 301 48.04 -9.36 -5.95
C TYR H 301 47.47 -7.95 -5.96
N GLN H 302 47.91 -7.11 -5.02
CA GLN H 302 47.39 -5.76 -4.90
C GLN H 302 47.78 -4.87 -6.07
N ASN H 303 48.98 -5.06 -6.57
CA ASN H 303 49.43 -4.31 -7.75
C ASN H 303 48.67 -4.74 -8.99
N GLN H 304 48.38 -6.04 -9.12
CA GLN H 304 47.44 -6.54 -10.13
C GLN H 304 46.00 -5.96 -10.00
N VAL H 305 45.48 -5.79 -8.78
CA VAL H 305 44.15 -5.18 -8.58
C VAL H 305 44.05 -3.79 -9.28
N VAL H 306 45.05 -2.95 -9.04
CA VAL H 306 45.12 -1.61 -9.61
C VAL H 306 45.37 -1.67 -11.13
N ALA H 307 46.30 -2.52 -11.55
CA ALA H 307 46.59 -2.75 -12.97
C ALA H 307 45.32 -3.11 -13.68
N ASN H 308 44.64 -4.11 -13.14
CA ASN H 308 43.39 -4.57 -13.72
C ASN H 308 42.30 -3.51 -13.76
N CYS H 309 42.22 -2.70 -12.70
CA CYS H 309 41.28 -1.56 -12.69
C CYS H 309 41.55 -0.52 -13.78
N ARG H 310 42.83 -0.23 -14.06
CA ARG H 310 43.20 0.71 -15.15
C ARG H 310 42.91 0.16 -16.56
N ALA H 311 43.20 -1.13 -16.78
CA ALA H 311 42.87 -1.82 -18.06
C ALA H 311 41.36 -1.82 -18.35
N LEU H 312 40.58 -2.10 -17.31
CA LEU H 312 39.12 -1.95 -17.34
C LEU H 312 38.67 -0.52 -17.57
N ALA H 313 39.26 0.39 -16.81
CA ALA H 313 38.97 1.82 -16.91
C ALA H 313 39.22 2.33 -18.31
N ASN H 314 40.43 2.08 -18.81
CA ASN H 314 40.85 2.60 -20.11
C ASN H 314 40.05 2.04 -21.27
N ARG H 315 39.78 0.74 -21.25
CA ARG H 315 38.93 0.10 -22.26
C ARG H 315 37.50 0.67 -22.26
N LEU H 316 37.01 1.11 -21.10
CA LEU H 316 35.69 1.80 -21.01
C LEU H 316 35.69 3.23 -21.59
N VAL H 317 36.80 3.95 -21.45
CA VAL H 317 36.92 5.29 -22.04
C VAL H 317 37.03 5.16 -23.57
N GLU H 318 37.77 4.14 -24.05
CA GLU H 318 37.75 3.75 -25.47
C GLU H 318 36.34 3.48 -25.99
N HIS H 319 35.48 2.94 -25.14
CA HIS H 319 34.05 2.84 -25.44
C HIS H 319 33.24 4.14 -25.18
N GLU H 320 33.92 5.28 -24.95
CA GLU H 320 33.29 6.60 -24.70
C GLU H 320 32.47 6.76 -23.40
N TYR H 321 32.71 5.89 -22.42
CA TYR H 321 32.11 6.07 -21.10
C TYR H 321 32.88 7.12 -20.30
N LYS H 322 32.12 7.94 -19.57
CA LYS H 322 32.68 8.97 -18.69
C LYS H 322 32.92 8.36 -17.30
N LEU H 323 34.04 8.72 -16.70
CA LEU H 323 34.39 8.20 -15.37
C LEU H 323 34.42 9.39 -14.44
N VAL H 324 33.83 9.26 -13.25
CA VAL H 324 33.87 10.32 -12.24
C VAL H 324 35.31 10.48 -11.77
N SER H 325 35.78 11.74 -11.78
CA SER H 325 37.20 12.11 -11.66
C SER H 325 38.09 11.63 -12.82
N GLY H 326 37.50 11.26 -13.96
CA GLY H 326 38.24 10.82 -15.14
C GLY H 326 39.06 9.58 -14.98
N GLY H 327 38.78 8.75 -13.97
CA GLY H 327 39.64 7.61 -13.66
C GLY H 327 39.60 7.20 -12.19
N SER H 328 40.65 6.47 -11.79
CA SER H 328 40.79 5.91 -10.46
C SER H 328 42.26 5.63 -10.08
N ASP H 329 42.55 5.71 -8.78
CA ASP H 329 43.88 5.35 -8.22
C ASP H 329 43.87 3.97 -7.55
N ASN H 330 42.74 3.26 -7.60
CA ASN H 330 42.56 2.12 -6.72
C ASN H 330 41.84 0.96 -7.42
N HIS H 331 41.03 0.24 -6.65
CA HIS H 331 40.45 -1.05 -7.03
C HIS H 331 39.10 -0.92 -7.73
N LEU H 332 38.56 0.30 -7.82
CA LEU H 332 37.26 0.54 -8.43
C LEU H 332 37.28 1.71 -9.41
N VAL H 333 36.28 1.75 -10.28
CA VAL H 333 35.97 2.92 -11.13
C VAL H 333 34.50 3.21 -10.98
N LEU H 334 34.16 4.48 -11.20
CA LEU H 334 32.80 4.95 -11.15
C LEU H 334 32.47 5.50 -12.51
N VAL H 335 31.58 4.82 -13.21
CA VAL H 335 31.14 5.24 -14.52
C VAL H 335 29.99 6.20 -14.32
N ASP H 336 30.10 7.38 -14.93
CA ASP H 336 29.00 8.31 -15.12
C ASP H 336 28.28 7.89 -16.40
N LEU H 337 27.13 7.24 -16.24
CA LEU H 337 26.32 6.80 -17.37
C LEU H 337 25.41 7.89 -17.94
N ARG H 338 25.39 9.08 -17.33
CA ARG H 338 24.45 10.11 -17.81
C ARG H 338 24.65 10.47 -19.28
N PRO H 339 25.91 10.73 -19.73
CA PRO H 339 26.12 10.89 -21.19
C PRO H 339 25.69 9.71 -22.06
N SER H 340 25.62 8.50 -21.49
CA SER H 340 25.06 7.34 -22.20
C SER H 340 23.54 7.34 -22.31
N GLY H 341 22.86 8.22 -21.60
CA GLY H 341 21.40 8.29 -21.66
C GLY H 341 20.70 7.15 -20.94
N ILE H 342 21.33 6.62 -19.89
CA ILE H 342 20.70 5.59 -19.04
C ILE H 342 21.29 5.62 -17.63
N ASP H 343 20.51 5.14 -16.69
CA ASP H 343 20.87 5.12 -15.27
C ASP H 343 21.43 3.76 -14.81
N GLY H 344 22.09 3.76 -13.65
CA GLY H 344 22.68 2.54 -13.06
C GLY H 344 21.75 1.42 -12.70
N ALA H 345 20.55 1.76 -12.23
CA ALA H 345 19.55 0.77 -11.83
C ALA H 345 19.12 -0.13 -13.00
N ARG H 346 18.84 0.48 -14.15
CA ARG H 346 18.51 -0.30 -15.35
C ARG H 346 19.69 -1.20 -15.79
N VAL H 347 20.90 -0.63 -15.87
CA VAL H 347 22.12 -1.37 -16.29
C VAL H 347 22.48 -2.54 -15.35
N GLU H 348 22.42 -2.28 -14.05
CA GLU H 348 22.73 -3.31 -13.04
C GLU H 348 21.84 -4.54 -13.22
N LYS H 349 20.53 -4.34 -13.45
CA LYS H 349 19.62 -5.47 -13.57
C LYS H 349 19.90 -6.38 -14.79
N ILE H 350 20.11 -5.77 -15.95
CA ILE H 350 20.46 -6.51 -17.18
C ILE H 350 21.76 -7.25 -17.00
N LEU H 351 22.78 -6.57 -16.52
CA LEU H 351 24.09 -7.18 -16.23
C LEU H 351 24.02 -8.41 -15.33
N ASP H 352 23.24 -8.30 -14.26
CA ASP H 352 23.01 -9.41 -13.31
C ASP H 352 22.30 -10.60 -13.94
N MET H 353 21.41 -10.34 -14.90
CA MET H 353 20.78 -11.41 -15.71
C MET H 353 21.79 -12.13 -16.59
N ALA H 354 22.84 -11.44 -17.00
CA ALA H 354 23.96 -12.05 -17.75
C ALA H 354 25.10 -12.56 -16.87
N SER H 355 24.86 -12.73 -15.56
CA SER H 355 25.88 -13.17 -14.59
C SER H 355 27.07 -12.21 -14.37
N ILE H 356 26.91 -10.92 -14.63
CA ILE H 356 27.87 -9.88 -14.21
C ILE H 356 27.28 -9.15 -12.98
N THR H 357 27.91 -9.31 -11.82
CA THR H 357 27.49 -8.60 -10.61
C THR H 357 28.27 -7.32 -10.48
N LEU H 358 27.59 -6.18 -10.67
CA LEU H 358 28.14 -4.90 -10.19
C LEU H 358 27.03 -4.15 -9.47
N ASN H 359 27.26 -2.90 -9.10
CA ASN H 359 26.13 -2.14 -8.61
C ASN H 359 25.97 -0.71 -9.07
N LYS H 360 24.70 -0.34 -9.14
CA LYS H 360 24.28 1.05 -9.33
C LYS H 360 24.92 1.97 -8.30
N ASN H 361 25.13 3.20 -8.70
CA ASN H 361 25.87 4.17 -7.92
C ASN H 361 25.49 5.59 -8.31
N SER H 362 25.28 6.44 -7.30
CA SER H 362 24.99 7.85 -7.51
C SER H 362 26.20 8.59 -8.03
N VAL H 363 25.93 9.53 -8.94
CA VAL H 363 26.94 10.39 -9.56
C VAL H 363 26.77 11.82 -9.02
N PRO H 364 27.90 12.54 -8.79
CA PRO H 364 27.84 13.95 -8.42
C PRO H 364 27.07 14.76 -9.46
N GLY H 365 26.01 15.43 -9.01
CA GLY H 365 25.14 16.21 -9.90
C GLY H 365 23.85 15.52 -10.30
N ASP H 366 23.66 14.25 -9.94
CA ASP H 366 22.39 13.55 -10.20
C ASP H 366 21.25 14.45 -9.80
N LYS H 367 20.23 14.55 -10.64
CA LYS H 367 19.05 15.38 -10.34
C LYS H 367 18.24 14.76 -9.19
N SER H 368 18.17 13.42 -9.16
CA SER H 368 17.40 12.70 -8.16
C SER H 368 18.24 11.69 -7.38
N ALA H 369 18.18 11.75 -6.05
CA ALA H 369 18.72 10.69 -5.18
C ALA H 369 18.05 9.33 -5.42
N LEU H 370 16.81 9.32 -5.89
CA LEU H 370 16.11 8.08 -6.23
C LEU H 370 16.56 7.44 -7.54
N VAL H 371 17.24 8.18 -8.42
CA VAL H 371 17.71 7.63 -9.73
C VAL H 371 19.23 7.75 -9.84
N PRO H 372 19.98 6.69 -9.43
CA PRO H 372 21.45 6.78 -9.49
C PRO H 372 21.97 6.82 -10.92
N GLY H 373 22.91 7.70 -11.19
CA GLY H 373 23.33 7.99 -12.55
C GLY H 373 24.54 7.21 -13.04
N GLY H 374 25.04 6.29 -12.22
CA GLY H 374 26.28 5.59 -12.52
C GLY H 374 26.31 4.14 -12.11
N ILE H 375 27.46 3.50 -12.34
CA ILE H 375 27.74 2.16 -11.77
C ILE H 375 29.14 2.15 -11.17
N ARG H 376 29.31 1.34 -10.13
CA ARG H 376 30.61 1.11 -9.51
C ARG H 376 31.07 -0.25 -9.94
N ILE H 377 32.35 -0.34 -10.29
CA ILE H 377 32.93 -1.59 -10.73
C ILE H 377 34.24 -1.81 -10.00
N GLY H 378 34.49 -3.03 -9.53
CA GLY H 378 35.75 -3.36 -8.87
C GLY H 378 36.43 -4.61 -9.36
N SER H 379 37.76 -4.59 -9.29
CA SER H 379 38.63 -5.68 -9.70
C SER H 379 39.10 -6.74 -8.65
N PRO H 380 38.99 -6.45 -7.31
CA PRO H 380 39.59 -7.38 -6.37
C PRO H 380 39.19 -8.84 -6.54
N ALA H 381 37.89 -9.09 -6.71
CA ALA H 381 37.36 -10.46 -6.70
C ALA H 381 37.88 -11.33 -7.87
N MET H 382 37.82 -10.76 -9.06
CA MET H 382 38.17 -11.54 -10.26
C MET H 382 39.69 -11.68 -10.38
N THR H 383 40.41 -10.65 -9.93
CA THR H 383 41.86 -10.69 -9.73
C THR H 383 42.32 -11.82 -8.81
N THR H 384 41.62 -12.00 -7.68
CA THR H 384 41.89 -13.18 -6.82
C THR H 384 41.81 -14.50 -7.61
N ARG H 385 40.83 -14.62 -8.50
CA ARG H 385 40.65 -15.82 -9.30
C ARG H 385 41.70 -16.01 -10.42
N GLY H 386 42.49 -14.97 -10.69
CA GLY H 386 43.68 -15.03 -11.57
C GLY H 386 43.57 -14.31 -12.90
N LEU H 387 42.50 -13.53 -13.10
CA LEU H 387 42.34 -12.74 -14.34
C LEU H 387 43.38 -11.62 -14.36
N GLY H 388 43.89 -11.29 -15.57
CA GLY H 388 44.83 -10.18 -15.75
C GLY H 388 44.22 -9.08 -16.59
N GLU H 389 45.08 -8.20 -17.08
CA GLU H 389 44.67 -6.97 -17.77
C GLU H 389 43.85 -7.23 -19.02
N LYS H 390 44.30 -8.22 -19.79
CA LYS H 390 43.60 -8.61 -21.00
C LYS H 390 42.16 -9.12 -20.72
N GLU H 391 41.98 -9.89 -19.63
CA GLU H 391 40.66 -10.39 -19.29
C GLU H 391 39.74 -9.29 -18.76
N PHE H 392 40.32 -8.26 -18.12
CA PHE H 392 39.60 -7.06 -17.69
C PHE H 392 39.22 -6.10 -18.84
N GLU H 393 40.00 -6.16 -19.91
CA GLU H 393 39.61 -5.48 -21.14
C GLU H 393 38.40 -6.18 -21.78
N LEU H 394 38.35 -7.51 -21.72
CA LEU H 394 37.16 -8.27 -22.13
C LEU H 394 35.94 -8.00 -21.26
N ILE H 395 36.12 -7.93 -19.92
CA ILE H 395 35.01 -7.60 -19.01
C ILE H 395 34.37 -6.27 -19.43
N ALA H 396 35.20 -5.27 -19.70
CA ALA H 396 34.73 -3.97 -20.16
C ALA H 396 33.86 -4.07 -21.44
N ASP H 397 34.27 -4.90 -22.39
CA ASP H 397 33.48 -5.16 -23.61
C ASP H 397 32.20 -5.90 -23.28
N LEU H 398 32.28 -6.85 -22.35
CA LEU H 398 31.08 -7.58 -21.93
C LEU H 398 30.11 -6.65 -21.18
N ILE H 399 30.64 -5.72 -20.39
CA ILE H 399 29.85 -4.64 -19.77
C ILE H 399 29.18 -3.77 -20.87
N HIS H 400 29.95 -3.45 -21.91
CA HIS H 400 29.43 -2.62 -22.98
C HIS H 400 28.21 -3.25 -23.67
N GLU H 401 28.32 -4.52 -24.04
CA GLU H 401 27.20 -5.28 -24.64
C GLU H 401 25.97 -5.23 -23.72
N GLY H 402 26.17 -5.39 -22.40
CA GLY H 402 25.12 -5.24 -21.41
C GLY H 402 24.47 -3.86 -21.37
N VAL H 403 25.28 -2.80 -21.45
CA VAL H 403 24.76 -1.44 -21.46
C VAL H 403 23.97 -1.16 -22.74
N ARG H 404 24.49 -1.68 -23.86
CA ARG H 404 23.81 -1.54 -25.13
C ARG H 404 22.46 -2.25 -25.10
N ILE H 405 22.41 -3.41 -24.45
CA ILE H 405 21.17 -4.15 -24.30
C ILE H 405 20.22 -3.37 -23.40
N SER H 406 20.77 -2.78 -22.34
CA SER H 406 19.98 -1.97 -21.40
C SER H 406 19.32 -0.78 -22.13
N LEU H 407 20.07 -0.11 -23.00
CA LEU H 407 19.52 0.98 -23.85
C LEU H 407 18.37 0.50 -24.75
N GLU H 408 18.58 -0.68 -25.34
CA GLU H 408 17.61 -1.28 -26.24
C GLU H 408 16.35 -1.70 -25.48
N ALA H 409 16.51 -2.19 -24.25
CA ALA H 409 15.37 -2.59 -23.43
C ALA H 409 14.57 -1.36 -23.01
N LYS H 410 15.26 -0.33 -22.53
CA LYS H 410 14.64 0.95 -22.15
C LYS H 410 13.78 1.54 -23.29
N SER H 411 14.32 1.41 -24.51
CA SER H 411 13.62 1.84 -25.71
C SER H 411 12.28 1.14 -25.92
N LEU H 412 12.16 -0.10 -25.44
CA LEU H 412 10.91 -0.87 -25.56
C LEU H 412 9.83 -0.64 -24.48
N VAL H 413 10.14 0.13 -23.43
CA VAL H 413 9.24 0.31 -22.27
C VAL H 413 8.65 1.73 -22.25
N SER H 414 7.35 1.83 -22.09
CA SER H 414 6.69 3.10 -22.04
C SER H 414 6.97 3.75 -20.73
N GLY H 415 7.40 4.98 -20.78
CA GLY H 415 7.63 5.68 -19.55
C GLY H 415 8.97 5.57 -18.89
N THR H 416 9.08 6.41 -17.89
CA THR H 416 10.26 6.62 -17.09
C THR H 416 10.43 5.85 -15.78
N LYS H 417 9.42 5.11 -15.34
CA LYS H 417 9.54 4.45 -14.05
C LYS H 417 10.40 3.21 -14.07
N VAL H 418 11.34 3.17 -13.16
CA VAL H 418 12.26 2.03 -13.12
C VAL H 418 11.57 0.69 -12.82
N GLN H 419 10.47 0.74 -12.06
CA GLN H 419 9.72 -0.48 -11.78
C GLN H 419 9.11 -1.09 -13.04
N ASP H 420 8.71 -0.26 -14.00
CA ASP H 420 8.18 -0.77 -15.28
C ASP H 420 9.29 -1.44 -16.13
N PHE H 421 10.50 -0.88 -16.05
CA PHE H 421 11.67 -1.52 -16.62
C PHE H 421 11.89 -2.92 -16.03
N LEU H 422 11.91 -2.97 -14.69
CA LEU H 422 12.12 -4.22 -13.97
C LEU H 422 11.08 -5.26 -14.32
N ASN H 423 9.81 -4.88 -14.36
CA ASN H 423 8.74 -5.83 -14.72
C ASN H 423 8.92 -6.35 -16.16
N PHE H 424 9.24 -5.45 -17.09
CA PHE H 424 9.44 -5.80 -18.51
C PHE H 424 10.59 -6.80 -18.73
N VAL H 425 11.75 -6.52 -18.14
CA VAL H 425 12.93 -7.38 -18.31
C VAL H 425 12.76 -8.76 -17.66
N LEU H 426 12.14 -8.80 -16.49
CA LEU H 426 11.75 -10.06 -15.80
C LEU H 426 10.65 -10.86 -16.50
N ALA H 427 9.70 -10.17 -17.15
CA ALA H 427 8.51 -10.81 -17.71
C ALA H 427 8.92 -11.82 -18.78
N PRO H 428 8.53 -13.11 -18.61
CA PRO H 428 8.93 -14.21 -19.51
C PRO H 428 9.12 -13.88 -21.01
N GLU H 429 8.13 -13.26 -21.63
CA GLU H 429 8.18 -12.95 -23.07
C GLU H 429 9.17 -11.84 -23.48
N PHE H 430 9.88 -11.23 -22.52
CA PHE H 430 10.97 -10.27 -22.78
C PHE H 430 11.70 -10.58 -24.11
N PRO H 431 11.57 -9.69 -25.11
CA PRO H 431 12.08 -10.00 -26.46
C PRO H 431 13.62 -10.03 -26.65
N LEU H 432 14.38 -9.52 -25.68
CA LEU H 432 15.84 -9.50 -25.72
C LEU H 432 16.49 -10.65 -24.95
N GLY H 433 15.70 -11.63 -24.52
CA GLY H 433 16.20 -12.82 -23.80
C GLY H 433 17.45 -13.43 -24.42
N ASP H 434 17.38 -13.76 -25.71
CA ASP H 434 18.51 -14.38 -26.41
C ASP H 434 19.78 -13.54 -26.42
N LYS H 435 19.66 -12.22 -26.49
CA LYS H 435 20.84 -11.34 -26.40
C LYS H 435 21.47 -11.38 -25.01
N VAL H 436 20.64 -11.57 -23.99
CA VAL H 436 21.12 -11.66 -22.60
C VAL H 436 21.79 -13.03 -22.37
N SER H 437 21.09 -14.11 -22.72
CA SER H 437 21.63 -15.49 -22.74
C SER H 437 22.93 -15.61 -23.51
N ASN H 438 22.99 -14.90 -24.63
CA ASN H 438 24.16 -14.81 -25.50
C ASN H 438 25.34 -14.24 -24.69
N LEU H 439 25.13 -13.06 -24.10
CA LEU H 439 26.13 -12.46 -23.21
C LEU H 439 26.49 -13.34 -22.01
N ARG H 440 25.50 -13.89 -21.30
CA ARG H 440 25.75 -14.75 -20.12
C ARG H 440 26.62 -15.93 -20.52
N ARG H 441 26.39 -16.54 -21.68
CA ARG H 441 27.22 -17.67 -22.08
C ARG H 441 28.70 -17.24 -22.27
N LYS H 442 28.93 -16.00 -22.75
CA LYS H 442 30.29 -15.42 -22.79
C LYS H 442 30.87 -15.09 -21.41
N VAL H 443 30.03 -14.55 -20.55
CA VAL H 443 30.46 -14.22 -19.18
C VAL H 443 30.97 -15.49 -18.50
N GLU H 444 30.16 -16.55 -18.51
CA GLU H 444 30.45 -17.78 -17.76
C GLU H 444 31.61 -18.56 -18.37
N ALA H 445 31.78 -18.42 -19.69
CA ALA H 445 32.94 -18.98 -20.40
C ALA H 445 34.22 -18.28 -19.94
N LEU H 446 34.16 -16.98 -19.62
CA LEU H 446 35.36 -16.32 -19.13
C LEU H 446 35.64 -16.77 -17.69
N ALA H 447 34.63 -16.64 -16.83
CA ALA H 447 34.74 -16.93 -15.39
C ALA H 447 35.10 -18.41 -15.10
N THR H 448 34.47 -19.34 -15.83
CA THR H 448 34.74 -20.77 -15.65
C THR H 448 36.10 -21.24 -16.18
N GLN H 449 36.91 -20.35 -16.78
CA GLN H 449 38.32 -20.65 -17.06
C GLN H 449 39.19 -20.68 -15.81
N TYR H 450 38.72 -20.15 -14.69
CA TYR H 450 39.54 -19.86 -13.54
C TYR H 450 39.07 -20.59 -12.29
N PRO H 451 40.03 -21.01 -11.43
CA PRO H 451 39.65 -21.61 -10.17
C PRO H 451 39.12 -20.53 -9.21
N ILE H 452 38.66 -21.02 -8.08
CA ILE H 452 38.05 -20.22 -7.05
C ILE H 452 38.55 -20.81 -5.70
N PRO H 453 39.08 -19.94 -4.80
CA PRO H 453 39.56 -20.49 -3.51
C PRO H 453 38.44 -20.90 -2.58
N GLY H 454 38.81 -21.65 -1.56
CA GLY H 454 37.85 -22.18 -0.61
C GLY H 454 37.92 -23.69 -0.44
N VAL H 455 37.21 -24.15 0.58
CA VAL H 455 37.06 -25.57 0.84
C VAL H 455 36.27 -26.30 -0.28
N PLS I . -2.74 -35.73 -23.24
CA PLS I . -1.53 -35.75 -24.02
CB PLS I . -1.17 -34.30 -24.31
OG PLS I . 0.04 -33.97 -23.69
C PLS I . -0.31 -36.22 -23.26
O PLS I . -0.33 -36.14 -22.04
OXT PLS I . 0.69 -36.64 -23.92
N1 PLS I . -7.21 -35.25 -21.15
C2 PLS I . -6.01 -35.47 -20.60
C2A PLS I . -5.89 -35.53 -19.05
C3 PLS I . -4.95 -35.71 -21.42
O3 PLS I . -3.70 -35.95 -20.83
C4 PLS I . -5.13 -35.72 -22.77
C4A PLS I . -3.91 -35.89 -23.71
C5 PLS I . -6.38 -35.42 -23.31
C6 PLS I . -7.43 -35.18 -22.46
C5A PLS I . -6.68 -35.24 -24.81
O4P PLS I . -6.58 -36.36 -25.62
P PLS I . -6.41 -36.17 -27.24
O1P PLS I . -7.36 -35.07 -27.70
O2P PLS I . -4.94 -35.93 -27.47
O3P PLS I . -6.88 -37.49 -27.78
C1 EDO J . -26.05 -45.85 -22.67
O1 EDO J . -25.52 -44.96 -21.68
C2 EDO J . -26.22 -47.24 -22.06
O2 EDO J . -25.15 -47.55 -21.15
N1 PLG K . -19.81 -30.75 -43.99
C2 PLG K . -20.77 -31.25 -44.83
C2A PLG K . -21.19 -30.46 -46.09
C3 PLG K . -21.34 -32.46 -44.53
O3 PLG K . -22.33 -33.00 -45.38
C4 PLG K . -20.95 -33.15 -43.39
C4A PLG K . -21.63 -34.49 -43.06
C5 PLG K . -19.97 -32.62 -42.57
C6 PLG K . -19.40 -31.39 -42.88
C5A PLG K . -19.51 -33.31 -41.27
OP4 PLG K . -18.78 -34.50 -41.49
P PLG K . -18.57 -35.45 -40.14
OP1 PLG K . -18.32 -34.62 -38.86
OP2 PLG K . -19.84 -36.24 -40.04
OP3 PLG K . -17.38 -36.37 -40.31
C PLG K . -24.33 -36.37 -44.39
O PLG K . -24.45 -35.57 -45.33
OXT PLG K . -24.88 -37.52 -44.45
CA PLG K . -23.54 -35.97 -43.15
N PLG K . -22.83 -34.72 -43.42
C1 EDO L . 2.32 -27.35 -46.31
O1 EDO L . 1.53 -27.62 -47.47
C2 EDO L . 1.43 -27.08 -45.11
O2 EDO L . 0.55 -25.98 -45.34
C ACT M . -31.55 10.39 -23.05
O ACT M . -32.76 10.19 -23.30
OXT ACT M . -30.84 9.59 -22.35
CH3 ACT M . -30.94 11.56 -23.73
C ACT N . -32.77 13.44 -29.80
O ACT N . -33.26 13.72 -28.70
OXT ACT N . -33.51 13.48 -30.81
CH3 ACT N . -31.29 13.09 -29.85
C1 EDO O . -46.56 1.50 -8.97
O1 EDO O . -47.86 1.15 -9.47
C2 EDO O . -45.64 0.31 -8.92
O2 EDO O . -45.68 -0.35 -10.19
N PLS P . -23.06 3.76 -2.46
CA PLS P . -24.17 3.71 -1.47
CB PLS P . -24.60 2.23 -1.40
OG PLS P . -25.26 1.95 -0.18
C PLS P . -23.77 4.03 -0.03
O PLS P . -24.65 4.36 0.82
OXT PLS P . -22.58 3.94 0.36
N1 PLS P . -19.38 3.73 -5.85
C2 PLS P . -19.29 3.73 -4.49
C2A PLS P . -17.94 3.43 -3.85
C3 PLS P . -20.43 4.00 -3.73
O3 PLS P . -20.34 3.97 -2.34
C4 PLS P . -21.64 4.28 -4.35
C4A PLS P . -22.92 4.47 -3.52
C5 PLS P . -21.70 4.25 -5.75
C6 PLS P . -20.54 3.97 -6.49
C5A PLS P . -22.98 4.49 -6.53
O4P PLS P . -23.35 5.85 -6.55
P PLS P . -24.93 6.13 -7.03
O1P PLS P . -25.82 5.69 -5.88
O2P PLS P . -25.14 5.30 -8.34
O3P PLS P . -25.04 7.62 -7.26
C1 EDO Q . -10.54 18.91 -19.96
O1 EDO Q . -9.96 18.75 -18.67
C2 EDO Q . -11.45 17.70 -20.22
O2 EDO Q . -10.68 16.51 -20.05
N GLY R . 23.52 42.80 24.86
CA GLY R . 22.08 42.79 24.52
C GLY R . 21.73 43.73 23.37
O GLY R . 20.58 43.84 23.02
OXT GLY R . 22.55 44.38 22.73
C1 EDO S . -5.28 36.41 21.66
O1 EDO S . -6.42 35.54 21.55
C2 EDO S . -4.06 35.58 22.07
O2 EDO S . -3.62 34.73 20.99
N1 PLG T . 9.24 26.58 43.62
C2 PLG T . 8.15 26.30 44.37
C2A PLG T . 8.32 25.37 45.58
C3 PLG T . 6.91 26.87 44.02
O3 PLG T . 5.79 26.57 44.81
C4 PLG T . 6.83 27.71 42.93
C4A PLG T . 5.46 28.29 42.51
C5 PLG T . 7.98 27.98 42.18
C6 PLG T . 9.19 27.40 42.55
C5A PLG T . 8.03 28.84 40.90
OP4 PLG T . 8.10 30.23 41.11
P PLG T . 7.55 31.17 39.84
OP1 PLG T . 7.91 32.59 40.14
OP2 PLG T . 8.25 30.73 38.56
OP3 PLG T . 6.07 30.97 39.75
C PLG T . 2.04 28.14 43.64
O PLG T . 1.03 28.93 43.60
OXT PLG T . 2.18 27.32 44.61
CA PLG T . 3.05 28.24 42.50
N PLG T . 4.36 27.74 42.88
C1 EDO U . 28.07 37.35 45.74
O1 EDO U . 28.06 35.95 46.05
C2 EDO U . 28.52 38.14 46.95
O2 EDO U . 27.69 37.79 48.07
C1 EDO V . 10.44 -13.08 8.46
O1 EDO V . 9.78 -12.51 9.61
C2 EDO V . 9.62 -14.25 7.94
O2 EDO V . 9.45 -15.23 8.97
C ACT W . 27.90 -15.35 29.99
O ACT W . 26.89 -15.57 30.72
OXT ACT W . 28.64 -16.29 29.58
CH3 ACT W . 28.25 -13.91 29.62
N GLY X . 27.54 -1.66 0.66
CA GLY X . 28.95 -1.89 1.10
C GLY X . 29.91 -1.15 0.19
O GLY X . 31.11 -1.14 0.39
OXT GLY X . 29.54 -0.51 -0.78
C1 EDO Y . 48.53 -5.36 21.39
O1 EDO Y . 49.22 -4.93 20.22
C2 EDO Y . 47.06 -4.93 21.28
O2 EDO Y . 47.00 -3.53 21.07
#